data_7ZB1
#
_entry.id   7ZB1
#
_cell.length_a   70.010
_cell.length_b   104.610
_cell.length_c   110.650
_cell.angle_alpha   115.810
_cell.angle_beta   98.870
_cell.angle_gamma   93.790
#
_symmetry.space_group_name_H-M   'P 1'
#
loop_
_entity.id
_entity.type
_entity.pdbx_description
1 polymer 'Prolyl endopeptidase'
2 polymer 18mer
3 non-polymer 1,2-ETHANEDIOL
4 non-polymer 'SODIUM ION'
5 non-polymer 'BICARBONATE ION'
6 non-polymer GLYCEROL
7 water water
#
loop_
_entity_poly.entity_id
_entity_poly.type
_entity_poly.pdbx_seq_one_letter_code
_entity_poly.pdbx_strand_id
1 'polypeptide(L)'
;MSFPGWGPYPPVERDETSAITYSSKLHGSVTVRDPYSQLEVPFEDSEETKAFVHSQRKFARTYLDENPDREAWLETLKKS
WNYRRFSALKPESDGHYYFEYNDGLQSQLSLYRVRMGEEDTVLTESGPGGELFFNPNLLSLDGNAALTGFVMSPCGNYWA
YGVSEHGSDWMSIYVRKTSSPHLPSQERGKDPGRMNDKIRHVRFFIVSWTSDSKGFFYSRYPPEDDEGKGNAPAMNCMVY
YHRIGEDQESDVLVHEDPEHPFWISSVQLTPSGRYILFAASRDASHTQLVKIADLHENDIGTNMKWKNLHDPWEARFTIV
GDEGSKIYFMTNLKAKNYKVATFDANHPDEGLTTLIAEDPNAFLVSASIHAQDKLLLVYLRNASHEIHIRDLTTGKPLGR
IFEDLLGQFMVSGRRQDNDIFVLFSSFLSPGTVYRYTFGEEKGYRSLFRAISIPGLNLDDFMTESVFYPSKDGTSVHMFI
TRPKDVLLDGTSPVLQYGYGGFSLAMLPTFSLSTLLFCKIYRAIYAIPNIRGGSEYGESWHREGMLDKKQNVFDDFNAAT
EWLIANKYASKDRIAIRGGANGGVLTTACANQAPGLYRCVITIEGIIDMLRFPKFTFGASWRSEYGDPEDPEDFDFIFKY
SPYHNIPPPGDTVMPAMLFFTAAYDDRVSPLHTFKHVAALQHNFPKGPNPCLMRIDLNSGHFAGKSTQEMLEETADEYSF
IGKSMGLTMQTQGSVDSSRWSCVTV
;
A,B,C,D
2 'polypeptide(L)' W(MVA)I(MVA)(MVA)(SAR)(MVA)(IML)(SAR)V(IML)(SAR)S(MVA)MSTE E,F,G,H
#
loop_
_chem_comp.id
_chem_comp.type
_chem_comp.name
_chem_comp.formula
BCT non-polymer 'BICARBONATE ION' 'C H O3 -1'
EDO non-polymer 1,2-ETHANEDIOL 'C2 H6 O2'
GOL non-polymer GLYCEROL 'C3 H8 O3'
NA non-polymer 'SODIUM ION' 'Na 1'
#
# COMPACT_ATOMS: atom_id res chain seq x y z
N PHE A 3 40.83 7.25 -30.60
CA PHE A 3 39.56 7.15 -29.82
C PHE A 3 39.76 6.26 -28.59
N PRO A 4 39.30 6.68 -27.38
CA PRO A 4 39.50 5.88 -26.17
C PRO A 4 38.74 4.54 -26.21
N GLY A 5 39.44 3.44 -25.86
CA GLY A 5 38.97 2.05 -25.97
C GLY A 5 37.66 1.77 -25.22
N TRP A 6 37.37 2.55 -24.19
CA TRP A 6 36.16 2.40 -23.32
C TRP A 6 34.92 3.01 -24.01
N GLY A 7 35.12 3.92 -24.96
CA GLY A 7 34.03 4.62 -25.67
C GLY A 7 33.47 3.76 -26.80
N PRO A 8 32.43 4.23 -27.53
CA PRO A 8 31.75 5.49 -27.22
C PRO A 8 30.71 5.37 -26.10
N TYR A 9 30.21 6.53 -25.66
CA TYR A 9 29.16 6.67 -24.61
C TYR A 9 27.85 6.10 -25.13
N PRO A 10 26.97 5.59 -24.23
CA PRO A 10 25.60 5.28 -24.60
C PRO A 10 24.93 6.54 -25.12
N PRO A 11 24.14 6.45 -26.21
CA PRO A 11 23.43 7.62 -26.71
C PRO A 11 22.35 8.04 -25.70
N VAL A 12 22.05 9.34 -25.66
CA VAL A 12 20.97 9.95 -24.83
C VAL A 12 20.16 10.89 -25.73
N GLU A 13 18.87 10.59 -25.87
CA GLU A 13 17.88 11.45 -26.61
C GLU A 13 17.96 12.88 -26.08
N ARG A 14 18.04 13.86 -26.97
CA ARG A 14 17.94 15.32 -26.64
C ARG A 14 16.58 15.85 -27.09
N ASP A 15 15.96 16.71 -26.29
CA ASP A 15 14.79 17.53 -26.67
C ASP A 15 15.28 18.97 -26.87
N GLU A 16 15.54 19.36 -28.12
CA GLU A 16 16.18 20.67 -28.47
C GLU A 16 15.18 21.83 -28.25
N THR A 17 13.88 21.55 -28.12
CA THR A 17 12.80 22.58 -27.96
C THR A 17 12.45 22.83 -26.49
N SER A 18 12.89 21.97 -25.56
CA SER A 18 12.55 22.08 -24.11
C SER A 18 13.30 23.27 -23.50
N ALA A 19 12.59 24.31 -23.08
CA ALA A 19 13.19 25.51 -22.44
C ALA A 19 12.23 26.12 -21.40
N ILE A 20 12.81 26.85 -20.45
CA ILE A 20 12.06 27.66 -19.46
C ILE A 20 12.66 29.07 -19.48
N THR A 21 11.80 30.07 -19.40
CA THR A 21 12.18 31.49 -19.28
C THR A 21 12.16 31.89 -17.79
N TYR A 22 13.26 32.48 -17.32
CA TYR A 22 13.42 32.99 -15.93
C TYR A 22 13.55 34.50 -15.98
N SER A 23 12.92 35.18 -15.03
CA SER A 23 13.09 36.64 -14.81
C SER A 23 14.52 36.88 -14.33
N SER A 24 15.14 38.00 -14.74
CA SER A 24 16.53 38.38 -14.41
C SER A 24 16.60 39.87 -14.13
N LYS A 25 17.23 40.28 -13.03
CA LYS A 25 17.42 41.73 -12.74
C LYS A 25 18.30 42.33 -13.83
N LEU A 26 19.37 41.64 -14.24
CA LEU A 26 20.39 42.21 -15.16
C LEU A 26 19.87 42.21 -16.60
N HIS A 27 19.20 41.15 -17.05
CA HIS A 27 18.92 40.85 -18.49
C HIS A 27 17.42 40.95 -18.80
N GLY A 28 16.58 41.30 -17.83
CA GLY A 28 15.12 41.30 -17.98
C GLY A 28 14.57 39.88 -17.86
N SER A 29 14.87 39.03 -18.83
CA SER A 29 14.60 37.58 -18.73
C SER A 29 15.66 36.79 -19.48
N VAL A 30 15.84 35.53 -19.09
CA VAL A 30 16.81 34.57 -19.68
C VAL A 30 16.06 33.28 -19.99
N THR A 31 16.01 32.90 -21.27
CA THR A 31 15.43 31.61 -21.72
C THR A 31 16.57 30.60 -21.66
N VAL A 32 16.41 29.56 -20.83
CA VAL A 32 17.41 28.50 -20.59
C VAL A 32 16.88 27.25 -21.28
N ARG A 33 17.70 26.63 -22.12
CA ARG A 33 17.37 25.34 -22.77
C ARG A 33 17.77 24.21 -21.83
N ASP A 34 16.94 23.16 -21.76
CA ASP A 34 17.24 21.93 -20.99
C ASP A 34 16.92 20.73 -21.87
N PRO A 35 17.88 20.28 -22.70
CA PRO A 35 17.63 19.16 -23.60
C PRO A 35 17.48 17.79 -22.93
N TYR A 36 17.71 17.68 -21.61
CA TYR A 36 17.58 16.40 -20.85
C TYR A 36 16.42 16.49 -19.85
N SER A 37 15.48 17.42 -20.07
CA SER A 37 14.29 17.68 -19.21
C SER A 37 13.46 16.40 -19.01
N GLN A 38 13.46 15.50 -20.01
CA GLN A 38 12.66 14.25 -19.95
C GLN A 38 13.18 13.39 -18.80
N LEU A 39 14.47 13.50 -18.44
CA LEU A 39 15.09 12.67 -17.37
C LEU A 39 14.68 13.17 -15.97
N GLU A 40 13.83 14.21 -15.88
CA GLU A 40 13.17 14.66 -14.62
C GLU A 40 11.99 13.74 -14.28
N VAL A 41 11.55 12.92 -15.22
CA VAL A 41 10.43 11.96 -15.02
C VAL A 41 11.00 10.77 -14.28
N PRO A 42 10.41 10.36 -13.13
CA PRO A 42 10.93 9.23 -12.36
C PRO A 42 11.12 7.96 -13.20
N PHE A 43 12.19 7.21 -12.90
CA PHE A 43 12.52 5.88 -13.47
C PHE A 43 11.24 5.05 -13.65
N GLU A 44 10.39 5.00 -12.61
CA GLU A 44 9.16 4.16 -12.57
C GLU A 44 8.19 4.53 -13.71
N ASP A 45 8.16 5.80 -14.14
CA ASP A 45 7.06 6.38 -14.96
C ASP A 45 7.46 6.60 -16.42
N SER A 46 8.71 6.31 -16.83
CA SER A 46 9.26 6.69 -18.15
C SER A 46 10.21 5.60 -18.69
N GLU A 47 9.92 5.08 -19.89
CA GLU A 47 10.78 4.14 -20.65
C GLU A 47 12.10 4.84 -21.01
N GLU A 48 12.06 6.14 -21.36
CA GLU A 48 13.27 6.95 -21.68
C GLU A 48 14.21 6.96 -20.48
N THR A 49 13.70 7.32 -19.30
CA THR A 49 14.47 7.33 -18.03
C THR A 49 15.01 5.93 -17.74
N LYS A 50 14.19 4.88 -17.93
CA LYS A 50 14.61 3.46 -17.77
C LYS A 50 15.77 3.13 -18.73
N ALA A 51 15.66 3.47 -20.01
CA ALA A 51 16.69 3.19 -21.05
C ALA A 51 18.01 3.87 -20.64
N PHE A 52 17.94 5.14 -20.18
CA PHE A 52 19.12 5.92 -19.75
C PHE A 52 19.81 5.24 -18.56
N VAL A 53 19.05 4.96 -17.49
CA VAL A 53 19.58 4.34 -16.25
C VAL A 53 20.27 3.02 -16.62
N HIS A 54 19.60 2.15 -17.37
CA HIS A 54 20.06 0.77 -17.68
C HIS A 54 21.33 0.82 -18.54
N SER A 55 21.34 1.62 -19.61
CA SER A 55 22.51 1.77 -20.53
C SER A 55 23.68 2.40 -19.76
N GLN A 56 23.43 3.48 -19.01
CA GLN A 56 24.49 4.17 -18.24
C GLN A 56 25.03 3.26 -17.14
N ARG A 57 24.17 2.45 -16.50
CA ARG A 57 24.54 1.52 -15.39
C ARG A 57 25.51 0.47 -15.91
N LYS A 58 25.14 -0.23 -17.00
CA LYS A 58 25.93 -1.31 -17.63
C LYS A 58 27.29 -0.76 -18.08
N PHE A 59 27.28 0.43 -18.69
CA PHE A 59 28.48 1.10 -19.23
C PHE A 59 29.48 1.35 -18.09
N ALA A 60 29.03 1.96 -17.01
CA ALA A 60 29.85 2.22 -15.79
C ALA A 60 30.35 0.90 -15.19
N ARG A 61 29.47 -0.09 -15.06
CA ARG A 61 29.74 -1.40 -14.42
C ARG A 61 30.82 -2.13 -15.22
N THR A 62 30.76 -2.05 -16.56
CA THR A 62 31.77 -2.62 -17.49
C THR A 62 33.12 -1.98 -17.23
N TYR A 63 33.20 -0.65 -17.20
CA TYR A 63 34.49 0.07 -17.05
C TYR A 63 35.12 -0.27 -15.69
N LEU A 64 34.31 -0.22 -14.62
CA LEU A 64 34.76 -0.39 -13.21
C LEU A 64 35.24 -1.83 -12.95
N ASP A 65 34.47 -2.83 -13.43
CA ASP A 65 34.74 -4.27 -13.19
C ASP A 65 35.88 -4.77 -14.09
N GLU A 66 36.28 -3.99 -15.11
CA GLU A 66 37.41 -4.35 -16.01
C GLU A 66 38.73 -4.11 -15.28
N ASN A 67 38.73 -3.24 -14.27
CA ASN A 67 39.93 -2.94 -13.44
C ASN A 67 40.09 -4.02 -12.38
N PRO A 68 41.18 -4.83 -12.38
CA PRO A 68 41.36 -5.89 -11.40
C PRO A 68 41.45 -5.34 -9.96
N ASP A 69 41.92 -4.10 -9.82
CA ASP A 69 42.05 -3.38 -8.52
C ASP A 69 40.68 -3.17 -7.87
N ARG A 70 39.58 -3.28 -8.62
CA ARG A 70 38.21 -3.20 -8.06
C ARG A 70 38.03 -4.35 -7.08
N GLU A 71 38.33 -5.58 -7.49
CA GLU A 71 38.26 -6.79 -6.62
C GLU A 71 39.31 -6.69 -5.52
N ALA A 72 40.54 -6.26 -5.84
CA ALA A 72 41.64 -6.11 -4.87
C ALA A 72 41.17 -5.19 -3.74
N TRP A 73 40.58 -4.06 -4.10
CA TRP A 73 40.05 -3.06 -3.13
C TRP A 73 38.91 -3.69 -2.30
N LEU A 74 37.96 -4.39 -2.94
CA LEU A 74 36.80 -4.98 -2.25
C LEU A 74 37.28 -5.93 -1.14
N GLU A 75 38.31 -6.75 -1.43
CA GLU A 75 38.84 -7.79 -0.49
C GLU A 75 39.62 -7.11 0.64
N THR A 76 40.46 -6.13 0.31
CA THR A 76 41.19 -5.28 1.29
C THR A 76 40.18 -4.63 2.25
N LEU A 77 39.12 -4.02 1.72
CA LEU A 77 38.11 -3.27 2.53
C LEU A 77 37.36 -4.25 3.45
N LYS A 78 36.94 -5.39 2.91
CA LYS A 78 36.15 -6.44 3.58
C LYS A 78 36.93 -7.02 4.77
N LYS A 79 38.20 -7.37 4.57
CA LYS A 79 39.08 -7.94 5.63
C LYS A 79 39.30 -6.89 6.75
N SER A 80 39.59 -5.64 6.39
CA SER A 80 39.96 -4.56 7.35
C SER A 80 38.71 -4.08 8.10
N TRP A 81 37.54 -4.07 7.47
CA TRP A 81 36.27 -3.58 8.10
C TRP A 81 35.70 -4.60 9.09
N ASN A 82 36.27 -5.80 9.17
CA ASN A 82 35.79 -6.88 10.07
C ASN A 82 36.34 -6.62 11.49
N TYR A 83 35.93 -5.52 12.11
CA TYR A 83 36.31 -5.09 13.47
C TYR A 83 35.05 -4.69 14.24
N ARG A 84 35.03 -4.99 15.54
CA ARG A 84 33.89 -4.74 16.44
C ARG A 84 33.66 -3.23 16.60
N ARG A 85 32.43 -2.78 16.38
CA ARG A 85 32.00 -1.37 16.50
C ARG A 85 30.83 -1.27 17.50
N PHE A 86 30.82 -0.22 18.30
CA PHE A 86 29.78 -0.01 19.33
C PHE A 86 29.66 1.48 19.62
N SER A 87 28.50 1.88 20.10
CA SER A 87 28.20 3.22 20.68
C SER A 87 28.55 3.25 22.18
N ALA A 88 28.44 4.44 22.77
CA ALA A 88 28.35 4.69 24.23
C ALA A 88 27.12 3.95 24.76
N LEU A 89 27.14 3.58 26.05
CA LEU A 89 25.95 3.02 26.75
C LEU A 89 24.92 4.15 26.90
N LYS A 90 23.64 3.82 26.71
CA LYS A 90 22.50 4.78 26.85
C LYS A 90 21.55 4.29 27.93
N PRO A 91 21.40 5.01 29.06
CA PRO A 91 20.49 4.57 30.12
C PRO A 91 19.03 4.79 29.68
N GLU A 92 18.18 3.77 29.86
CA GLU A 92 16.74 3.85 29.49
C GLU A 92 15.86 3.62 30.74
N SER A 93 14.57 3.89 30.63
CA SER A 93 13.60 3.93 31.76
C SER A 93 13.20 2.53 32.22
N ASP A 94 13.75 1.47 31.61
CA ASP A 94 13.56 0.06 32.02
C ASP A 94 14.77 -0.42 32.82
N GLY A 95 15.63 0.49 33.29
CA GLY A 95 16.80 0.17 34.13
C GLY A 95 17.85 -0.66 33.41
N HIS A 96 17.90 -0.55 32.07
CA HIS A 96 18.97 -1.12 31.20
C HIS A 96 19.76 0.01 30.55
N TYR A 97 21.05 -0.21 30.36
CA TYR A 97 21.86 0.47 29.33
C TYR A 97 21.59 -0.23 27.99
N TYR A 98 21.44 0.56 26.93
CA TYR A 98 21.33 0.08 25.53
C TYR A 98 22.58 0.55 24.80
N PHE A 99 23.07 -0.25 23.86
CA PHE A 99 24.25 0.12 23.04
C PHE A 99 24.16 -0.57 21.69
N GLU A 100 24.63 0.14 20.65
CA GLU A 100 24.72 -0.40 19.28
C GLU A 100 25.97 -1.27 19.20
N TYR A 101 25.89 -2.38 18.47
CA TYR A 101 27.02 -3.31 18.24
C TYR A 101 26.99 -3.84 16.81
N ASN A 102 28.17 -3.96 16.21
CA ASN A 102 28.42 -4.71 14.96
C ASN A 102 29.67 -5.55 15.18
N ASP A 103 29.57 -6.86 14.97
CA ASP A 103 30.70 -7.82 15.14
C ASP A 103 31.76 -7.61 14.04
N GLY A 104 31.41 -6.88 12.98
CA GLY A 104 32.35 -6.53 11.91
C GLY A 104 31.67 -6.32 10.57
N LEU A 105 31.04 -7.35 10.02
CA LEU A 105 30.51 -7.37 8.63
C LEU A 105 29.00 -7.66 8.61
N GLN A 106 28.27 -7.35 9.67
CA GLN A 106 26.78 -7.42 9.66
C GLN A 106 26.26 -6.21 8.87
N SER A 107 25.18 -6.36 8.11
CA SER A 107 24.60 -5.30 7.25
C SER A 107 24.34 -4.03 8.07
N GLN A 108 23.74 -4.20 9.25
CA GLN A 108 23.23 -3.13 10.14
C GLN A 108 23.74 -3.37 11.57
N LEU A 109 23.87 -2.28 12.34
CA LEU A 109 24.10 -2.26 13.81
C LEU A 109 22.94 -2.99 14.50
N SER A 110 23.23 -3.76 15.54
CA SER A 110 22.22 -4.42 16.41
C SER A 110 22.15 -3.64 17.71
N LEU A 111 21.00 -3.68 18.37
CA LEU A 111 20.83 -3.05 19.69
C LEU A 111 20.96 -4.16 20.75
N TYR A 112 21.89 -3.95 21.67
CA TYR A 112 22.10 -4.82 22.85
C TYR A 112 21.75 -4.04 24.12
N ARG A 113 21.59 -4.75 25.24
CA ARG A 113 21.27 -4.12 26.53
C ARG A 113 21.78 -4.98 27.69
N VAL A 114 21.94 -4.33 28.84
CA VAL A 114 22.51 -4.92 30.06
C VAL A 114 21.91 -4.16 31.26
N ARG A 115 21.46 -4.90 32.29
CA ARG A 115 20.86 -4.28 33.50
C ARG A 115 21.88 -3.27 34.04
N MET A 116 21.45 -2.10 34.49
CA MET A 116 22.41 -1.12 35.04
C MET A 116 23.08 -1.78 36.26
N GLY A 117 24.39 -1.56 36.45
CA GLY A 117 25.23 -2.24 37.45
C GLY A 117 25.98 -3.47 36.92
N GLU A 118 25.55 -4.05 35.81
CA GLU A 118 26.20 -5.26 35.20
C GLU A 118 26.96 -4.87 33.92
N GLU A 119 27.11 -3.57 33.66
CA GLU A 119 27.67 -3.07 32.37
C GLU A 119 29.19 -3.39 32.31
N ASP A 120 29.84 -3.72 33.42
CA ASP A 120 31.29 -4.05 33.38
C ASP A 120 31.51 -5.37 32.63
N THR A 121 30.44 -6.15 32.42
CA THR A 121 30.52 -7.46 31.72
C THR A 121 30.36 -7.33 30.18
N VAL A 122 30.06 -6.16 29.63
CA VAL A 122 29.79 -6.05 28.15
C VAL A 122 31.06 -5.65 27.38
N LEU A 123 31.01 -5.81 26.06
CA LEU A 123 32.03 -5.29 25.09
C LEU A 123 33.43 -5.76 25.50
N THR A 124 33.63 -7.08 25.58
CA THR A 124 34.89 -7.75 25.97
C THR A 124 35.47 -8.49 24.75
N GLU A 125 36.59 -9.19 24.95
CA GLU A 125 37.18 -10.16 23.98
C GLU A 125 36.11 -11.17 23.58
N SER A 126 35.30 -11.61 24.53
CA SER A 126 34.28 -12.68 24.37
C SER A 126 33.17 -12.27 23.38
N GLY A 127 32.85 -10.97 23.33
CA GLY A 127 31.83 -10.42 22.40
C GLY A 127 31.05 -9.29 23.07
N PRO A 128 29.83 -8.94 22.58
CA PRO A 128 29.10 -7.80 23.13
C PRO A 128 28.66 -8.05 24.59
N GLY A 129 28.42 -9.31 24.96
CA GLY A 129 27.80 -9.68 26.25
C GLY A 129 26.38 -9.15 26.30
N GLY A 130 25.93 -8.72 27.48
CA GLY A 130 24.55 -8.29 27.74
C GLY A 130 23.54 -9.21 27.08
N GLU A 131 22.44 -8.63 26.60
CA GLU A 131 21.31 -9.34 25.94
C GLU A 131 21.05 -8.69 24.57
N LEU A 132 20.83 -9.48 23.52
CA LEU A 132 20.33 -8.97 22.21
C LEU A 132 18.93 -8.42 22.44
N PHE A 133 18.66 -7.18 22.02
CA PHE A 133 17.31 -6.57 22.07
C PHE A 133 16.67 -6.55 20.67
N PHE A 134 17.33 -5.91 19.72
CA PHE A 134 16.78 -5.67 18.36
C PHE A 134 17.88 -5.85 17.32
N ASN A 135 17.66 -6.78 16.41
CA ASN A 135 18.56 -7.09 15.27
C ASN A 135 17.90 -6.67 13.95
N PRO A 136 18.19 -5.45 13.44
CA PRO A 136 17.60 -4.98 12.20
C PRO A 136 17.82 -5.92 11.00
N ASN A 137 18.92 -6.67 11.01
CA ASN A 137 19.30 -7.64 9.94
C ASN A 137 18.19 -8.68 9.74
N LEU A 138 17.40 -8.96 10.78
CA LEU A 138 16.26 -9.91 10.71
C LEU A 138 15.13 -9.34 9.84
N LEU A 139 15.03 -8.01 9.74
CA LEU A 139 13.84 -7.32 9.14
C LEU A 139 13.69 -7.67 7.66
N SER A 140 14.77 -7.65 6.87
CA SER A 140 14.77 -7.94 5.42
C SER A 140 15.70 -9.12 5.11
N LEU A 141 15.62 -9.64 3.88
CA LEU A 141 16.45 -10.74 3.36
C LEU A 141 17.86 -10.21 3.08
N ASP A 142 17.96 -9.04 2.45
CA ASP A 142 19.24 -8.46 1.93
C ASP A 142 19.88 -7.54 2.96
N GLY A 143 19.25 -7.30 4.13
CA GLY A 143 19.73 -6.36 5.16
C GLY A 143 19.68 -4.92 4.69
N ASN A 144 18.65 -4.58 3.90
CA ASN A 144 18.42 -3.25 3.30
C ASN A 144 17.38 -2.46 4.10
N ALA A 145 16.45 -3.15 4.77
CA ALA A 145 15.55 -2.55 5.79
C ALA A 145 16.41 -2.11 6.96
N ALA A 146 16.37 -0.81 7.28
CA ALA A 146 17.16 -0.18 8.37
C ALA A 146 16.23 0.43 9.42
N LEU A 147 16.70 0.39 10.66
CA LEU A 147 16.18 1.17 11.81
C LEU A 147 16.44 2.65 11.54
N THR A 148 15.40 3.50 11.53
CA THR A 148 15.51 4.96 11.26
C THR A 148 15.43 5.77 12.56
N GLY A 149 15.13 5.12 13.68
CA GLY A 149 15.07 5.78 15.00
C GLY A 149 14.30 4.93 15.98
N PHE A 150 14.40 5.26 17.27
CA PHE A 150 13.66 4.57 18.34
C PHE A 150 13.56 5.52 19.54
N VAL A 151 12.48 5.38 20.32
CA VAL A 151 12.28 6.07 21.62
C VAL A 151 11.53 5.09 22.53
N MET A 152 12.08 4.83 23.71
CA MET A 152 11.42 4.05 24.78
C MET A 152 10.36 4.94 25.45
N SER A 153 9.20 4.35 25.76
CA SER A 153 8.14 5.02 26.56
C SER A 153 8.72 5.41 27.93
N PRO A 154 8.21 6.49 28.57
CA PRO A 154 8.68 6.89 29.90
C PRO A 154 8.55 5.80 30.99
N CYS A 155 7.53 4.93 30.89
CA CYS A 155 7.26 3.78 31.80
C CYS A 155 8.32 2.68 31.61
N GLY A 156 8.95 2.60 30.43
CA GLY A 156 10.00 1.61 30.12
C GLY A 156 9.44 0.29 29.64
N ASN A 157 8.12 0.22 29.40
CA ASN A 157 7.44 -1.03 28.97
C ASN A 157 7.32 -1.11 27.44
N TYR A 158 7.40 0.02 26.72
CA TYR A 158 7.19 0.09 25.25
C TYR A 158 8.38 0.78 24.58
N TRP A 159 8.63 0.38 23.33
CA TRP A 159 9.74 0.85 22.48
C TRP A 159 9.16 1.13 21.07
N ALA A 160 9.03 2.41 20.71
CA ALA A 160 8.58 2.86 19.38
C ALA A 160 9.80 2.95 18.46
N TYR A 161 9.72 2.43 17.23
CA TYR A 161 10.88 2.40 16.31
C TYR A 161 10.46 2.51 14.84
N GLY A 162 11.29 3.21 14.08
CA GLY A 162 11.09 3.45 12.64
C GLY A 162 11.86 2.46 11.79
N VAL A 163 11.22 1.91 10.76
CA VAL A 163 11.85 0.96 9.77
C VAL A 163 11.55 1.47 8.36
N SER A 164 12.59 1.76 7.57
CA SER A 164 12.47 2.07 6.12
C SER A 164 12.72 0.78 5.34
N GLU A 165 11.72 0.31 4.59
CA GLU A 165 11.83 -0.86 3.66
C GLU A 165 12.46 -0.39 2.34
N HIS A 166 13.53 -1.07 1.89
CA HIS A 166 14.26 -0.86 0.61
C HIS A 166 14.97 0.50 0.63
N GLY A 167 15.57 0.90 1.76
CA GLY A 167 16.35 2.14 1.87
C GLY A 167 15.52 3.38 1.51
N SER A 168 14.39 3.24 0.81
CA SER A 168 13.38 4.31 0.55
C SER A 168 13.26 5.16 1.82
N ASP A 169 13.22 6.48 1.69
CA ASP A 169 13.28 7.43 2.83
C ASP A 169 11.86 7.72 3.33
N TRP A 170 10.86 6.93 2.89
CA TRP A 170 9.58 6.71 3.63
C TRP A 170 9.79 5.60 4.67
N MET A 171 9.02 5.60 5.74
CA MET A 171 9.15 4.61 6.84
C MET A 171 7.78 4.33 7.44
N SER A 172 7.70 3.22 8.19
CA SER A 172 6.59 2.95 9.13
C SER A 172 7.16 2.95 10.56
N ILE A 173 6.37 3.39 11.53
CA ILE A 173 6.71 3.33 12.97
C ILE A 173 5.98 2.12 13.58
N TYR A 174 6.74 1.26 14.26
CA TYR A 174 6.27 0.03 14.95
C TYR A 174 6.48 0.21 16.46
N VAL A 175 5.81 -0.62 17.25
CA VAL A 175 5.92 -0.63 18.74
C VAL A 175 6.11 -2.08 19.17
N ARG A 176 7.03 -2.31 20.12
CA ARG A 176 7.17 -3.64 20.77
C ARG A 176 7.33 -3.42 22.28
N LYS A 177 6.99 -4.44 23.07
CA LYS A 177 7.26 -4.46 24.53
C LYS A 177 8.78 -4.58 24.74
N THR A 178 9.32 -3.88 25.73
CA THR A 178 10.71 -4.05 26.21
C THR A 178 10.92 -5.48 26.73
N SER A 179 9.84 -6.21 27.02
CA SER A 179 9.88 -7.63 27.47
C SER A 179 9.89 -8.57 26.25
N SER A 180 9.96 -8.04 25.03
CA SER A 180 9.90 -8.80 23.76
C SER A 180 11.17 -8.57 22.91
N PRO A 181 12.37 -8.93 23.40
CA PRO A 181 13.59 -8.74 22.62
C PRO A 181 13.58 -9.72 21.44
N HIS A 182 14.29 -9.39 20.35
CA HIS A 182 14.61 -10.38 19.29
C HIS A 182 15.39 -11.52 19.93
N LEU A 183 15.16 -12.74 19.47
CA LEU A 183 15.91 -13.96 19.84
C LEU A 183 16.90 -14.30 18.72
N PRO A 184 18.06 -14.91 19.03
CA PRO A 184 19.02 -15.27 17.99
C PRO A 184 18.52 -16.36 17.02
N SER A 185 17.47 -17.11 17.38
CA SER A 185 16.94 -18.26 16.62
C SER A 185 16.03 -17.82 15.47
N GLN A 186 15.60 -16.54 15.46
CA GLN A 186 14.59 -16.01 14.51
C GLN A 186 15.18 -15.98 13.11
N GLU A 187 14.48 -16.58 12.14
CA GLU A 187 14.83 -16.54 10.69
C GLU A 187 14.63 -15.11 10.18
N ARG A 188 15.34 -14.73 9.12
CA ARG A 188 15.28 -13.37 8.50
C ARG A 188 13.92 -13.20 7.84
N GLY A 189 13.64 -11.99 7.33
CA GLY A 189 12.46 -11.70 6.49
C GLY A 189 11.25 -11.20 7.27
N LYS A 190 11.28 -11.27 8.60
CA LYS A 190 10.12 -10.94 9.49
C LYS A 190 10.62 -10.22 10.74
N ASP A 191 9.73 -9.48 11.41
CA ASP A 191 9.97 -8.81 12.72
C ASP A 191 9.07 -9.47 13.76
N PRO A 192 9.46 -10.65 14.32
CA PRO A 192 8.63 -11.29 15.35
C PRO A 192 8.60 -10.46 16.63
N GLY A 193 7.57 -10.68 17.47
CA GLY A 193 7.46 -10.13 18.83
C GLY A 193 7.00 -8.67 18.86
N ARG A 194 6.66 -8.08 17.71
CA ARG A 194 6.19 -6.68 17.62
C ARG A 194 4.69 -6.65 17.82
N MET A 195 4.15 -5.50 18.22
CA MET A 195 2.70 -5.31 18.43
C MET A 195 2.06 -4.96 17.09
N ASN A 196 0.72 -4.89 17.02
CA ASN A 196 -0.04 -4.71 15.75
C ASN A 196 0.12 -3.27 15.23
N ASP A 197 0.46 -2.32 16.10
CA ASP A 197 0.66 -0.88 15.74
C ASP A 197 1.47 -0.79 14.44
N LYS A 198 0.93 -0.13 13.42
CA LYS A 198 1.68 0.19 12.17
C LYS A 198 1.31 1.60 11.73
N ILE A 199 2.27 2.53 11.84
CA ILE A 199 2.10 3.97 11.52
C ILE A 199 2.81 4.20 10.19
N ARG A 200 2.04 4.28 9.10
CA ARG A 200 2.59 4.41 7.73
C ARG A 200 2.63 5.88 7.33
N HIS A 201 3.29 6.19 6.22
CA HIS A 201 3.30 7.51 5.54
C HIS A 201 4.14 8.51 6.35
N VAL A 202 5.23 8.04 6.95
CA VAL A 202 6.18 8.87 7.75
C VAL A 202 7.43 9.06 6.90
N ARG A 203 7.92 10.31 6.80
CA ARG A 203 9.10 10.67 5.95
C ARG A 203 10.31 11.08 6.82
N PHE A 204 10.13 11.20 8.14
CA PHE A 204 11.20 11.53 9.10
C PHE A 204 10.77 11.10 10.50
N PHE A 205 11.68 10.52 11.27
CA PHE A 205 11.37 9.94 12.61
C PHE A 205 11.44 11.04 13.67
N ILE A 206 10.29 11.54 14.12
CA ILE A 206 10.19 12.42 15.33
C ILE A 206 9.00 11.94 16.16
N VAL A 207 9.28 11.19 17.22
CA VAL A 207 8.25 10.50 18.05
C VAL A 207 8.37 11.04 19.46
N SER A 208 7.26 11.55 20.03
CA SER A 208 7.24 12.08 21.42
C SER A 208 6.11 11.41 22.22
N TRP A 209 6.48 10.53 23.14
CA TRP A 209 5.53 9.84 24.08
C TRP A 209 4.94 10.85 25.05
N THR A 210 3.67 10.69 25.40
CA THR A 210 3.06 11.32 26.61
C THR A 210 3.61 10.63 27.87
N SER A 211 3.63 11.35 29.00
CA SER A 211 4.18 10.89 30.31
C SER A 211 3.38 9.69 30.84
N ASP A 212 2.14 9.51 30.39
CA ASP A 212 1.25 8.35 30.73
C ASP A 212 1.62 7.11 29.90
N SER A 213 2.61 7.18 29.01
CA SER A 213 2.99 6.06 28.12
C SER A 213 1.79 5.46 27.37
N LYS A 214 0.73 6.24 27.13
CA LYS A 214 -0.48 5.74 26.41
C LYS A 214 -0.32 5.90 24.88
N GLY A 215 0.59 6.76 24.43
CA GLY A 215 0.71 7.05 22.99
C GLY A 215 1.82 8.02 22.70
N PHE A 216 1.95 8.42 21.43
CA PHE A 216 3.04 9.32 20.98
C PHE A 216 2.55 10.14 19.78
N PHE A 217 3.02 11.38 19.77
CA PHE A 217 2.91 12.33 18.65
C PHE A 217 3.92 11.91 17.58
N TYR A 218 3.57 12.11 16.32
CA TYR A 218 4.47 11.86 15.17
C TYR A 218 4.00 12.76 14.02
N SER A 219 4.88 12.96 13.03
CA SER A 219 4.56 13.73 11.80
C SER A 219 4.41 12.76 10.64
N ARG A 220 3.38 12.92 9.80
CA ARG A 220 3.16 12.09 8.60
C ARG A 220 2.65 12.93 7.43
N TYR A 221 2.56 12.28 6.27
CA TYR A 221 2.17 12.89 4.97
C TYR A 221 0.94 12.15 4.46
N PRO A 222 0.27 12.67 3.39
CA PRO A 222 -0.79 11.94 2.73
C PRO A 222 -0.19 10.69 2.10
N PRO A 223 -1.00 9.63 1.85
CA PRO A 223 -0.50 8.40 1.25
C PRO A 223 0.23 8.58 -0.08
N GLU A 224 1.41 7.94 -0.19
CA GLU A 224 2.15 7.69 -1.46
C GLU A 224 3.02 6.43 -1.30
N LYS A 229 9.69 6.74 -4.74
CA LYS A 229 9.60 6.31 -6.17
C LYS A 229 9.38 7.52 -7.08
N GLY A 230 8.52 8.47 -6.65
CA GLY A 230 8.20 9.72 -7.36
C GLY A 230 9.09 10.85 -6.86
N ASN A 231 9.03 12.04 -7.48
CA ASN A 231 9.93 13.18 -7.12
C ASN A 231 9.15 14.49 -6.99
N ALA A 232 7.83 14.46 -6.88
CA ALA A 232 7.02 15.69 -6.70
C ALA A 232 7.33 16.27 -5.32
N PRO A 233 7.09 17.58 -5.10
CA PRO A 233 7.37 18.21 -3.81
C PRO A 233 6.72 17.50 -2.61
N ALA A 234 7.47 17.41 -1.52
CA ALA A 234 6.98 16.92 -0.19
C ALA A 234 5.96 17.92 0.33
N MET A 235 4.69 17.51 0.43
CA MET A 235 3.56 18.43 0.71
C MET A 235 2.62 17.89 1.79
N ASN A 236 2.14 18.78 2.64
CA ASN A 236 0.99 18.55 3.57
C ASN A 236 1.46 17.68 4.74
N CYS A 237 2.56 18.06 5.38
CA CYS A 237 3.07 17.50 6.65
C CYS A 237 2.01 17.74 7.74
N MET A 238 1.60 16.69 8.45
CA MET A 238 0.59 16.79 9.54
C MET A 238 1.14 16.14 10.81
N VAL A 239 0.75 16.68 11.97
CA VAL A 239 1.09 16.11 13.31
C VAL A 239 -0.11 15.31 13.77
N TYR A 240 0.13 14.04 14.14
CA TYR A 240 -0.88 13.08 14.63
C TYR A 240 -0.46 12.60 16.02
N TYR A 241 -1.44 12.14 16.80
CA TYR A 241 -1.23 11.43 18.09
C TYR A 241 -1.77 10.01 17.96
N HIS A 242 -0.92 9.01 18.11
CA HIS A 242 -1.28 7.58 18.05
C HIS A 242 -1.40 7.02 19.47
N ARG A 243 -2.54 6.43 19.80
CA ARG A 243 -2.77 5.67 21.05
C ARG A 243 -2.29 4.24 20.83
N ILE A 244 -1.41 3.75 21.70
CA ILE A 244 -0.85 2.37 21.68
C ILE A 244 -2.00 1.36 21.60
N GLY A 245 -1.94 0.44 20.63
CA GLY A 245 -2.88 -0.68 20.46
C GLY A 245 -3.95 -0.40 19.42
N GLU A 246 -4.16 0.86 19.03
CA GLU A 246 -5.21 1.26 18.04
C GLU A 246 -4.68 1.14 16.62
N ASP A 247 -5.59 1.01 15.65
CA ASP A 247 -5.31 1.13 14.21
C ASP A 247 -4.90 2.58 13.92
N GLN A 248 -3.99 2.80 12.97
CA GLN A 248 -3.55 4.17 12.56
C GLN A 248 -4.77 5.02 12.15
N GLU A 249 -5.82 4.41 11.60
CA GLU A 249 -7.06 5.10 11.16
C GLU A 249 -7.70 5.83 12.35
N SER A 250 -7.41 5.43 13.58
CA SER A 250 -7.99 6.04 14.81
C SER A 250 -7.14 7.22 15.30
N ASP A 251 -5.89 7.36 14.83
CA ASP A 251 -4.97 8.43 15.28
C ASP A 251 -5.66 9.79 15.11
N VAL A 252 -5.58 10.64 16.14
CA VAL A 252 -6.22 11.97 16.20
C VAL A 252 -5.31 13.00 15.51
N LEU A 253 -5.87 13.80 14.58
CA LEU A 253 -5.15 14.92 13.91
C LEU A 253 -4.87 16.01 14.95
N VAL A 254 -3.63 16.45 15.07
CA VAL A 254 -3.21 17.52 16.01
C VAL A 254 -2.92 18.82 15.25
N HIS A 255 -2.36 18.76 14.04
CA HIS A 255 -2.08 19.99 13.26
C HIS A 255 -1.99 19.67 11.76
N GLU A 256 -2.66 20.48 10.95
CA GLU A 256 -2.42 20.60 9.48
C GLU A 256 -2.45 22.09 9.13
N ASP A 257 -1.80 22.49 8.04
CA ASP A 257 -1.82 23.89 7.54
C ASP A 257 -1.97 23.78 6.02
N PRO A 258 -3.21 23.60 5.51
CA PRO A 258 -3.44 23.42 4.09
C PRO A 258 -2.90 24.57 3.21
N GLU A 259 -2.79 25.77 3.80
CA GLU A 259 -2.35 26.99 3.10
C GLU A 259 -0.87 26.86 2.71
N HIS A 260 -0.06 26.20 3.53
CA HIS A 260 1.41 26.15 3.35
C HIS A 260 1.85 24.71 3.23
N PRO A 261 1.58 24.03 2.09
CA PRO A 261 1.88 22.60 1.97
C PRO A 261 3.38 22.22 2.04
N PHE A 262 4.30 23.14 1.80
CA PHE A 262 5.76 22.89 1.73
C PHE A 262 6.35 22.92 3.13
N TRP A 263 5.63 23.53 4.09
CA TRP A 263 6.10 23.72 5.49
C TRP A 263 6.23 22.34 6.12
N ILE A 264 7.27 22.15 6.92
CA ILE A 264 7.50 20.91 7.71
C ILE A 264 7.13 21.25 9.16
N SER A 265 6.40 20.36 9.81
CA SER A 265 5.89 20.58 11.18
C SER A 265 6.20 19.38 12.06
N SER A 266 6.36 19.62 13.36
CA SER A 266 6.53 18.58 14.37
C SER A 266 6.23 19.14 15.77
N VAL A 267 6.20 18.24 16.74
CA VAL A 267 6.05 18.59 18.18
C VAL A 267 7.15 17.89 18.97
N GLN A 268 7.56 18.52 20.08
CA GLN A 268 8.46 17.99 21.13
C GLN A 268 7.74 18.22 22.47
N LEU A 269 7.87 17.30 23.41
CA LEU A 269 7.36 17.45 24.80
C LEU A 269 8.54 17.79 25.71
N THR A 270 8.29 18.56 26.77
CA THR A 270 9.32 18.77 27.83
C THR A 270 9.55 17.41 28.49
N PRO A 271 10.76 17.18 29.07
CA PRO A 271 11.04 15.96 29.80
C PRO A 271 9.94 15.50 30.77
N SER A 272 9.25 16.42 31.46
CA SER A 272 8.17 16.13 32.43
C SER A 272 6.87 15.71 31.72
N GLY A 273 6.75 15.98 30.42
CA GLY A 273 5.58 15.59 29.64
C GLY A 273 4.44 16.58 29.75
N ARG A 274 4.63 17.72 30.41
CA ARG A 274 3.54 18.70 30.69
C ARG A 274 3.30 19.63 29.49
N TYR A 275 4.36 20.17 28.91
CA TYR A 275 4.26 21.21 27.85
C TYR A 275 4.60 20.58 26.51
N ILE A 276 3.88 20.98 25.45
CA ILE A 276 4.15 20.53 24.06
C ILE A 276 4.59 21.75 23.24
N LEU A 277 5.71 21.63 22.53
CA LEU A 277 6.22 22.70 21.63
C LEU A 277 5.88 22.31 20.20
N PHE A 278 5.07 23.12 19.52
CA PHE A 278 4.83 23.04 18.05
C PHE A 278 5.88 23.89 17.33
N ALA A 279 6.52 23.31 16.32
CA ALA A 279 7.48 23.99 15.44
C ALA A 279 7.14 23.69 13.98
N ALA A 280 7.03 24.74 13.16
CA ALA A 280 7.00 24.64 11.69
C ALA A 280 8.24 25.32 11.13
N SER A 281 8.81 24.73 10.09
CA SER A 281 9.86 25.37 9.26
C SER A 281 9.34 25.51 7.82
N ARG A 282 9.73 26.59 7.14
CA ARG A 282 9.30 26.90 5.76
C ARG A 282 10.50 26.84 4.80
N ASP A 283 11.68 26.52 5.32
CA ASP A 283 12.93 26.43 4.51
C ASP A 283 14.00 25.71 5.35
N ALA A 284 15.26 25.67 4.90
CA ALA A 284 16.36 24.99 5.64
C ALA A 284 16.98 25.92 6.70
N SER A 285 16.56 27.18 6.82
CA SER A 285 17.14 28.18 7.75
C SER A 285 16.72 27.79 9.18
N HIS A 286 17.49 28.26 10.16
CA HIS A 286 17.26 27.94 11.59
C HIS A 286 16.27 28.98 12.13
N THR A 287 15.06 29.00 11.56
CA THR A 287 13.94 29.90 11.95
C THR A 287 12.65 29.06 11.96
N GLN A 288 11.79 29.31 12.94
CA GLN A 288 10.56 28.50 13.14
C GLN A 288 9.38 29.42 13.43
N LEU A 289 8.19 28.91 13.12
CA LEU A 289 6.92 29.33 13.72
C LEU A 289 6.67 28.39 14.89
N VAL A 290 6.50 28.92 16.10
CA VAL A 290 6.54 28.12 17.36
C VAL A 290 5.35 28.49 18.23
N LYS A 291 4.72 27.48 18.83
CA LYS A 291 3.58 27.59 19.76
C LYS A 291 3.79 26.60 20.91
N ILE A 292 3.24 26.91 22.08
CA ILE A 292 3.34 26.07 23.32
C ILE A 292 1.91 25.82 23.80
N ALA A 293 1.59 24.56 24.12
CA ALA A 293 0.34 24.20 24.82
C ALA A 293 0.68 23.53 26.16
N ASP A 294 -0.19 23.74 27.13
CA ASP A 294 -0.13 23.02 28.44
C ASP A 294 -1.04 21.80 28.30
N LEU A 295 -0.47 20.59 28.24
CA LEU A 295 -1.25 19.35 27.99
C LEU A 295 -2.17 19.04 29.19
N HIS A 296 -2.00 19.72 30.33
CA HIS A 296 -2.83 19.48 31.53
C HIS A 296 -4.18 20.22 31.37
N GLU A 297 -4.26 21.14 30.40
CA GLU A 297 -5.45 22.03 30.15
C GLU A 297 -6.25 21.59 28.93
N ASN A 298 -5.71 20.65 28.14
CA ASN A 298 -6.17 20.34 26.77
C ASN A 298 -6.43 18.84 26.64
N ASP A 299 -7.50 18.43 25.97
CA ASP A 299 -7.60 17.10 25.31
C ASP A 299 -6.74 17.14 24.04
N ILE A 300 -6.15 16.01 23.65
CA ILE A 300 -5.24 15.92 22.47
C ILE A 300 -6.10 15.97 21.19
N GLY A 301 -5.75 16.85 20.25
CA GLY A 301 -6.52 17.12 19.02
C GLY A 301 -6.30 18.55 18.54
N THR A 302 -7.20 19.03 17.68
CA THR A 302 -7.17 20.41 17.10
C THR A 302 -7.88 21.38 18.05
N ASN A 303 -8.37 20.90 19.21
CA ASN A 303 -9.10 21.72 20.22
C ASN A 303 -8.17 22.11 21.39
N MET A 304 -6.92 22.49 21.10
CA MET A 304 -5.87 22.79 22.11
C MET A 304 -5.58 24.29 22.16
N LYS A 305 -5.27 24.82 23.34
CA LYS A 305 -5.00 26.28 23.56
C LYS A 305 -3.51 26.55 23.33
N TRP A 306 -3.14 26.78 22.06
CA TRP A 306 -1.76 27.15 21.64
C TRP A 306 -1.50 28.60 22.04
N LYS A 307 -0.37 28.86 22.72
CA LYS A 307 0.14 30.24 22.98
C LYS A 307 1.44 30.44 22.18
N ASN A 308 1.68 31.65 21.67
CA ASN A 308 2.92 32.01 20.95
C ASN A 308 4.07 32.12 21.96
N LEU A 309 5.16 31.40 21.68
CA LEU A 309 6.48 31.46 22.35
C LEU A 309 7.25 32.72 21.92
N HIS A 310 7.28 33.02 20.61
CA HIS A 310 7.93 34.22 20.02
C HIS A 310 7.30 34.48 18.64
N ASP A 311 7.50 35.69 18.11
CA ASP A 311 7.12 36.06 16.71
C ASP A 311 7.68 35.04 15.74
N PRO A 312 6.92 34.65 14.69
CA PRO A 312 7.39 33.62 13.76
C PRO A 312 8.60 34.05 12.89
N TRP A 313 9.40 33.07 12.49
CA TRP A 313 10.46 33.15 11.44
C TRP A 313 11.64 34.02 11.87
N GLU A 314 11.84 34.22 13.17
CA GLU A 314 13.02 34.98 13.67
C GLU A 314 14.06 34.01 14.25
N ALA A 315 13.64 32.87 14.77
CA ALA A 315 14.51 32.00 15.60
C ALA A 315 13.98 30.57 15.68
N ARG A 316 14.90 29.65 15.95
CA ARG A 316 14.72 28.23 16.27
C ARG A 316 14.77 28.07 17.79
N PHE A 317 14.03 27.09 18.32
CA PHE A 317 13.83 26.78 19.77
C PHE A 317 13.77 25.26 19.92
N THR A 318 14.66 24.71 20.75
CA THR A 318 14.76 23.27 21.09
C THR A 318 14.67 23.12 22.62
N ILE A 319 13.80 22.26 23.12
CA ILE A 319 13.65 22.02 24.59
C ILE A 319 14.89 21.27 25.09
N VAL A 320 15.50 21.77 26.15
CA VAL A 320 16.70 21.15 26.78
C VAL A 320 16.39 20.72 28.22
N GLY A 321 15.29 21.18 28.82
CA GLY A 321 14.83 20.70 30.13
C GLY A 321 13.58 21.42 30.60
N ASP A 322 13.06 21.09 31.79
CA ASP A 322 11.98 21.87 32.46
C ASP A 322 12.11 21.72 33.97
N GLU A 323 11.52 22.68 34.70
CA GLU A 323 11.41 22.71 36.17
C GLU A 323 10.05 23.34 36.49
N GLY A 324 9.02 22.52 36.66
CA GLY A 324 7.62 22.98 36.72
C GLY A 324 7.25 23.78 35.48
N SER A 325 6.87 25.06 35.65
CA SER A 325 6.34 25.94 34.57
C SER A 325 7.51 26.52 33.74
N LYS A 326 8.75 26.33 34.21
CA LYS A 326 9.95 26.91 33.56
C LYS A 326 10.49 25.89 32.57
N ILE A 327 10.72 26.32 31.32
CA ILE A 327 11.24 25.45 30.24
C ILE A 327 12.60 26.00 29.83
N TYR A 328 13.59 25.12 29.70
CA TYR A 328 14.96 25.45 29.22
C TYR A 328 14.99 25.25 27.70
N PHE A 329 15.37 26.29 26.97
CA PHE A 329 15.47 26.29 25.48
C PHE A 329 16.90 26.58 25.03
N MET A 330 17.35 25.79 24.06
CA MET A 330 18.48 26.18 23.20
C MET A 330 17.88 26.89 21.99
N THR A 331 18.31 28.14 21.78
CA THR A 331 17.69 29.07 20.81
C THR A 331 18.76 29.99 20.23
N ASN A 332 18.55 30.39 18.97
CA ASN A 332 19.40 31.36 18.25
C ASN A 332 18.72 32.72 18.23
N LEU A 333 17.72 32.97 19.11
CA LEU A 333 17.00 34.27 19.14
C LEU A 333 17.99 35.41 19.43
N LYS A 334 18.19 36.31 18.45
CA LYS A 334 19.19 37.41 18.49
C LYS A 334 20.55 36.87 18.95
N ALA A 335 20.88 35.63 18.59
CA ALA A 335 22.12 34.92 18.99
C ALA A 335 22.39 33.83 17.95
N LYS A 336 23.03 34.19 16.84
CA LYS A 336 23.17 33.28 15.68
C LYS A 336 23.99 32.04 16.06
N ASN A 337 24.89 32.14 17.05
CA ASN A 337 25.70 30.97 17.50
C ASN A 337 24.96 30.20 18.60
N TYR A 338 23.69 30.52 18.86
CA TYR A 338 22.84 29.83 19.85
C TYR A 338 23.27 30.15 21.30
N LYS A 339 22.29 30.04 22.18
CA LYS A 339 22.39 30.30 23.64
C LYS A 339 21.35 29.43 24.35
N VAL A 340 21.34 29.52 25.67
CA VAL A 340 20.30 28.88 26.53
C VAL A 340 19.53 30.01 27.21
N ALA A 341 18.21 29.98 27.06
CA ALA A 341 17.27 30.93 27.67
C ALA A 341 16.10 30.14 28.26
N THR A 342 15.49 30.72 29.30
CA THR A 342 14.35 30.13 30.03
C THR A 342 13.07 30.88 29.66
N PHE A 343 12.01 30.09 29.53
CA PHE A 343 10.63 30.54 29.30
C PHE A 343 9.79 30.09 30.51
N ASP A 344 9.00 31.02 31.03
CA ASP A 344 8.01 30.68 32.09
C ASP A 344 6.65 30.62 31.42
N ALA A 345 6.11 29.41 31.24
CA ALA A 345 4.79 29.15 30.61
C ALA A 345 3.66 29.85 31.39
N ASN A 346 3.92 30.24 32.65
CA ASN A 346 2.97 30.97 33.53
C ASN A 346 3.02 32.48 33.27
N HIS A 347 4.04 32.98 32.56
CA HIS A 347 4.19 34.42 32.20
C HIS A 347 4.60 34.53 30.75
N PRO A 348 3.83 33.95 29.81
CA PRO A 348 4.24 33.84 28.41
C PRO A 348 4.54 35.19 27.72
N ASP A 349 3.97 36.28 28.24
CA ASP A 349 4.14 37.66 27.70
C ASP A 349 5.49 38.24 28.15
N GLU A 350 6.10 37.68 29.20
CA GLU A 350 7.39 38.14 29.76
C GLU A 350 8.57 37.65 28.88
N GLY A 351 8.32 36.72 27.96
CA GLY A 351 9.30 36.29 26.94
C GLY A 351 10.38 35.39 27.53
N LEU A 352 11.54 35.34 26.87
CA LEU A 352 12.67 34.45 27.24
C LEU A 352 13.69 35.27 28.04
N THR A 353 14.22 34.66 29.10
CA THR A 353 15.33 35.20 29.92
C THR A 353 16.60 34.42 29.58
N THR A 354 17.70 35.10 29.31
CA THR A 354 19.01 34.48 28.97
C THR A 354 19.56 33.81 30.23
N LEU A 355 19.97 32.55 30.13
CA LEU A 355 20.63 31.75 31.19
C LEU A 355 22.12 31.61 30.86
N ILE A 356 22.42 31.17 29.64
CA ILE A 356 23.78 31.06 29.06
C ILE A 356 23.83 31.99 27.83
N ALA A 357 24.60 33.05 27.90
CA ALA A 357 24.80 34.06 26.84
C ALA A 357 25.37 33.37 25.60
N GLU A 358 25.11 33.93 24.42
CA GLU A 358 25.75 33.50 23.17
C GLU A 358 27.26 33.56 23.37
N ASP A 359 27.99 32.52 22.98
CA ASP A 359 29.46 32.61 22.75
C ASP A 359 29.70 33.15 21.34
N PRO A 360 30.21 34.39 21.18
CA PRO A 360 30.36 34.98 19.87
C PRO A 360 31.36 34.24 18.97
N ASN A 361 32.19 33.34 19.53
CA ASN A 361 33.26 32.65 18.76
C ASN A 361 33.04 31.13 18.77
N ALA A 362 31.84 30.68 19.08
CA ALA A 362 31.57 29.23 19.22
C ALA A 362 30.08 28.95 19.08
N PHE A 363 29.79 28.03 18.17
CA PHE A 363 28.45 27.52 17.83
C PHE A 363 28.01 26.58 18.95
N LEU A 364 26.85 26.81 19.57
CA LEU A 364 26.32 25.90 20.61
C LEU A 364 25.52 24.79 19.92
N VAL A 365 26.01 23.56 20.01
CA VAL A 365 25.52 22.35 19.27
C VAL A 365 24.44 21.62 20.10
N SER A 366 24.64 21.51 21.41
CA SER A 366 23.68 20.86 22.33
C SER A 366 23.85 21.36 23.76
N ALA A 367 22.74 21.35 24.47
CA ALA A 367 22.62 21.62 25.92
C ALA A 367 21.78 20.47 26.48
N SER A 368 22.23 19.87 27.59
CA SER A 368 21.54 18.75 28.24
C SER A 368 21.82 18.82 29.75
N ILE A 369 20.88 18.33 30.56
CA ILE A 369 20.96 18.39 32.04
C ILE A 369 21.37 17.02 32.56
N HIS A 370 22.31 17.00 33.51
CA HIS A 370 22.90 15.76 34.07
C HIS A 370 23.05 15.91 35.58
N ALA A 371 22.95 14.79 36.30
CA ALA A 371 23.16 14.77 37.76
C ALA A 371 22.32 15.87 38.41
N GLN A 372 21.04 15.96 38.04
CA GLN A 372 20.03 16.85 38.65
C GLN A 372 20.17 18.31 38.21
N ASP A 373 21.37 18.93 38.34
CA ASP A 373 21.50 20.40 38.13
C ASP A 373 22.84 20.76 37.47
N LYS A 374 23.42 19.87 36.67
CA LYS A 374 24.65 20.13 35.87
C LYS A 374 24.20 20.34 34.42
N LEU A 375 24.43 21.53 33.89
CA LEU A 375 24.08 21.85 32.49
C LEU A 375 25.33 21.61 31.64
N LEU A 376 25.26 20.65 30.71
CA LEU A 376 26.39 20.23 29.86
C LEU A 376 26.17 20.84 28.47
N LEU A 377 27.10 21.69 28.04
CA LEU A 377 27.07 22.41 26.74
C LEU A 377 28.15 21.79 25.87
N VAL A 378 27.81 21.48 24.61
CA VAL A 378 28.79 21.05 23.58
C VAL A 378 28.94 22.22 22.61
N TYR A 379 30.12 22.83 22.55
CA TYR A 379 30.45 23.93 21.62
C TYR A 379 31.25 23.36 20.46
N LEU A 380 31.03 23.90 19.26
CA LEU A 380 31.90 23.76 18.08
C LEU A 380 32.79 25.01 18.06
N ARG A 381 34.09 24.84 18.26
CA ARG A 381 35.10 25.93 18.16
C ARG A 381 36.29 25.33 17.45
N ASN A 382 36.88 26.05 16.49
CA ASN A 382 38.10 25.57 15.78
C ASN A 382 37.82 24.17 15.22
N ALA A 383 36.63 23.95 14.69
CA ALA A 383 36.28 22.75 13.88
C ALA A 383 36.38 21.50 14.74
N SER A 384 36.12 21.59 16.06
CA SER A 384 36.05 20.44 16.98
C SER A 384 35.12 20.75 18.16
N HIS A 385 34.74 19.70 18.90
CA HIS A 385 33.79 19.79 20.03
C HIS A 385 34.53 20.18 21.31
N GLU A 386 33.88 20.99 22.15
CA GLU A 386 34.29 21.31 23.53
C GLU A 386 33.13 21.00 24.47
N ILE A 387 33.37 20.35 25.62
CA ILE A 387 32.31 20.12 26.65
C ILE A 387 32.55 21.09 27.80
N HIS A 388 31.57 21.95 28.08
CA HIS A 388 31.55 22.94 29.18
C HIS A 388 30.48 22.49 30.18
N ILE A 389 30.79 22.53 31.48
CA ILE A 389 29.79 22.26 32.55
C ILE A 389 29.40 23.60 33.15
N ARG A 390 28.10 23.84 33.31
CA ARG A 390 27.52 25.04 33.96
C ARG A 390 26.61 24.58 35.09
N ASP A 391 26.44 25.43 36.12
CA ASP A 391 25.38 25.27 37.14
C ASP A 391 24.05 25.66 36.47
N LEU A 392 23.07 24.75 36.50
CA LEU A 392 21.72 24.94 35.91
C LEU A 392 21.01 26.13 36.55
N THR A 393 21.15 26.36 37.86
CA THR A 393 20.37 27.37 38.61
C THR A 393 20.87 28.78 38.28
N THR A 394 22.18 29.00 38.36
CA THR A 394 22.81 30.34 38.19
C THR A 394 23.29 30.55 36.74
N GLY A 395 23.65 29.47 36.03
CA GLY A 395 24.34 29.55 34.73
C GLY A 395 25.85 29.68 34.93
N LYS A 396 26.33 29.67 36.17
CA LYS A 396 27.76 29.93 36.52
C LYS A 396 28.64 28.83 35.90
N PRO A 397 29.81 29.19 35.32
CA PRO A 397 30.77 28.20 34.81
C PRO A 397 31.37 27.32 35.92
N LEU A 398 31.37 25.99 35.72
CA LEU A 398 31.95 24.99 36.66
C LEU A 398 33.18 24.33 36.04
N GLY A 399 33.53 24.68 34.81
CA GLY A 399 34.79 24.26 34.16
C GLY A 399 34.55 23.40 32.93
N ARG A 400 35.63 22.97 32.29
CA ARG A 400 35.63 22.12 31.07
C ARG A 400 35.86 20.66 31.51
N ILE A 401 35.44 19.69 30.70
CA ILE A 401 35.88 18.26 30.85
C ILE A 401 36.24 17.74 29.45
N PHE A 402 37.16 16.78 29.38
CA PHE A 402 37.67 16.16 28.12
C PHE A 402 38.28 17.21 27.19
N GLU A 403 38.83 18.29 27.74
CA GLU A 403 39.34 19.46 26.95
C GLU A 403 40.64 19.08 26.25
N ASP A 404 41.29 17.99 26.68
CA ASP A 404 42.52 17.44 26.06
C ASP A 404 42.18 16.70 24.75
N LEU A 405 40.94 16.26 24.55
CA LEU A 405 40.54 15.46 23.35
C LEU A 405 40.01 16.41 22.26
N LEU A 406 40.63 16.41 21.08
CA LEU A 406 40.24 17.28 19.93
C LEU A 406 39.64 16.36 18.86
N GLY A 407 38.35 16.47 18.64
CA GLY A 407 37.57 15.56 17.78
C GLY A 407 36.10 15.86 17.96
N GLN A 408 35.27 14.83 18.02
CA GLN A 408 33.81 15.03 18.24
C GLN A 408 33.36 14.14 19.39
N PHE A 409 32.27 14.52 20.05
CA PHE A 409 31.67 13.75 21.16
C PHE A 409 30.20 13.46 20.85
N MET A 410 29.75 12.25 21.17
CA MET A 410 28.32 11.90 21.43
C MET A 410 28.18 11.73 22.95
N VAL A 411 27.34 12.54 23.58
CA VAL A 411 27.14 12.54 25.06
C VAL A 411 25.87 11.76 25.36
N SER A 412 25.93 10.84 26.32
CA SER A 412 24.80 9.98 26.71
C SER A 412 24.60 10.08 28.24
N GLY A 413 23.35 10.15 28.70
CA GLY A 413 22.97 10.28 30.12
C GLY A 413 21.80 11.22 30.30
N ARG A 414 20.97 11.01 31.33
CA ARG A 414 19.73 11.79 31.61
C ARG A 414 19.91 12.62 32.87
N ARG A 415 18.96 13.52 33.11
CA ARG A 415 18.95 14.48 34.25
C ARG A 415 19.03 13.70 35.58
N GLN A 416 18.38 12.54 35.63
CA GLN A 416 18.26 11.73 36.88
C GLN A 416 19.52 10.87 37.08
N ASP A 417 20.42 10.75 36.09
CA ASP A 417 21.65 9.93 36.20
C ASP A 417 22.79 10.82 36.69
N ASN A 418 23.61 10.31 37.62
CA ASN A 418 24.77 11.05 38.18
C ASN A 418 25.98 10.88 37.25
N ASP A 419 25.90 10.01 36.24
CA ASP A 419 27.02 9.79 35.30
C ASP A 419 26.60 9.98 33.83
N ILE A 420 27.59 10.16 32.95
CA ILE A 420 27.43 10.20 31.46
C ILE A 420 28.41 9.21 30.86
N PHE A 421 28.11 8.76 29.64
CA PHE A 421 29.03 8.02 28.75
C PHE A 421 29.27 8.92 27.54
N VAL A 422 30.54 9.16 27.21
CA VAL A 422 30.99 10.10 26.15
C VAL A 422 31.76 9.28 25.11
N LEU A 423 31.24 9.19 23.89
CA LEU A 423 31.98 8.56 22.77
C LEU A 423 32.81 9.64 22.08
N PHE A 424 34.13 9.50 22.12
CA PHE A 424 35.09 10.38 21.42
C PHE A 424 35.58 9.73 20.12
N SER A 425 35.63 10.49 19.04
CA SER A 425 36.26 10.02 17.78
C SER A 425 36.96 11.17 17.05
N SER A 426 37.90 10.81 16.17
CA SER A 426 38.62 11.77 15.29
C SER A 426 39.00 11.05 13.97
N PHE A 427 39.81 11.66 13.12
CA PHE A 427 40.31 10.97 11.90
C PHE A 427 41.12 9.74 12.32
N LEU A 428 41.70 9.76 13.53
CA LEU A 428 42.66 8.72 14.00
C LEU A 428 42.10 7.87 15.14
N SER A 429 41.09 8.34 15.88
CA SER A 429 40.43 7.57 16.97
C SER A 429 39.11 7.02 16.49
N PRO A 430 38.98 5.69 16.35
CA PRO A 430 37.75 5.09 15.84
C PRO A 430 36.57 5.13 16.82
N GLY A 431 36.82 5.38 18.11
CA GLY A 431 35.74 5.50 19.13
C GLY A 431 36.18 5.02 20.50
N THR A 432 36.42 5.94 21.41
CA THR A 432 36.70 5.66 22.83
C THR A 432 35.47 6.08 23.64
N VAL A 433 34.94 5.15 24.45
CA VAL A 433 33.82 5.47 25.37
C VAL A 433 34.44 5.74 26.74
N TYR A 434 34.31 6.98 27.22
CA TYR A 434 34.67 7.41 28.58
C TYR A 434 33.40 7.41 29.45
N ARG A 435 33.57 7.09 30.74
CA ARG A 435 32.56 7.35 31.79
C ARG A 435 33.01 8.60 32.54
N TYR A 436 32.09 9.56 32.74
CA TYR A 436 32.29 10.72 33.65
C TYR A 436 31.22 10.71 34.74
N THR A 437 31.67 10.69 35.99
CA THR A 437 30.80 10.63 37.20
C THR A 437 30.90 11.98 37.90
N PHE A 438 29.80 12.71 37.98
CA PHE A 438 29.73 14.04 38.66
C PHE A 438 29.72 13.78 40.17
N GLY A 439 30.38 14.65 40.93
CA GLY A 439 30.54 14.54 42.38
C GLY A 439 30.15 15.82 43.06
N GLU A 440 30.51 15.95 44.33
CA GLU A 440 30.11 17.07 45.20
C GLU A 440 30.81 18.36 44.75
N GLU A 441 32.13 18.32 44.53
CA GLU A 441 32.95 19.45 44.03
C GLU A 441 33.52 19.12 42.64
N LYS A 442 34.23 18.01 42.50
CA LYS A 442 34.91 17.59 41.24
C LYS A 442 34.37 16.23 40.78
N GLY A 443 34.52 15.94 39.48
CA GLY A 443 34.04 14.70 38.83
C GLY A 443 35.17 13.75 38.53
N TYR A 444 34.85 12.51 38.14
CA TYR A 444 35.80 11.39 37.90
C TYR A 444 35.65 10.87 36.45
N ARG A 445 36.75 10.86 35.72
CA ARG A 445 36.81 10.46 34.29
C ARG A 445 37.51 9.11 34.21
N SER A 446 36.90 8.13 33.55
CA SER A 446 37.54 6.79 33.36
C SER A 446 37.33 6.36 31.91
N LEU A 447 38.29 5.61 31.36
CA LEU A 447 38.15 4.97 30.04
C LEU A 447 37.32 3.69 30.23
N PHE A 448 36.15 3.60 29.61
CA PHE A 448 35.29 2.40 29.69
C PHE A 448 35.75 1.34 28.67
N ARG A 449 35.56 1.63 27.37
CA ARG A 449 35.93 0.72 26.25
C ARG A 449 36.43 1.54 25.07
N ALA A 450 37.41 1.01 24.33
CA ALA A 450 37.87 1.59 23.05
C ALA A 450 37.63 0.58 21.93
N ILE A 451 37.22 1.09 20.77
CA ILE A 451 37.19 0.33 19.48
C ILE A 451 38.64 0.06 19.08
N SER A 452 38.94 -1.20 18.74
CA SER A 452 40.28 -1.63 18.26
C SER A 452 40.18 -2.16 16.82
N ILE A 453 41.12 -1.77 15.97
CA ILE A 453 41.14 -2.16 14.53
C ILE A 453 42.34 -3.06 14.29
N PRO A 454 42.11 -4.39 14.19
CA PRO A 454 43.20 -5.36 14.09
C PRO A 454 44.02 -5.22 12.80
N GLY A 455 43.40 -4.70 11.73
CA GLY A 455 44.00 -4.65 10.38
C GLY A 455 44.88 -3.43 10.18
N LEU A 456 44.99 -2.54 11.17
CA LEU A 456 45.62 -1.20 10.94
C LEU A 456 46.33 -0.69 12.19
N ASN A 457 47.52 -0.12 11.99
CA ASN A 457 48.34 0.51 13.05
C ASN A 457 48.13 2.02 13.00
N LEU A 458 47.26 2.54 13.87
CA LEU A 458 46.83 3.98 13.86
C LEU A 458 48.04 4.88 14.12
N ASP A 459 49.04 4.38 14.84
CA ASP A 459 50.28 5.12 15.17
C ASP A 459 51.05 5.48 13.89
N ASP A 460 50.77 4.83 12.76
CA ASP A 460 51.45 5.13 11.46
C ASP A 460 50.94 6.45 10.86
N PHE A 461 49.83 7.00 11.37
CA PHE A 461 49.11 8.14 10.75
C PHE A 461 49.18 9.36 11.64
N MET A 462 49.07 10.53 11.03
CA MET A 462 48.97 11.85 11.71
C MET A 462 47.92 12.68 10.99
N THR A 463 47.28 13.61 11.70
CA THR A 463 46.38 14.65 11.15
C THR A 463 47.04 16.00 11.46
N GLU A 464 47.47 16.74 10.44
CA GLU A 464 48.02 18.10 10.57
C GLU A 464 46.90 19.12 10.63
N SER A 465 47.14 20.22 11.31
CA SER A 465 46.23 21.36 11.41
C SER A 465 46.94 22.57 10.81
N VAL A 466 46.45 23.04 9.65
CA VAL A 466 47.07 24.18 8.93
C VAL A 466 45.98 25.20 8.61
N PHE A 467 46.42 26.43 8.37
CA PHE A 467 45.60 27.55 7.86
C PHE A 467 46.14 28.00 6.50
N TYR A 468 45.26 28.30 5.55
CA TYR A 468 45.62 28.80 4.20
C TYR A 468 44.70 29.96 3.82
N PRO A 469 45.20 30.95 3.05
CA PRO A 469 44.38 32.05 2.58
C PRO A 469 43.59 31.66 1.31
N SER A 470 42.32 32.05 1.27
CA SER A 470 41.43 31.87 0.08
C SER A 470 41.70 33.02 -0.88
N LYS A 471 41.00 33.03 -2.01
CA LYS A 471 41.15 34.05 -3.08
C LYS A 471 40.99 35.46 -2.48
N ASP A 472 40.08 35.65 -1.52
CA ASP A 472 39.76 36.98 -0.94
C ASP A 472 40.61 37.23 0.33
N GLY A 473 41.53 36.33 0.65
CA GLY A 473 42.49 36.51 1.77
C GLY A 473 41.94 35.95 3.08
N THR A 474 40.71 35.43 3.11
CA THR A 474 40.13 34.80 4.32
C THR A 474 40.99 33.59 4.71
N SER A 475 41.37 33.53 5.99
CA SER A 475 42.09 32.40 6.59
C SER A 475 41.12 31.23 6.74
N VAL A 476 41.43 30.12 6.09
CA VAL A 476 40.65 28.85 6.17
C VAL A 476 41.50 27.78 6.84
N HIS A 477 40.91 27.02 7.72
CA HIS A 477 41.56 25.91 8.45
C HIS A 477 41.43 24.65 7.62
N MET A 478 42.46 23.80 7.61
CA MET A 478 42.40 22.49 6.92
C MET A 478 43.09 21.44 7.78
N PHE A 479 42.44 20.27 7.88
CA PHE A 479 42.99 19.01 8.45
C PHE A 479 43.66 18.24 7.32
N ILE A 480 44.83 17.67 7.55
CA ILE A 480 45.53 16.82 6.57
C ILE A 480 45.97 15.51 7.22
N THR A 481 45.30 14.39 6.93
CA THR A 481 45.62 13.04 7.44
C THR A 481 46.53 12.32 6.44
N ARG A 482 47.60 11.70 6.90
CA ARG A 482 48.61 11.05 6.04
C ARG A 482 49.39 10.04 6.86
N PRO A 483 50.04 9.07 6.18
CA PRO A 483 51.09 8.28 6.81
C PRO A 483 52.18 9.25 7.27
N LYS A 484 52.72 9.05 8.48
CA LYS A 484 53.88 9.81 9.02
C LYS A 484 55.08 9.78 8.05
N ASP A 485 55.26 8.70 7.30
CA ASP A 485 56.52 8.42 6.54
C ASP A 485 56.36 8.79 5.05
N VAL A 486 55.23 9.38 4.66
CA VAL A 486 55.05 9.97 3.30
C VAL A 486 55.86 11.27 3.26
N LEU A 487 56.67 11.44 2.23
CA LEU A 487 57.54 12.64 2.02
C LEU A 487 56.70 13.73 1.38
N LEU A 488 56.87 14.97 1.85
CA LEU A 488 56.29 16.19 1.26
C LEU A 488 57.23 16.69 0.15
N ASP A 489 57.34 15.91 -0.93
CA ASP A 489 58.24 16.15 -2.08
C ASP A 489 57.39 16.34 -3.35
N GLY A 490 56.10 16.69 -3.20
CA GLY A 490 55.15 16.97 -4.27
C GLY A 490 54.83 15.76 -5.15
N THR A 491 54.85 14.53 -4.60
CA THR A 491 54.56 13.28 -5.36
C THR A 491 53.27 12.60 -4.89
N SER A 492 52.81 12.87 -3.67
CA SER A 492 51.66 12.17 -3.07
C SER A 492 50.36 12.49 -3.81
N PRO A 493 49.51 11.47 -4.04
CA PRO A 493 48.11 11.71 -4.41
C PRO A 493 47.33 12.27 -3.24
N VAL A 494 46.22 12.98 -3.51
CA VAL A 494 45.28 13.55 -2.52
C VAL A 494 43.86 13.05 -2.79
N LEU A 495 43.15 12.68 -1.72
CA LEU A 495 41.67 12.62 -1.67
C LEU A 495 41.23 13.79 -0.82
N GLN A 496 40.54 14.76 -1.43
CA GLN A 496 40.12 16.03 -0.81
C GLN A 496 38.59 16.03 -0.75
N TYR A 497 38.02 16.05 0.45
CA TYR A 497 36.56 15.90 0.71
C TYR A 497 36.04 17.23 1.24
N GLY A 498 34.89 17.68 0.73
CA GLY A 498 34.26 18.92 1.19
C GLY A 498 32.76 18.84 1.13
N TYR A 499 32.10 19.78 1.77
CA TYR A 499 30.63 19.93 1.81
C TYR A 499 30.35 21.42 1.55
N GLY A 500 30.56 22.28 2.57
CA GLY A 500 30.39 23.74 2.47
C GLY A 500 28.94 24.15 2.36
N GLY A 501 28.19 24.09 3.48
CA GLY A 501 26.81 24.59 3.47
C GLY A 501 26.05 24.20 4.71
N PHE A 502 24.90 24.83 4.89
CA PHE A 502 23.81 24.44 5.85
C PHE A 502 24.34 24.41 7.27
N SER A 503 25.41 25.15 7.55
CA SER A 503 26.02 25.22 8.90
C SER A 503 26.48 23.82 9.33
N LEU A 504 26.78 22.92 8.39
CA LEU A 504 27.28 21.57 8.73
C LEU A 504 28.81 21.59 8.71
N ALA A 505 29.41 21.34 9.88
CA ALA A 505 30.88 21.33 10.09
C ALA A 505 31.40 19.99 9.58
N MET A 506 32.55 20.00 8.89
CA MET A 506 33.37 18.79 8.62
C MET A 506 34.27 18.57 9.83
N LEU A 507 33.78 17.76 10.77
CA LEU A 507 34.44 17.43 12.06
C LEU A 507 35.42 16.29 11.85
N PRO A 508 36.48 16.19 12.68
CA PRO A 508 37.29 14.98 12.69
C PRO A 508 36.31 13.81 12.88
N THR A 509 36.36 12.84 11.97
CA THR A 509 35.38 11.73 11.82
C THR A 509 36.18 10.49 11.44
N PHE A 510 35.92 9.35 12.08
CA PHE A 510 36.72 8.15 11.77
C PHE A 510 36.13 7.46 10.55
N SER A 511 36.97 7.23 9.55
CA SER A 511 36.67 6.32 8.43
C SER A 511 37.90 5.46 8.15
N LEU A 512 37.81 4.18 8.47
CA LEU A 512 38.85 3.17 8.15
C LEU A 512 39.17 3.23 6.64
N SER A 513 38.16 3.34 5.78
CA SER A 513 38.30 3.32 4.29
C SER A 513 39.32 4.38 3.86
N THR A 514 39.19 5.58 4.42
N THR A 514 39.18 5.59 4.41
CA THR A 514 40.06 6.72 4.07
CA THR A 514 40.06 6.76 4.09
C THR A 514 41.50 6.50 4.56
C THR A 514 41.50 6.50 4.56
N LEU A 515 41.70 5.85 5.71
CA LEU A 515 43.07 5.57 6.19
C LEU A 515 43.70 4.50 5.29
N LEU A 516 42.93 3.52 4.83
CA LEU A 516 43.39 2.48 3.89
C LEU A 516 43.75 3.13 2.55
N PHE A 517 43.00 4.12 2.07
CA PHE A 517 43.36 4.92 0.87
C PHE A 517 44.74 5.55 1.10
N CYS A 518 44.93 6.19 2.26
CA CYS A 518 46.22 6.85 2.63
C CYS A 518 47.35 5.81 2.66
N LYS A 519 47.11 4.63 3.25
CA LYS A 519 48.16 3.59 3.40
C LYS A 519 48.45 2.95 2.03
N ILE A 520 47.44 2.40 1.36
CA ILE A 520 47.59 1.63 0.07
C ILE A 520 48.16 2.52 -1.05
N TYR A 521 47.82 3.81 -1.10
CA TYR A 521 48.25 4.72 -2.20
C TYR A 521 49.25 5.78 -1.70
N ARG A 522 49.70 5.68 -0.44
CA ARG A 522 50.70 6.62 0.13
C ARG A 522 50.18 8.04 -0.04
N ALA A 523 48.89 8.22 0.28
CA ALA A 523 48.06 9.37 -0.11
C ALA A 523 47.87 10.31 1.07
N ILE A 524 47.45 11.55 0.81
CA ILE A 524 46.98 12.45 1.88
C ILE A 524 45.45 12.58 1.79
N TYR A 525 44.78 12.64 2.93
CA TYR A 525 43.32 12.87 3.05
C TYR A 525 43.08 14.27 3.63
N ALA A 526 42.54 15.17 2.81
CA ALA A 526 42.48 16.63 3.07
C ALA A 526 41.02 17.00 3.30
N ILE A 527 40.76 17.71 4.40
CA ILE A 527 39.43 18.22 4.80
C ILE A 527 39.60 19.71 5.03
N PRO A 528 39.48 20.56 3.99
CA PRO A 528 39.46 22.01 4.21
C PRO A 528 38.10 22.38 4.84
N ASN A 529 38.14 23.16 5.91
CA ASN A 529 36.92 23.65 6.61
C ASN A 529 36.44 24.90 5.88
N ILE A 530 35.94 24.72 4.65
CA ILE A 530 35.53 25.83 3.76
C ILE A 530 34.27 26.50 4.31
N ARG A 531 34.02 27.73 3.86
CA ARG A 531 32.83 28.53 4.26
C ARG A 531 31.54 27.80 3.87
N GLY A 532 30.41 28.18 4.45
CA GLY A 532 29.16 27.40 4.40
C GLY A 532 28.96 26.53 5.65
N GLY A 533 30.03 26.02 6.28
CA GLY A 533 29.90 25.23 7.53
C GLY A 533 29.80 26.12 8.75
N SER A 534 29.75 25.51 9.94
CA SER A 534 29.61 26.16 11.28
C SER A 534 30.94 26.14 12.05
N GLU A 535 32.04 25.73 11.40
CA GLU A 535 33.32 25.43 12.08
C GLU A 535 33.73 26.64 12.92
N TYR A 536 33.60 27.86 12.37
CA TYR A 536 34.00 29.11 13.08
C TYR A 536 32.71 29.87 13.47
N GLY A 537 31.61 29.15 13.74
CA GLY A 537 30.30 29.76 14.05
C GLY A 537 29.48 30.03 12.80
N GLU A 538 28.26 30.51 13.03
CA GLU A 538 27.18 30.72 12.05
C GLU A 538 27.62 31.72 10.98
N SER A 539 28.47 32.68 11.32
CA SER A 539 28.98 33.69 10.36
C SER A 539 29.80 33.00 9.25
N TRP A 540 30.41 31.85 9.56
CA TRP A 540 31.14 30.98 8.60
C TRP A 540 30.19 30.41 7.53
N HIS A 541 28.96 30.07 7.91
CA HIS A 541 27.85 29.67 7.01
C HIS A 541 27.40 30.87 6.16
N ARG A 542 27.19 32.01 6.79
CA ARG A 542 26.66 33.24 6.14
C ARG A 542 27.62 33.71 5.06
N GLU A 543 28.93 33.47 5.20
CA GLU A 543 29.95 33.91 4.20
C GLU A 543 30.05 32.92 3.02
N GLY A 544 29.20 31.89 2.98
CA GLY A 544 29.29 30.74 2.08
C GLY A 544 27.92 30.28 1.63
N MET A 545 26.99 31.20 1.47
CA MET A 545 25.59 30.89 1.05
C MET A 545 25.06 32.01 0.14
N LEU A 546 23.94 31.76 -0.52
CA LEU A 546 23.23 32.75 -1.38
C LEU A 546 24.22 33.32 -2.40
N ASP A 547 24.39 34.66 -2.44
CA ASP A 547 25.26 35.35 -3.42
C ASP A 547 26.73 35.12 -3.09
N LYS A 548 27.05 34.47 -1.96
CA LYS A 548 28.45 34.25 -1.50
C LYS A 548 28.79 32.77 -1.62
N LYS A 549 27.96 31.97 -2.28
CA LYS A 549 28.20 30.51 -2.50
C LYS A 549 29.54 30.31 -3.20
N GLN A 550 29.90 31.22 -4.12
CA GLN A 550 31.17 31.19 -4.89
C GLN A 550 32.35 31.13 -3.92
N ASN A 551 32.23 31.70 -2.71
CA ASN A 551 33.32 31.66 -1.69
C ASN A 551 33.64 30.20 -1.35
N VAL A 552 32.65 29.34 -1.35
CA VAL A 552 32.79 27.91 -0.97
C VAL A 552 33.72 27.26 -1.99
N PHE A 553 33.43 27.43 -3.28
CA PHE A 553 34.24 26.84 -4.39
C PHE A 553 35.66 27.41 -4.35
N ASP A 554 35.80 28.73 -4.13
CA ASP A 554 37.12 29.41 -4.12
C ASP A 554 37.96 28.89 -2.94
N ASP A 555 37.35 28.68 -1.77
CA ASP A 555 38.02 28.09 -0.59
C ASP A 555 38.57 26.72 -0.96
N PHE A 556 37.76 25.88 -1.62
CA PHE A 556 38.12 24.48 -1.96
C PHE A 556 39.27 24.50 -2.98
N ASN A 557 39.15 25.34 -4.03
CA ASN A 557 40.20 25.48 -5.08
C ASN A 557 41.51 25.92 -4.43
N ALA A 558 41.46 26.95 -3.57
CA ALA A 558 42.63 27.52 -2.86
C ALA A 558 43.29 26.44 -1.98
N ALA A 559 42.52 25.52 -1.39
CA ALA A 559 43.06 24.39 -0.58
C ALA A 559 43.94 23.50 -1.47
N THR A 560 43.43 23.12 -2.64
CA THR A 560 44.19 22.31 -3.65
C THR A 560 45.47 23.02 -4.08
N GLU A 561 45.40 24.30 -4.43
CA GLU A 561 46.59 25.09 -4.86
C GLU A 561 47.60 25.15 -3.72
N TRP A 562 47.13 25.28 -2.48
CA TRP A 562 48.01 25.38 -1.27
C TRP A 562 48.76 24.05 -1.08
N LEU A 563 48.06 22.92 -1.18
CA LEU A 563 48.69 21.57 -1.09
C LEU A 563 49.77 21.37 -2.18
N ILE A 564 49.51 21.82 -3.40
CA ILE A 564 50.49 21.72 -4.52
C ILE A 564 51.69 22.65 -4.22
N ALA A 565 51.43 23.92 -3.91
CA ALA A 565 52.45 24.95 -3.65
C ALA A 565 53.38 24.50 -2.51
N ASN A 566 52.84 23.85 -1.48
CA ASN A 566 53.59 23.44 -0.26
C ASN A 566 54.06 21.98 -0.38
N LYS A 567 53.92 21.35 -1.55
CA LYS A 567 54.55 20.05 -1.92
C LYS A 567 53.97 18.89 -1.09
N TYR A 568 52.75 19.03 -0.61
CA TYR A 568 51.98 17.92 -0.01
C TYR A 568 51.57 16.92 -1.09
N ALA A 569 51.27 17.44 -2.29
CA ALA A 569 50.51 16.71 -3.33
C ALA A 569 51.06 17.06 -4.71
N SER A 570 51.13 16.05 -5.58
CA SER A 570 51.40 16.22 -7.03
C SER A 570 50.21 16.95 -7.66
N LYS A 571 50.48 17.97 -8.49
CA LYS A 571 49.48 18.72 -9.28
C LYS A 571 48.70 17.74 -10.16
N ASP A 572 49.23 16.55 -10.43
CA ASP A 572 48.63 15.60 -11.41
C ASP A 572 47.80 14.52 -10.71
N ARG A 573 47.65 14.55 -9.36
CA ARG A 573 46.97 13.48 -8.60
C ARG A 573 46.03 14.06 -7.53
N ILE A 574 45.26 15.08 -7.88
CA ILE A 574 44.20 15.63 -6.98
C ILE A 574 42.86 14.93 -7.29
N ALA A 575 42.33 14.20 -6.30
CA ALA A 575 40.93 13.69 -6.35
C ALA A 575 40.08 14.48 -5.35
N ILE A 576 38.88 14.89 -5.79
CA ILE A 576 37.92 15.62 -4.95
C ILE A 576 36.65 14.79 -4.84
N ARG A 577 35.97 14.97 -3.72
CA ARG A 577 34.80 14.16 -3.34
C ARG A 577 33.82 15.04 -2.56
N GLY A 578 32.53 14.76 -2.73
CA GLY A 578 31.43 15.58 -2.20
C GLY A 578 30.12 14.87 -2.43
N GLY A 579 29.20 15.10 -1.51
CA GLY A 579 27.88 14.43 -1.47
C GLY A 579 26.80 15.46 -1.23
N ALA A 580 25.68 15.32 -1.95
CA ALA A 580 24.48 16.17 -1.82
C ALA A 580 24.85 17.62 -2.11
N ASN A 581 24.84 18.50 -1.10
CA ASN A 581 25.31 19.90 -1.24
C ASN A 581 26.78 19.90 -1.68
N GLY A 582 27.55 18.93 -1.15
CA GLY A 582 28.95 18.67 -1.56
C GLY A 582 29.07 18.38 -3.05
N GLY A 583 27.99 17.92 -3.71
CA GLY A 583 27.97 17.74 -5.19
C GLY A 583 27.86 19.05 -5.94
N VAL A 584 27.29 20.10 -5.33
CA VAL A 584 27.35 21.46 -5.92
C VAL A 584 28.83 21.81 -6.01
N LEU A 585 29.55 21.52 -4.92
CA LEU A 585 30.99 21.83 -4.72
C LEU A 585 31.81 21.14 -5.81
N THR A 586 31.68 19.82 -5.97
CA THR A 586 32.55 19.03 -6.85
C THR A 586 32.28 19.40 -8.34
N THR A 587 31.02 19.56 -8.74
CA THR A 587 30.62 19.87 -10.13
C THR A 587 30.97 21.32 -10.45
N ALA A 588 30.77 22.26 -9.53
CA ALA A 588 31.17 23.67 -9.76
C ALA A 588 32.69 23.75 -9.91
N CYS A 589 33.47 23.15 -9.00
CA CYS A 589 34.96 23.18 -9.01
C CYS A 589 35.50 22.52 -10.29
N ALA A 590 34.89 21.42 -10.74
CA ALA A 590 35.24 20.71 -11.98
C ALA A 590 35.01 21.65 -13.15
N ASN A 591 33.89 22.39 -13.14
CA ASN A 591 33.54 23.40 -14.16
C ASN A 591 34.54 24.56 -14.14
N GLN A 592 34.91 25.08 -12.97
CA GLN A 592 35.61 26.39 -12.85
C GLN A 592 37.14 26.24 -12.85
N ALA A 593 37.67 25.07 -12.48
CA ALA A 593 39.14 24.81 -12.54
C ALA A 593 39.42 23.35 -12.89
N PRO A 594 38.99 22.85 -14.06
CA PRO A 594 39.16 21.43 -14.40
C PRO A 594 40.64 20.99 -14.35
N GLY A 595 41.56 21.91 -14.68
CA GLY A 595 43.02 21.68 -14.72
C GLY A 595 43.62 21.34 -13.36
N LEU A 596 42.93 21.65 -12.27
CA LEU A 596 43.41 21.35 -10.88
C LEU A 596 43.20 19.88 -10.54
N TYR A 597 42.15 19.26 -11.07
CA TYR A 597 41.60 17.96 -10.61
C TYR A 597 41.90 16.85 -11.61
N ARG A 598 42.22 15.66 -11.11
CA ARG A 598 42.48 14.45 -11.92
C ARG A 598 41.31 13.48 -11.77
N CYS A 599 40.52 13.61 -10.72
CA CYS A 599 39.36 12.71 -10.45
C CYS A 599 38.34 13.46 -9.59
N VAL A 600 37.07 13.32 -9.93
CA VAL A 600 35.91 13.95 -9.23
C VAL A 600 34.89 12.85 -8.92
N ILE A 601 34.67 12.61 -7.63
CA ILE A 601 33.65 11.71 -7.03
C ILE A 601 32.49 12.57 -6.53
N THR A 602 31.30 12.37 -7.07
CA THR A 602 30.03 13.07 -6.66
C THR A 602 29.04 12.00 -6.19
N ILE A 603 28.50 12.14 -4.98
CA ILE A 603 27.53 11.20 -4.38
C ILE A 603 26.19 11.93 -4.22
N GLU A 604 25.10 11.43 -4.81
CA GLU A 604 23.73 12.00 -4.58
C GLU A 604 23.81 13.52 -4.87
N GLY A 605 24.49 13.97 -5.93
CA GLY A 605 24.76 15.40 -6.15
C GLY A 605 23.50 16.23 -6.38
N ILE A 606 23.47 17.44 -5.81
CA ILE A 606 22.57 18.57 -6.20
C ILE A 606 23.36 19.35 -7.26
N ILE A 607 22.82 19.46 -8.47
CA ILE A 607 23.61 19.96 -9.62
C ILE A 607 22.81 21.00 -10.42
N ASP A 608 21.50 20.80 -10.63
CA ASP A 608 20.64 21.79 -11.33
C ASP A 608 20.13 22.81 -10.32
N MET A 609 20.81 23.94 -10.20
CA MET A 609 20.51 25.02 -9.24
C MET A 609 19.33 25.89 -9.68
N LEU A 610 18.72 25.64 -10.84
CA LEU A 610 17.49 26.34 -11.27
C LEU A 610 16.26 25.48 -10.94
N ARG A 611 16.35 24.16 -11.10
CA ARG A 611 15.16 23.28 -11.00
C ARG A 611 15.08 22.62 -9.62
N PHE A 612 16.06 22.78 -8.74
CA PHE A 612 16.06 22.06 -7.43
C PHE A 612 14.76 22.22 -6.65
N PRO A 613 14.09 23.41 -6.61
CA PRO A 613 12.87 23.57 -5.81
C PRO A 613 11.66 22.72 -6.21
N LYS A 614 11.67 22.16 -7.42
CA LYS A 614 10.49 21.48 -8.00
C LYS A 614 10.39 20.04 -7.51
N PHE A 615 11.38 19.51 -6.80
CA PHE A 615 11.44 18.07 -6.46
C PHE A 615 11.56 17.85 -4.95
N THR A 616 10.82 16.84 -4.46
CA THR A 616 10.78 16.40 -3.04
C THR A 616 11.01 17.60 -2.11
N PHE A 617 12.17 17.70 -1.46
CA PHE A 617 12.40 18.67 -0.35
C PHE A 617 13.21 19.86 -0.85
N GLY A 618 13.40 19.96 -2.18
CA GLY A 618 14.33 20.93 -2.76
C GLY A 618 13.98 22.35 -2.41
N ALA A 619 12.70 22.70 -2.40
CA ALA A 619 12.25 24.09 -2.17
C ALA A 619 12.78 24.61 -0.83
N SER A 620 12.96 23.75 0.19
CA SER A 620 13.52 24.15 1.49
C SER A 620 14.93 24.76 1.32
N TRP A 621 15.68 24.33 0.31
CA TRP A 621 17.10 24.75 0.07
C TRP A 621 17.18 26.16 -0.55
N ARG A 622 16.06 26.79 -0.92
CA ARG A 622 16.04 28.20 -1.38
C ARG A 622 16.63 29.15 -0.35
N SER A 623 16.55 28.85 0.97
CA SER A 623 17.17 29.70 2.00
C SER A 623 18.70 29.63 1.91
N GLU A 624 19.25 28.54 1.40
CA GLU A 624 20.71 28.34 1.25
C GLU A 624 21.20 28.88 -0.12
N TYR A 625 20.56 28.48 -1.19
CA TYR A 625 21.03 28.74 -2.58
C TYR A 625 20.40 30.01 -3.17
N GLY A 626 19.24 30.42 -2.66
CA GLY A 626 18.42 31.52 -3.22
C GLY A 626 17.25 30.93 -3.98
N ASP A 627 16.32 31.80 -4.40
CA ASP A 627 15.13 31.40 -5.17
C ASP A 627 15.41 31.61 -6.66
N PRO A 628 15.56 30.55 -7.47
CA PRO A 628 15.86 30.71 -8.89
C PRO A 628 14.78 31.47 -9.68
N GLU A 629 13.54 31.48 -9.17
CA GLU A 629 12.41 32.20 -9.80
C GLU A 629 12.37 33.65 -9.33
N ASP A 630 13.34 34.10 -8.56
CA ASP A 630 13.44 35.51 -8.15
C ASP A 630 14.48 36.16 -9.04
N PRO A 631 14.15 37.30 -9.70
CA PRO A 631 15.04 37.89 -10.70
C PRO A 631 16.45 38.20 -10.19
N GLU A 632 16.57 38.65 -8.94
CA GLU A 632 17.89 39.04 -8.35
C GLU A 632 18.70 37.78 -8.05
N ASP A 633 18.05 36.78 -7.44
CA ASP A 633 18.69 35.51 -7.04
C ASP A 633 19.11 34.76 -8.32
N PHE A 634 18.24 34.73 -9.33
CA PHE A 634 18.53 34.02 -10.60
C PHE A 634 19.96 34.36 -11.08
N ASP A 635 20.33 35.65 -11.04
CA ASP A 635 21.59 36.15 -11.66
C ASP A 635 22.79 35.52 -10.98
N PHE A 636 22.85 35.44 -9.64
CA PHE A 636 24.05 34.90 -8.95
C PHE A 636 24.03 33.38 -9.00
N ILE A 637 22.85 32.75 -9.07
CA ILE A 637 22.71 31.25 -9.11
C ILE A 637 23.20 30.79 -10.50
N PHE A 638 22.72 31.44 -11.56
CA PHE A 638 23.01 31.06 -12.97
C PHE A 638 24.52 31.10 -13.24
N LYS A 639 25.26 32.05 -12.66
CA LYS A 639 26.74 32.15 -12.82
C LYS A 639 27.42 30.84 -12.44
N TYR A 640 27.02 30.14 -11.36
CA TYR A 640 27.75 28.92 -10.91
C TYR A 640 26.94 27.65 -11.18
N SER A 641 25.63 27.72 -11.39
CA SER A 641 24.80 26.50 -11.51
C SER A 641 25.54 25.48 -12.35
N PRO A 642 26.13 24.41 -11.77
CA PRO A 642 27.04 23.56 -12.52
C PRO A 642 26.40 22.92 -13.76
N TYR A 643 25.12 22.54 -13.69
CA TYR A 643 24.40 21.95 -14.84
C TYR A 643 24.42 22.91 -16.03
N HIS A 644 24.49 24.22 -15.78
CA HIS A 644 24.41 25.30 -16.79
C HIS A 644 25.79 25.92 -17.08
N ASN A 645 26.89 25.42 -16.52
CA ASN A 645 28.21 26.09 -16.70
C ASN A 645 29.31 25.09 -17.04
N ILE A 646 28.96 23.97 -17.68
CA ILE A 646 29.95 22.99 -18.21
C ILE A 646 30.84 23.77 -19.18
N PRO A 647 32.19 23.70 -19.09
CA PRO A 647 33.06 24.55 -19.93
C PRO A 647 33.10 24.09 -21.39
N PRO A 648 33.42 24.97 -22.36
CA PRO A 648 33.79 24.48 -23.69
C PRO A 648 35.08 23.67 -23.65
N PRO A 649 35.20 22.61 -24.47
CA PRO A 649 36.48 21.91 -24.65
C PRO A 649 37.51 22.93 -25.20
N GLY A 650 38.79 22.79 -24.87
CA GLY A 650 39.89 23.48 -25.61
C GLY A 650 40.92 24.12 -24.68
N ASP A 651 40.49 25.08 -23.85
CA ASP A 651 41.21 25.46 -22.60
C ASP A 651 41.02 24.38 -21.54
N THR A 652 40.23 23.33 -21.80
CA THR A 652 39.73 22.39 -20.78
C THR A 652 40.00 20.94 -21.20
N VAL A 653 40.80 20.26 -20.39
CA VAL A 653 40.82 18.77 -20.25
C VAL A 653 39.98 18.49 -19.00
N MET A 654 38.81 17.89 -19.18
CA MET A 654 37.88 17.58 -18.07
C MET A 654 38.46 16.39 -17.30
N PRO A 655 38.52 16.46 -15.95
CA PRO A 655 38.93 15.30 -15.17
C PRO A 655 37.97 14.13 -15.41
N ALA A 656 38.44 12.91 -15.18
CA ALA A 656 37.60 11.71 -14.96
C ALA A 656 36.63 11.99 -13.82
N MET A 657 35.39 11.51 -13.93
CA MET A 657 34.25 11.85 -13.04
C MET A 657 33.37 10.61 -12.83
N LEU A 658 33.06 10.29 -11.58
CA LEU A 658 32.19 9.15 -11.21
C LEU A 658 31.05 9.71 -10.35
N PHE A 659 29.81 9.55 -10.79
CA PHE A 659 28.60 10.00 -10.06
C PHE A 659 27.91 8.78 -9.48
N PHE A 660 27.71 8.77 -8.15
CA PHE A 660 26.92 7.75 -7.43
C PHE A 660 25.49 8.29 -7.26
N THR A 661 24.48 7.46 -7.49
CA THR A 661 23.07 7.76 -7.14
C THR A 661 22.28 6.46 -7.12
N ALA A 662 21.15 6.44 -6.41
CA ALA A 662 20.07 5.43 -6.50
C ALA A 662 19.17 5.78 -7.68
N ALA A 663 18.27 4.88 -8.07
CA ALA A 663 17.25 5.11 -9.11
C ALA A 663 16.10 5.91 -8.51
N TYR A 664 15.73 5.61 -7.26
CA TYR A 664 14.77 6.38 -6.42
C TYR A 664 15.53 6.88 -5.18
N ASP A 665 15.52 8.20 -4.95
CA ASP A 665 16.13 8.86 -3.76
C ASP A 665 15.29 10.10 -3.44
N ASP A 666 14.66 10.10 -2.26
CA ASP A 666 13.72 11.15 -1.77
C ASP A 666 14.47 12.43 -1.42
N ARG A 667 15.73 12.30 -0.96
CA ARG A 667 16.47 13.43 -0.33
C ARG A 667 17.05 14.30 -1.44
N VAL A 668 17.71 13.70 -2.42
CA VAL A 668 18.19 14.42 -3.64
C VAL A 668 17.73 13.62 -4.84
N SER A 669 16.80 14.16 -5.63
CA SER A 669 16.22 13.47 -6.80
C SER A 669 17.37 13.14 -7.75
N PRO A 670 17.49 11.88 -8.16
CA PRO A 670 18.60 11.46 -9.01
C PRO A 670 18.66 12.15 -10.37
N LEU A 671 17.60 12.87 -10.75
CA LEU A 671 17.50 13.64 -12.03
C LEU A 671 18.68 14.62 -12.13
N HIS A 672 19.15 15.15 -10.99
CA HIS A 672 20.33 16.05 -10.95
C HIS A 672 21.52 15.34 -11.60
N THR A 673 21.79 14.10 -11.18
CA THR A 673 22.92 13.30 -11.72
C THR A 673 22.61 12.87 -13.15
N PHE A 674 21.40 12.37 -13.42
CA PHE A 674 20.96 11.89 -14.74
C PHE A 674 21.27 12.99 -15.77
N LYS A 675 20.72 14.18 -15.55
CA LYS A 675 20.84 15.30 -16.53
C LYS A 675 22.33 15.71 -16.66
N HIS A 676 23.08 15.82 -15.57
CA HIS A 676 24.47 16.35 -15.64
C HIS A 676 25.38 15.36 -16.36
N VAL A 677 25.20 14.06 -16.13
CA VAL A 677 26.01 12.99 -16.77
C VAL A 677 25.76 13.06 -18.28
N ALA A 678 24.50 13.17 -18.73
CA ALA A 678 24.13 13.28 -20.15
C ALA A 678 24.84 14.50 -20.74
N ALA A 679 24.74 15.66 -20.09
CA ALA A 679 25.28 16.93 -20.62
C ALA A 679 26.80 16.85 -20.72
N LEU A 680 27.46 16.23 -19.74
CA LEU A 680 28.95 16.07 -19.73
C LEU A 680 29.37 15.15 -20.88
N GLN A 681 28.67 14.02 -21.06
CA GLN A 681 29.02 13.02 -22.10
C GLN A 681 28.85 13.68 -23.47
N HIS A 682 27.76 14.42 -23.65
CA HIS A 682 27.44 15.20 -24.87
C HIS A 682 28.49 16.30 -25.10
N ASN A 683 28.91 17.02 -24.05
CA ASN A 683 29.88 18.14 -24.21
C ASN A 683 31.27 17.54 -24.51
N PHE A 684 31.61 16.39 -23.92
CA PHE A 684 32.94 15.73 -24.04
C PHE A 684 32.78 14.29 -24.53
N PRO A 685 32.31 14.08 -25.78
CA PRO A 685 31.91 12.75 -26.23
C PRO A 685 33.07 11.74 -26.35
N LYS A 686 34.31 12.27 -26.45
CA LYS A 686 35.53 11.43 -26.64
C LYS A 686 36.44 11.54 -25.43
N GLY A 687 35.90 11.85 -24.25
CA GLY A 687 36.74 12.02 -23.05
C GLY A 687 37.71 13.19 -23.18
N PRO A 688 39.04 12.98 -23.11
CA PRO A 688 39.63 11.63 -22.98
C PRO A 688 39.43 10.91 -21.63
N ASN A 689 38.91 11.61 -20.61
CA ASN A 689 38.74 11.02 -19.26
C ASN A 689 37.25 10.70 -19.07
N PRO A 690 36.88 9.46 -18.66
CA PRO A 690 35.50 9.02 -18.75
C PRO A 690 34.64 9.72 -17.70
N CYS A 691 33.37 9.98 -18.04
CA CYS A 691 32.33 10.47 -17.10
C CYS A 691 31.26 9.39 -16.95
N LEU A 692 31.10 8.84 -15.73
CA LEU A 692 30.33 7.58 -15.51
C LEU A 692 29.27 7.78 -14.42
N MET A 693 28.14 7.09 -14.56
CA MET A 693 27.09 7.04 -13.51
C MET A 693 27.03 5.61 -12.93
N ARG A 694 27.43 5.48 -11.67
CA ARG A 694 27.34 4.23 -10.88
C ARG A 694 26.01 4.25 -10.12
N ILE A 695 25.05 3.40 -10.48
CA ILE A 695 23.68 3.48 -9.90
C ILE A 695 23.33 2.21 -9.10
N ASP A 696 22.76 2.40 -7.90
CA ASP A 696 22.16 1.34 -7.04
C ASP A 696 20.66 1.27 -7.37
N LEU A 697 20.15 0.10 -7.76
CA LEU A 697 18.70 -0.11 -8.06
C LEU A 697 17.92 -0.46 -6.77
N GLY A 704 20.60 4.70 5.77
CA GLY A 704 20.69 3.37 6.41
C GLY A 704 21.20 2.31 5.44
N LYS A 705 22.37 2.57 4.83
CA LYS A 705 23.03 1.69 3.83
C LYS A 705 23.67 0.47 4.51
N SER A 706 23.62 -0.70 3.87
CA SER A 706 24.23 -1.96 4.37
C SER A 706 25.76 -1.87 4.25
N THR A 707 26.48 -2.60 5.11
CA THR A 707 27.96 -2.70 5.11
C THR A 707 28.45 -3.17 3.74
N GLN A 708 27.80 -4.19 3.15
CA GLN A 708 28.15 -4.82 1.85
C GLN A 708 28.10 -3.74 0.77
N GLU A 709 27.02 -2.97 0.71
CA GLU A 709 26.78 -1.94 -0.33
C GLU A 709 27.81 -0.83 -0.18
N MET A 710 28.06 -0.37 1.05
CA MET A 710 29.05 0.69 1.38
C MET A 710 30.43 0.27 0.86
N LEU A 711 30.83 -0.99 1.10
CA LEU A 711 32.17 -1.49 0.70
C LEU A 711 32.23 -1.63 -0.84
N GLU A 712 31.16 -2.09 -1.48
CA GLU A 712 31.14 -2.28 -2.97
C GLU A 712 31.22 -0.91 -3.65
N GLU A 713 30.54 0.09 -3.07
CA GLU A 713 30.59 1.51 -3.52
C GLU A 713 32.00 2.07 -3.27
N THR A 714 32.57 1.80 -2.10
CA THR A 714 33.92 2.32 -1.74
C THR A 714 34.96 1.72 -2.70
N ALA A 715 34.82 0.44 -3.05
CA ALA A 715 35.76 -0.29 -3.93
C ALA A 715 35.72 0.29 -5.37
N ASP A 716 34.54 0.63 -5.87
CA ASP A 716 34.35 1.37 -7.17
C ASP A 716 35.04 2.74 -7.09
N GLU A 717 34.79 3.46 -6.01
CA GLU A 717 35.30 4.84 -5.83
C GLU A 717 36.81 4.80 -5.84
N TYR A 718 37.43 4.01 -4.96
CA TYR A 718 38.90 3.97 -4.79
C TYR A 718 39.56 3.41 -6.08
N SER A 719 39.02 2.33 -6.67
CA SER A 719 39.61 1.70 -7.88
C SER A 719 39.53 2.69 -9.05
N PHE A 720 38.45 3.46 -9.13
CA PHE A 720 38.25 4.50 -10.16
C PHE A 720 39.26 5.63 -9.96
N ILE A 721 39.47 6.07 -8.72
CA ILE A 721 40.49 7.13 -8.42
C ILE A 721 41.87 6.58 -8.84
N GLY A 722 42.16 5.34 -8.46
CA GLY A 722 43.44 4.67 -8.76
C GLY A 722 43.72 4.66 -10.25
N LYS A 723 42.73 4.20 -11.04
CA LYS A 723 42.80 4.12 -12.52
C LYS A 723 43.01 5.53 -13.07
N SER A 724 42.17 6.49 -12.66
CA SER A 724 42.11 7.86 -13.26
C SER A 724 43.40 8.63 -12.96
N MET A 725 44.11 8.32 -11.86
CA MET A 725 45.29 9.12 -11.45
C MET A 725 46.59 8.32 -11.60
N GLY A 726 46.53 7.10 -12.16
CA GLY A 726 47.69 6.26 -12.49
C GLY A 726 48.39 5.71 -11.25
N LEU A 727 47.64 5.34 -10.21
CA LEU A 727 48.20 4.92 -8.90
C LEU A 727 48.37 3.40 -8.86
N THR A 728 49.48 2.93 -8.30
CA THR A 728 49.71 1.49 -8.02
C THR A 728 49.35 1.22 -6.55
N MET A 729 48.61 0.14 -6.27
CA MET A 729 48.29 -0.34 -4.90
C MET A 729 49.54 -0.96 -4.26
N GLN A 730 50.03 -0.38 -3.16
CA GLN A 730 51.29 -0.77 -2.46
C GLN A 730 50.90 -1.49 -1.18
N THR A 731 50.35 -2.70 -1.29
CA THR A 731 49.65 -3.43 -0.19
C THR A 731 50.69 -3.93 0.84
N MET B 1 -31.52 7.44 -29.15
CA MET B 1 -32.64 8.15 -28.51
C MET B 1 -32.12 9.52 -28.06
N SER B 2 -31.14 9.53 -27.13
CA SER B 2 -30.47 10.71 -26.51
C SER B 2 -29.73 10.24 -25.26
N PHE B 3 -28.78 11.02 -24.75
CA PHE B 3 -27.83 10.65 -23.66
C PHE B 3 -28.45 10.96 -22.29
N PRO B 4 -28.40 10.01 -21.31
CA PRO B 4 -28.95 10.26 -19.97
C PRO B 4 -28.17 11.35 -19.22
N GLY B 5 -28.89 12.29 -18.59
CA GLY B 5 -28.34 13.43 -17.82
C GLY B 5 -27.39 13.01 -16.71
N TRP B 6 -27.50 11.78 -16.19
CA TRP B 6 -26.63 11.26 -15.10
C TRP B 6 -25.28 10.80 -15.63
N GLY B 7 -25.19 10.50 -16.92
CA GLY B 7 -23.96 10.01 -17.58
C GLY B 7 -22.99 11.15 -17.89
N PRO B 8 -21.80 10.85 -18.45
CA PRO B 8 -21.36 9.48 -18.67
C PRO B 8 -20.75 8.82 -17.43
N TYR B 9 -20.49 7.52 -17.51
CA TYR B 9 -19.83 6.70 -16.48
C TYR B 9 -18.37 7.13 -16.35
N PRO B 10 -17.76 6.96 -15.15
CA PRO B 10 -16.32 7.11 -15.01
C PRO B 10 -15.62 6.12 -15.93
N PRO B 11 -14.52 6.54 -16.60
CA PRO B 11 -13.74 5.64 -17.44
C PRO B 11 -13.09 4.55 -16.57
N VAL B 12 -12.88 3.37 -17.14
CA VAL B 12 -12.12 2.23 -16.54
C VAL B 12 -11.14 1.67 -17.58
N GLU B 13 -9.85 1.72 -17.24
CA GLU B 13 -8.74 1.08 -18.01
C GLU B 13 -9.11 -0.36 -18.35
N ARG B 14 -8.97 -0.76 -19.63
CA ARG B 14 -9.10 -2.17 -20.08
C ARG B 14 -7.72 -2.70 -20.43
N ASP B 15 -7.43 -3.96 -20.06
CA ASP B 15 -6.27 -4.74 -20.56
C ASP B 15 -6.81 -5.76 -21.58
N GLU B 16 -6.72 -5.44 -22.87
CA GLU B 16 -7.34 -6.23 -23.97
C GLU B 16 -6.59 -7.56 -24.18
N THR B 17 -5.36 -7.68 -23.66
CA THR B 17 -4.48 -8.88 -23.83
C THR B 17 -4.62 -9.87 -22.66
N SER B 18 -5.22 -9.48 -21.53
CA SER B 18 -5.27 -10.33 -20.31
C SER B 18 -6.26 -11.49 -20.53
N ALA B 19 -5.78 -12.73 -20.57
CA ALA B 19 -6.63 -13.94 -20.72
C ALA B 19 -6.05 -15.13 -19.95
N ILE B 20 -6.91 -16.09 -19.65
CA ILE B 20 -6.52 -17.41 -19.08
C ILE B 20 -7.21 -18.48 -19.94
N THR B 21 -6.49 -19.56 -20.22
CA THR B 21 -7.01 -20.77 -20.90
C THR B 21 -7.43 -21.80 -19.82
N TYR B 22 -8.66 -22.28 -19.90
CA TYR B 22 -9.24 -23.31 -19.02
C TYR B 22 -9.50 -24.57 -19.82
N SER B 23 -9.18 -25.71 -19.22
CA SER B 23 -9.51 -27.04 -19.79
C SER B 23 -11.03 -27.20 -19.77
N SER B 24 -11.61 -27.87 -20.77
CA SER B 24 -13.07 -28.05 -20.96
C SER B 24 -13.33 -29.46 -21.47
N LYS B 25 -14.26 -30.20 -20.87
CA LYS B 25 -14.65 -31.54 -21.38
C LYS B 25 -15.22 -31.39 -22.80
N LEU B 26 -16.08 -30.40 -23.01
CA LEU B 26 -16.86 -30.25 -24.28
C LEU B 26 -15.98 -29.69 -25.40
N HIS B 27 -15.12 -28.70 -25.10
CA HIS B 27 -14.43 -27.87 -26.12
C HIS B 27 -12.92 -28.13 -26.14
N GLY B 28 -12.42 -29.04 -25.29
CA GLY B 28 -10.97 -29.27 -25.12
C GLY B 28 -10.37 -28.21 -24.21
N SER B 29 -10.31 -26.96 -24.68
CA SER B 29 -9.94 -25.80 -23.84
C SER B 29 -10.65 -24.55 -24.35
N VAL B 30 -10.83 -23.57 -23.46
CA VAL B 30 -11.54 -22.28 -23.72
C VAL B 30 -10.66 -21.17 -23.17
N THR B 31 -10.25 -20.25 -24.03
CA THR B 31 -9.46 -19.05 -23.66
C THR B 31 -10.47 -17.96 -23.32
N VAL B 32 -10.46 -17.50 -22.07
CA VAL B 32 -11.40 -16.50 -21.52
C VAL B 32 -10.62 -15.20 -21.33
N ARG B 33 -11.11 -14.12 -21.92
CA ARG B 33 -10.50 -12.78 -21.78
C ARG B 33 -11.07 -12.12 -20.54
N ASP B 34 -10.24 -11.42 -19.79
CA ASP B 34 -10.64 -10.62 -18.59
C ASP B 34 -10.00 -9.24 -18.70
N PRO B 35 -10.64 -8.28 -19.38
CA PRO B 35 -10.07 -6.94 -19.52
C PRO B 35 -10.03 -6.09 -18.24
N TYR B 36 -10.61 -6.55 -17.13
CA TYR B 36 -10.61 -5.83 -15.83
C TYR B 36 -9.78 -6.58 -14.79
N SER B 37 -8.87 -7.47 -15.23
CA SER B 37 -8.01 -8.32 -14.38
C SER B 37 -7.17 -7.47 -13.43
N GLN B 38 -6.79 -6.24 -13.84
CA GLN B 38 -6.01 -5.30 -13.01
C GLN B 38 -6.75 -5.00 -11.70
N LEU B 39 -8.09 -4.99 -11.72
CA LEU B 39 -8.92 -4.63 -10.54
C LEU B 39 -8.97 -5.78 -9.52
N GLU B 40 -8.25 -6.89 -9.77
CA GLU B 40 -8.05 -8.00 -8.80
C GLU B 40 -6.94 -7.59 -7.80
N VAL B 41 -6.16 -6.55 -8.11
CA VAL B 41 -5.10 -6.02 -7.20
C VAL B 41 -5.79 -5.22 -6.11
N PRO B 42 -5.53 -5.51 -4.81
CA PRO B 42 -6.14 -4.78 -3.72
C PRO B 42 -5.99 -3.26 -3.85
N PHE B 43 -7.04 -2.52 -3.45
CA PHE B 43 -7.09 -1.04 -3.29
C PHE B 43 -5.75 -0.52 -2.74
N GLU B 44 -5.24 -1.15 -1.67
CA GLU B 44 -4.01 -0.72 -0.95
C GLU B 44 -2.78 -0.73 -1.89
N ASP B 45 -2.73 -1.60 -2.89
CA ASP B 45 -1.48 -1.97 -3.63
C ASP B 45 -1.46 -1.37 -5.05
N SER B 46 -2.51 -0.67 -5.50
CA SER B 46 -2.70 -0.25 -6.91
C SER B 46 -3.37 1.13 -7.00
N GLU B 47 -2.70 2.09 -7.64
CA GLU B 47 -3.24 3.44 -7.98
C GLU B 47 -4.45 3.29 -8.90
N GLU B 48 -4.40 2.34 -9.86
CA GLU B 48 -5.51 2.05 -10.82
C GLU B 48 -6.77 1.65 -10.02
N THR B 49 -6.65 0.67 -9.12
CA THR B 49 -7.75 0.20 -8.24
C THR B 49 -8.25 1.38 -7.37
N LYS B 50 -7.34 2.20 -6.83
CA LYS B 50 -7.68 3.43 -6.06
C LYS B 50 -8.51 4.39 -6.92
N ALA B 51 -8.05 4.70 -8.13
CA ALA B 51 -8.74 5.61 -9.07
C ALA B 51 -10.15 5.09 -9.38
N PHE B 52 -10.30 3.79 -9.64
CA PHE B 52 -11.59 3.14 -9.94
C PHE B 52 -12.56 3.30 -8.74
N VAL B 53 -12.12 2.89 -7.56
CA VAL B 53 -12.95 2.95 -6.31
C VAL B 53 -13.43 4.40 -6.13
N HIS B 54 -12.50 5.36 -6.15
CA HIS B 54 -12.75 6.79 -5.80
C HIS B 54 -13.71 7.41 -6.83
N SER B 55 -13.45 7.22 -8.14
CA SER B 55 -14.32 7.76 -9.22
C SER B 55 -15.69 7.11 -9.16
N GLN B 56 -15.75 5.78 -9.05
CA GLN B 56 -17.05 5.03 -8.99
C GLN B 56 -17.82 5.43 -7.73
N ARG B 57 -17.13 5.66 -6.61
CA ARG B 57 -17.75 6.03 -5.31
C ARG B 57 -18.44 7.39 -5.42
N LYS B 58 -17.71 8.40 -5.88
CA LYS B 58 -18.19 9.81 -6.07
C LYS B 58 -19.38 9.82 -7.04
N PHE B 59 -19.28 9.06 -8.12
CA PHE B 59 -20.32 8.96 -9.18
C PHE B 59 -21.62 8.44 -8.57
N ALA B 60 -21.57 7.32 -7.85
CA ALA B 60 -22.72 6.72 -7.14
C ALA B 60 -23.27 7.71 -6.10
N ARG B 61 -22.39 8.33 -5.32
CA ARG B 61 -22.74 9.27 -4.22
C ARG B 61 -23.49 10.47 -4.80
N THR B 62 -23.03 10.98 -5.95
CA THR B 62 -23.67 12.10 -6.70
C THR B 62 -25.08 11.70 -7.14
N TYR B 63 -25.25 10.53 -7.75
CA TYR B 63 -26.56 10.07 -8.28
C TYR B 63 -27.56 9.93 -7.13
N LEU B 64 -27.12 9.27 -6.05
CA LEU B 64 -27.98 8.88 -4.89
C LEU B 64 -28.38 10.13 -4.09
N ASP B 65 -27.44 11.05 -3.85
CA ASP B 65 -27.65 12.28 -3.02
C ASP B 65 -28.40 13.35 -3.84
N GLU B 66 -28.53 13.19 -5.15
CA GLU B 66 -29.32 14.11 -6.02
C GLU B 66 -30.82 13.87 -5.81
N ASN B 67 -31.18 12.67 -5.35
CA ASN B 67 -32.58 12.28 -5.06
C ASN B 67 -32.95 12.81 -3.69
N PRO B 68 -33.95 13.73 -3.57
CA PRO B 68 -34.34 14.27 -2.27
C PRO B 68 -34.86 13.18 -1.31
N ASP B 69 -35.45 12.12 -1.88
CA ASP B 69 -36.01 10.94 -1.14
C ASP B 69 -34.90 10.18 -0.40
N ARG B 70 -33.63 10.39 -0.75
CA ARG B 70 -32.49 9.80 -0.02
C ARG B 70 -32.51 10.34 1.41
N GLU B 71 -32.58 11.66 1.58
CA GLU B 71 -32.67 12.33 2.90
C GLU B 71 -34.00 11.95 3.57
N ALA B 72 -35.11 11.97 2.83
CA ALA B 72 -36.45 11.64 3.36
C ALA B 72 -36.39 10.24 3.98
N TRP B 73 -35.81 9.28 3.27
CA TRP B 73 -35.65 7.88 3.72
C TRP B 73 -34.75 7.83 4.96
N LEU B 74 -33.61 8.52 4.95
CA LEU B 74 -32.65 8.50 6.09
C LEU B 74 -33.34 8.97 7.37
N GLU B 75 -34.18 10.01 7.30
CA GLU B 75 -34.87 10.62 8.49
C GLU B 75 -36.00 9.69 8.96
N THR B 76 -36.78 9.15 8.03
CA THR B 76 -37.83 8.12 8.30
C THR B 76 -37.19 6.93 9.02
N LEU B 77 -36.06 6.41 8.52
CA LEU B 77 -35.38 5.20 9.07
C LEU B 77 -34.87 5.50 10.48
N LYS B 78 -34.24 6.66 10.66
CA LYS B 78 -33.57 7.12 11.89
C LYS B 78 -34.61 7.25 13.02
N LYS B 79 -35.76 7.89 12.75
CA LYS B 79 -36.85 8.07 13.74
C LYS B 79 -37.44 6.71 14.14
N SER B 80 -37.73 5.85 13.16
CA SER B 80 -38.42 4.55 13.36
C SER B 80 -37.49 3.54 14.04
N TRP B 81 -36.18 3.58 13.75
CA TRP B 81 -35.18 2.63 14.30
C TRP B 81 -34.85 2.96 15.77
N ASN B 82 -35.32 4.09 16.31
CA ASN B 82 -34.99 4.53 17.69
C ASN B 82 -35.94 3.80 18.66
N TYR B 83 -35.81 2.48 18.74
CA TYR B 83 -36.60 1.59 19.62
C TYR B 83 -35.63 0.64 20.34
N ARG B 84 -35.96 0.33 21.60
CA ARG B 84 -35.13 -0.53 22.48
C ARG B 84 -35.09 -1.95 21.91
N ARG B 85 -33.90 -2.53 21.78
CA ARG B 85 -33.65 -3.92 21.31
C ARG B 85 -32.84 -4.68 22.35
N PHE B 86 -33.10 -5.97 22.50
CA PHE B 86 -32.38 -6.84 23.46
C PHE B 86 -32.45 -8.29 22.99
N SER B 87 -31.49 -9.10 23.45
CA SER B 87 -31.47 -10.59 23.34
C SER B 87 -32.19 -11.22 24.53
N ALA B 88 -32.36 -12.54 24.47
CA ALA B 88 -32.67 -13.42 25.62
C ALA B 88 -31.54 -13.30 26.66
N LEU B 89 -31.87 -13.54 27.94
CA LEU B 89 -30.88 -13.60 29.05
C LEU B 89 -30.05 -14.87 28.86
N LYS B 90 -28.74 -14.79 29.09
CA LYS B 90 -27.77 -15.90 28.92
C LYS B 90 -27.05 -16.18 30.24
N PRO B 91 -27.28 -17.35 30.88
CA PRO B 91 -26.68 -17.63 32.18
C PRO B 91 -25.18 -17.93 32.02
N GLU B 92 -24.32 -17.31 32.83
CA GLU B 92 -22.86 -17.52 32.79
C GLU B 92 -22.35 -18.06 34.14
N SER B 93 -21.09 -18.53 34.17
CA SER B 93 -20.49 -19.25 35.31
C SER B 93 -20.11 -18.31 36.45
N ASP B 94 -20.37 -17.00 36.34
CA ASP B 94 -20.17 -16.01 37.42
C ASP B 94 -21.51 -15.70 38.11
N GLY B 95 -22.54 -16.53 37.88
CA GLY B 95 -23.86 -16.39 38.52
C GLY B 95 -24.59 -15.12 38.09
N HIS B 96 -24.30 -14.60 36.89
CA HIS B 96 -25.05 -13.50 36.23
C HIS B 96 -25.71 -14.02 34.95
N TYR B 97 -26.87 -13.50 34.62
CA TYR B 97 -27.41 -13.47 33.24
C TYR B 97 -26.73 -12.32 32.50
N TYR B 98 -26.35 -12.54 31.25
CA TYR B 98 -25.86 -11.50 30.31
C TYR B 98 -26.93 -11.32 29.23
N PHE B 99 -27.08 -10.10 28.70
CA PHE B 99 -28.02 -9.81 27.60
C PHE B 99 -27.54 -8.60 26.79
N GLU B 100 -27.78 -8.64 25.47
CA GLU B 100 -27.48 -7.53 24.54
C GLU B 100 -28.57 -6.48 24.67
N TYR B 101 -28.20 -5.20 24.59
CA TYR B 101 -29.14 -4.06 24.66
C TYR B 101 -28.69 -2.95 23.70
N ASN B 102 -29.67 -2.36 23.02
CA ASN B 102 -29.48 -1.09 22.28
C ASN B 102 -30.66 -0.19 22.64
N ASP B 103 -30.38 1.03 23.12
CA ASP B 103 -31.40 2.03 23.51
C ASP B 103 -32.14 2.55 22.28
N GLY B 104 -31.59 2.33 21.07
CA GLY B 104 -32.25 2.70 19.81
C GLY B 104 -31.24 2.97 18.70
N LEU B 105 -30.38 4.00 18.86
CA LEU B 105 -29.51 4.50 17.76
C LEU B 105 -28.02 4.44 18.16
N GLN B 106 -27.63 3.56 19.09
CA GLN B 106 -26.20 3.33 19.42
C GLN B 106 -25.58 2.52 18.27
N SER B 107 -24.32 2.80 17.92
CA SER B 107 -23.58 2.14 16.81
C SER B 107 -23.69 0.61 16.94
N GLN B 108 -23.41 0.09 18.14
CA GLN B 108 -23.26 -1.35 18.47
C GLN B 108 -24.14 -1.69 19.68
N LEU B 109 -24.58 -2.95 19.76
CA LEU B 109 -25.22 -3.56 20.96
C LEU B 109 -24.24 -3.49 22.13
N SER B 110 -24.73 -3.21 23.34
CA SER B 110 -23.94 -3.26 24.59
C SER B 110 -24.29 -4.56 25.31
N LEU B 111 -23.35 -5.09 26.08
CA LEU B 111 -23.60 -6.27 26.92
C LEU B 111 -23.91 -5.77 28.33
N TYR B 112 -25.06 -6.15 28.86
CA TYR B 112 -25.50 -5.88 30.24
C TYR B 112 -25.56 -7.20 31.01
N ARG B 113 -25.65 -7.11 32.35
CA ARG B 113 -25.76 -8.32 33.20
C ARG B 113 -26.50 -7.96 34.49
N VAL B 114 -26.98 -9.00 35.13
CA VAL B 114 -27.79 -8.93 36.38
C VAL B 114 -27.58 -10.24 37.12
N ARG B 115 -27.36 -10.19 38.44
CA ARG B 115 -27.18 -11.41 39.27
C ARG B 115 -28.38 -12.32 38.99
N MET B 116 -28.18 -13.62 38.89
CA MET B 116 -29.34 -14.55 38.78
C MET B 116 -30.18 -14.37 40.06
N GLY B 117 -31.52 -14.37 39.92
CA GLY B 117 -32.49 -14.03 40.96
C GLY B 117 -32.92 -12.57 40.99
N GLU B 118 -32.19 -11.66 40.35
CA GLU B 118 -32.53 -10.21 40.27
C GLU B 118 -33.03 -9.85 38.87
N GLU B 119 -33.23 -10.84 37.98
CA GLU B 119 -33.40 -10.60 36.51
C GLU B 119 -34.78 -9.97 36.24
N ASP B 120 -35.70 -10.04 37.20
CA ASP B 120 -37.06 -9.49 37.04
C ASP B 120 -36.98 -7.97 37.02
N THR B 121 -35.84 -7.38 37.40
CA THR B 121 -35.63 -5.90 37.45
C THR B 121 -35.10 -5.33 36.12
N VAL B 122 -34.74 -6.14 35.11
CA VAL B 122 -34.13 -5.61 33.86
C VAL B 122 -35.18 -5.32 32.80
N LEU B 123 -34.79 -4.54 31.79
CA LEU B 123 -35.56 -4.33 30.52
C LEU B 123 -36.96 -3.80 30.86
N THR B 124 -37.05 -2.68 31.56
CA THR B 124 -38.31 -2.01 31.98
C THR B 124 -38.50 -0.69 31.21
N GLU B 125 -39.56 0.04 31.53
CA GLU B 125 -39.81 1.45 31.10
C GLU B 125 -38.57 2.29 31.38
N SER B 126 -37.96 2.08 32.56
CA SER B 126 -36.85 2.88 33.11
C SER B 126 -35.58 2.74 32.25
N GLY B 127 -35.37 1.56 31.65
CA GLY B 127 -34.20 1.27 30.80
C GLY B 127 -33.73 -0.18 30.97
N PRO B 128 -32.48 -0.51 30.59
CA PRO B 128 -32.02 -1.90 30.63
C PRO B 128 -31.94 -2.45 32.07
N GLY B 129 -31.69 -1.58 33.04
CA GLY B 129 -31.45 -1.96 34.44
C GLY B 129 -30.15 -2.76 34.50
N GLY B 130 -30.10 -3.76 35.39
CA GLY B 130 -28.88 -4.56 35.64
C GLY B 130 -27.66 -3.66 35.76
N GLU B 131 -26.52 -4.17 35.28
CA GLU B 131 -25.20 -3.49 35.28
C GLU B 131 -24.64 -3.50 33.85
N LEU B 132 -24.05 -2.41 33.38
CA LEU B 132 -23.28 -2.40 32.09
C LEU B 132 -22.07 -3.29 32.29
N PHE B 133 -21.81 -4.24 31.38
CA PHE B 133 -20.56 -5.04 31.38
C PHE B 133 -19.59 -4.54 30.32
N PHE B 134 -20.02 -4.53 29.05
CA PHE B 134 -19.13 -4.22 27.89
C PHE B 134 -19.89 -3.37 26.88
N ASN B 135 -19.34 -2.19 26.59
CA ASN B 135 -19.89 -1.22 25.62
C ASN B 135 -18.95 -1.11 24.43
N PRO B 136 -19.17 -1.89 23.35
CA PRO B 136 -18.28 -1.87 22.18
C PRO B 136 -18.12 -0.47 21.56
N ASN B 137 -19.13 0.40 21.72
CA ASN B 137 -19.11 1.81 21.23
C ASN B 137 -17.89 2.57 21.77
N LEU B 138 -17.40 2.19 22.95
CA LEU B 138 -16.23 2.84 23.59
C LEU B 138 -14.96 2.50 22.81
N LEU B 139 -14.92 1.37 22.11
CA LEU B 139 -13.68 0.79 21.53
C LEU B 139 -13.08 1.72 20.46
N SER B 140 -13.90 2.26 19.53
CA SER B 140 -13.44 3.17 18.45
C SER B 140 -14.15 4.51 18.54
N LEU B 141 -13.62 5.50 17.81
CA LEU B 141 -14.18 6.88 17.72
C LEU B 141 -15.44 6.86 16.84
N ASP B 142 -15.38 6.13 15.72
CA ASP B 142 -16.42 6.11 14.65
C ASP B 142 -17.46 4.99 14.90
N GLY B 143 -17.28 4.18 15.95
CA GLY B 143 -18.19 3.07 16.30
C GLY B 143 -18.13 1.93 15.30
N ASN B 144 -16.96 1.71 14.70
CA ASN B 144 -16.74 0.74 13.60
C ASN B 144 -16.04 -0.52 14.14
N ALA B 145 -15.30 -0.40 15.24
CA ALA B 145 -14.77 -1.56 16.01
C ALA B 145 -15.96 -2.33 16.60
N ALA B 146 -16.08 -3.61 16.25
CA ALA B 146 -17.15 -4.50 16.73
C ALA B 146 -16.59 -5.69 17.54
N LEU B 147 -17.39 -6.11 18.51
CA LEU B 147 -17.24 -7.40 19.24
C LEU B 147 -17.52 -8.54 18.25
N THR B 148 -16.57 -9.46 18.05
CA THR B 148 -16.71 -10.60 17.09
C THR B 148 -17.03 -11.92 17.81
N GLY B 149 -17.00 -11.92 19.13
CA GLY B 149 -17.36 -13.10 19.94
C GLY B 149 -16.84 -12.95 21.35
N PHE B 150 -17.33 -13.78 22.26
CA PHE B 150 -16.87 -13.82 23.67
C PHE B 150 -17.18 -15.20 24.25
N VAL B 151 -16.34 -15.66 25.19
CA VAL B 151 -16.57 -16.87 26.02
C VAL B 151 -15.99 -16.59 27.41
N MET B 152 -16.82 -16.78 28.43
CA MET B 152 -16.41 -16.69 29.85
C MET B 152 -15.68 -17.97 30.24
N SER B 153 -14.61 -17.82 31.03
CA SER B 153 -13.86 -18.96 31.62
C SER B 153 -14.82 -19.80 32.47
N PRO B 154 -14.60 -21.13 32.61
CA PRO B 154 -15.45 -21.97 33.46
C PRO B 154 -15.55 -21.53 34.93
N CYS B 155 -14.47 -20.93 35.47
CA CYS B 155 -14.37 -20.35 36.85
C CYS B 155 -15.27 -19.11 37.00
N GLY B 156 -15.55 -18.39 35.90
CA GLY B 156 -16.39 -17.18 35.88
C GLY B 156 -15.59 -15.93 36.25
N ASN B 157 -14.26 -16.02 36.36
CA ASN B 157 -13.38 -14.87 36.72
C ASN B 157 -12.85 -14.16 35.46
N TYR B 158 -12.82 -14.82 34.29
CA TYR B 158 -12.23 -14.25 33.04
C TYR B 158 -13.22 -14.34 31.88
N TRP B 159 -13.12 -13.36 30.99
CA TRP B 159 -13.98 -13.18 29.79
C TRP B 159 -13.06 -12.91 28.59
N ALA B 160 -12.93 -13.90 27.69
CA ALA B 160 -12.16 -13.79 26.43
C ALA B 160 -13.07 -13.22 25.35
N TYR B 161 -12.63 -12.23 24.59
CA TYR B 161 -13.48 -11.57 23.58
C TYR B 161 -12.68 -11.09 22.36
N GLY B 162 -13.31 -11.17 21.20
CA GLY B 162 -12.75 -10.77 19.90
C GLY B 162 -13.17 -9.36 19.51
N VAL B 163 -12.22 -8.55 19.01
CA VAL B 163 -12.50 -7.19 18.48
C VAL B 163 -11.88 -7.06 17.08
N SER B 164 -12.68 -6.75 16.07
CA SER B 164 -12.22 -6.38 14.70
C SER B 164 -12.16 -4.86 14.60
N GLU B 165 -10.98 -4.30 14.31
CA GLU B 165 -10.80 -2.83 14.06
C GLU B 165 -11.22 -2.47 12.63
N HIS B 166 -12.16 -1.51 12.49
CA HIS B 166 -12.60 -0.88 11.22
C HIS B 166 -13.26 -1.89 10.28
N GLY B 167 -13.98 -2.89 10.80
CA GLY B 167 -14.81 -3.83 10.01
C GLY B 167 -14.01 -4.99 9.42
N SER B 168 -12.72 -4.79 9.13
CA SER B 168 -11.74 -5.83 8.71
C SER B 168 -12.06 -7.14 9.43
N ASP B 169 -12.04 -8.26 8.70
CA ASP B 169 -12.48 -9.58 9.23
C ASP B 169 -11.25 -10.30 9.83
N TRP B 170 -10.11 -9.60 9.99
CA TRP B 170 -9.07 -9.97 10.99
C TRP B 170 -9.45 -9.39 12.36
N MET B 171 -9.00 -10.02 13.44
CA MET B 171 -9.38 -9.62 14.82
C MET B 171 -8.22 -9.92 15.77
N SER B 172 -8.27 -9.31 16.96
CA SER B 172 -7.43 -9.70 18.12
C SER B 172 -8.37 -10.22 19.21
N ILE B 173 -7.91 -11.19 20.00
CA ILE B 173 -8.65 -11.71 21.18
C ILE B 173 -8.03 -11.05 22.43
N TYR B 174 -8.89 -10.46 23.26
CA TYR B 174 -8.54 -9.79 24.54
C TYR B 174 -9.15 -10.59 25.69
N VAL B 175 -8.65 -10.35 26.90
CA VAL B 175 -9.18 -10.98 28.14
C VAL B 175 -9.37 -9.86 29.15
N ARG B 176 -10.50 -9.89 29.87
CA ARG B 176 -10.72 -8.99 31.04
C ARG B 176 -11.28 -9.83 32.18
N LYS B 177 -11.10 -9.36 33.41
CA LYS B 177 -11.74 -9.93 34.62
C LYS B 177 -13.24 -9.62 34.53
N THR B 178 -14.09 -10.58 34.93
CA THR B 178 -15.55 -10.36 35.08
C THR B 178 -15.79 -9.30 36.15
N SER B 179 -14.80 -9.02 37.01
CA SER B 179 -14.85 -7.98 38.08
C SER B 179 -14.47 -6.61 37.51
N SER B 180 -14.21 -6.52 36.20
CA SER B 180 -13.75 -5.28 35.50
C SER B 180 -14.73 -4.90 34.39
N PRO B 181 -16.01 -4.57 34.69
CA PRO B 181 -16.95 -4.18 33.65
C PRO B 181 -16.55 -2.79 33.13
N HIS B 182 -16.95 -2.44 31.90
CA HIS B 182 -16.96 -1.03 31.44
C HIS B 182 -17.83 -0.22 32.40
N LEU B 183 -17.41 1.01 32.72
CA LEU B 183 -18.13 1.92 33.64
C LEU B 183 -18.82 2.99 32.80
N PRO B 184 -19.94 3.57 33.29
CA PRO B 184 -20.52 4.77 32.68
C PRO B 184 -19.55 5.97 32.72
N SER B 185 -19.51 6.72 31.62
CA SER B 185 -18.73 7.99 31.48
C SER B 185 -17.28 7.70 31.09
N GLN B 186 -16.89 6.45 30.79
CA GLN B 186 -15.60 6.11 30.12
C GLN B 186 -15.60 6.72 28.70
N GLU B 187 -14.56 7.49 28.36
CA GLU B 187 -14.46 8.22 27.07
C GLU B 187 -14.24 7.21 25.95
N ARG B 188 -14.62 7.56 24.71
CA ARG B 188 -14.48 6.66 23.52
C ARG B 188 -12.99 6.55 23.17
N GLY B 189 -12.64 5.64 22.26
CA GLY B 189 -11.28 5.54 21.70
C GLY B 189 -10.41 4.51 22.42
N LYS B 190 -10.83 3.99 23.58
CA LYS B 190 -10.00 3.07 24.43
C LYS B 190 -10.88 1.95 25.01
N ASP B 191 -10.26 0.83 25.39
CA ASP B 191 -10.87 -0.30 26.13
C ASP B 191 -10.26 -0.36 27.52
N PRO B 192 -10.71 0.48 28.48
CA PRO B 192 -10.17 0.44 29.84
C PRO B 192 -10.53 -0.88 30.54
N GLY B 193 -9.76 -1.25 31.58
CA GLY B 193 -10.07 -2.37 32.50
C GLY B 193 -9.75 -3.74 31.93
N ARG B 194 -9.13 -3.81 30.75
CA ARG B 194 -8.75 -5.10 30.10
C ARG B 194 -7.37 -5.52 30.61
N MET B 195 -7.04 -6.81 30.51
CA MET B 195 -5.73 -7.36 30.92
C MET B 195 -4.74 -7.17 29.77
N ASN B 196 -3.47 -7.53 29.95
CA ASN B 196 -2.38 -7.27 28.96
C ASN B 196 -2.51 -8.24 27.79
N ASP B 197 -3.15 -9.40 27.99
CA ASP B 197 -3.27 -10.46 26.97
C ASP B 197 -3.75 -9.84 25.65
N LYS B 198 -2.99 -10.07 24.57
CA LYS B 198 -3.39 -9.68 23.19
C LYS B 198 -2.98 -10.79 22.22
N ILE B 199 -4.00 -11.45 21.65
CA ILE B 199 -3.86 -12.59 20.69
C ILE B 199 -4.18 -12.04 19.30
N ARG B 200 -3.14 -11.79 18.49
CA ARG B 200 -3.27 -11.18 17.15
C ARG B 200 -3.33 -12.29 16.10
N HIS B 201 -3.69 -11.92 14.86
CA HIS B 201 -3.62 -12.77 13.65
C HIS B 201 -4.73 -13.81 13.66
N VAL B 202 -5.90 -13.44 14.18
CA VAL B 202 -7.11 -14.33 14.25
C VAL B 202 -8.07 -13.89 13.14
N ARG B 203 -8.59 -14.84 12.35
CA ARG B 203 -9.50 -14.57 11.21
C ARG B 203 -10.91 -15.10 11.48
N PHE B 204 -11.12 -15.84 12.57
CA PHE B 204 -12.47 -16.32 13.00
C PHE B 204 -12.39 -16.63 14.50
N PHE B 205 -13.44 -16.28 15.24
CA PHE B 205 -13.47 -16.42 16.72
C PHE B 205 -13.91 -17.84 17.10
N ILE B 206 -12.99 -18.70 17.50
CA ILE B 206 -13.30 -20.01 18.14
C ILE B 206 -12.36 -20.18 19.33
N VAL B 207 -12.86 -19.94 20.54
CA VAL B 207 -12.06 -19.95 21.79
C VAL B 207 -12.61 -21.05 22.68
N SER B 208 -11.77 -21.98 23.14
CA SER B 208 -12.16 -23.02 24.12
C SER B 208 -11.21 -23.00 25.33
N TRP B 209 -11.73 -22.57 26.47
CA TRP B 209 -11.01 -22.59 27.78
C TRP B 209 -10.79 -24.02 28.23
N THR B 210 -9.66 -24.31 28.88
CA THR B 210 -9.48 -25.52 29.74
C THR B 210 -10.31 -25.35 31.03
N SER B 211 -10.69 -26.47 31.65
CA SER B 211 -11.55 -26.55 32.88
C SER B 211 -10.85 -25.87 34.07
N ASP B 212 -9.52 -25.76 34.04
CA ASP B 212 -8.68 -25.07 35.06
C ASP B 212 -8.69 -23.55 34.87
N SER B 213 -9.38 -23.02 33.84
CA SER B 213 -9.42 -21.59 33.50
C SER B 213 -7.99 -20.98 33.40
N LYS B 214 -6.97 -21.78 33.09
CA LYS B 214 -5.57 -21.28 32.99
C LYS B 214 -5.27 -20.73 31.58
N GLY B 215 -6.07 -21.10 30.60
CA GLY B 215 -5.82 -20.68 29.20
C GLY B 215 -6.90 -21.17 28.28
N PHE B 216 -6.72 -20.92 26.98
CA PHE B 216 -7.71 -21.28 25.95
C PHE B 216 -7.00 -21.57 24.63
N PHE B 217 -7.57 -22.55 23.93
CA PHE B 217 -7.26 -22.89 22.52
C PHE B 217 -7.89 -21.83 21.64
N TYR B 218 -7.24 -21.52 20.52
CA TYR B 218 -7.75 -20.61 19.48
C TYR B 218 -7.07 -20.97 18.17
N SER B 219 -7.65 -20.53 17.05
CA SER B 219 -7.06 -20.70 15.70
C SER B 219 -6.51 -19.36 15.23
N ARG B 220 -5.30 -19.35 14.67
CA ARG B 220 -4.71 -18.11 14.08
C ARG B 220 -3.96 -18.44 12.76
N TYR B 221 -3.50 -17.38 12.11
CA TYR B 221 -2.80 -17.42 10.80
C TYR B 221 -1.41 -16.80 10.97
N PRO B 222 -0.51 -16.92 9.96
CA PRO B 222 0.75 -16.19 9.97
C PRO B 222 0.43 -14.69 9.88
N PRO B 223 1.34 -13.80 10.32
CA PRO B 223 1.15 -12.34 10.21
C PRO B 223 1.66 -11.71 8.91
N GLU B 224 0.99 -11.96 7.78
CA GLU B 224 1.53 -11.81 6.40
C GLU B 224 1.92 -10.36 6.10
N ASP B 225 1.29 -9.37 6.77
CA ASP B 225 1.37 -7.94 6.40
C ASP B 225 2.69 -7.34 6.91
N GLY B 230 -3.54 -8.48 0.18
CA GLY B 230 -4.81 -8.10 0.84
C GLY B 230 -5.93 -9.09 0.54
N ASN B 231 -5.88 -9.81 -0.59
CA ASN B 231 -6.94 -10.76 -1.02
C ASN B 231 -6.36 -12.11 -1.45
N ALA B 232 -5.11 -12.42 -1.07
CA ALA B 232 -4.46 -13.72 -1.38
C ALA B 232 -5.22 -14.81 -0.62
N PRO B 233 -5.12 -16.09 -1.03
CA PRO B 233 -5.80 -17.17 -0.31
C PRO B 233 -5.46 -17.21 1.19
N ALA B 234 -6.45 -17.49 2.03
CA ALA B 234 -6.31 -17.74 3.48
C ALA B 234 -5.53 -19.04 3.65
N MET B 235 -4.30 -18.96 4.17
CA MET B 235 -3.36 -20.10 4.17
C MET B 235 -2.73 -20.28 5.55
N ASN B 236 -2.57 -21.54 5.94
CA ASN B 236 -1.72 -21.97 7.09
C ASN B 236 -2.41 -21.62 8.40
N CYS B 237 -3.68 -22.03 8.53
CA CYS B 237 -4.48 -22.01 9.79
C CYS B 237 -3.78 -22.91 10.80
N MET B 238 -3.53 -22.39 12.00
CA MET B 238 -2.88 -23.17 13.10
C MET B 238 -3.74 -23.06 14.36
N VAL B 239 -3.77 -24.13 15.16
CA VAL B 239 -4.41 -24.16 16.51
C VAL B 239 -3.30 -23.92 17.53
N TYR B 240 -3.51 -22.93 18.41
CA TYR B 240 -2.60 -22.55 19.51
C TYR B 240 -3.35 -22.68 20.84
N TYR B 241 -2.60 -22.85 21.92
CA TYR B 241 -3.08 -22.75 23.32
C TYR B 241 -2.37 -21.57 23.99
N HIS B 242 -3.13 -20.59 24.43
CA HIS B 242 -2.63 -19.38 25.15
C HIS B 242 -2.84 -19.57 26.65
N ARG B 243 -1.76 -19.46 27.43
CA ARG B 243 -1.83 -19.41 28.92
C ARG B 243 -2.09 -17.95 29.34
N ILE B 244 -3.13 -17.71 30.13
CA ILE B 244 -3.52 -16.36 30.66
C ILE B 244 -2.29 -15.73 31.32
N GLY B 245 -1.95 -14.49 30.93
CA GLY B 245 -0.88 -13.66 31.53
C GLY B 245 0.40 -13.70 30.73
N GLU B 246 0.58 -14.66 29.81
CA GLU B 246 1.81 -14.80 28.98
C GLU B 246 1.69 -13.95 27.72
N ASP B 247 2.83 -13.58 27.14
CA ASP B 247 2.92 -12.96 25.79
C ASP B 247 2.47 -14.00 24.76
N GLN B 248 1.83 -13.58 23.67
CA GLN B 248 1.39 -14.47 22.56
C GLN B 248 2.57 -15.28 22.02
N GLU B 249 3.78 -14.72 22.05
CA GLU B 249 5.01 -15.40 21.56
C GLU B 249 5.23 -16.71 22.33
N SER B 250 4.69 -16.85 23.55
CA SER B 250 4.85 -18.05 24.40
C SER B 250 3.77 -19.10 24.12
N ASP B 251 2.69 -18.74 23.43
CA ASP B 251 1.57 -19.67 23.12
C ASP B 251 2.15 -20.94 22.47
N VAL B 252 1.70 -22.11 22.92
CA VAL B 252 2.15 -23.45 22.46
C VAL B 252 1.38 -23.82 21.17
N LEU B 253 2.10 -24.22 20.11
CA LEU B 253 1.50 -24.75 18.86
C LEU B 253 0.84 -26.10 19.15
N VAL B 254 -0.43 -26.26 18.80
CA VAL B 254 -1.20 -27.53 18.96
C VAL B 254 -1.35 -28.25 17.62
N HIS B 255 -1.52 -27.52 16.51
CA HIS B 255 -1.67 -28.17 15.18
C HIS B 255 -1.33 -27.20 14.05
N GLU B 256 -0.54 -27.69 13.09
CA GLU B 256 -0.34 -27.06 11.75
C GLU B 256 -0.34 -28.18 10.73
N ASP B 257 -0.67 -27.87 9.47
CA ASP B 257 -0.56 -28.84 8.35
C ASP B 257 0.01 -28.09 7.16
N PRO B 258 1.34 -27.86 7.09
CA PRO B 258 1.92 -27.08 5.99
C PRO B 258 1.64 -27.67 4.59
N GLU B 259 1.38 -28.98 4.53
CA GLU B 259 1.06 -29.69 3.26
C GLU B 259 -0.26 -29.19 2.67
N HIS B 260 -1.22 -28.84 3.51
CA HIS B 260 -2.59 -28.44 3.06
C HIS B 260 -2.88 -27.04 3.55
N PRO B 261 -2.25 -25.98 2.99
CA PRO B 261 -2.40 -24.64 3.55
C PRO B 261 -3.82 -24.05 3.50
N PHE B 262 -4.71 -24.55 2.63
CA PHE B 262 -6.08 -24.02 2.43
C PHE B 262 -7.01 -24.58 3.52
N TRP B 263 -6.62 -25.68 4.17
CA TRP B 263 -7.45 -26.40 5.17
C TRP B 263 -7.60 -25.48 6.39
N ILE B 264 -8.81 -25.43 6.95
CA ILE B 264 -9.15 -24.65 8.18
C ILE B 264 -9.23 -25.67 9.32
N SER B 265 -8.71 -25.30 10.49
CA SER B 265 -8.61 -26.22 11.65
C SER B 265 -9.05 -25.48 12.91
N SER B 266 -9.63 -26.23 13.85
CA SER B 266 -10.00 -25.71 15.18
C SER B 266 -10.23 -26.86 16.16
N VAL B 267 -10.44 -26.51 17.42
CA VAL B 267 -10.71 -27.47 18.53
C VAL B 267 -11.92 -26.98 19.32
N GLN B 268 -12.72 -27.94 19.80
CA GLN B 268 -13.87 -27.77 20.70
C GLN B 268 -13.61 -28.71 21.90
N LEU B 269 -13.92 -28.27 23.12
CA LEU B 269 -13.84 -29.11 24.34
C LEU B 269 -15.25 -29.57 24.69
N THR B 270 -15.41 -30.76 25.28
CA THR B 270 -16.71 -31.18 25.87
C THR B 270 -17.00 -30.22 27.03
N PRO B 271 -18.28 -30.01 27.37
CA PRO B 271 -18.66 -29.21 28.55
C PRO B 271 -17.82 -29.46 29.81
N SER B 272 -17.45 -30.71 30.12
CA SER B 272 -16.65 -31.11 31.31
C SER B 272 -15.18 -30.70 31.16
N GLY B 273 -14.73 -30.41 29.94
CA GLY B 273 -13.35 -29.96 29.66
C GLY B 273 -12.35 -31.10 29.63
N ARG B 274 -12.83 -32.36 29.64
CA ARG B 274 -11.92 -33.55 29.67
C ARG B 274 -11.44 -33.90 28.25
N TYR B 275 -12.35 -33.90 27.27
CA TYR B 275 -12.04 -34.38 25.91
C TYR B 275 -11.95 -33.19 24.97
N ILE B 276 -11.00 -33.22 24.03
CA ILE B 276 -10.82 -32.16 22.99
C ILE B 276 -11.12 -32.78 21.62
N LEU B 277 -11.97 -32.14 20.82
CA LEU B 277 -12.27 -32.57 19.42
C LEU B 277 -11.47 -31.66 18.48
N PHE B 278 -10.57 -32.24 17.69
CA PHE B 278 -9.91 -31.57 16.55
C PHE B 278 -10.77 -31.75 15.30
N ALA B 279 -11.01 -30.66 14.56
CA ALA B 279 -11.72 -30.70 13.26
C ALA B 279 -10.94 -29.87 12.23
N ALA B 280 -10.68 -30.46 11.07
CA ALA B 280 -10.20 -29.75 9.86
C ALA B 280 -11.28 -29.80 8.78
N SER B 281 -11.41 -28.72 8.03
CA SER B 281 -12.25 -28.68 6.81
C SER B 281 -11.36 -28.28 5.63
N ARG B 282 -11.62 -28.88 4.47
CA ARG B 282 -10.88 -28.62 3.19
C ARG B 282 -11.82 -27.92 2.21
N ASP B 283 -13.07 -27.63 2.60
CA ASP B 283 -14.06 -26.97 1.71
C ASP B 283 -15.23 -26.46 2.55
N ALA B 284 -16.30 -25.96 1.92
CA ALA B 284 -17.49 -25.43 2.63
C ALA B 284 -18.50 -26.54 2.97
N SER B 285 -18.22 -27.80 2.61
CA SER B 285 -19.18 -28.91 2.82
C SER B 285 -19.22 -29.23 4.33
N HIS B 286 -20.28 -29.88 4.76
CA HIS B 286 -20.51 -30.33 6.15
C HIS B 286 -19.79 -31.67 6.34
N THR B 287 -18.48 -31.71 6.05
CA THR B 287 -17.61 -32.90 6.20
C THR B 287 -16.30 -32.45 6.85
N GLN B 288 -15.77 -33.25 7.78
CA GLN B 288 -14.55 -32.90 8.51
C GLN B 288 -13.58 -34.08 8.58
N LEU B 289 -12.31 -33.77 8.79
CA LEU B 289 -11.31 -34.69 9.35
C LEU B 289 -11.32 -34.42 10.87
N VAL B 290 -11.57 -35.45 11.67
CA VAL B 290 -11.83 -35.30 13.14
C VAL B 290 -10.92 -36.25 13.90
N LYS B 291 -10.45 -35.81 15.07
CA LYS B 291 -9.65 -36.60 16.03
C LYS B 291 -10.05 -36.17 17.45
N ILE B 292 -9.93 -37.07 18.42
CA ILE B 292 -10.31 -36.83 19.85
C ILE B 292 -9.10 -37.16 20.72
N ALA B 293 -8.77 -36.28 21.67
CA ALA B 293 -7.74 -36.51 22.70
C ALA B 293 -8.36 -36.42 24.11
N ASP B 294 -7.81 -37.18 25.03
CA ASP B 294 -8.15 -37.10 26.48
C ASP B 294 -7.15 -36.14 27.11
N LEU B 295 -7.57 -34.95 27.53
CA LEU B 295 -6.65 -33.90 28.08
C LEU B 295 -6.03 -34.34 29.41
N HIS B 296 -6.57 -35.39 30.05
CA HIS B 296 -6.06 -35.87 31.36
C HIS B 296 -4.82 -36.74 31.13
N GLU B 297 -4.56 -37.16 29.89
CA GLU B 297 -3.47 -38.10 29.47
C GLU B 297 -2.33 -37.35 28.78
N ASN B 298 -2.50 -36.07 28.49
CA ASN B 298 -1.64 -35.29 27.55
C ASN B 298 -1.17 -34.02 28.23
N ASP B 299 0.09 -33.62 28.03
CA ASP B 299 0.50 -32.18 28.06
C ASP B 299 0.01 -31.53 26.75
N ILE B 300 -0.37 -30.25 26.80
CA ILE B 300 -0.91 -29.50 25.63
C ILE B 300 0.26 -29.16 24.70
N GLY B 301 0.13 -29.46 23.41
CA GLY B 301 1.15 -29.24 22.38
C GLY B 301 0.96 -30.20 21.22
N THR B 302 2.00 -30.44 20.41
CA THR B 302 1.96 -31.38 19.25
C THR B 302 2.25 -32.82 19.74
N ASN B 303 2.43 -33.01 21.04
CA ASN B 303 2.81 -34.27 21.72
C ASN B 303 1.57 -34.95 22.34
N MET B 304 0.41 -34.92 21.67
CA MET B 304 -0.91 -35.35 22.23
C MET B 304 -1.37 -36.64 21.57
N LYS B 305 -2.05 -37.52 22.31
CA LYS B 305 -2.51 -38.85 21.82
C LYS B 305 -3.89 -38.69 21.18
N TRP B 306 -3.91 -38.31 19.89
CA TRP B 306 -5.12 -38.20 19.04
C TRP B 306 -5.61 -39.60 18.68
N LYS B 307 -6.90 -39.86 18.89
CA LYS B 307 -7.61 -41.09 18.41
C LYS B 307 -8.59 -40.66 17.32
N ASN B 308 -8.78 -41.48 16.28
CA ASN B 308 -9.79 -41.19 15.21
C ASN B 308 -11.19 -41.47 15.79
N LEU B 309 -12.06 -40.47 15.64
CA LEU B 309 -13.52 -40.51 15.88
C LEU B 309 -14.23 -41.26 14.74
N HIS B 310 -13.90 -40.92 13.49
CA HIS B 310 -14.44 -41.54 12.26
C HIS B 310 -13.48 -41.25 11.09
N ASP B 311 -13.61 -42.01 10.00
CA ASP B 311 -12.88 -41.77 8.72
C ASP B 311 -13.07 -40.31 8.30
N PRO B 312 -12.02 -39.67 7.74
CA PRO B 312 -12.13 -38.28 7.28
C PRO B 312 -13.09 -38.05 6.10
N TRP B 313 -13.64 -36.84 6.04
CA TRP B 313 -14.38 -36.23 4.90
C TRP B 313 -15.73 -36.94 4.67
N GLU B 314 -16.29 -37.62 5.66
CA GLU B 314 -17.60 -38.31 5.49
C GLU B 314 -18.71 -37.54 6.20
N ALA B 315 -18.40 -36.82 7.29
CA ALA B 315 -19.39 -36.22 8.17
C ALA B 315 -18.78 -35.09 9.04
N ARG B 316 -19.69 -34.25 9.53
CA ARG B 316 -19.46 -33.17 10.51
C ARG B 316 -19.93 -33.70 11.89
N PHE B 317 -19.27 -33.23 12.95
CA PHE B 317 -19.48 -33.65 14.37
C PHE B 317 -19.43 -32.40 15.23
N THR B 318 -20.51 -32.09 15.95
CA THR B 318 -20.60 -30.96 16.92
C THR B 318 -20.90 -31.53 18.32
N ILE B 319 -20.09 -31.19 19.31
CA ILE B 319 -20.29 -31.67 20.70
C ILE B 319 -21.54 -30.97 21.25
N VAL B 320 -22.47 -31.74 21.82
CA VAL B 320 -23.72 -31.21 22.43
C VAL B 320 -23.77 -31.56 23.94
N GLY B 321 -22.94 -32.48 24.41
CA GLY B 321 -22.83 -32.76 25.87
C GLY B 321 -21.80 -33.82 26.14
N ASP B 322 -21.61 -34.17 27.42
CA ASP B 322 -20.81 -35.35 27.82
C ASP B 322 -21.33 -35.84 29.17
N GLU B 323 -21.11 -37.13 29.43
CA GLU B 323 -21.45 -37.83 30.69
C GLU B 323 -20.29 -38.79 30.94
N GLY B 324 -19.31 -38.37 31.74
CA GLY B 324 -18.00 -39.05 31.87
C GLY B 324 -17.37 -39.25 30.50
N SER B 325 -17.13 -40.51 30.11
CA SER B 325 -16.40 -40.90 28.87
C SER B 325 -17.35 -40.84 27.66
N LYS B 326 -18.65 -40.65 27.88
CA LYS B 326 -19.68 -40.65 26.81
C LYS B 326 -19.85 -39.22 26.29
N ILE B 327 -19.72 -39.02 24.98
CA ILE B 327 -19.83 -37.68 24.33
C ILE B 327 -21.08 -37.69 23.46
N TYR B 328 -21.92 -36.66 23.60
CA TYR B 328 -23.12 -36.45 22.77
C TYR B 328 -22.75 -35.60 21.54
N PHE B 329 -23.01 -36.11 20.34
CA PHE B 329 -22.71 -35.43 19.05
C PHE B 329 -23.97 -35.18 18.24
N MET B 330 -24.11 -33.97 17.71
CA MET B 330 -24.98 -33.70 16.55
C MET B 330 -24.13 -33.90 15.30
N THR B 331 -24.55 -34.80 14.41
CA THR B 331 -23.74 -35.31 13.29
C THR B 331 -24.64 -35.64 12.10
N ASN B 332 -24.11 -35.47 10.89
CA ASN B 332 -24.78 -35.87 9.62
C ASN B 332 -24.20 -37.20 9.13
N LEU B 333 -23.51 -37.96 10.00
CA LEU B 333 -22.90 -39.27 9.60
C LEU B 333 -24.01 -40.22 9.11
N LYS B 334 -23.98 -40.56 7.82
CA LYS B 334 -25.01 -41.39 7.14
C LYS B 334 -26.41 -40.88 7.49
N ALA B 335 -26.56 -39.57 7.64
CA ALA B 335 -27.82 -38.89 8.04
C ALA B 335 -27.73 -37.44 7.59
N LYS B 336 -28.09 -37.18 6.32
CA LYS B 336 -27.86 -35.86 5.71
C LYS B 336 -28.67 -34.79 6.45
N ASN B 337 -29.82 -35.14 7.04
CA ASN B 337 -30.68 -34.17 7.77
C ASN B 337 -30.25 -34.09 9.24
N TYR B 338 -29.13 -34.70 9.60
CA TYR B 338 -28.49 -34.66 10.95
C TYR B 338 -29.30 -35.52 11.93
N LYS B 339 -28.56 -36.01 12.93
CA LYS B 339 -29.09 -36.83 14.04
C LYS B 339 -28.28 -36.55 15.30
N VAL B 340 -28.65 -37.19 16.40
CA VAL B 340 -27.87 -37.19 17.67
C VAL B 340 -27.39 -38.62 17.92
N ALA B 341 -26.09 -38.80 18.11
CA ALA B 341 -25.43 -40.10 18.37
C ALA B 341 -24.39 -39.90 19.47
N THR B 342 -24.11 -40.96 20.22
CA THR B 342 -23.17 -40.99 21.37
C THR B 342 -21.92 -41.76 20.98
N PHE B 343 -20.79 -41.31 21.52
CA PHE B 343 -19.44 -41.91 21.39
C PHE B 343 -18.91 -42.22 22.80
N ASP B 344 -18.33 -43.38 23.00
CA ASP B 344 -17.65 -43.74 24.27
C ASP B 344 -16.14 -43.64 24.02
N ALA B 345 -15.49 -42.60 24.54
CA ALA B 345 -14.03 -42.35 24.41
C ALA B 345 -13.21 -43.52 25.01
N ASN B 346 -13.83 -44.34 25.86
CA ASN B 346 -13.21 -45.55 26.48
C ASN B 346 -13.29 -46.76 25.55
N HIS B 347 -14.12 -46.71 24.50
CA HIS B 347 -14.29 -47.81 23.51
C HIS B 347 -14.31 -47.21 22.11
N PRO B 348 -13.27 -46.44 21.72
CA PRO B 348 -13.29 -45.65 20.48
C PRO B 348 -13.50 -46.47 19.20
N ASP B 349 -13.21 -47.77 19.26
CA ASP B 349 -13.34 -48.73 18.13
C ASP B 349 -14.82 -49.16 17.98
N GLU B 350 -15.64 -48.96 19.02
CA GLU B 350 -17.09 -49.33 19.01
C GLU B 350 -17.89 -48.29 18.21
N GLY B 351 -17.32 -47.12 17.91
CA GLY B 351 -17.96 -46.12 17.02
C GLY B 351 -19.13 -45.39 17.67
N LEU B 352 -20.06 -44.85 16.89
CA LEU B 352 -21.18 -44.00 17.37
C LEU B 352 -22.44 -44.85 17.48
N THR B 353 -23.23 -44.62 18.54
CA THR B 353 -24.56 -45.22 18.79
C THR B 353 -25.61 -44.13 18.57
N THR B 354 -26.67 -44.40 17.81
CA THR B 354 -27.76 -43.44 17.54
C THR B 354 -28.57 -43.25 18.84
N LEU B 355 -28.84 -42.00 19.21
CA LEU B 355 -29.76 -41.60 20.30
C LEU B 355 -31.06 -41.07 19.70
N ILE B 356 -30.96 -40.11 18.78
CA ILE B 356 -32.09 -39.52 18.01
C ILE B 356 -31.83 -39.81 16.53
N ALA B 357 -32.70 -40.62 15.92
CA ALA B 357 -32.59 -41.05 14.52
C ALA B 357 -32.72 -39.82 13.61
N GLU B 358 -32.17 -39.88 12.41
CA GLU B 358 -32.42 -38.83 11.38
C GLU B 358 -33.93 -38.73 11.18
N ASP B 359 -34.48 -37.52 11.16
CA ASP B 359 -35.85 -37.25 10.63
C ASP B 359 -35.75 -37.04 9.12
N PRO B 360 -36.26 -37.97 8.29
CA PRO B 360 -36.12 -37.84 6.84
C PRO B 360 -36.89 -36.63 6.27
N ASN B 361 -37.78 -36.01 7.06
CA ASN B 361 -38.68 -34.93 6.56
C ASN B 361 -38.41 -33.63 7.32
N ALA B 362 -37.29 -33.53 8.02
CA ALA B 362 -36.98 -32.33 8.83
C ALA B 362 -35.47 -32.27 9.08
N PHE B 363 -34.88 -31.12 8.77
CA PHE B 363 -33.45 -30.83 8.97
C PHE B 363 -33.26 -30.53 10.47
N LEU B 364 -32.32 -31.21 11.13
CA LEU B 364 -32.00 -30.92 12.56
C LEU B 364 -30.98 -29.78 12.59
N VAL B 365 -31.40 -28.63 13.13
CA VAL B 365 -30.65 -27.36 13.20
C VAL B 365 -29.77 -27.32 14.45
N SER B 366 -30.30 -27.77 15.61
CA SER B 366 -29.51 -27.74 16.86
C SER B 366 -30.07 -28.73 17.87
N ALA B 367 -29.17 -29.22 18.72
CA ALA B 367 -29.47 -30.10 19.86
C ALA B 367 -28.71 -29.50 21.04
N SER B 368 -29.39 -29.37 22.19
CA SER B 368 -28.82 -28.82 23.42
C SER B 368 -29.48 -29.52 24.62
N ILE B 369 -28.73 -29.64 25.72
CA ILE B 369 -29.21 -30.37 26.94
C ILE B 369 -29.60 -29.31 27.97
N HIS B 370 -30.75 -29.52 28.61
CA HIS B 370 -31.33 -28.57 29.59
C HIS B 370 -31.85 -29.35 30.79
N ALA B 371 -31.82 -28.72 31.96
CA ALA B 371 -32.40 -29.31 33.19
C ALA B 371 -31.89 -30.74 33.37
N GLN B 372 -30.57 -30.93 33.24
CA GLN B 372 -29.87 -32.21 33.50
C GLN B 372 -30.09 -33.24 32.38
N ASP B 373 -31.33 -33.56 32.01
CA ASP B 373 -31.61 -34.73 31.14
C ASP B 373 -32.79 -34.45 30.18
N LYS B 374 -33.02 -33.19 29.82
CA LYS B 374 -33.98 -32.80 28.76
C LYS B 374 -33.19 -32.44 27.49
N LEU B 375 -33.40 -33.18 26.41
CA LEU B 375 -32.71 -32.91 25.12
C LEU B 375 -33.64 -32.06 24.25
N LEU B 376 -33.21 -30.83 23.93
CA LEU B 376 -34.02 -29.85 23.15
C LEU B 376 -33.49 -29.86 21.70
N LEU B 377 -34.37 -30.22 20.75
CA LEU B 377 -34.06 -30.31 19.32
C LEU B 377 -34.83 -29.18 18.63
N VAL B 378 -34.15 -28.43 17.77
CA VAL B 378 -34.78 -27.45 16.85
C VAL B 378 -34.77 -28.04 15.44
N TYR B 379 -35.95 -28.30 14.88
CA TYR B 379 -36.13 -28.83 13.51
C TYR B 379 -36.60 -27.70 12.60
N LEU B 380 -36.20 -27.79 11.33
CA LEU B 380 -36.69 -26.92 10.23
C LEU B 380 -37.80 -27.68 9.51
N ARG B 381 -39.05 -27.20 9.55
CA ARG B 381 -40.20 -27.78 8.80
C ARG B 381 -41.09 -26.64 8.33
N ASN B 382 -41.62 -26.71 7.11
CA ASN B 382 -42.38 -25.58 6.50
C ASN B 382 -41.55 -24.30 6.57
N ALA B 383 -40.23 -24.39 6.44
CA ALA B 383 -39.31 -23.23 6.36
C ALA B 383 -39.44 -22.35 7.62
N SER B 384 -39.66 -22.97 8.79
CA SER B 384 -39.62 -22.31 10.12
C SER B 384 -39.21 -23.32 11.21
N HIS B 385 -38.96 -22.85 12.43
CA HIS B 385 -38.38 -23.66 13.53
C HIS B 385 -39.50 -24.36 14.30
N GLU B 386 -39.26 -25.61 14.69
CA GLU B 386 -40.07 -26.37 15.68
C GLU B 386 -39.15 -26.82 16.81
N ILE B 387 -39.57 -26.67 18.06
CA ILE B 387 -38.81 -27.15 19.25
C ILE B 387 -39.48 -28.42 19.76
N HIS B 388 -38.73 -29.52 19.76
CA HIS B 388 -39.11 -30.86 20.28
C HIS B 388 -38.28 -31.12 21.52
N ILE B 389 -38.91 -31.65 22.58
CA ILE B 389 -38.23 -32.07 23.82
C ILE B 389 -38.15 -33.59 23.78
N ARG B 390 -36.97 -34.13 24.08
CA ARG B 390 -36.71 -35.59 24.17
C ARG B 390 -36.11 -35.88 25.53
N ASP B 391 -36.34 -37.09 26.05
CA ASP B 391 -35.58 -37.62 27.22
C ASP B 391 -34.17 -37.98 26.74
N LEU B 392 -33.15 -37.41 27.36
CA LEU B 392 -31.71 -37.61 27.03
C LEU B 392 -31.34 -39.08 27.24
N THR B 393 -31.88 -39.76 28.25
CA THR B 393 -31.50 -41.15 28.62
C THR B 393 -32.04 -42.15 27.58
N THR B 394 -33.32 -42.08 27.24
CA THR B 394 -34.00 -43.07 26.35
C THR B 394 -34.06 -42.56 24.90
N GLY B 395 -34.05 -41.24 24.69
CA GLY B 395 -34.34 -40.61 23.39
C GLY B 395 -35.84 -40.45 23.16
N LYS B 396 -36.67 -40.87 24.13
CA LYS B 396 -38.14 -40.90 23.98
C LYS B 396 -38.68 -39.50 23.77
N PRO B 397 -39.67 -39.30 22.86
CA PRO B 397 -40.37 -38.03 22.70
C PRO B 397 -41.17 -37.62 23.95
N LEU B 398 -41.01 -36.37 24.40
CA LEU B 398 -41.72 -35.78 25.56
C LEU B 398 -42.68 -34.67 25.08
N GLY B 399 -42.70 -34.38 23.78
CA GLY B 399 -43.65 -33.44 23.16
C GLY B 399 -42.99 -32.17 22.66
N ARG B 400 -43.81 -31.24 22.19
CA ARG B 400 -43.41 -29.97 21.54
C ARG B 400 -43.54 -28.83 22.55
N ILE B 401 -42.82 -27.73 22.36
CA ILE B 401 -43.07 -26.46 23.12
C ILE B 401 -43.01 -25.29 22.14
N PHE B 402 -43.76 -24.21 22.41
CA PHE B 402 -43.87 -22.99 21.57
C PHE B 402 -44.36 -23.35 20.16
N GLU B 403 -45.19 -24.39 20.05
CA GLU B 403 -45.66 -24.93 18.75
C GLU B 403 -46.71 -23.99 18.15
N ASP B 404 -47.25 -23.05 18.94
CA ASP B 404 -48.19 -21.99 18.48
C ASP B 404 -47.43 -20.88 17.75
N LEU B 405 -46.12 -20.72 17.97
CA LEU B 405 -45.32 -19.59 17.40
C LEU B 405 -44.66 -20.06 16.09
N LEU B 406 -44.91 -19.38 14.96
CA LEU B 406 -44.26 -19.72 13.67
C LEU B 406 -43.20 -18.66 13.34
N GLY B 407 -41.93 -19.04 13.36
CA GLY B 407 -40.83 -18.08 13.21
C GLY B 407 -39.49 -18.75 13.38
N GLN B 408 -38.56 -18.06 14.02
CA GLN B 408 -37.30 -18.71 14.49
C GLN B 408 -37.13 -18.52 16.00
N PHE B 409 -36.34 -19.39 16.60
CA PHE B 409 -35.97 -19.31 18.04
C PHE B 409 -34.46 -19.27 18.21
N MET B 410 -33.96 -18.43 19.11
CA MET B 410 -32.65 -18.56 19.78
C MET B 410 -32.95 -19.02 21.21
N VAL B 411 -32.47 -20.21 21.58
CA VAL B 411 -32.69 -20.86 22.89
C VAL B 411 -31.42 -20.62 23.71
N SER B 412 -31.59 -20.16 24.95
CA SER B 412 -30.48 -19.83 25.86
C SER B 412 -30.69 -20.58 27.19
N GLY B 413 -29.63 -21.17 27.74
CA GLY B 413 -29.68 -22.02 28.95
C GLY B 413 -28.72 -23.19 28.87
N ARG B 414 -28.18 -23.65 30.01
CA ARG B 414 -27.14 -24.70 30.09
C ARG B 414 -27.74 -25.97 30.69
N ARG B 415 -27.00 -27.08 30.59
CA ARG B 415 -27.41 -28.41 31.12
C ARG B 415 -27.76 -28.30 32.62
N GLN B 416 -27.03 -27.46 33.37
CA GLN B 416 -27.21 -27.36 34.86
C GLN B 416 -28.41 -26.45 35.20
N ASP B 417 -28.96 -25.69 34.23
CA ASP B 417 -30.09 -24.75 34.49
C ASP B 417 -31.42 -25.48 34.23
N ASN B 418 -32.42 -25.27 35.08
CA ASN B 418 -33.77 -25.89 34.98
C ASN B 418 -34.64 -25.09 34.01
N ASP B 419 -34.20 -23.87 33.67
CA ASP B 419 -34.89 -22.85 32.86
C ASP B 419 -34.13 -22.59 31.55
N ILE B 420 -34.87 -22.17 30.51
CA ILE B 420 -34.30 -21.57 29.27
C ILE B 420 -35.00 -20.22 29.08
N PHE B 421 -34.32 -19.34 28.36
CA PHE B 421 -34.91 -18.10 27.79
C PHE B 421 -34.88 -18.26 26.27
N VAL B 422 -36.04 -18.10 25.63
CA VAL B 422 -36.25 -18.35 24.18
C VAL B 422 -36.62 -17.02 23.54
N LEU B 423 -35.80 -16.51 22.64
CA LEU B 423 -36.12 -15.30 21.83
C LEU B 423 -36.81 -15.77 20.55
N PHE B 424 -38.08 -15.42 20.41
CA PHE B 424 -38.91 -15.70 19.22
C PHE B 424 -38.97 -14.45 18.34
N SER B 425 -38.78 -14.64 17.06
CA SER B 425 -38.95 -13.55 16.06
C SER B 425 -39.51 -14.13 14.75
N SER B 426 -40.12 -13.25 13.95
CA SER B 426 -40.64 -13.59 12.60
C SER B 426 -40.59 -12.33 11.73
N PHE B 427 -41.20 -12.34 10.56
CA PHE B 427 -41.31 -11.11 9.72
C PHE B 427 -42.12 -10.06 10.50
N LEU B 428 -42.99 -10.48 11.43
CA LEU B 428 -43.95 -9.59 12.12
C LEU B 428 -43.61 -9.40 13.60
N SER B 429 -42.90 -10.34 14.24
CA SER B 429 -42.50 -10.24 15.67
C SER B 429 -41.04 -9.82 15.77
N PRO B 430 -40.76 -8.62 16.30
CA PRO B 430 -39.39 -8.12 16.39
C PRO B 430 -38.54 -8.82 17.45
N GLY B 431 -39.16 -9.52 18.41
CA GLY B 431 -38.45 -10.28 19.45
C GLY B 431 -39.24 -10.35 20.74
N THR B 432 -39.81 -11.51 21.04
CA THR B 432 -40.41 -11.82 22.36
C THR B 432 -39.48 -12.80 23.08
N VAL B 433 -39.08 -12.48 24.31
CA VAL B 433 -38.31 -13.40 25.18
C VAL B 433 -39.29 -14.10 26.11
N TYR B 434 -39.41 -15.42 25.96
CA TYR B 434 -40.17 -16.31 26.86
C TYR B 434 -39.22 -16.96 27.86
N ARG B 435 -39.71 -17.22 29.07
CA ARG B 435 -39.03 -18.11 30.04
C ARG B 435 -39.78 -19.44 30.02
N TYR B 436 -39.06 -20.55 29.86
CA TYR B 436 -39.62 -21.93 29.97
C TYR B 436 -38.88 -22.67 31.08
N THR B 437 -39.65 -23.19 32.02
CA THR B 437 -39.17 -23.98 33.17
C THR B 437 -39.60 -25.43 32.93
N PHE B 438 -38.62 -26.33 32.80
CA PHE B 438 -38.85 -27.79 32.63
C PHE B 438 -39.43 -28.39 33.90
N GLY B 439 -40.33 -29.37 33.69
CA GLY B 439 -40.82 -30.31 34.72
C GLY B 439 -40.55 -31.74 34.29
N GLU B 440 -41.28 -32.72 34.81
CA GLU B 440 -41.01 -34.15 34.54
C GLU B 440 -41.46 -34.48 33.11
N GLU B 441 -42.69 -34.12 32.76
CA GLU B 441 -43.33 -34.43 31.45
C GLU B 441 -43.67 -33.13 30.73
N LYS B 442 -44.41 -32.22 31.40
CA LYS B 442 -44.78 -30.87 30.89
C LYS B 442 -44.06 -29.80 31.73
N GLY B 443 -43.66 -28.69 31.09
CA GLY B 443 -43.06 -27.51 31.74
C GLY B 443 -44.03 -26.35 31.72
N TYR B 444 -43.56 -25.17 32.20
CA TYR B 444 -44.38 -23.92 32.23
C TYR B 444 -43.63 -22.78 31.54
N ARG B 445 -44.40 -22.07 30.72
CA ARG B 445 -43.97 -20.97 29.85
C ARG B 445 -44.52 -19.66 30.45
N SER B 446 -43.69 -18.62 30.50
CA SER B 446 -44.14 -17.23 30.76
C SER B 446 -43.54 -16.29 29.69
N LEU B 447 -44.25 -15.23 29.34
CA LEU B 447 -43.69 -14.11 28.53
C LEU B 447 -42.85 -13.25 29.47
N PHE B 448 -41.54 -13.15 29.22
CA PHE B 448 -40.61 -12.36 30.05
C PHE B 448 -40.67 -10.88 29.60
N ARG B 449 -40.19 -10.57 28.39
CA ARG B 449 -40.15 -9.20 27.81
C ARG B 449 -40.36 -9.28 26.29
N ALA B 450 -41.03 -8.30 25.70
CA ALA B 450 -41.23 -8.17 24.25
C ALA B 450 -40.67 -6.84 23.77
N ILE B 451 -40.01 -6.85 22.60
CA ILE B 451 -39.60 -5.62 21.88
C ILE B 451 -40.86 -4.97 21.33
N SER B 452 -41.01 -3.67 21.57
CA SER B 452 -42.10 -2.82 21.04
C SER B 452 -41.50 -1.73 20.14
N ILE B 453 -42.15 -1.47 19.01
CA ILE B 453 -41.71 -0.45 18.03
C ILE B 453 -42.74 0.69 18.04
N PRO B 454 -42.42 1.83 18.69
CA PRO B 454 -43.35 2.94 18.80
C PRO B 454 -43.72 3.57 17.44
N GLY B 455 -42.83 3.46 16.45
CA GLY B 455 -43.00 4.10 15.13
C GLY B 455 -43.87 3.29 14.17
N LEU B 456 -44.36 2.11 14.56
CA LEU B 456 -45.00 1.15 13.62
C LEU B 456 -46.05 0.30 14.32
N ASN B 457 -47.18 0.09 13.66
CA ASN B 457 -48.30 -0.77 14.14
C ASN B 457 -48.20 -2.11 13.39
N LEU B 458 -47.66 -3.13 14.05
CA LEU B 458 -47.38 -4.46 13.43
C LEU B 458 -48.69 -5.12 12.99
N ASP B 459 -49.80 -4.78 13.63
CA ASP B 459 -51.15 -5.31 13.32
C ASP B 459 -51.57 -4.90 11.90
N ASP B 460 -50.94 -3.89 11.31
CA ASP B 460 -51.25 -3.42 9.93
C ASP B 460 -50.72 -4.41 8.88
N PHE B 461 -49.86 -5.36 9.26
CA PHE B 461 -49.13 -6.25 8.31
C PHE B 461 -49.58 -7.70 8.47
N MET B 462 -49.39 -8.49 7.42
CA MET B 462 -49.65 -9.95 7.41
C MET B 462 -48.50 -10.66 6.66
N THR B 463 -48.24 -11.92 7.02
CA THR B 463 -47.35 -12.83 6.28
C THR B 463 -48.20 -13.99 5.74
N GLU B 464 -48.29 -14.13 4.42
CA GLU B 464 -48.91 -15.30 3.73
C GLU B 464 -47.83 -16.36 3.46
N SER B 465 -48.26 -17.60 3.34
CA SER B 465 -47.46 -18.76 2.89
C SER B 465 -48.07 -19.28 1.59
N VAL B 466 -47.30 -19.27 0.51
CA VAL B 466 -47.76 -19.80 -0.81
C VAL B 466 -46.73 -20.79 -1.37
N PHE B 467 -47.20 -21.64 -2.29
CA PHE B 467 -46.39 -22.57 -3.08
C PHE B 467 -46.53 -22.21 -4.55
N TYR B 468 -45.43 -22.26 -5.29
CA TYR B 468 -45.42 -22.00 -6.76
C TYR B 468 -44.58 -23.07 -7.43
N PRO B 469 -44.92 -23.44 -8.69
CA PRO B 469 -44.09 -24.36 -9.47
C PRO B 469 -42.92 -23.63 -10.13
N SER B 470 -41.72 -24.20 -10.05
CA SER B 470 -40.49 -23.68 -10.69
C SER B 470 -40.51 -24.08 -12.17
N LYS B 471 -39.46 -23.72 -12.89
CA LYS B 471 -39.29 -24.03 -14.33
C LYS B 471 -39.45 -25.54 -14.54
N ASP B 472 -38.92 -26.37 -13.64
CA ASP B 472 -38.92 -27.85 -13.77
C ASP B 472 -40.15 -28.46 -13.07
N GLY B 473 -41.07 -27.64 -12.56
CA GLY B 473 -42.32 -28.08 -11.93
C GLY B 473 -42.18 -28.41 -10.44
N THR B 474 -40.98 -28.25 -9.87
CA THR B 474 -40.75 -28.41 -8.39
C THR B 474 -41.62 -27.40 -7.64
N SER B 475 -42.36 -27.89 -6.64
CA SER B 475 -43.17 -27.03 -5.73
C SER B 475 -42.21 -26.30 -4.79
N VAL B 476 -42.19 -24.98 -4.85
CA VAL B 476 -41.33 -24.12 -4.01
C VAL B 476 -42.23 -23.28 -3.10
N HIS B 477 -41.85 -23.22 -1.81
CA HIS B 477 -42.58 -22.45 -0.78
C HIS B 477 -42.08 -21.01 -0.83
N MET B 478 -42.96 -20.04 -0.64
CA MET B 478 -42.58 -18.61 -0.58
C MET B 478 -43.40 -17.95 0.51
N PHE B 479 -42.76 -17.12 1.34
CA PHE B 479 -43.40 -16.21 2.31
C PHE B 479 -43.66 -14.87 1.63
N ILE B 480 -44.81 -14.26 1.89
CA ILE B 480 -45.17 -12.92 1.33
C ILE B 480 -45.67 -12.03 2.47
N THR B 481 -44.90 -11.02 2.86
CA THR B 481 -45.28 -10.03 3.90
C THR B 481 -45.78 -8.76 3.20
N ARG B 482 -46.89 -8.18 3.69
CA ARG B 482 -47.47 -6.94 3.08
C ARG B 482 -48.39 -6.24 4.07
N PRO B 483 -48.71 -4.95 3.82
CA PRO B 483 -49.80 -4.30 4.53
C PRO B 483 -51.09 -5.07 4.22
N LYS B 484 -51.93 -5.29 5.24
CA LYS B 484 -53.28 -5.91 5.08
C LYS B 484 -54.13 -5.14 4.06
N ASP B 485 -53.93 -3.82 3.92
CA ASP B 485 -54.85 -2.94 3.13
C ASP B 485 -54.33 -2.71 1.71
N VAL B 486 -53.19 -3.30 1.34
CA VAL B 486 -52.65 -3.24 -0.04
C VAL B 486 -53.50 -4.18 -0.89
N LEU B 487 -53.96 -3.69 -2.04
CA LEU B 487 -54.77 -4.47 -3.01
C LEU B 487 -53.81 -5.29 -3.87
N LEU B 488 -54.12 -6.57 -4.10
CA LEU B 488 -53.41 -7.45 -5.06
C LEU B 488 -54.05 -7.24 -6.43
N ASP B 489 -53.82 -6.06 -7.01
CA ASP B 489 -54.42 -5.61 -8.29
C ASP B 489 -53.32 -5.40 -9.34
N GLY B 490 -52.17 -6.03 -9.16
CA GLY B 490 -51.01 -6.01 -10.08
C GLY B 490 -50.35 -4.66 -10.22
N THR B 491 -50.44 -3.79 -9.22
CA THR B 491 -49.83 -2.42 -9.24
C THR B 491 -48.70 -2.30 -8.22
N SER B 492 -48.68 -3.18 -7.21
CA SER B 492 -47.76 -3.09 -6.05
C SER B 492 -46.32 -3.36 -6.50
N PRO B 493 -45.34 -2.59 -6.00
CA PRO B 493 -43.93 -2.95 -6.10
C PRO B 493 -43.63 -4.15 -5.20
N VAL B 494 -42.59 -4.91 -5.56
CA VAL B 494 -42.05 -6.02 -4.72
C VAL B 494 -40.57 -5.78 -4.44
N LEU B 495 -40.17 -6.06 -3.19
CA LEU B 495 -38.76 -6.33 -2.83
C LEU B 495 -38.66 -7.83 -2.58
N GLN B 496 -37.91 -8.54 -3.44
CA GLN B 496 -37.80 -10.01 -3.45
C GLN B 496 -36.37 -10.37 -3.10
N TYR B 497 -36.17 -11.06 -1.95
CA TYR B 497 -34.84 -11.34 -1.35
C TYR B 497 -34.58 -12.83 -1.46
N GLY B 498 -33.37 -13.23 -1.83
CA GLY B 498 -32.99 -14.65 -1.97
C GLY B 498 -31.51 -14.84 -1.70
N TYR B 499 -31.13 -16.10 -1.44
CA TYR B 499 -29.74 -16.54 -1.17
C TYR B 499 -29.50 -17.77 -2.05
N GLY B 500 -30.03 -18.91 -1.67
CA GLY B 500 -29.93 -20.19 -2.42
C GLY B 500 -28.54 -20.80 -2.36
N GLY B 501 -28.16 -21.40 -1.24
CA GLY B 501 -26.87 -22.10 -1.17
C GLY B 501 -26.48 -22.50 0.24
N PHE B 502 -25.46 -23.35 0.33
CA PHE B 502 -24.67 -23.68 1.55
C PHE B 502 -25.57 -24.20 2.66
N SER B 503 -26.72 -24.77 2.30
CA SER B 503 -27.69 -25.34 3.25
C SER B 503 -28.18 -24.24 4.22
N LEU B 504 -28.16 -22.97 3.82
CA LEU B 504 -28.66 -21.86 4.67
C LEU B 504 -30.12 -21.58 4.34
N ALA B 505 -31.01 -21.80 5.29
CA ALA B 505 -32.48 -21.57 5.15
C ALA B 505 -32.76 -20.07 5.31
N MET B 506 -33.65 -19.51 4.48
CA MET B 506 -34.21 -18.14 4.65
C MET B 506 -35.44 -18.22 5.57
N LEU B 507 -35.24 -17.94 6.86
CA LEU B 507 -36.28 -18.10 7.93
C LEU B 507 -37.08 -16.81 8.09
N PRO B 508 -38.32 -16.85 8.63
CA PRO B 508 -38.98 -15.63 9.06
C PRO B 508 -37.99 -14.87 9.95
N THR B 509 -37.72 -13.61 9.63
CA THR B 509 -36.64 -12.77 10.21
C THR B 509 -37.18 -11.34 10.32
N PHE B 510 -37.01 -10.67 11.45
CA PHE B 510 -37.58 -9.32 11.62
C PHE B 510 -36.62 -8.31 10.99
N SER B 511 -37.14 -7.47 10.12
CA SER B 511 -36.45 -6.23 9.66
C SER B 511 -37.46 -5.09 9.62
N LEU B 512 -37.33 -4.15 10.55
CA LEU B 512 -38.11 -2.90 10.57
C LEU B 512 -38.04 -2.20 9.19
N SER B 513 -36.84 -2.13 8.59
CA SER B 513 -36.57 -1.41 7.33
C SER B 513 -37.48 -1.95 6.23
N THR B 514 -37.64 -3.27 6.15
CA THR B 514 -38.47 -3.93 5.12
C THR B 514 -39.96 -3.64 5.35
N LEU B 515 -40.42 -3.55 6.61
CA LEU B 515 -41.85 -3.23 6.87
C LEU B 515 -42.10 -1.77 6.49
N LEU B 516 -41.14 -0.87 6.73
CA LEU B 516 -41.22 0.56 6.34
C LEU B 516 -41.25 0.66 4.80
N PHE B 517 -40.48 -0.15 4.08
CA PHE B 517 -40.53 -0.25 2.59
C PHE B 517 -41.96 -0.61 2.19
N CYS B 518 -42.55 -1.63 2.85
CA CYS B 518 -43.92 -2.11 2.54
C CYS B 518 -44.93 -0.98 2.80
N LYS B 519 -44.79 -0.27 3.93
CA LYS B 519 -45.75 0.80 4.31
C LYS B 519 -45.58 2.00 3.39
N ILE B 520 -44.37 2.56 3.30
CA ILE B 520 -44.07 3.82 2.54
C ILE B 520 -44.38 3.67 1.04
N TYR B 521 -44.15 2.50 0.45
CA TYR B 521 -44.29 2.26 -1.02
C TYR B 521 -45.46 1.31 -1.31
N ARG B 522 -46.25 0.94 -0.31
CA ARG B 522 -47.45 0.10 -0.50
C ARG B 522 -47.02 -1.19 -1.20
N ALA B 523 -45.92 -1.76 -0.70
CA ALA B 523 -45.10 -2.79 -1.37
C ALA B 523 -45.34 -4.16 -0.74
N ILE B 524 -44.90 -5.22 -1.41
CA ILE B 524 -44.90 -6.61 -0.91
C ILE B 524 -43.44 -7.01 -0.66
N TYR B 525 -43.16 -7.80 0.39
CA TYR B 525 -41.81 -8.35 0.68
C TYR B 525 -41.86 -9.86 0.50
N ALA B 526 -41.17 -10.36 -0.54
CA ALA B 526 -41.26 -11.77 -1.01
C ALA B 526 -39.95 -12.51 -0.71
N ILE B 527 -40.04 -13.68 -0.08
CA ILE B 527 -38.90 -14.56 0.30
C ILE B 527 -39.19 -15.94 -0.24
N PRO B 528 -38.83 -16.24 -1.51
CA PRO B 528 -38.99 -17.58 -2.03
C PRO B 528 -37.92 -18.51 -1.42
N ASN B 529 -38.32 -19.67 -0.89
CA ASN B 529 -37.39 -20.65 -0.25
C ASN B 529 -36.78 -21.53 -1.36
N ILE B 530 -35.93 -20.91 -2.18
CA ILE B 530 -35.34 -21.55 -3.39
C ILE B 530 -34.35 -22.65 -2.99
N ARG B 531 -34.05 -23.55 -3.93
CA ARG B 531 -33.09 -24.66 -3.75
C ARG B 531 -31.70 -24.11 -3.45
N GLY B 532 -30.83 -24.96 -2.89
CA GLY B 532 -29.55 -24.52 -2.30
C GLY B 532 -29.65 -24.38 -0.79
N GLY B 533 -30.81 -24.01 -0.24
CA GLY B 533 -30.99 -23.92 1.22
C GLY B 533 -31.30 -25.29 1.82
N SER B 534 -31.55 -25.33 3.14
CA SER B 534 -31.88 -26.53 3.94
C SER B 534 -33.38 -26.59 4.26
N GLU B 535 -34.20 -25.69 3.69
CA GLU B 535 -35.63 -25.55 4.03
C GLU B 535 -36.31 -26.92 3.93
N TYR B 536 -36.05 -27.68 2.86
CA TYR B 536 -36.68 -29.01 2.65
C TYR B 536 -35.63 -30.10 2.88
N GLY B 537 -34.67 -29.84 3.78
CA GLY B 537 -33.63 -30.80 4.17
C GLY B 537 -32.40 -30.63 3.31
N GLU B 538 -31.39 -31.47 3.54
CA GLU B 538 -30.07 -31.35 2.87
C GLU B 538 -30.22 -31.62 1.37
N SER B 539 -31.18 -32.45 0.98
CA SER B 539 -31.46 -32.75 -0.43
C SER B 539 -31.92 -31.49 -1.19
N TRP B 540 -32.52 -30.51 -0.49
CA TRP B 540 -32.89 -29.17 -1.02
C TRP B 540 -31.63 -28.37 -1.42
N HIS B 541 -30.54 -28.51 -0.65
CA HIS B 541 -29.20 -27.96 -0.95
C HIS B 541 -28.60 -28.69 -2.16
N ARG B 542 -28.65 -30.02 -2.15
CA ARG B 542 -28.03 -30.90 -3.19
C ARG B 542 -28.67 -30.60 -4.55
N GLU B 543 -29.95 -30.20 -4.58
CA GLU B 543 -30.70 -29.91 -5.84
C GLU B 543 -30.41 -28.48 -6.33
N GLY B 544 -29.48 -27.76 -5.70
CA GLY B 544 -29.25 -26.32 -5.91
C GLY B 544 -27.78 -25.97 -5.79
N MET B 545 -26.92 -26.90 -6.18
CA MET B 545 -25.44 -26.74 -6.09
C MET B 545 -24.77 -27.42 -7.29
N LEU B 546 -23.48 -27.15 -7.50
CA LEU B 546 -22.66 -27.79 -8.56
C LEU B 546 -23.37 -27.63 -9.92
N ASP B 547 -23.63 -28.72 -10.63
CA ASP B 547 -24.25 -28.71 -11.98
C ASP B 547 -25.74 -28.38 -11.87
N LYS B 548 -26.30 -28.26 -10.66
CA LYS B 548 -27.74 -27.97 -10.44
C LYS B 548 -27.91 -26.55 -9.90
N LYS B 549 -26.85 -25.74 -9.90
CA LYS B 549 -26.90 -24.33 -9.43
C LYS B 549 -27.98 -23.55 -10.22
N GLN B 550 -28.15 -23.86 -11.50
CA GLN B 550 -29.14 -23.21 -12.40
C GLN B 550 -30.54 -23.36 -11.80
N ASN B 551 -30.81 -24.42 -11.02
CA ASN B 551 -32.13 -24.62 -10.36
C ASN B 551 -32.42 -23.43 -9.43
N VAL B 552 -31.39 -22.88 -8.81
CA VAL B 552 -31.50 -21.75 -7.85
C VAL B 552 -32.07 -20.55 -8.60
N PHE B 553 -31.46 -20.19 -9.72
CA PHE B 553 -31.86 -19.01 -10.54
C PHE B 553 -33.28 -19.25 -11.08
N ASP B 554 -33.58 -20.47 -11.54
CA ASP B 554 -34.90 -20.83 -12.12
C ASP B 554 -35.99 -20.68 -11.05
N ASP B 555 -35.73 -21.15 -9.83
CA ASP B 555 -36.66 -21.01 -8.69
C ASP B 555 -36.97 -19.53 -8.49
N PHE B 556 -35.95 -18.68 -8.46
CA PHE B 556 -36.08 -17.23 -8.17
C PHE B 556 -36.85 -16.54 -9.30
N ASN B 557 -36.49 -16.82 -10.56
N ASN B 557 -36.49 -16.82 -10.57
CA ASN B 557 -37.17 -16.26 -11.76
CA ASN B 557 -37.16 -16.27 -11.77
C ASN B 557 -38.65 -16.66 -11.73
C ASN B 557 -38.65 -16.66 -11.73
N ALA B 558 -38.94 -17.94 -11.49
CA ALA B 558 -40.31 -18.49 -11.44
C ALA B 558 -41.13 -17.81 -10.33
N ALA B 559 -40.50 -17.44 -9.20
CA ALA B 559 -41.15 -16.70 -8.09
C ALA B 559 -41.65 -15.34 -8.62
N THR B 560 -40.81 -14.60 -9.32
CA THR B 560 -41.13 -13.29 -9.94
C THR B 560 -42.27 -13.44 -10.94
N GLU B 561 -42.20 -14.42 -11.85
CA GLU B 561 -43.25 -14.64 -12.89
C GLU B 561 -44.57 -14.96 -12.17
N TRP B 562 -44.52 -15.73 -11.07
CA TRP B 562 -45.73 -16.15 -10.33
C TRP B 562 -46.38 -14.93 -9.67
N LEU B 563 -45.59 -14.06 -9.04
CA LEU B 563 -46.07 -12.79 -8.41
C LEU B 563 -46.77 -11.90 -9.45
N ILE B 564 -46.18 -11.78 -10.65
CA ILE B 564 -46.76 -10.95 -11.76
C ILE B 564 -48.07 -11.59 -12.23
N ALA B 565 -48.02 -12.88 -12.57
CA ALA B 565 -49.17 -13.63 -13.15
C ALA B 565 -50.37 -13.55 -12.21
N ASN B 566 -50.13 -13.61 -10.89
CA ASN B 566 -51.21 -13.70 -9.87
C ASN B 566 -51.44 -12.32 -9.23
N LYS B 567 -50.91 -11.26 -9.83
CA LYS B 567 -51.30 -9.84 -9.55
C LYS B 567 -50.90 -9.39 -8.13
N TYR B 568 -49.90 -10.04 -7.54
CA TYR B 568 -49.25 -9.53 -6.29
C TYR B 568 -48.44 -8.27 -6.60
N ALA B 569 -47.85 -8.23 -7.79
CA ALA B 569 -46.80 -7.25 -8.16
C ALA B 569 -46.97 -6.81 -9.61
N SER B 570 -46.71 -5.54 -9.90
CA SER B 570 -46.59 -5.00 -11.28
C SER B 570 -45.36 -5.60 -11.96
N LYS B 571 -45.49 -6.02 -13.23
CA LYS B 571 -44.36 -6.48 -14.08
C LYS B 571 -43.26 -5.41 -14.15
N ASP B 572 -43.59 -4.14 -13.86
CA ASP B 572 -42.67 -3.00 -14.05
C ASP B 572 -42.01 -2.58 -12.74
N ARG B 573 -42.28 -3.28 -11.62
CA ARG B 573 -41.82 -2.85 -10.26
C ARG B 573 -41.28 -4.04 -9.46
N ILE B 574 -40.48 -4.91 -10.10
CA ILE B 574 -39.79 -6.03 -9.41
C ILE B 574 -38.39 -5.55 -9.02
N ALA B 575 -38.14 -5.47 -7.70
CA ALA B 575 -36.78 -5.30 -7.17
C ALA B 575 -36.34 -6.61 -6.54
N ILE B 576 -35.12 -7.03 -6.87
CA ILE B 576 -34.50 -8.26 -6.29
C ILE B 576 -33.26 -7.85 -5.52
N ARG B 577 -32.93 -8.66 -4.52
CA ARG B 577 -31.87 -8.37 -3.55
C ARG B 577 -31.21 -9.68 -3.13
N GLY B 578 -29.92 -9.62 -2.86
CA GLY B 578 -29.05 -10.79 -2.62
C GLY B 578 -27.69 -10.33 -2.13
N GLY B 579 -27.06 -11.14 -1.30
CA GLY B 579 -25.77 -10.83 -0.68
C GLY B 579 -24.87 -12.05 -0.73
N ALA B 580 -23.59 -11.83 -1.00
CA ALA B 580 -22.54 -12.87 -1.05
C ALA B 580 -22.93 -13.91 -2.10
N ASN B 581 -23.28 -15.14 -1.68
CA ASN B 581 -23.78 -16.20 -2.59
C ASN B 581 -25.05 -15.71 -3.27
N GLY B 582 -25.86 -14.95 -2.52
CA GLY B 582 -27.07 -14.25 -3.04
C GLY B 582 -26.73 -13.30 -4.17
N GLY B 583 -25.49 -12.83 -4.28
CA GLY B 583 -25.04 -12.00 -5.43
C GLY B 583 -24.78 -12.81 -6.69
N VAL B 584 -24.49 -14.10 -6.58
CA VAL B 584 -24.48 -15.02 -7.75
C VAL B 584 -25.90 -15.00 -8.31
N LEU B 585 -26.87 -15.09 -7.39
CA LEU B 585 -28.32 -15.17 -7.69
C LEU B 585 -28.76 -13.92 -8.47
N THR B 586 -28.48 -12.74 -7.94
CA THR B 586 -29.03 -11.47 -8.47
C THR B 586 -28.37 -11.17 -9.83
N THR B 587 -27.06 -11.37 -9.96
CA THR B 587 -26.30 -11.07 -11.21
C THR B 587 -26.66 -12.11 -12.29
N ALA B 588 -26.79 -13.39 -11.93
CA ALA B 588 -27.18 -14.44 -12.90
C ALA B 588 -28.59 -14.13 -13.43
N CYS B 589 -29.55 -13.87 -12.55
CA CYS B 589 -30.95 -13.61 -12.94
C CYS B 589 -31.07 -12.33 -13.79
N ALA B 590 -30.31 -11.29 -13.46
CA ALA B 590 -30.25 -10.02 -14.23
C ALA B 590 -29.72 -10.32 -15.63
N ASN B 591 -28.70 -11.18 -15.74
CA ASN B 591 -28.14 -11.66 -17.03
C ASN B 591 -29.17 -12.48 -17.81
N GLN B 592 -29.90 -13.40 -17.17
CA GLN B 592 -30.70 -14.46 -17.85
C GLN B 592 -32.13 -13.98 -18.16
N ALA B 593 -32.66 -12.97 -17.45
CA ALA B 593 -34.02 -12.42 -17.71
C ALA B 593 -34.04 -10.95 -17.31
N PRO B 594 -33.23 -10.08 -17.97
CA PRO B 594 -33.16 -8.67 -17.58
C PRO B 594 -34.52 -7.95 -17.61
N GLY B 595 -35.39 -8.36 -18.54
CA GLY B 595 -36.72 -7.78 -18.73
C GLY B 595 -37.68 -8.02 -17.57
N LEU B 596 -37.40 -9.00 -16.69
CA LEU B 596 -38.24 -9.31 -15.51
C LEU B 596 -38.04 -8.26 -14.42
N TYR B 597 -36.83 -7.70 -14.29
CA TYR B 597 -36.40 -6.93 -13.09
C TYR B 597 -36.33 -5.45 -13.42
N ARG B 598 -36.75 -4.60 -12.49
CA ARG B 598 -36.63 -3.12 -12.64
C ARG B 598 -35.48 -2.61 -11.76
N CYS B 599 -35.06 -3.37 -10.77
CA CYS B 599 -33.99 -2.95 -9.83
C CYS B 599 -33.34 -4.19 -9.25
N VAL B 600 -32.01 -4.20 -9.18
CA VAL B 600 -31.19 -5.31 -8.67
C VAL B 600 -30.21 -4.74 -7.65
N ILE B 601 -30.37 -5.15 -6.39
CA ILE B 601 -29.52 -4.81 -5.21
C ILE B 601 -28.61 -6.02 -4.92
N THR B 602 -27.30 -5.84 -5.07
CA THR B 602 -26.27 -6.87 -4.82
C THR B 602 -25.37 -6.34 -3.70
N ILE B 603 -25.23 -7.11 -2.63
CA ILE B 603 -24.38 -6.78 -1.44
C ILE B 603 -23.22 -7.76 -1.42
N GLU B 604 -21.99 -7.26 -1.44
CA GLU B 604 -20.77 -8.12 -1.34
C GLU B 604 -20.90 -9.32 -2.26
N GLY B 605 -21.27 -9.09 -3.53
CA GLY B 605 -21.54 -10.18 -4.49
C GLY B 605 -20.33 -11.06 -4.78
N ILE B 606 -20.55 -12.37 -4.89
CA ILE B 606 -19.63 -13.35 -5.56
C ILE B 606 -20.12 -13.39 -7.01
N ILE B 607 -19.27 -13.05 -7.98
CA ILE B 607 -19.76 -12.79 -9.37
C ILE B 607 -18.87 -13.50 -10.40
N ASP B 608 -17.55 -13.47 -10.23
CA ASP B 608 -16.60 -14.22 -11.10
C ASP B 608 -16.45 -15.67 -10.61
N MET B 609 -17.22 -16.57 -11.19
CA MET B 609 -17.28 -18.01 -10.85
C MET B 609 -16.09 -18.79 -11.41
N LEU B 610 -15.18 -18.16 -12.16
CA LEU B 610 -13.93 -18.83 -12.60
C LEU B 610 -12.79 -18.51 -11.63
N ARG B 611 -12.71 -17.27 -11.16
CA ARG B 611 -11.54 -16.78 -10.40
C ARG B 611 -11.82 -16.84 -8.89
N PHE B 612 -13.02 -17.20 -8.43
CA PHE B 612 -13.36 -17.14 -6.97
C PHE B 612 -12.35 -17.89 -6.11
N PRO B 613 -11.81 -19.08 -6.50
CA PRO B 613 -10.88 -19.81 -5.64
C PRO B 613 -9.53 -19.14 -5.33
N LYS B 614 -9.16 -18.12 -6.10
CA LYS B 614 -7.82 -17.50 -6.04
C LYS B 614 -7.73 -16.47 -4.90
N PHE B 615 -8.85 -16.12 -4.27
CA PHE B 615 -8.90 -15.02 -3.27
C PHE B 615 -9.45 -15.51 -1.91
N THR B 616 -8.83 -15.00 -0.85
CA THR B 616 -9.14 -15.28 0.58
C THR B 616 -9.68 -16.70 0.73
N PHE B 617 -10.96 -16.85 1.02
CA PHE B 617 -11.59 -18.13 1.44
C PHE B 617 -12.34 -18.73 0.26
N GLY B 618 -12.17 -18.18 -0.94
CA GLY B 618 -12.95 -18.59 -2.13
C GLY B 618 -12.80 -20.06 -2.45
N ALA B 619 -11.61 -20.63 -2.30
CA ALA B 619 -11.33 -22.03 -2.68
C ALA B 619 -12.24 -22.99 -1.91
N SER B 620 -12.65 -22.63 -0.68
CA SER B 620 -13.53 -23.49 0.13
C SER B 620 -14.87 -23.67 -0.60
N TRP B 621 -15.31 -22.69 -1.39
CA TRP B 621 -16.64 -22.69 -2.08
C TRP B 621 -16.65 -23.62 -3.31
N ARG B 622 -15.52 -24.21 -3.70
CA ARG B 622 -15.46 -25.23 -4.79
C ARG B 622 -16.38 -26.41 -4.49
N SER B 623 -16.66 -26.74 -3.22
CA SER B 623 -17.62 -27.82 -2.87
C SER B 623 -19.04 -27.42 -3.28
N GLU B 624 -19.36 -26.13 -3.28
CA GLU B 624 -20.70 -25.61 -3.63
C GLU B 624 -20.81 -25.37 -5.16
N TYR B 625 -19.86 -24.66 -5.73
CA TYR B 625 -19.93 -24.17 -7.13
C TYR B 625 -19.28 -25.16 -8.11
N GLY B 626 -18.34 -25.98 -7.64
CA GLY B 626 -17.48 -26.84 -8.45
C GLY B 626 -16.11 -26.22 -8.57
N ASP B 627 -15.16 -26.94 -9.19
CA ASP B 627 -13.78 -26.49 -9.40
C ASP B 627 -13.67 -25.94 -10.83
N PRO B 628 -13.50 -24.62 -11.02
CA PRO B 628 -13.43 -24.05 -12.38
C PRO B 628 -12.23 -24.57 -13.19
N GLU B 629 -11.18 -25.07 -12.53
CA GLU B 629 -9.98 -25.62 -13.21
C GLU B 629 -10.17 -27.11 -13.48
N ASP B 630 -11.34 -27.67 -13.22
CA ASP B 630 -11.67 -29.07 -13.58
C ASP B 630 -12.44 -29.01 -14.88
N PRO B 631 -12.02 -29.77 -15.92
CA PRO B 631 -12.62 -29.63 -17.25
C PRO B 631 -14.13 -29.85 -17.27
N GLU B 632 -14.65 -30.78 -16.46
CA GLU B 632 -16.10 -31.12 -16.44
C GLU B 632 -16.87 -29.99 -15.73
N ASP B 633 -16.36 -29.53 -14.59
CA ASP B 633 -16.99 -28.47 -13.77
C ASP B 633 -16.95 -27.16 -14.56
N PHE B 634 -15.83 -26.86 -15.22
CA PHE B 634 -15.71 -25.61 -16.03
C PHE B 634 -16.96 -25.39 -16.89
N ASP B 635 -17.42 -26.45 -17.55
CA ASP B 635 -18.50 -26.39 -18.57
C ASP B 635 -19.81 -25.89 -17.95
N PHE B 636 -20.21 -26.42 -16.78
CA PHE B 636 -21.50 -26.02 -16.16
C PHE B 636 -21.34 -24.68 -15.43
N ILE B 637 -20.14 -24.33 -14.97
CA ILE B 637 -19.90 -23.03 -14.29
C ILE B 637 -19.94 -21.91 -15.31
N PHE B 638 -19.26 -22.11 -16.44
CA PHE B 638 -19.10 -21.08 -17.51
C PHE B 638 -20.47 -20.67 -18.06
N LYS B 639 -21.43 -21.59 -18.17
CA LYS B 639 -22.80 -21.32 -18.67
C LYS B 639 -23.45 -20.18 -17.86
N TYR B 640 -23.30 -20.16 -16.51
CA TYR B 640 -24.02 -19.15 -15.70
C TYR B 640 -23.07 -18.10 -15.13
N SER B 641 -21.76 -18.31 -15.08
CA SER B 641 -20.84 -17.36 -14.41
C SER B 641 -21.24 -15.94 -14.79
N PRO B 642 -21.91 -15.17 -13.90
CA PRO B 642 -22.49 -13.89 -14.29
C PRO B 642 -21.48 -12.92 -14.91
N TYR B 643 -20.24 -12.87 -14.40
CA TYR B 643 -19.21 -11.96 -14.93
C TYR B 643 -18.96 -12.26 -16.41
N HIS B 644 -19.17 -13.50 -16.85
CA HIS B 644 -18.88 -14.00 -18.22
C HIS B 644 -20.14 -14.15 -19.06
N ASN B 645 -21.31 -13.75 -18.60
CA ASN B 645 -22.58 -13.96 -19.35
C ASN B 645 -23.41 -12.69 -19.39
N ILE B 646 -22.79 -11.51 -19.28
CA ILE B 646 -23.50 -10.22 -19.49
C ILE B 646 -24.03 -10.28 -20.90
N PRO B 647 -25.31 -9.91 -21.17
CA PRO B 647 -25.83 -9.81 -22.53
C PRO B 647 -25.08 -8.83 -23.42
N PRO B 648 -24.88 -9.14 -24.73
CA PRO B 648 -24.18 -8.25 -25.64
C PRO B 648 -24.79 -6.85 -25.67
N PRO B 649 -24.00 -5.80 -25.99
CA PRO B 649 -24.56 -4.46 -26.20
C PRO B 649 -25.66 -4.51 -27.27
N GLY B 650 -26.69 -3.66 -27.17
CA GLY B 650 -27.77 -3.58 -28.18
C GLY B 650 -29.09 -3.26 -27.51
N ASP B 651 -30.14 -4.00 -27.89
CA ASP B 651 -31.53 -3.71 -27.45
C ASP B 651 -31.84 -4.38 -26.09
N THR B 652 -30.92 -5.12 -25.45
CA THR B 652 -31.14 -5.59 -24.05
C THR B 652 -31.28 -4.34 -23.18
N VAL B 653 -32.41 -4.24 -22.48
CA VAL B 653 -32.63 -3.21 -21.44
C VAL B 653 -32.26 -3.84 -20.10
N MET B 654 -31.06 -3.50 -19.62
CA MET B 654 -30.52 -3.97 -18.34
C MET B 654 -31.25 -3.21 -17.24
N PRO B 655 -31.72 -3.90 -16.18
CA PRO B 655 -32.31 -3.19 -15.03
C PRO B 655 -31.28 -2.24 -14.40
N ALA B 656 -31.74 -1.20 -13.73
CA ALA B 656 -30.95 -0.42 -12.76
C ALA B 656 -30.36 -1.38 -11.70
N MET B 657 -29.10 -1.16 -11.32
CA MET B 657 -28.32 -2.10 -10.48
C MET B 657 -27.48 -1.28 -9.50
N LEU B 658 -27.56 -1.63 -8.20
CA LEU B 658 -26.75 -0.98 -7.16
C LEU B 658 -25.95 -2.07 -6.47
N PHE B 659 -24.62 -1.98 -6.51
CA PHE B 659 -23.68 -2.93 -5.87
C PHE B 659 -23.13 -2.29 -4.60
N PHE B 660 -23.32 -2.91 -3.44
CA PHE B 660 -22.72 -2.50 -2.14
C PHE B 660 -21.45 -3.32 -1.92
N THR B 661 -20.34 -2.69 -1.54
CA THR B 661 -19.11 -3.40 -1.11
C THR B 661 -18.25 -2.45 -0.28
N ALA B 662 -17.39 -3.00 0.58
CA ALA B 662 -16.26 -2.29 1.24
C ALA B 662 -15.08 -2.27 0.28
N ALA B 663 -14.05 -1.46 0.58
CA ALA B 663 -12.81 -1.37 -0.20
C ALA B 663 -11.92 -2.57 0.13
N TYR B 664 -11.87 -2.96 1.42
CA TYR B 664 -11.28 -4.25 1.89
C TYR B 664 -12.39 -5.08 2.53
N ASP B 665 -12.55 -6.32 2.06
CA ASP B 665 -13.49 -7.33 2.63
C ASP B 665 -12.85 -8.70 2.45
N ASP B 666 -12.58 -9.40 3.55
CA ASP B 666 -11.89 -10.72 3.60
C ASP B 666 -12.82 -11.82 3.12
N ARG B 667 -14.12 -11.68 3.34
CA ARG B 667 -15.10 -12.78 3.19
C ARG B 667 -15.44 -12.93 1.70
N VAL B 668 -15.76 -11.82 1.03
CA VAL B 668 -15.92 -11.77 -0.45
C VAL B 668 -15.07 -10.62 -0.97
N SER B 669 -13.99 -10.94 -1.69
CA SER B 669 -13.04 -9.92 -2.21
C SER B 669 -13.85 -8.98 -3.10
N PRO B 670 -13.76 -7.65 -2.86
CA PRO B 670 -14.57 -6.68 -3.59
C PRO B 670 -14.26 -6.65 -5.11
N LEU B 671 -13.18 -7.31 -5.56
CA LEU B 671 -12.82 -7.44 -6.99
C LEU B 671 -14.00 -8.00 -7.80
N HIS B 672 -14.81 -8.88 -7.19
CA HIS B 672 -16.02 -9.44 -7.85
C HIS B 672 -16.92 -8.29 -8.29
N THR B 673 -17.21 -7.36 -7.38
CA THR B 673 -18.06 -6.18 -7.67
C THR B 673 -17.34 -5.23 -8.62
N PHE B 674 -16.07 -4.92 -8.34
CA PHE B 674 -15.24 -3.98 -9.14
C PHE B 674 -15.33 -4.39 -10.61
N LYS B 675 -14.96 -5.64 -10.91
CA LYS B 675 -14.88 -6.13 -12.30
C LYS B 675 -16.27 -6.14 -12.93
N HIS B 676 -17.31 -6.60 -12.22
CA HIS B 676 -18.66 -6.74 -12.83
C HIS B 676 -19.25 -5.37 -13.18
N VAL B 677 -19.06 -4.39 -12.28
CA VAL B 677 -19.56 -3.00 -12.49
C VAL B 677 -18.92 -2.43 -13.76
N ALA B 678 -17.59 -2.56 -13.91
CA ALA B 678 -16.83 -2.07 -15.07
C ALA B 678 -17.41 -2.70 -16.33
N ALA B 679 -17.56 -4.03 -16.35
CA ALA B 679 -17.99 -4.79 -17.54
C ALA B 679 -19.41 -4.35 -17.94
N LEU B 680 -20.30 -4.16 -16.96
CA LEU B 680 -21.70 -3.72 -17.21
C LEU B 680 -21.71 -2.30 -17.81
N GLN B 681 -20.93 -1.38 -17.23
CA GLN B 681 -20.89 0.04 -17.63
C GLN B 681 -20.36 0.11 -19.07
N HIS B 682 -19.31 -0.65 -19.35
CA HIS B 682 -18.68 -0.78 -20.69
C HIS B 682 -19.67 -1.39 -21.69
N ASN B 683 -20.41 -2.42 -21.28
CA ASN B 683 -21.34 -3.11 -22.22
C ASN B 683 -22.55 -2.21 -22.48
N PHE B 684 -23.00 -1.45 -21.47
CA PHE B 684 -24.21 -0.57 -21.55
C PHE B 684 -23.84 0.86 -21.14
N PRO B 685 -23.00 1.56 -21.94
CA PRO B 685 -22.46 2.85 -21.52
C PRO B 685 -23.51 3.98 -21.35
N LYS B 686 -24.70 3.77 -21.97
CA LYS B 686 -25.80 4.76 -22.05
C LYS B 686 -26.99 4.31 -21.19
N GLY B 687 -26.82 3.32 -20.31
CA GLY B 687 -27.96 2.74 -19.58
C GLY B 687 -28.92 2.01 -20.52
N PRO B 688 -30.21 2.42 -20.61
CA PRO B 688 -30.73 3.63 -19.95
C PRO B 688 -30.84 3.61 -18.42
N ASN B 689 -30.66 2.46 -17.78
CA ASN B 689 -30.82 2.33 -16.30
C ASN B 689 -29.42 2.27 -15.68
N PRO B 690 -29.12 3.08 -14.65
CA PRO B 690 -27.74 3.25 -14.21
C PRO B 690 -27.27 2.00 -13.44
N CYS B 691 -25.98 1.67 -13.57
CA CYS B 691 -25.29 0.58 -12.84
C CYS B 691 -24.23 1.22 -11.93
N LEU B 692 -24.39 1.12 -10.61
CA LEU B 692 -23.64 1.97 -9.64
C LEU B 692 -22.95 1.09 -8.60
N MET B 693 -21.77 1.52 -8.15
CA MET B 693 -21.06 0.90 -7.01
C MET B 693 -21.09 1.87 -5.83
N ARG B 694 -21.81 1.48 -4.78
CA ARG B 694 -21.88 2.19 -3.49
C ARG B 694 -20.84 1.55 -2.57
N ILE B 695 -19.75 2.24 -2.28
CA ILE B 695 -18.59 1.64 -1.56
C ILE B 695 -18.40 2.36 -0.22
N ASP B 696 -18.23 1.57 0.84
CA ASP B 696 -17.81 2.04 2.20
C ASP B 696 -16.29 1.93 2.28
N LEU B 697 -15.59 3.03 2.57
CA LEU B 697 -14.11 3.05 2.78
C LEU B 697 -13.77 2.70 4.25
N ASN B 698 -14.76 2.43 5.10
CA ASN B 698 -14.57 2.16 6.56
C ASN B 698 -14.81 0.68 6.87
N SER B 699 -15.94 0.12 6.43
CA SER B 699 -16.54 -1.13 6.95
C SER B 699 -15.85 -2.38 6.38
N GLY B 700 -16.37 -3.57 6.72
CA GLY B 700 -15.76 -4.89 6.44
C GLY B 700 -16.60 -5.76 5.54
N HIS B 701 -17.91 -5.88 5.77
CA HIS B 701 -18.87 -6.62 4.89
C HIS B 701 -20.08 -5.72 4.57
N GLY B 704 -20.14 -6.78 11.43
CA GLY B 704 -20.30 -5.96 12.65
C GLY B 704 -20.49 -4.49 12.31
N LYS B 705 -21.49 -4.21 11.47
CA LYS B 705 -21.79 -2.86 10.90
C LYS B 705 -22.47 -1.96 11.95
N SER B 706 -22.14 -0.67 11.97
CA SER B 706 -22.75 0.34 12.86
C SER B 706 -24.20 0.63 12.43
N THR B 707 -25.06 1.05 13.35
CA THR B 707 -26.49 1.38 13.05
C THR B 707 -26.50 2.57 12.08
N GLN B 708 -25.64 3.57 12.25
CA GLN B 708 -25.54 4.77 11.35
C GLN B 708 -25.26 4.32 9.92
N GLU B 709 -24.27 3.44 9.73
CA GLU B 709 -23.83 2.95 8.40
C GLU B 709 -24.95 2.14 7.78
N MET B 710 -25.57 1.24 8.55
CA MET B 710 -26.71 0.38 8.11
C MET B 710 -27.84 1.27 7.60
N LEU B 711 -28.18 2.35 8.31
CA LEU B 711 -29.30 3.26 7.93
C LEU B 711 -28.92 4.05 6.68
N GLU B 712 -27.67 4.52 6.58
CA GLU B 712 -27.21 5.32 5.40
C GLU B 712 -27.21 4.41 4.16
N GLU B 713 -26.80 3.16 4.33
CA GLU B 713 -26.84 2.10 3.27
C GLU B 713 -28.30 1.78 2.92
N THR B 714 -29.17 1.64 3.91
CA THR B 714 -30.60 1.29 3.69
C THR B 714 -31.27 2.44 2.95
N ALA B 715 -30.92 3.69 3.27
CA ALA B 715 -31.51 4.90 2.68
C ALA B 715 -31.12 4.99 1.19
N ASP B 716 -29.87 4.66 0.85
CA ASP B 716 -29.38 4.55 -0.56
C ASP B 716 -30.17 3.46 -1.28
N GLU B 717 -30.29 2.28 -0.66
CA GLU B 717 -30.93 1.10 -1.26
C GLU B 717 -32.36 1.46 -1.61
N TYR B 718 -33.15 1.89 -0.62
CA TYR B 718 -34.60 2.16 -0.77
C TYR B 718 -34.82 3.34 -1.72
N SER B 719 -34.06 4.43 -1.59
CA SER B 719 -34.21 5.65 -2.42
C SER B 719 -33.87 5.29 -3.88
N PHE B 720 -32.87 4.45 -4.09
CA PHE B 720 -32.45 3.96 -5.43
C PHE B 720 -33.54 3.06 -6.00
N ILE B 721 -34.15 2.18 -5.20
CA ILE B 721 -35.28 1.33 -5.70
C ILE B 721 -36.44 2.27 -6.09
N GLY B 722 -36.73 3.25 -5.24
CA GLY B 722 -37.80 4.25 -5.46
C GLY B 722 -37.62 4.98 -6.78
N LYS B 723 -36.42 5.52 -7.01
CA LYS B 723 -36.04 6.25 -8.24
C LYS B 723 -36.18 5.31 -9.44
N SER B 724 -35.57 4.12 -9.36
CA SER B 724 -35.46 3.17 -10.50
C SER B 724 -36.85 2.66 -10.91
N MET B 725 -37.81 2.57 -9.98
CA MET B 725 -39.11 1.92 -10.28
C MET B 725 -40.25 2.95 -10.29
N GLY B 726 -39.93 4.25 -10.17
CA GLY B 726 -40.88 5.38 -10.30
C GLY B 726 -41.87 5.46 -9.14
N LEU B 727 -41.43 5.15 -7.91
CA LEU B 727 -42.31 5.04 -6.73
C LEU B 727 -42.37 6.39 -6.00
N THR B 728 -43.56 6.77 -5.53
CA THR B 728 -43.78 7.94 -4.66
C THR B 728 -43.85 7.45 -3.21
N MET B 729 -43.15 8.15 -2.30
CA MET B 729 -43.19 7.88 -0.84
C MET B 729 -44.50 8.41 -0.26
N GLN B 730 -45.33 7.53 0.32
CA GLN B 730 -46.52 7.93 1.13
C GLN B 730 -46.06 8.31 2.54
N THR B 731 -46.26 9.57 2.95
CA THR B 731 -45.49 10.25 4.05
C THR B 731 -45.81 9.66 5.43
N PRO C 4 36.65 -49.99 26.80
CA PRO C 4 37.49 -49.66 25.63
C PRO C 4 38.23 -48.33 25.80
N GLY C 5 39.53 -48.31 25.48
CA GLY C 5 40.44 -47.15 25.64
C GLY C 5 39.96 -45.90 24.92
N TRP C 6 39.16 -46.04 23.86
CA TRP C 6 38.63 -44.91 23.04
C TRP C 6 37.44 -44.24 23.72
N GLY C 7 36.76 -44.94 24.65
CA GLY C 7 35.56 -44.44 25.34
C GLY C 7 35.93 -43.52 26.50
N PRO C 8 34.95 -42.96 27.24
CA PRO C 8 33.53 -43.09 26.90
C PRO C 8 33.06 -42.13 25.80
N TYR C 9 31.81 -42.33 25.35
CA TYR C 9 31.14 -41.49 24.33
C TYR C 9 30.86 -40.11 24.90
N PRO C 10 30.80 -39.06 24.05
CA PRO C 10 30.26 -37.77 24.48
C PRO C 10 28.83 -37.95 24.97
N PRO C 11 28.45 -37.27 26.06
CA PRO C 11 27.08 -37.34 26.56
C PRO C 11 26.12 -36.69 25.55
N VAL C 12 24.88 -37.19 25.52
CA VAL C 12 23.76 -36.61 24.71
C VAL C 12 22.52 -36.50 25.60
N GLU C 13 22.02 -35.28 25.79
CA GLU C 13 20.76 -35.00 26.51
C GLU C 13 19.63 -35.83 25.91
N ARG C 14 18.85 -36.47 26.77
CA ARG C 14 17.62 -37.23 26.43
C ARG C 14 16.40 -36.44 26.91
N ASP C 15 15.32 -36.44 26.12
CA ASP C 15 13.96 -36.02 26.56
C ASP C 15 13.13 -37.31 26.72
N GLU C 16 13.01 -37.80 27.96
CA GLU C 16 12.35 -39.08 28.32
C GLU C 16 10.82 -39.01 28.10
N THR C 17 10.23 -37.82 27.98
CA THR C 17 8.76 -37.63 27.82
C THR C 17 8.35 -37.44 26.35
N SER C 18 9.28 -37.18 25.43
CA SER C 18 8.98 -36.76 24.04
C SER C 18 8.45 -37.97 23.26
N ALA C 19 7.18 -37.95 22.83
CA ALA C 19 6.57 -39.02 22.02
C ALA C 19 5.59 -38.46 20.96
N ILE C 20 5.33 -39.27 19.93
CA ILE C 20 4.24 -39.03 18.95
C ILE C 20 3.40 -40.31 18.88
N THR C 21 2.08 -40.15 18.78
CA THR C 21 1.11 -41.26 18.58
C THR C 21 0.79 -41.35 17.08
N TYR C 22 0.93 -42.55 16.52
CA TYR C 22 0.64 -42.89 15.11
C TYR C 22 -0.57 -43.83 15.08
N SER C 23 -1.46 -43.62 14.12
CA SER C 23 -2.55 -44.57 13.81
C SER C 23 -1.92 -45.86 13.26
N SER C 24 -2.50 -47.02 13.57
CA SER C 24 -2.00 -48.36 13.14
C SER C 24 -3.19 -49.23 12.77
N LYS C 25 -3.15 -49.90 11.61
CA LYS C 25 -4.22 -50.85 11.22
C LYS C 25 -4.26 -51.99 12.24
N LEU C 26 -3.10 -52.52 12.63
CA LEU C 26 -3.00 -53.75 13.46
C LEU C 26 -3.32 -53.43 14.93
N HIS C 27 -2.83 -52.31 15.46
CA HIS C 27 -2.78 -52.02 16.93
C HIS C 27 -3.71 -50.87 17.30
N GLY C 28 -4.46 -50.30 16.36
CA GLY C 28 -5.30 -49.11 16.57
C GLY C 28 -4.46 -47.84 16.58
N SER C 29 -3.63 -47.65 17.61
CA SER C 29 -2.58 -46.61 17.61
C SER C 29 -1.34 -47.10 18.37
N VAL C 30 -0.20 -46.51 18.04
CA VAL C 30 1.13 -46.83 18.65
C VAL C 30 1.79 -45.51 19.04
N THR C 31 2.07 -45.34 20.32
CA THR C 31 2.80 -44.17 20.86
C THR C 31 4.29 -44.52 20.80
N VAL C 32 5.06 -43.76 20.01
CA VAL C 32 6.50 -43.99 19.77
C VAL C 32 7.25 -42.92 20.55
N ARG C 33 8.19 -43.33 21.41
CA ARG C 33 9.06 -42.40 22.17
C ARG C 33 10.26 -42.03 21.28
N ASP C 34 10.66 -40.75 21.30
CA ASP C 34 11.86 -40.24 20.60
C ASP C 34 12.65 -39.36 21.57
N PRO C 35 13.56 -39.94 22.37
CA PRO C 35 14.33 -39.14 23.34
C PRO C 35 15.37 -38.20 22.71
N TYR C 36 15.60 -38.26 21.39
CA TYR C 36 16.58 -37.38 20.70
C TYR C 36 15.88 -36.40 19.75
N SER C 37 14.58 -36.17 19.96
CA SER C 37 13.70 -35.28 19.17
C SER C 37 14.29 -33.88 19.07
N GLN C 38 14.99 -33.41 20.12
CA GLN C 38 15.61 -32.06 20.17
C GLN C 38 16.62 -31.92 19.02
N LEU C 39 17.28 -33.00 18.59
CA LEU C 39 18.33 -32.95 17.54
C LEU C 39 17.71 -32.79 16.15
N GLU C 40 16.37 -32.66 16.04
CA GLU C 40 15.65 -32.28 14.80
C GLU C 40 15.74 -30.77 14.56
N VAL C 41 16.15 -30.01 15.59
CA VAL C 41 16.33 -28.54 15.48
C VAL C 41 17.66 -28.30 14.76
N PRO C 42 17.68 -27.52 13.66
CA PRO C 42 18.94 -27.27 12.94
C PRO C 42 20.06 -26.75 13.84
N PHE C 43 21.29 -27.19 13.55
CA PHE C 43 22.57 -26.73 14.14
C PHE C 43 22.52 -25.21 14.41
N GLU C 44 22.09 -24.43 13.41
CA GLU C 44 22.06 -22.94 13.43
C GLU C 44 21.19 -22.42 14.59
N ASP C 45 20.13 -23.14 14.97
CA ASP C 45 19.00 -22.62 15.79
C ASP C 45 19.03 -23.15 17.24
N SER C 46 19.97 -24.03 17.60
CA SER C 46 19.98 -24.78 18.89
C SER C 46 21.39 -24.97 19.42
N GLU C 47 21.66 -24.49 20.64
CA GLU C 47 22.92 -24.72 21.41
C GLU C 47 23.10 -26.23 21.68
N GLU C 48 22.01 -26.95 21.96
CA GLU C 48 22.03 -28.42 22.21
C GLU C 48 22.56 -29.14 20.97
N THR C 49 21.98 -28.86 19.81
CA THR C 49 22.40 -29.44 18.50
C THR C 49 23.86 -29.05 18.23
N LYS C 50 24.25 -27.80 18.50
CA LYS C 50 25.66 -27.31 18.38
C LYS C 50 26.59 -28.15 19.28
N ALA C 51 26.25 -28.32 20.56
CA ALA C 51 27.06 -29.08 21.53
C ALA C 51 27.24 -30.52 21.04
N PHE C 52 26.16 -31.16 20.54
CA PHE C 52 26.19 -32.54 20.00
C PHE C 52 27.15 -32.64 18.81
N VAL C 53 26.95 -31.80 17.80
CA VAL C 53 27.78 -31.80 16.55
C VAL C 53 29.25 -31.66 16.96
N HIS C 54 29.57 -30.64 17.78
CA HIS C 54 30.97 -30.26 18.13
C HIS C 54 31.65 -31.38 18.93
N SER C 55 30.97 -31.91 19.96
CA SER C 55 31.51 -33.01 20.81
C SER C 55 31.65 -34.27 19.98
N GLN C 56 30.63 -34.65 19.20
CA GLN C 56 30.68 -35.87 18.35
C GLN C 56 31.75 -35.73 17.26
N ARG C 57 31.93 -34.52 16.71
CA ARG C 57 32.92 -34.24 15.62
C ARG C 57 34.33 -34.48 16.15
N LYS C 58 34.68 -33.84 17.28
CA LYS C 58 36.01 -33.91 17.92
C LYS C 58 36.30 -35.37 18.32
N PHE C 59 35.31 -36.07 18.87
CA PHE C 59 35.42 -37.48 19.32
C PHE C 59 35.80 -38.37 18.13
N ALA C 60 35.07 -38.27 17.03
CA ALA C 60 35.34 -39.02 15.77
C ALA C 60 36.73 -38.65 15.23
N ARG C 61 37.05 -37.35 15.18
CA ARG C 61 38.32 -36.78 14.63
C ARG C 61 39.49 -37.35 15.41
N THR C 62 39.37 -37.41 16.75
CA THR C 62 40.38 -37.98 17.67
C THR C 62 40.61 -39.46 17.35
N TYR C 63 39.55 -40.26 17.25
CA TYR C 63 39.67 -41.72 17.03
C TYR C 63 40.34 -41.97 15.66
N LEU C 64 39.87 -41.27 14.62
CA LEU C 64 40.30 -41.47 13.20
C LEU C 64 41.76 -41.03 13.01
N ASP C 65 42.14 -39.88 13.57
CA ASP C 65 43.50 -39.28 13.41
C ASP C 65 44.52 -40.01 14.30
N GLU C 66 44.06 -40.83 15.26
CA GLU C 66 44.96 -41.62 16.15
C GLU C 66 45.54 -42.80 15.37
N ASN C 67 44.85 -43.24 14.31
CA ASN C 67 45.30 -44.34 13.42
C ASN C 67 46.32 -43.79 12.42
N PRO C 68 47.59 -44.25 12.44
CA PRO C 68 48.61 -43.75 11.52
C PRO C 68 48.24 -44.01 10.05
N ASP C 69 47.49 -45.09 9.80
CA ASP C 69 46.99 -45.52 8.46
C ASP C 69 46.05 -44.46 7.85
N ARG C 70 45.50 -43.55 8.66
CA ARG C 70 44.68 -42.42 8.15
C ARG C 70 45.56 -41.57 7.22
N GLU C 71 46.74 -41.15 7.69
CA GLU C 71 47.72 -40.35 6.89
C GLU C 71 48.24 -41.20 5.73
N ALA C 72 48.58 -42.48 5.99
CA ALA C 72 49.11 -43.40 4.96
C ALA C 72 48.10 -43.46 3.80
N TRP C 73 46.82 -43.63 4.13
CA TRP C 73 45.71 -43.69 3.15
C TRP C 73 45.61 -42.35 2.39
N LEU C 74 45.62 -41.22 3.11
CA LEU C 74 45.45 -39.88 2.48
C LEU C 74 46.55 -39.67 1.42
N GLU C 75 47.80 -40.08 1.69
CA GLU C 75 48.97 -39.86 0.78
C GLU C 75 48.90 -40.82 -0.41
N THR C 76 48.54 -42.09 -0.17
CA THR C 76 48.26 -43.11 -1.22
C THR C 76 47.20 -42.56 -2.16
N LEU C 77 46.08 -42.05 -1.63
CA LEU C 77 44.91 -41.57 -2.42
C LEU C 77 45.33 -40.35 -3.25
N LYS C 78 46.03 -39.41 -2.62
CA LYS C 78 46.46 -38.10 -3.16
C LYS C 78 47.38 -38.33 -4.37
N LYS C 79 48.39 -39.20 -4.23
CA LYS C 79 49.37 -39.45 -5.32
C LYS C 79 48.67 -40.19 -6.47
N SER C 80 47.80 -41.18 -6.18
CA SER C 80 47.15 -42.02 -7.22
C SER C 80 46.07 -41.21 -7.96
N TRP C 81 45.37 -40.30 -7.27
CA TRP C 81 44.27 -39.48 -7.88
C TRP C 81 44.81 -38.39 -8.81
N ASN C 82 46.13 -38.17 -8.84
CA ASN C 82 46.76 -37.10 -9.64
C ASN C 82 46.92 -37.61 -11.09
N TYR C 83 45.80 -37.84 -11.77
CA TYR C 83 45.75 -38.32 -13.17
C TYR C 83 44.73 -37.45 -13.94
N ARG C 84 45.02 -37.20 -15.22
CA ARG C 84 44.19 -36.32 -16.08
C ARG C 84 42.83 -36.98 -16.32
N ARG C 85 41.75 -36.22 -16.11
CA ARG C 85 40.35 -36.66 -16.34
C ARG C 85 39.66 -35.68 -17.29
N PHE C 86 38.78 -36.20 -18.15
CA PHE C 86 38.04 -35.38 -19.12
C PHE C 86 36.73 -36.09 -19.48
N SER C 87 35.77 -35.31 -19.95
CA SER C 87 34.50 -35.78 -20.56
C SER C 87 34.69 -35.98 -22.07
N ALA C 88 33.67 -36.54 -22.70
CA ALA C 88 33.43 -36.51 -24.16
C ALA C 88 33.32 -35.05 -24.61
N LEU C 89 33.66 -34.78 -25.88
CA LEU C 89 33.46 -33.46 -26.50
C LEU C 89 31.96 -33.24 -26.69
N LYS C 90 31.49 -32.01 -26.45
CA LYS C 90 30.05 -31.65 -26.48
C LYS C 90 29.85 -30.51 -27.46
N PRO C 91 29.19 -30.74 -28.60
CA PRO C 91 29.06 -29.69 -29.62
C PRO C 91 28.03 -28.64 -29.16
N GLU C 92 28.38 -27.35 -29.25
CA GLU C 92 27.48 -26.22 -28.84
C GLU C 92 27.19 -25.31 -30.04
N SER C 93 26.22 -24.40 -29.88
CA SER C 93 25.63 -23.58 -30.97
C SER C 93 26.55 -22.43 -31.36
N ASP C 94 27.73 -22.30 -30.74
CA ASP C 94 28.78 -21.30 -31.10
C ASP C 94 29.87 -21.99 -31.93
N GLY C 95 29.61 -23.18 -32.46
CA GLY C 95 30.55 -23.91 -33.35
C GLY C 95 31.82 -24.36 -32.62
N HIS C 96 31.77 -24.53 -31.29
CA HIS C 96 32.85 -25.12 -30.46
C HIS C 96 32.36 -26.44 -29.86
N TYR C 97 33.28 -27.39 -29.70
CA TYR C 97 33.16 -28.50 -28.74
C TYR C 97 33.56 -27.94 -27.37
N TYR C 98 32.83 -28.31 -26.33
CA TYR C 98 33.17 -28.05 -24.91
C TYR C 98 33.50 -29.40 -24.30
N PHE C 99 34.44 -29.42 -23.35
CA PHE C 99 34.78 -30.65 -22.58
C PHE C 99 35.26 -30.26 -21.18
N GLU C 100 34.94 -31.13 -20.21
CA GLU C 100 35.44 -31.01 -18.82
C GLU C 100 36.88 -31.54 -18.79
N TYR C 101 37.72 -30.90 -17.98
CA TYR C 101 39.12 -31.32 -17.74
C TYR C 101 39.50 -31.10 -16.28
N ASN C 102 40.25 -32.05 -15.73
CA ASN C 102 40.98 -31.91 -14.45
C ASN C 102 42.40 -32.45 -14.67
N ASP C 103 43.42 -31.65 -14.35
CA ASP C 103 44.85 -32.03 -14.48
C ASP C 103 45.22 -33.11 -13.45
N GLY C 104 44.38 -33.30 -12.42
CA GLY C 104 44.59 -34.35 -11.42
C GLY C 104 43.98 -33.99 -10.07
N LEU C 105 44.46 -32.93 -9.44
CA LEU C 105 44.13 -32.57 -8.02
C LEU C 105 43.52 -31.17 -7.93
N GLN C 106 42.89 -30.67 -8.99
CA GLN C 106 42.11 -29.41 -8.91
C GLN C 106 40.80 -29.71 -8.18
N SER C 107 40.30 -28.77 -7.37
CA SER C 107 39.07 -28.94 -6.54
C SER C 107 37.91 -29.41 -7.42
N GLN C 108 37.71 -28.74 -8.56
CA GLN C 108 36.57 -28.87 -9.48
C GLN C 108 37.08 -29.06 -10.92
N LEU C 109 36.31 -29.75 -11.77
CA LEU C 109 36.50 -29.83 -13.25
C LEU C 109 36.44 -28.42 -13.85
N SER C 110 37.25 -28.15 -14.86
CA SER C 110 37.23 -26.89 -15.63
C SER C 110 36.58 -27.17 -16.98
N LEU C 111 35.95 -26.16 -17.58
CA LEU C 111 35.38 -26.28 -18.93
C LEU C 111 36.37 -25.69 -19.94
N TYR C 112 36.74 -26.49 -20.92
CA TYR C 112 37.58 -26.08 -22.08
C TYR C 112 36.76 -26.15 -23.36
N ARG C 113 37.27 -25.55 -24.45
CA ARG C 113 36.61 -25.59 -25.77
C ARG C 113 37.64 -25.48 -26.88
N VAL C 114 37.21 -25.87 -28.07
CA VAL C 114 38.01 -25.90 -29.33
C VAL C 114 37.03 -25.77 -30.48
N ARG C 115 37.35 -24.97 -31.52
CA ARG C 115 36.46 -24.81 -32.70
C ARG C 115 36.20 -26.22 -33.24
N MET C 116 34.99 -26.52 -33.68
CA MET C 116 34.72 -27.80 -34.36
C MET C 116 35.63 -27.85 -35.61
N GLY C 117 36.24 -29.02 -35.90
CA GLY C 117 37.28 -29.20 -36.93
C GLY C 117 38.71 -29.13 -36.41
N GLU C 118 38.96 -28.53 -35.25
CA GLU C 118 40.32 -28.40 -34.64
C GLU C 118 40.48 -29.33 -33.43
N GLU C 119 39.52 -30.23 -33.21
CA GLU C 119 39.43 -31.02 -31.95
C GLU C 119 40.56 -32.05 -31.87
N ASP C 120 41.23 -32.37 -32.99
CA ASP C 120 42.31 -33.40 -32.96
C ASP C 120 43.50 -32.83 -32.18
N THR C 121 43.53 -31.52 -31.90
CA THR C 121 44.63 -30.84 -31.17
C THR C 121 44.46 -30.88 -29.63
N VAL C 122 43.33 -31.34 -29.08
CA VAL C 122 43.09 -31.27 -27.60
C VAL C 122 43.52 -32.56 -26.91
N LEU C 123 43.61 -32.53 -25.57
CA LEU C 123 43.76 -33.70 -24.68
C LEU C 123 44.96 -34.55 -25.11
N THR C 124 46.15 -33.95 -25.16
CA THR C 124 47.43 -34.61 -25.54
C THR C 124 48.33 -34.78 -24.31
N GLU C 125 49.54 -35.31 -24.51
CA GLU C 125 50.64 -35.33 -23.52
C GLU C 125 50.87 -33.92 -22.97
N SER C 126 50.81 -32.91 -23.85
CA SER C 126 51.10 -31.49 -23.56
C SER C 126 50.11 -30.92 -22.54
N GLY C 127 48.84 -31.36 -22.56
CA GLY C 127 47.78 -30.88 -21.67
C GLY C 127 46.42 -30.82 -22.38
N PRO C 128 45.43 -30.07 -21.85
CA PRO C 128 44.08 -30.07 -22.42
C PRO C 128 44.02 -29.47 -23.83
N GLY C 129 44.91 -28.51 -24.11
CA GLY C 129 44.88 -27.72 -25.35
C GLY C 129 43.60 -26.90 -25.41
N GLY C 130 43.05 -26.73 -26.61
CA GLY C 130 41.93 -25.81 -26.91
C GLY C 130 42.10 -24.49 -26.20
N GLU C 131 40.98 -23.94 -25.70
CA GLU C 131 40.91 -22.67 -24.94
C GLU C 131 40.21 -22.92 -23.60
N LEU C 132 40.73 -22.36 -22.50
CA LEU C 132 39.99 -22.33 -21.19
C LEU C 132 38.73 -21.50 -21.38
N PHE C 133 37.56 -22.01 -21.00
CA PHE C 133 36.30 -21.23 -21.00
C PHE C 133 35.91 -20.82 -19.57
N PHE C 134 35.74 -21.78 -18.68
CA PHE C 134 35.23 -21.56 -17.30
C PHE C 134 35.99 -22.44 -16.30
N ASN C 135 36.60 -21.82 -15.30
CA ASN C 135 37.35 -22.47 -14.22
C ASN C 135 36.63 -22.25 -12.89
N PRO C 136 35.76 -23.19 -12.45
CA PRO C 136 35.01 -23.02 -11.21
C PRO C 136 35.90 -22.76 -9.98
N ASN C 137 37.12 -23.27 -9.98
CA ASN C 137 38.12 -23.10 -8.89
C ASN C 137 38.38 -21.61 -8.61
N LEU C 138 38.22 -20.74 -9.62
CA LEU C 138 38.39 -19.27 -9.49
C LEU C 138 37.27 -18.68 -8.63
N LEU C 139 36.10 -19.31 -8.57
CA LEU C 139 34.87 -18.72 -7.97
C LEU C 139 35.05 -18.46 -6.48
N SER C 140 35.59 -19.43 -5.72
CA SER C 140 35.80 -19.32 -4.24
C SER C 140 37.28 -19.47 -3.90
N LEU C 141 37.64 -19.11 -2.67
CA LEU C 141 39.03 -19.23 -2.16
C LEU C 141 39.32 -20.71 -1.83
N ASP C 142 38.34 -21.39 -1.22
CA ASP C 142 38.47 -22.77 -0.67
C ASP C 142 38.11 -23.83 -1.72
N GLY C 143 37.66 -23.42 -2.92
CA GLY C 143 37.28 -24.33 -4.02
C GLY C 143 35.99 -25.09 -3.70
N ASN C 144 35.09 -24.47 -2.93
CA ASN C 144 33.85 -25.08 -2.40
C ASN C 144 32.64 -24.62 -3.21
N ALA C 145 32.71 -23.42 -3.81
CA ALA C 145 31.76 -22.98 -4.86
C ALA C 145 31.93 -23.92 -6.07
N ALA C 146 30.83 -24.59 -6.46
CA ALA C 146 30.78 -25.53 -7.60
C ALA C 146 29.80 -25.02 -8.66
N LEU C 147 30.13 -25.29 -9.93
CA LEU C 147 29.22 -25.22 -11.09
C LEU C 147 28.13 -26.28 -10.91
N THR C 148 26.85 -25.89 -10.89
CA THR C 148 25.70 -26.82 -10.69
C THR C 148 24.98 -27.14 -12.00
N GLY C 149 25.36 -26.47 -13.10
CA GLY C 149 24.79 -26.72 -14.43
C GLY C 149 25.04 -25.54 -15.37
N PHE C 150 24.86 -25.74 -16.65
CA PHE C 150 25.01 -24.68 -17.68
C PHE C 150 24.18 -25.05 -18.92
N VAL C 151 23.67 -24.04 -19.63
CA VAL C 151 23.01 -24.17 -20.95
C VAL C 151 23.40 -22.95 -21.78
N MET C 152 23.91 -23.19 -22.98
CA MET C 152 24.21 -22.13 -23.97
C MET C 152 22.90 -21.72 -24.64
N SER C 153 22.75 -20.42 -24.90
CA SER C 153 21.63 -19.86 -25.71
C SER C 153 21.63 -20.49 -27.09
N PRO C 154 20.47 -20.63 -27.76
CA PRO C 154 20.42 -21.18 -29.13
C PRO C 154 21.27 -20.40 -30.16
N CYS C 155 21.41 -19.08 -30.00
CA CYS C 155 22.25 -18.16 -30.82
C CYS C 155 23.74 -18.43 -30.62
N GLY C 156 24.14 -18.99 -29.47
CA GLY C 156 25.55 -19.32 -29.14
C GLY C 156 26.31 -18.12 -28.61
N ASN C 157 25.63 -17.01 -28.31
CA ASN C 157 26.27 -15.76 -27.79
C ASN C 157 26.25 -15.72 -26.25
N TYR C 158 25.34 -16.46 -25.59
CA TYR C 158 25.14 -16.39 -24.11
C TYR C 158 25.20 -17.80 -23.50
N TRP C 159 25.67 -17.84 -22.25
CA TRP C 159 25.90 -19.08 -21.47
C TRP C 159 25.34 -18.86 -20.06
N ALA C 160 24.21 -19.49 -19.75
CA ALA C 160 23.56 -19.45 -18.42
C ALA C 160 24.15 -20.56 -17.56
N TYR C 161 24.52 -20.28 -16.31
CA TYR C 161 25.19 -21.28 -15.44
C TYR C 161 24.85 -21.08 -13.97
N GLY C 162 24.74 -22.20 -13.26
CA GLY C 162 24.44 -22.25 -11.82
C GLY C 162 25.70 -22.36 -10.98
N VAL C 163 25.80 -21.58 -9.91
CA VAL C 163 26.90 -21.65 -8.90
C VAL C 163 26.26 -21.77 -7.51
N SER C 164 26.58 -22.84 -6.78
CA SER C 164 26.24 -22.98 -5.33
C SER C 164 27.42 -22.47 -4.50
N GLU C 165 27.20 -21.40 -3.73
CA GLU C 165 28.20 -20.80 -2.80
C GLU C 165 28.18 -21.57 -1.48
N HIS C 166 29.36 -22.03 -1.03
CA HIS C 166 29.60 -22.82 0.21
C HIS C 166 28.88 -24.17 0.07
N GLY C 167 28.67 -24.90 1.17
CA GLY C 167 27.90 -26.17 1.19
C GLY C 167 26.51 -25.99 0.60
N SER C 168 25.88 -24.83 0.84
CA SER C 168 24.42 -24.57 0.63
C SER C 168 23.96 -25.21 -0.67
N ASP C 169 22.87 -25.98 -0.62
CA ASP C 169 22.29 -26.67 -1.80
C ASP C 169 21.28 -25.75 -2.49
N TRP C 170 21.30 -24.46 -2.11
CA TRP C 170 20.74 -23.32 -2.88
C TRP C 170 21.83 -22.85 -3.87
N MET C 171 21.40 -22.18 -4.93
CA MET C 171 22.33 -21.66 -5.98
C MET C 171 21.78 -20.36 -6.55
N SER C 172 22.62 -19.62 -7.25
CA SER C 172 22.23 -18.49 -8.12
C SER C 172 22.58 -18.86 -9.56
N ILE C 173 21.80 -18.37 -10.52
CA ILE C 173 22.06 -18.55 -11.98
C ILE C 173 22.66 -17.24 -12.50
N TYR C 174 23.80 -17.34 -13.18
CA TYR C 174 24.55 -16.22 -13.80
C TYR C 174 24.53 -16.40 -15.32
N VAL C 175 24.83 -15.34 -16.05
CA VAL C 175 24.94 -15.34 -17.53
C VAL C 175 26.25 -14.64 -17.91
N ARG C 176 26.98 -15.21 -18.87
CA ARG C 176 28.17 -14.56 -19.47
C ARG C 176 28.10 -14.71 -20.99
N LYS C 177 28.79 -13.83 -21.71
CA LYS C 177 28.96 -13.96 -23.18
C LYS C 177 29.92 -15.12 -23.44
N THR C 178 29.65 -15.90 -24.49
CA THR C 178 30.57 -16.94 -25.00
C THR C 178 31.87 -16.29 -25.47
N SER C 179 31.88 -14.97 -25.70
CA SER C 179 33.09 -14.18 -26.07
C SER C 179 33.88 -13.76 -24.83
N SER C 180 33.45 -14.17 -23.63
CA SER C 180 34.02 -13.75 -22.32
C SER C 180 34.51 -14.96 -21.52
N PRO C 181 35.49 -15.74 -22.02
CA PRO C 181 35.97 -16.90 -21.28
C PRO C 181 36.75 -16.44 -20.04
N HIS C 182 36.87 -17.28 -19.01
CA HIS C 182 37.89 -17.09 -17.95
C HIS C 182 39.27 -17.10 -18.61
N LEU C 183 40.19 -16.30 -18.08
CA LEU C 183 41.63 -16.33 -18.42
C LEU C 183 42.39 -17.11 -17.34
N PRO C 184 43.48 -17.83 -17.70
CA PRO C 184 44.26 -18.58 -16.71
C PRO C 184 44.97 -17.68 -15.69
N SER C 185 45.16 -16.39 -15.99
CA SER C 185 45.92 -15.42 -15.16
C SER C 185 45.07 -14.86 -14.02
N GLN C 186 43.75 -15.08 -14.03
CA GLN C 186 42.81 -14.59 -13.01
C GLN C 186 43.10 -15.29 -11.67
N GLU C 187 43.30 -14.53 -10.60
CA GLU C 187 43.40 -15.05 -9.21
C GLU C 187 42.02 -15.55 -8.76
N ARG C 188 41.98 -16.37 -7.72
CA ARG C 188 40.75 -16.92 -7.09
C ARG C 188 39.90 -15.79 -6.49
N GLY C 189 38.70 -16.13 -6.00
CA GLY C 189 37.86 -15.25 -5.17
C GLY C 189 36.81 -14.50 -5.94
N LYS C 190 36.89 -14.44 -7.27
CA LYS C 190 35.92 -13.66 -8.10
C LYS C 190 35.53 -14.43 -9.37
N ASP C 191 34.39 -14.06 -9.99
CA ASP C 191 33.95 -14.52 -11.33
C ASP C 191 34.02 -13.34 -12.32
N PRO C 192 35.22 -13.00 -12.85
CA PRO C 192 35.34 -11.90 -13.80
C PRO C 192 34.61 -12.23 -15.11
N GLY C 193 34.26 -11.21 -15.90
CA GLY C 193 33.75 -11.35 -17.28
C GLY C 193 32.28 -11.76 -17.37
N ARG C 194 31.58 -11.85 -16.24
CA ARG C 194 30.14 -12.25 -16.22
C ARG C 194 29.28 -10.99 -16.40
N MET C 195 28.03 -11.17 -16.82
CA MET C 195 27.06 -10.06 -17.00
C MET C 195 26.40 -9.78 -15.64
N ASN C 196 25.56 -8.75 -15.56
CA ASN C 196 24.94 -8.25 -14.29
C ASN C 196 23.85 -9.23 -13.83
N ASP C 197 23.29 -10.01 -14.75
CA ASP C 197 22.18 -10.96 -14.45
C ASP C 197 22.54 -11.77 -13.19
N LYS C 198 21.67 -11.77 -12.19
CA LYS C 198 21.78 -12.65 -11.00
C LYS C 198 20.39 -13.15 -10.59
N ILE C 199 20.16 -14.45 -10.76
CA ILE C 199 18.89 -15.16 -10.47
C ILE C 199 19.09 -15.95 -9.17
N ARG C 200 18.56 -15.43 -8.06
CA ARG C 200 18.74 -16.02 -6.71
C ARG C 200 17.55 -16.94 -6.37
N HIS C 201 17.68 -17.73 -5.30
CA HIS C 201 16.60 -18.54 -4.67
C HIS C 201 16.28 -19.76 -5.55
N VAL C 202 17.29 -20.34 -6.20
CA VAL C 202 17.16 -21.56 -7.05
C VAL C 202 17.67 -22.77 -6.24
N ARG C 203 16.92 -23.87 -6.22
CA ARG C 203 17.24 -25.10 -5.44
C ARG C 203 17.58 -26.27 -6.37
N PHE C 204 17.38 -26.12 -7.68
CA PHE C 204 17.76 -27.14 -8.70
C PHE C 204 17.88 -26.43 -10.05
N PHE C 205 18.89 -26.80 -10.84
CA PHE C 205 19.22 -26.13 -12.13
C PHE C 205 18.38 -26.76 -13.24
N ILE C 206 17.32 -26.07 -13.69
CA ILE C 206 16.56 -26.46 -14.91
C ILE C 206 16.27 -25.18 -15.71
N VAL C 207 17.06 -24.93 -16.77
CA VAL C 207 17.04 -23.64 -17.50
C VAL C 207 16.69 -23.92 -18.96
N SER C 208 15.69 -23.25 -19.52
CA SER C 208 15.26 -23.42 -20.92
C SER C 208 15.19 -22.05 -21.64
N TRP C 209 16.13 -21.80 -22.54
CA TRP C 209 16.16 -20.57 -23.37
C TRP C 209 15.02 -20.61 -24.38
N THR C 210 14.45 -19.45 -24.70
CA THR C 210 13.59 -19.24 -25.90
C THR C 210 14.48 -19.22 -27.15
N SER C 211 13.90 -19.56 -28.31
CA SER C 211 14.60 -19.65 -29.62
C SER C 211 15.17 -18.28 -30.03
N ASP C 212 14.61 -17.19 -29.50
CA ASP C 212 15.07 -15.79 -29.74
C ASP C 212 16.29 -15.43 -28.87
N SER C 213 16.76 -16.35 -28.02
CA SER C 213 17.88 -16.12 -27.07
C SER C 213 17.66 -14.85 -26.23
N LYS C 214 16.43 -14.41 -26.01
CA LYS C 214 16.14 -13.16 -25.23
C LYS C 214 16.05 -13.46 -23.73
N GLY C 215 15.85 -14.72 -23.36
CA GLY C 215 15.67 -15.08 -21.95
C GLY C 215 15.51 -16.57 -21.77
N PHE C 216 15.25 -16.99 -20.52
CA PHE C 216 15.14 -18.42 -20.16
C PHE C 216 14.18 -18.59 -18.98
N PHE C 217 13.44 -19.68 -19.05
CA PHE C 217 12.59 -20.21 -17.98
C PHE C 217 13.51 -20.85 -16.94
N TYR C 218 13.12 -20.78 -15.67
CA TYR C 218 13.82 -21.44 -14.55
C TYR C 218 12.82 -21.63 -13.41
N SER C 219 13.13 -22.53 -12.48
CA SER C 219 12.30 -22.80 -11.28
C SER C 219 13.02 -22.21 -10.07
N ARG C 220 12.29 -21.51 -9.20
CA ARG C 220 12.85 -20.95 -7.95
C ARG C 220 11.84 -21.06 -6.80
N TYR C 221 12.29 -20.70 -5.60
CA TYR C 221 11.50 -20.78 -4.34
C TYR C 221 11.40 -19.39 -3.74
N PRO C 222 10.56 -19.20 -2.69
CA PRO C 222 10.53 -17.93 -1.97
C PRO C 222 11.88 -17.77 -1.26
N PRO C 223 12.29 -16.52 -0.94
CA PRO C 223 13.58 -16.28 -0.28
C PRO C 223 13.78 -17.05 1.02
N GLU C 224 14.93 -17.72 1.17
CA GLU C 224 15.36 -18.43 2.40
C GLU C 224 16.87 -18.73 2.31
N LYS C 229 20.38 -24.10 5.55
CA LYS C 229 20.69 -23.98 7.01
C LYS C 229 19.54 -24.55 7.86
N GLY C 230 18.29 -24.39 7.40
CA GLY C 230 17.07 -24.94 8.03
C GLY C 230 16.71 -26.29 7.44
N ASN C 231 15.68 -26.95 7.98
CA ASN C 231 15.26 -28.31 7.50
C ASN C 231 13.75 -28.39 7.33
N ALA C 232 13.05 -27.26 7.25
CA ALA C 232 11.58 -27.26 7.08
C ALA C 232 11.28 -27.73 5.65
N PRO C 233 10.06 -28.22 5.37
CA PRO C 233 9.69 -28.70 4.05
C PRO C 233 9.97 -27.69 2.92
N ALA C 234 10.51 -28.16 1.80
CA ALA C 234 10.72 -27.38 0.55
C ALA C 234 9.37 -27.01 -0.02
N MET C 235 9.02 -25.73 -0.04
CA MET C 235 7.62 -25.31 -0.35
C MET C 235 7.55 -24.18 -1.38
N ASN C 236 6.56 -24.24 -2.26
CA ASN C 236 6.14 -23.11 -3.13
C ASN C 236 7.14 -22.92 -4.27
N CYS C 237 7.48 -24.01 -4.97
CA CYS C 237 8.26 -24.01 -6.23
C CYS C 237 7.49 -23.21 -7.30
N MET C 238 8.14 -22.26 -7.96
CA MET C 238 7.52 -21.43 -9.02
C MET C 238 8.38 -21.46 -10.28
N VAL C 239 7.73 -21.39 -11.45
CA VAL C 239 8.40 -21.23 -12.77
C VAL C 239 8.37 -19.75 -13.12
N TYR C 240 9.56 -19.20 -13.43
CA TYR C 240 9.76 -17.80 -13.87
C TYR C 240 10.40 -17.79 -15.25
N TYR C 241 10.22 -16.70 -15.98
CA TYR C 241 10.95 -16.38 -17.22
C TYR C 241 11.78 -15.12 -16.97
N HIS C 242 13.11 -15.23 -17.11
CA HIS C 242 14.06 -14.10 -16.96
C HIS C 242 14.43 -13.58 -18.35
N ARG C 243 14.25 -12.29 -18.59
CA ARG C 243 14.73 -11.58 -19.80
C ARG C 243 16.17 -11.14 -19.54
N ILE C 244 17.10 -11.52 -20.42
CA ILE C 244 18.55 -11.18 -20.35
C ILE C 244 18.69 -9.67 -20.20
N GLY C 245 19.45 -9.21 -19.19
CA GLY C 245 19.81 -7.80 -18.97
C GLY C 245 18.97 -7.13 -17.90
N GLU C 246 17.82 -7.73 -17.54
CA GLU C 246 16.87 -7.16 -16.53
C GLU C 246 17.26 -7.63 -15.12
N ASP C 247 16.84 -6.88 -14.10
CA ASP C 247 16.91 -7.29 -12.68
C ASP C 247 15.94 -8.47 -12.48
N GLN C 248 16.27 -9.41 -11.58
CA GLN C 248 15.41 -10.57 -11.24
C GLN C 248 14.01 -10.10 -10.82
N GLU C 249 13.90 -8.92 -10.20
CA GLU C 249 12.61 -8.31 -9.77
C GLU C 249 11.65 -8.20 -10.96
N SER C 250 12.16 -8.12 -12.19
CA SER C 250 11.35 -7.92 -13.41
C SER C 250 10.93 -9.27 -14.02
N ASP C 251 11.52 -10.38 -13.59
CA ASP C 251 11.19 -11.73 -14.13
C ASP C 251 9.68 -11.95 -14.01
N VAL C 252 9.06 -12.46 -15.06
CA VAL C 252 7.59 -12.72 -15.19
C VAL C 252 7.29 -14.09 -14.57
N LEU C 253 6.30 -14.15 -13.68
CA LEU C 253 5.79 -15.41 -13.08
C LEU C 253 5.05 -16.19 -14.15
N VAL C 254 5.43 -17.45 -14.34
CA VAL C 254 4.82 -18.37 -15.36
C VAL C 254 3.90 -19.37 -14.67
N HIS C 255 4.23 -19.82 -13.45
CA HIS C 255 3.38 -20.79 -12.73
C HIS C 255 3.70 -20.78 -11.22
N GLU C 256 2.66 -20.74 -10.40
CA GLU C 256 2.70 -21.10 -8.95
C GLU C 256 1.47 -21.93 -8.65
N ASP C 257 1.52 -22.74 -7.59
CA ASP C 257 0.34 -23.50 -7.11
C ASP C 257 0.35 -23.42 -5.59
N PRO C 258 -0.11 -22.30 -4.99
CA PRO C 258 -0.08 -22.15 -3.52
C PRO C 258 -0.87 -23.24 -2.77
N GLU C 259 -1.84 -23.87 -3.45
CA GLU C 259 -2.67 -24.95 -2.89
C GLU C 259 -1.81 -26.18 -2.58
N HIS C 260 -0.81 -26.46 -3.39
CA HIS C 260 0.01 -27.69 -3.26
C HIS C 260 1.47 -27.30 -3.06
N PRO C 261 1.86 -26.77 -1.87
CA PRO C 261 3.20 -26.21 -1.71
C PRO C 261 4.35 -27.23 -1.83
N PHE C 262 4.09 -28.53 -1.65
CA PHE C 262 5.14 -29.59 -1.68
C PHE C 262 5.42 -30.01 -3.13
N TRP C 263 4.52 -29.68 -4.07
CA TRP C 263 4.63 -30.08 -5.49
C TRP C 263 5.81 -29.34 -6.11
N ILE C 264 6.58 -30.01 -6.96
CA ILE C 264 7.78 -29.44 -7.65
C ILE C 264 7.39 -29.25 -9.11
N SER C 265 7.78 -28.11 -9.71
CA SER C 265 7.30 -27.72 -11.06
C SER C 265 8.48 -27.21 -11.89
N SER C 266 8.41 -27.44 -13.19
CA SER C 266 9.44 -27.00 -14.15
C SER C 266 8.88 -26.99 -15.57
N VAL C 267 9.66 -26.44 -16.47
CA VAL C 267 9.32 -26.39 -17.93
C VAL C 267 10.53 -26.88 -18.73
N GLN C 268 10.26 -27.56 -19.85
CA GLN C 268 11.23 -27.96 -20.89
C GLN C 268 10.71 -27.40 -22.22
N LEU C 269 11.57 -26.91 -23.11
CA LEU C 269 11.20 -26.51 -24.50
C LEU C 269 11.60 -27.63 -25.45
N THR C 270 10.86 -27.84 -26.54
CA THR C 270 11.31 -28.73 -27.63
C THR C 270 12.57 -28.11 -28.24
N PRO C 271 13.47 -28.93 -28.83
CA PRO C 271 14.66 -28.42 -29.50
C PRO C 271 14.42 -27.19 -30.39
N SER C 272 13.31 -27.11 -31.13
CA SER C 272 12.98 -26.01 -32.08
C SER C 272 12.55 -24.75 -31.32
N GLY C 273 12.17 -24.89 -30.06
CA GLY C 273 11.73 -23.77 -29.21
C GLY C 273 10.29 -23.39 -29.45
N ARG C 274 9.53 -24.19 -30.22
CA ARG C 274 8.11 -23.94 -30.58
C ARG C 274 7.18 -24.34 -29.43
N TYR C 275 7.37 -25.49 -28.79
CA TYR C 275 6.47 -25.98 -27.74
C TYR C 275 7.15 -25.88 -26.39
N ILE C 276 6.39 -25.56 -25.34
CA ILE C 276 6.86 -25.61 -23.91
C ILE C 276 6.07 -26.71 -23.19
N LEU C 277 6.76 -27.61 -22.47
CA LEU C 277 6.12 -28.66 -21.65
C LEU C 277 6.18 -28.21 -20.19
N PHE C 278 5.02 -28.03 -19.55
CA PHE C 278 4.91 -27.86 -18.08
C PHE C 278 4.80 -29.24 -17.43
N ALA C 279 5.59 -29.49 -16.39
CA ALA C 279 5.55 -30.72 -15.58
C ALA C 279 5.54 -30.34 -14.10
N ALA C 280 4.59 -30.87 -13.35
CA ALA C 280 4.62 -30.92 -11.86
C ALA C 280 4.78 -32.37 -11.40
N SER C 281 5.53 -32.56 -10.33
CA SER C 281 5.57 -33.83 -9.56
C SER C 281 5.10 -33.59 -8.11
N ARG C 282 4.40 -34.56 -7.51
CA ARG C 282 3.86 -34.48 -6.12
C ARG C 282 4.57 -35.52 -5.24
N ASP C 283 5.50 -36.29 -5.78
CA ASP C 283 6.22 -37.36 -5.05
C ASP C 283 7.46 -37.75 -5.87
N ALA C 284 8.18 -38.81 -5.46
CA ALA C 284 9.42 -39.25 -6.16
C ALA C 284 9.09 -40.23 -7.29
N SER C 285 7.82 -40.55 -7.54
CA SER C 285 7.42 -41.53 -8.58
C SER C 285 7.62 -40.90 -9.96
N HIS C 286 7.72 -41.75 -10.98
CA HIS C 286 7.91 -41.37 -12.40
C HIS C 286 6.54 -41.04 -13.00
N THR C 287 5.80 -40.12 -12.38
CA THR C 287 4.46 -39.66 -12.80
C THR C 287 4.44 -38.14 -12.71
N GLN C 288 3.81 -37.48 -13.69
CA GLN C 288 3.71 -36.00 -13.73
C GLN C 288 2.28 -35.56 -14.04
N LEU C 289 1.97 -34.33 -13.65
CA LEU C 289 0.86 -33.53 -14.19
C LEU C 289 1.49 -32.66 -15.27
N VAL C 290 1.01 -32.74 -16.50
CA VAL C 290 1.71 -32.18 -17.70
C VAL C 290 0.73 -31.33 -18.50
N LYS C 291 1.25 -30.29 -19.16
CA LYS C 291 0.50 -29.36 -20.05
C LYS C 291 1.48 -28.90 -21.13
N ILE C 292 0.97 -28.58 -22.32
CA ILE C 292 1.79 -28.13 -23.51
C ILE C 292 1.23 -26.78 -23.96
N ALA C 293 2.08 -25.79 -24.18
CA ALA C 293 1.73 -24.52 -24.86
C ALA C 293 2.50 -24.37 -26.18
N ASP C 294 1.83 -23.82 -27.18
CA ASP C 294 2.46 -23.49 -28.49
C ASP C 294 2.96 -22.05 -28.41
N LEU C 295 4.27 -21.84 -28.32
CA LEU C 295 4.88 -20.50 -28.10
C LEU C 295 4.73 -19.65 -29.36
N HIS C 296 4.23 -20.19 -30.47
CA HIS C 296 3.94 -19.39 -31.71
C HIS C 296 2.62 -18.63 -31.53
N GLU C 297 1.82 -18.95 -30.51
CA GLU C 297 0.55 -18.26 -30.14
C GLU C 297 0.70 -17.35 -28.91
N ASN C 298 1.80 -17.41 -28.16
CA ASN C 298 1.82 -16.93 -26.74
C ASN C 298 2.87 -15.85 -26.46
N ASP C 299 2.43 -14.80 -25.77
CA ASP C 299 3.29 -13.93 -24.89
C ASP C 299 3.60 -14.72 -23.61
N ILE C 300 4.78 -14.53 -23.03
CA ILE C 300 5.26 -15.29 -21.84
C ILE C 300 4.54 -14.79 -20.59
N GLY C 301 3.96 -15.68 -19.79
CA GLY C 301 3.52 -15.42 -18.39
C GLY C 301 2.46 -16.42 -17.98
N THR C 302 1.48 -16.04 -17.15
CA THR C 302 0.29 -16.85 -16.79
C THR C 302 -0.80 -16.72 -17.89
N ASN C 303 -0.51 -15.95 -18.93
CA ASN C 303 -1.38 -15.60 -20.09
C ASN C 303 -1.03 -16.48 -21.30
N MET C 304 -0.71 -17.78 -21.10
CA MET C 304 -0.31 -18.74 -22.15
C MET C 304 -1.43 -19.78 -22.36
N LYS C 305 -1.63 -20.29 -23.58
CA LYS C 305 -2.71 -21.24 -23.92
C LYS C 305 -2.27 -22.68 -23.67
N TRP C 306 -2.38 -23.15 -22.42
CA TRP C 306 -2.04 -24.53 -21.98
C TRP C 306 -3.06 -25.54 -22.51
N LYS C 307 -2.61 -26.60 -23.16
CA LYS C 307 -3.43 -27.78 -23.57
C LYS C 307 -2.97 -29.00 -22.76
N ASN C 308 -3.88 -29.92 -22.43
CA ASN C 308 -3.56 -31.20 -21.75
C ASN C 308 -2.87 -32.14 -22.74
N LEU C 309 -1.70 -32.65 -22.36
CA LEU C 309 -0.95 -33.75 -23.01
C LEU C 309 -1.59 -35.10 -22.64
N HIS C 310 -1.85 -35.33 -21.36
CA HIS C 310 -2.41 -36.60 -20.83
C HIS C 310 -2.99 -36.35 -19.43
N ASP C 311 -3.84 -37.26 -18.96
CA ASP C 311 -4.39 -37.26 -17.57
C ASP C 311 -3.23 -37.20 -16.58
N PRO C 312 -3.39 -36.45 -15.47
CA PRO C 312 -2.32 -36.34 -14.48
C PRO C 312 -1.99 -37.62 -13.72
N TRP C 313 -0.74 -37.75 -13.27
CA TRP C 313 -0.24 -38.75 -12.30
C TRP C 313 -0.27 -40.18 -12.86
N GLU C 314 -0.30 -40.37 -14.17
CA GLU C 314 -0.24 -41.71 -14.79
C GLU C 314 1.16 -41.97 -15.36
N ALA C 315 1.90 -40.93 -15.77
CA ALA C 315 3.14 -41.09 -16.55
C ALA C 315 4.04 -39.86 -16.51
N ARG C 316 5.31 -40.08 -16.82
CA ARG C 316 6.40 -39.10 -17.02
C ARG C 316 6.62 -38.95 -18.53
N PHE C 317 7.04 -37.76 -19.00
CA PHE C 317 7.21 -37.38 -20.42
C PHE C 317 8.49 -36.53 -20.54
N THR C 318 9.48 -36.97 -21.31
CA THR C 318 10.76 -36.24 -21.56
C THR C 318 10.87 -35.97 -23.07
N ILE C 319 11.05 -34.71 -23.45
CA ILE C 319 11.16 -34.31 -24.88
C ILE C 319 12.49 -34.84 -25.43
N VAL C 320 12.43 -35.55 -26.55
CA VAL C 320 13.62 -36.14 -27.24
C VAL C 320 13.80 -35.49 -28.62
N GLY C 321 12.76 -34.85 -29.16
CA GLY C 321 12.88 -34.15 -30.47
C GLY C 321 11.57 -33.49 -30.84
N ASP C 322 11.53 -32.80 -31.97
CA ASP C 322 10.29 -32.28 -32.59
C ASP C 322 10.50 -32.14 -34.10
N GLU C 323 9.39 -32.16 -34.84
CA GLU C 323 9.34 -31.98 -36.32
C GLU C 323 8.02 -31.26 -36.60
N GLY C 324 8.05 -29.93 -36.68
CA GLY C 324 6.83 -29.09 -36.75
C GLY C 324 5.94 -29.35 -35.55
N SER C 325 4.71 -29.81 -35.78
CA SER C 325 3.66 -30.02 -34.75
C SER C 325 3.90 -31.34 -33.99
N LYS C 326 4.82 -32.18 -34.46
CA LYS C 326 5.09 -33.52 -33.91
C LYS C 326 6.19 -33.40 -32.84
N ILE C 327 5.94 -33.92 -31.64
CA ILE C 327 6.94 -33.96 -30.54
C ILE C 327 7.28 -35.41 -30.25
N TYR C 328 8.57 -35.73 -30.16
CA TYR C 328 9.10 -37.06 -29.80
C TYR C 328 9.32 -37.10 -28.27
N PHE C 329 8.69 -38.05 -27.60
CA PHE C 329 8.76 -38.23 -26.12
C PHE C 329 9.34 -39.59 -25.76
N MET C 330 10.26 -39.60 -24.79
CA MET C 330 10.55 -40.80 -23.97
C MET C 330 9.62 -40.76 -22.77
N THR C 331 8.81 -41.80 -22.61
CA THR C 331 7.64 -41.80 -21.69
C THR C 331 7.43 -43.22 -21.19
N ASN C 332 6.91 -43.33 -19.96
CA ASN C 332 6.51 -44.62 -19.35
C ASN C 332 4.98 -44.74 -19.45
N LEU C 333 4.30 -43.93 -20.28
CA LEU C 333 2.82 -44.00 -20.49
C LEU C 333 2.47 -45.39 -21.01
N LYS C 334 1.77 -46.18 -20.20
CA LYS C 334 1.39 -47.59 -20.49
C LYS C 334 2.61 -48.36 -20.99
N ALA C 335 3.75 -48.07 -20.37
CA ALA C 335 5.06 -48.71 -20.65
C ALA C 335 6.00 -48.47 -19.46
N LYS C 336 5.96 -49.32 -18.45
CA LYS C 336 6.70 -49.10 -17.18
C LYS C 336 8.21 -49.12 -17.47
N ASN C 337 8.65 -49.89 -18.47
CA ASN C 337 10.10 -49.96 -18.86
C ASN C 337 10.45 -48.82 -19.84
N TYR C 338 9.52 -47.89 -20.07
CA TYR C 338 9.67 -46.71 -20.95
C TYR C 338 9.66 -47.14 -22.43
N LYS C 339 9.26 -46.19 -23.25
CA LYS C 339 9.16 -46.33 -24.73
C LYS C 339 9.39 -44.96 -25.36
N VAL C 340 9.36 -44.93 -26.68
CA VAL C 340 9.35 -43.66 -27.46
C VAL C 340 8.00 -43.57 -28.19
N ALA C 341 7.29 -42.48 -27.98
CA ALA C 341 5.98 -42.21 -28.60
C ALA C 341 5.95 -40.76 -29.08
N THR C 342 5.14 -40.51 -30.11
CA THR C 342 4.97 -39.19 -30.75
C THR C 342 3.62 -38.61 -30.35
N PHE C 343 3.61 -37.30 -30.15
CA PHE C 343 2.41 -36.46 -29.95
C PHE C 343 2.31 -35.45 -31.11
N ASP C 344 1.12 -35.34 -31.69
CA ASP C 344 0.84 -34.33 -32.73
C ASP C 344 0.01 -33.23 -32.07
N ALA C 345 0.61 -32.08 -31.78
CA ALA C 345 -0.02 -30.92 -31.11
C ALA C 345 -1.19 -30.39 -31.94
N ASN C 346 -1.28 -30.76 -33.22
CA ASN C 346 -2.41 -30.38 -34.14
C ASN C 346 -3.59 -31.36 -34.00
N HIS C 347 -3.39 -32.50 -33.35
CA HIS C 347 -4.46 -33.52 -33.09
C HIS C 347 -4.34 -33.98 -31.64
N PRO C 348 -4.39 -33.05 -30.66
CA PRO C 348 -4.08 -33.38 -29.25
C PRO C 348 -5.01 -34.44 -28.64
N ASP C 349 -6.19 -34.65 -29.22
CA ASP C 349 -7.21 -35.64 -28.78
C ASP C 349 -6.84 -37.04 -29.28
N GLU C 350 -5.96 -37.14 -30.30
CA GLU C 350 -5.50 -38.43 -30.86
C GLU C 350 -4.46 -39.10 -29.93
N GLY C 351 -3.93 -38.35 -28.95
CA GLY C 351 -3.06 -38.90 -27.89
C GLY C 351 -1.67 -39.22 -28.39
N LEU C 352 -0.95 -40.13 -27.73
CA LEU C 352 0.43 -40.53 -28.12
C LEU C 352 0.40 -41.78 -28.97
N THR C 353 1.21 -41.80 -30.01
CA THR C 353 1.40 -42.91 -30.97
C THR C 353 2.77 -43.52 -30.69
N THR C 354 2.85 -44.85 -30.56
CA THR C 354 4.09 -45.58 -30.28
C THR C 354 5.00 -45.49 -31.51
N LEU C 355 6.27 -45.16 -31.30
CA LEU C 355 7.34 -45.21 -32.33
C LEU C 355 8.24 -46.41 -32.04
N ILE C 356 8.73 -46.49 -30.80
CA ILE C 356 9.53 -47.62 -30.27
C ILE C 356 8.73 -48.23 -29.10
N ALA C 357 8.29 -49.47 -29.27
CA ALA C 357 7.47 -50.23 -28.30
C ALA C 357 8.28 -50.39 -27.01
N GLU C 358 7.60 -50.52 -25.87
CA GLU C 358 8.25 -50.93 -24.61
C GLU C 358 8.98 -52.24 -24.86
N ASP C 359 10.24 -52.34 -24.43
CA ASP C 359 10.95 -53.65 -24.33
C ASP C 359 10.60 -54.27 -22.97
N PRO C 360 9.84 -55.38 -22.93
CA PRO C 360 9.45 -55.97 -21.64
C PRO C 360 10.62 -56.50 -20.83
N ASN C 361 11.80 -56.68 -21.44
CA ASN C 361 12.98 -57.33 -20.80
C ASN C 361 14.14 -56.35 -20.68
N ALA C 362 13.89 -55.05 -20.85
CA ALA C 362 14.98 -54.04 -20.85
C ALA C 362 14.39 -52.67 -20.54
N PHE C 363 14.96 -52.01 -19.54
CA PHE C 363 14.59 -50.63 -19.12
C PHE C 363 15.18 -49.66 -20.14
N LEU C 364 14.36 -48.76 -20.71
CA LEU C 364 14.86 -47.71 -21.63
C LEU C 364 15.35 -46.52 -20.78
N VAL C 365 16.64 -46.26 -20.81
CA VAL C 365 17.38 -45.24 -20.03
C VAL C 365 17.40 -43.90 -20.77
N SER C 366 17.60 -43.88 -22.11
CA SER C 366 17.61 -42.61 -22.87
C SER C 366 17.34 -42.86 -24.34
N ALA C 367 16.77 -41.86 -24.99
CA ALA C 367 16.55 -41.79 -26.44
C ALA C 367 17.03 -40.42 -26.90
N SER C 368 17.78 -40.37 -28.00
CA SER C 368 18.32 -39.11 -28.56
C SER C 368 18.41 -39.25 -30.10
N ILE C 369 18.26 -38.14 -30.79
CA ILE C 369 18.25 -38.13 -32.29
C ILE C 369 19.60 -37.63 -32.78
N HIS C 370 20.17 -38.29 -33.78
CA HIS C 370 21.53 -38.02 -34.30
C HIS C 370 21.52 -38.08 -35.83
N ALA C 371 22.37 -37.30 -36.48
CA ALA C 371 22.54 -37.34 -37.95
C ALA C 371 21.16 -37.24 -38.61
N GLN C 372 20.32 -36.29 -38.17
CA GLN C 372 18.99 -35.96 -38.75
C GLN C 372 17.91 -36.97 -38.40
N ASP C 373 18.12 -38.27 -38.67
CA ASP C 373 17.03 -39.28 -38.58
C ASP C 373 17.53 -40.63 -38.03
N LYS C 374 18.58 -40.62 -37.19
CA LYS C 374 19.06 -41.82 -36.48
C LYS C 374 18.62 -41.70 -35.01
N LEU C 375 17.80 -42.63 -34.54
CA LEU C 375 17.34 -42.66 -33.13
C LEU C 375 18.26 -43.58 -32.34
N LEU C 376 18.97 -43.03 -31.35
CA LEU C 376 19.90 -43.79 -30.47
C LEU C 376 19.19 -44.09 -29.13
N LEU C 377 19.05 -45.38 -28.81
CA LEU C 377 18.41 -45.86 -27.55
C LEU C 377 19.49 -46.49 -26.69
N VAL C 378 19.51 -46.14 -25.41
CA VAL C 378 20.35 -46.83 -24.38
C VAL C 378 19.42 -47.71 -23.54
N TYR C 379 19.61 -49.01 -23.58
CA TYR C 379 18.85 -49.99 -22.77
C TYR C 379 19.74 -50.50 -21.63
N LEU C 380 19.11 -50.85 -20.51
CA LEU C 380 19.74 -51.58 -19.38
C LEU C 380 19.44 -53.07 -19.55
N ARG C 381 20.46 -53.90 -19.74
CA ARG C 381 20.32 -55.39 -19.79
C ARG C 381 21.56 -56.02 -19.13
N ASN C 382 21.35 -57.06 -18.32
CA ASN C 382 22.41 -57.63 -17.43
C ASN C 382 23.10 -56.50 -16.66
N ALA C 383 22.32 -55.52 -16.19
CA ALA C 383 22.82 -54.46 -15.28
C ALA C 383 23.98 -53.67 -15.92
N SER C 384 23.94 -53.46 -17.24
CA SER C 384 24.86 -52.56 -17.99
C SER C 384 24.17 -52.03 -19.25
N HIS C 385 24.79 -51.06 -19.94
CA HIS C 385 24.14 -50.29 -21.02
C HIS C 385 24.35 -51.02 -22.35
N GLU C 386 23.35 -51.01 -23.21
CA GLU C 386 23.42 -51.39 -24.64
C GLU C 386 22.93 -50.21 -25.48
N ILE C 387 23.64 -49.89 -26.56
CA ILE C 387 23.23 -48.83 -27.52
C ILE C 387 22.66 -49.51 -28.76
N HIS C 388 21.39 -49.21 -29.05
CA HIS C 388 20.62 -49.66 -30.23
C HIS C 388 20.40 -48.44 -31.13
N ILE C 389 20.58 -48.60 -32.43
CA ILE C 389 20.31 -47.54 -33.45
C ILE C 389 19.01 -47.94 -34.16
N ARG C 390 18.09 -46.99 -34.28
CA ARG C 390 16.79 -47.17 -34.97
C ARG C 390 16.65 -46.09 -36.04
N ASP C 391 15.88 -46.36 -37.08
CA ASP C 391 15.42 -45.32 -38.03
C ASP C 391 14.31 -44.52 -37.34
N LEU C 392 14.46 -43.21 -37.24
CA LEU C 392 13.49 -42.27 -36.61
C LEU C 392 12.13 -42.33 -37.33
N THR C 393 12.11 -42.46 -38.66
CA THR C 393 10.85 -42.37 -39.45
C THR C 393 10.00 -43.63 -39.26
N THR C 394 10.60 -44.82 -39.41
CA THR C 394 9.87 -46.12 -39.38
C THR C 394 9.92 -46.75 -37.97
N GLY C 395 10.96 -46.45 -37.19
CA GLY C 395 11.26 -47.14 -35.93
C GLY C 395 12.05 -48.41 -36.18
N LYS C 396 12.39 -48.71 -37.44
CA LYS C 396 13.01 -50.01 -37.83
C LYS C 396 14.39 -50.14 -37.17
N PRO C 397 14.76 -51.33 -36.64
CA PRO C 397 16.11 -51.59 -36.12
C PRO C 397 17.20 -51.51 -37.19
N LEU C 398 18.29 -50.78 -36.92
CA LEU C 398 19.46 -50.60 -37.83
C LEU C 398 20.70 -51.28 -37.24
N GLY C 399 20.61 -51.84 -36.03
CA GLY C 399 21.69 -52.63 -35.42
C GLY C 399 22.18 -52.02 -34.12
N ARG C 400 23.16 -52.67 -33.51
CA ARG C 400 23.81 -52.30 -32.24
C ARG C 400 25.14 -51.59 -32.57
N ILE C 401 25.66 -50.78 -31.65
CA ILE C 401 27.06 -50.26 -31.71
C ILE C 401 27.66 -50.34 -30.31
N PHE C 402 28.98 -50.48 -30.22
CA PHE C 402 29.77 -50.61 -28.96
C PHE C 402 29.31 -51.82 -28.16
N GLU C 403 28.84 -52.89 -28.85
CA GLU C 403 28.23 -54.08 -28.20
C GLU C 403 29.32 -54.93 -27.53
N ASP C 404 30.58 -54.70 -27.88
CA ASP C 404 31.78 -55.36 -27.29
C ASP C 404 32.12 -54.75 -25.93
N LEU C 405 31.67 -53.52 -25.63
CA LEU C 405 32.01 -52.81 -24.37
C LEU C 405 30.91 -53.04 -23.33
N LEU C 406 31.23 -53.61 -22.16
CA LEU C 406 30.24 -53.84 -21.07
C LEU C 406 30.52 -52.85 -19.94
N GLY C 407 29.62 -51.90 -19.74
CA GLY C 407 29.82 -50.77 -18.81
C GLY C 407 28.69 -49.78 -18.94
N GLN C 408 28.98 -48.49 -18.82
CA GLN C 408 27.97 -47.42 -19.04
C GLN C 408 28.46 -46.45 -20.11
N PHE C 409 27.54 -45.75 -20.75
CA PHE C 409 27.85 -44.72 -21.76
C PHE C 409 27.20 -43.40 -21.35
N MET C 410 27.92 -42.29 -21.51
CA MET C 410 27.35 -40.95 -21.73
C MET C 410 27.54 -40.62 -23.22
N VAL C 411 26.46 -40.39 -23.95
CA VAL C 411 26.46 -40.09 -25.41
C VAL C 411 26.30 -38.58 -25.55
N SER C 412 27.14 -37.98 -26.38
CA SER C 412 27.15 -36.54 -26.69
C SER C 412 26.98 -36.35 -28.21
N GLY C 413 26.15 -35.38 -28.63
CA GLY C 413 25.91 -35.05 -30.05
C GLY C 413 24.47 -34.68 -30.27
N ARG C 414 24.19 -33.82 -31.26
CA ARG C 414 22.85 -33.24 -31.50
C ARG C 414 22.28 -33.80 -32.80
N ARG C 415 20.99 -33.57 -33.01
CA ARG C 415 20.24 -34.03 -34.22
C ARG C 415 20.94 -33.54 -35.51
N GLN C 416 21.52 -32.34 -35.49
CA GLN C 416 22.15 -31.71 -36.67
C GLN C 416 23.58 -32.25 -36.89
N ASP C 417 24.16 -32.98 -35.94
CA ASP C 417 25.57 -33.49 -36.06
C ASP C 417 25.55 -34.91 -36.62
N ASN C 418 26.43 -35.24 -37.55
CA ASN C 418 26.56 -36.59 -38.18
C ASN C 418 27.33 -37.54 -37.26
N ASP C 419 28.05 -36.98 -36.30
CA ASP C 419 28.98 -37.66 -35.35
C ASP C 419 28.47 -37.56 -33.90
N ILE C 420 28.81 -38.55 -33.07
CA ILE C 420 28.61 -38.51 -31.58
C ILE C 420 29.96 -38.81 -30.93
N PHE C 421 30.11 -38.36 -29.68
CA PHE C 421 31.25 -38.70 -28.80
C PHE C 421 30.66 -39.48 -27.63
N VAL C 422 31.17 -40.68 -27.40
CA VAL C 422 30.61 -41.66 -26.41
C VAL C 422 31.69 -41.89 -25.35
N LEU C 423 31.41 -41.51 -24.10
CA LEU C 423 32.35 -41.80 -22.98
C LEU C 423 31.93 -43.13 -22.37
N PHE C 424 32.80 -44.13 -22.51
CA PHE C 424 32.63 -45.49 -21.94
C PHE C 424 33.42 -45.59 -20.64
N SER C 425 32.79 -46.15 -19.62
CA SER C 425 33.46 -46.45 -18.33
C SER C 425 32.88 -47.73 -17.74
N SER C 426 33.65 -48.37 -16.85
CA SER C 426 33.22 -49.55 -16.07
C SER C 426 33.97 -49.57 -14.74
N PHE C 427 33.91 -50.66 -13.98
CA PHE C 427 34.72 -50.78 -12.73
C PHE C 427 36.21 -50.76 -13.11
N LEU C 428 36.56 -51.13 -14.35
CA LEU C 428 37.97 -51.30 -14.78
C LEU C 428 38.41 -50.24 -15.78
N SER C 429 37.48 -49.62 -16.53
CA SER C 429 37.81 -48.57 -17.53
C SER C 429 37.47 -47.20 -16.96
N PRO C 430 38.50 -46.36 -16.72
CA PRO C 430 38.27 -45.04 -16.13
C PRO C 430 37.63 -44.03 -17.08
N GLY C 431 37.66 -44.28 -18.41
CA GLY C 431 36.97 -43.38 -19.37
C GLY C 431 37.65 -43.35 -20.70
N THR C 432 37.05 -44.04 -21.67
CA THR C 432 37.47 -43.99 -23.08
C THR C 432 36.45 -43.18 -23.85
N VAL C 433 36.90 -42.15 -24.56
CA VAL C 433 36.02 -41.36 -25.45
C VAL C 433 36.21 -41.93 -26.86
N TYR C 434 35.13 -42.49 -27.42
CA TYR C 434 35.03 -42.92 -28.83
C TYR C 434 34.32 -41.83 -29.64
N ARG C 435 34.70 -41.71 -30.91
CA ARG C 435 33.90 -41.00 -31.95
C ARG C 435 33.17 -42.05 -32.78
N TYR C 436 31.85 -41.89 -32.97
CA TYR C 436 31.04 -42.67 -33.93
C TYR C 436 30.44 -41.73 -35.00
N THR C 437 30.70 -42.05 -36.26
CA THR C 437 30.21 -41.31 -37.44
C THR C 437 29.14 -42.17 -38.12
N PHE C 438 27.89 -41.71 -38.16
CA PHE C 438 26.76 -42.42 -38.79
C PHE C 438 26.90 -42.42 -40.31
N GLY C 439 26.49 -43.52 -40.91
CA GLY C 439 26.45 -43.69 -42.37
C GLY C 439 25.08 -44.14 -42.81
N GLU C 440 24.99 -44.63 -44.05
CA GLU C 440 23.72 -45.00 -44.71
C GLU C 440 23.22 -46.30 -44.08
N GLU C 441 24.08 -47.33 -43.96
CA GLU C 441 23.72 -48.67 -43.45
C GLU C 441 24.46 -48.96 -42.14
N LYS C 442 25.79 -48.87 -42.14
CA LYS C 442 26.66 -48.92 -40.92
C LYS C 442 27.48 -47.63 -40.82
N GLY C 443 28.04 -47.39 -39.63
CA GLY C 443 28.88 -46.20 -39.33
C GLY C 443 30.33 -46.59 -39.11
N TYR C 444 31.13 -45.63 -38.63
N TYR C 444 31.17 -45.63 -38.67
CA TYR C 444 32.57 -45.78 -38.30
CA TYR C 444 32.56 -45.96 -38.25
C TYR C 444 32.83 -45.39 -36.84
C TYR C 444 32.85 -45.39 -36.85
N ARG C 445 33.53 -46.24 -36.10
CA ARG C 445 33.96 -46.00 -34.72
C ARG C 445 35.46 -45.75 -34.70
N SER C 446 35.91 -44.72 -33.99
CA SER C 446 37.35 -44.52 -33.69
C SER C 446 37.51 -44.25 -32.19
N LEU C 447 38.64 -44.67 -31.62
CA LEU C 447 39.04 -44.28 -30.25
C LEU C 447 39.62 -42.87 -30.35
N PHE C 448 39.00 -41.91 -29.67
CA PHE C 448 39.45 -40.50 -29.65
C PHE C 448 40.57 -40.33 -28.62
N ARG C 449 40.25 -40.46 -27.33
CA ARG C 449 41.20 -40.31 -26.20
C ARG C 449 40.77 -41.24 -25.05
N ALA C 450 41.73 -41.80 -24.33
CA ALA C 450 41.52 -42.68 -23.17
C ALA C 450 42.20 -42.05 -21.97
N ILE C 451 41.51 -42.08 -20.83
CA ILE C 451 42.10 -41.75 -19.51
C ILE C 451 43.09 -42.87 -19.16
N SER C 452 44.30 -42.48 -18.72
CA SER C 452 45.33 -43.39 -18.17
C SER C 452 45.58 -43.04 -16.69
N ILE C 453 45.79 -44.05 -15.85
CA ILE C 453 46.12 -43.86 -14.41
C ILE C 453 47.56 -44.32 -14.18
N PRO C 454 48.54 -43.39 -14.09
CA PRO C 454 49.95 -43.78 -13.93
C PRO C 454 50.24 -44.50 -12.61
N GLY C 455 49.41 -44.27 -11.58
CA GLY C 455 49.59 -44.84 -10.23
C GLY C 455 49.03 -46.25 -10.07
N LEU C 456 48.47 -46.87 -11.11
CA LEU C 456 47.73 -48.15 -10.98
C LEU C 456 47.80 -48.95 -12.29
N ASN C 457 47.99 -50.27 -12.18
CA ASN C 457 47.96 -51.21 -13.33
C ASN C 457 46.58 -51.89 -13.36
N LEU C 458 45.68 -51.41 -14.22
CA LEU C 458 44.26 -51.87 -14.32
C LEU C 458 44.23 -53.35 -14.71
N ASP C 459 45.25 -53.82 -15.43
CA ASP C 459 45.37 -55.24 -15.88
C ASP C 459 45.46 -56.18 -14.68
N ASP C 460 45.79 -55.69 -13.48
CA ASP C 460 45.89 -56.51 -12.25
C ASP C 460 44.49 -56.91 -11.74
N PHE C 461 43.43 -56.28 -12.24
CA PHE C 461 42.05 -56.42 -11.70
C PHE C 461 41.14 -57.12 -12.72
N MET C 462 40.10 -57.76 -12.20
CA MET C 462 39.02 -58.38 -13.01
C MET C 462 37.65 -58.05 -12.39
N THR C 463 36.62 -58.00 -13.22
CA THR C 463 35.19 -57.90 -12.82
C THR C 463 34.49 -59.18 -13.28
N GLU C 464 34.02 -60.00 -12.33
CA GLU C 464 33.17 -61.19 -12.55
C GLU C 464 31.69 -60.77 -12.48
N SER C 465 30.83 -61.57 -13.10
CA SER C 465 29.36 -61.44 -13.03
C SER C 465 28.81 -62.75 -12.45
N VAL C 466 28.12 -62.71 -11.31
CA VAL C 466 27.56 -63.91 -10.64
C VAL C 466 26.09 -63.67 -10.30
N PHE C 467 25.38 -64.78 -10.05
CA PHE C 467 23.95 -64.79 -9.70
C PHE C 467 23.80 -65.53 -8.37
N TYR C 468 22.97 -65.03 -7.46
CA TYR C 468 22.73 -65.69 -6.14
C TYR C 468 21.25 -65.64 -5.81
N PRO C 469 20.73 -66.66 -5.10
CA PRO C 469 19.33 -66.66 -4.67
C PRO C 469 19.17 -65.86 -3.37
N SER C 470 18.11 -65.04 -3.32
CA SER C 470 17.71 -64.27 -2.11
C SER C 470 16.92 -65.21 -1.19
N LYS C 471 16.44 -64.70 -0.06
CA LYS C 471 15.68 -65.50 0.95
C LYS C 471 14.48 -66.15 0.26
N ASP C 472 13.81 -65.44 -0.67
CA ASP C 472 12.56 -65.90 -1.34
C ASP C 472 12.89 -66.66 -2.63
N GLY C 473 14.18 -66.89 -2.93
CA GLY C 473 14.63 -67.68 -4.09
C GLY C 473 14.78 -66.85 -5.36
N THR C 474 14.49 -65.55 -5.32
CA THR C 474 14.71 -64.62 -6.45
C THR C 474 16.20 -64.61 -6.81
N SER C 475 16.48 -64.82 -8.10
CA SER C 475 17.85 -64.75 -8.65
C SER C 475 18.25 -63.29 -8.71
N VAL C 476 19.32 -62.94 -8.01
CA VAL C 476 19.89 -61.56 -8.03
C VAL C 476 21.28 -61.62 -8.66
N HIS C 477 21.55 -60.65 -9.53
CA HIS C 477 22.85 -60.48 -10.21
C HIS C 477 23.77 -59.69 -9.30
N MET C 478 25.05 -60.03 -9.28
CA MET C 478 26.07 -59.25 -8.52
C MET C 478 27.35 -59.17 -9.36
N PHE C 479 27.96 -57.98 -9.40
CA PHE C 479 29.32 -57.74 -9.96
C PHE C 479 30.33 -57.92 -8.84
N ILE C 480 31.47 -58.56 -9.13
CA ILE C 480 32.60 -58.70 -8.18
C ILE C 480 33.88 -58.23 -8.87
N THR C 481 34.45 -57.11 -8.42
CA THR C 481 35.79 -56.63 -8.85
C THR C 481 36.84 -57.08 -7.82
N ARG C 482 37.99 -57.58 -8.26
CA ARG C 482 39.09 -58.00 -7.35
C ARG C 482 40.42 -58.02 -8.06
N PRO C 483 41.55 -58.03 -7.33
CA PRO C 483 42.83 -58.37 -7.92
C PRO C 483 42.73 -59.80 -8.47
N LYS C 484 43.27 -60.03 -9.67
CA LYS C 484 43.35 -61.37 -10.31
C LYS C 484 44.06 -62.38 -9.40
N ASP C 485 45.02 -61.93 -8.58
CA ASP C 485 45.95 -62.82 -7.83
C ASP C 485 45.48 -63.04 -6.38
N VAL C 486 44.34 -62.49 -5.99
CA VAL C 486 43.71 -62.77 -4.66
C VAL C 486 43.11 -64.17 -4.73
N LEU C 487 43.41 -65.00 -3.73
CA LEU C 487 42.88 -66.38 -3.59
C LEU C 487 41.47 -66.31 -2.99
N LEU C 488 40.54 -67.09 -3.55
CA LEU C 488 39.18 -67.29 -3.00
C LEU C 488 39.24 -68.44 -2.00
N ASP C 489 39.91 -68.18 -0.86
CA ASP C 489 40.17 -69.18 0.22
C ASP C 489 39.49 -68.72 1.51
N GLY C 490 38.48 -67.84 1.41
CA GLY C 490 37.64 -67.36 2.53
C GLY C 490 38.41 -66.49 3.52
N THR C 491 39.46 -65.78 3.10
CA THR C 491 40.29 -64.90 3.98
C THR C 491 40.15 -63.43 3.59
N SER C 492 39.69 -63.14 2.37
CA SER C 492 39.66 -61.78 1.80
C SER C 492 38.61 -60.92 2.51
N PRO C 493 38.93 -59.65 2.81
CA PRO C 493 37.93 -58.65 3.17
C PRO C 493 37.06 -58.29 1.95
N VAL C 494 35.85 -57.79 2.20
CA VAL C 494 34.91 -57.26 1.17
C VAL C 494 34.51 -55.83 1.51
N LEU C 495 34.44 -54.97 0.50
CA LEU C 495 33.65 -53.72 0.53
C LEU C 495 32.43 -53.95 -0.37
N GLN C 496 31.25 -53.97 0.23
CA GLN C 496 29.97 -54.31 -0.42
C GLN C 496 29.09 -53.07 -0.42
N TYR C 497 28.75 -52.54 -1.61
CA TYR C 497 28.07 -51.25 -1.77
C TYR C 497 26.67 -51.52 -2.33
N GLY C 498 25.66 -50.84 -1.81
CA GLY C 498 24.27 -51.01 -2.29
C GLY C 498 23.50 -49.73 -2.19
N TYR C 499 22.36 -49.68 -2.89
CA TYR C 499 21.38 -48.57 -2.83
C TYR C 499 20.00 -49.19 -2.60
N GLY C 500 19.42 -49.79 -3.65
CA GLY C 500 18.10 -50.45 -3.58
C GLY C 500 16.93 -49.48 -3.47
N GLY C 501 16.60 -48.77 -4.55
CA GLY C 501 15.41 -47.90 -4.53
C GLY C 501 15.33 -46.97 -5.72
N PHE C 502 14.16 -46.34 -5.88
CA PHE C 502 13.90 -45.18 -6.76
C PHE C 502 14.25 -45.52 -8.22
N SER C 503 14.21 -46.81 -8.57
CA SER C 503 14.49 -47.26 -9.95
C SER C 503 15.91 -46.87 -10.36
N LEU C 504 16.83 -46.69 -9.41
CA LEU C 504 18.26 -46.35 -9.72
C LEU C 504 19.09 -47.63 -9.80
N ALA C 505 19.63 -47.92 -10.97
CA ALA C 505 20.50 -49.08 -11.27
C ALA C 505 21.92 -48.77 -10.78
N MET C 506 22.57 -49.73 -10.12
CA MET C 506 24.01 -49.68 -9.75
C MET C 506 24.81 -50.25 -10.92
N LEU C 507 25.32 -49.34 -11.76
CA LEU C 507 26.02 -49.66 -13.04
C LEU C 507 27.51 -49.87 -12.78
N PRO C 508 28.21 -50.61 -13.65
CA PRO C 508 29.67 -50.56 -13.63
C PRO C 508 30.09 -49.08 -13.68
N THR C 509 30.89 -48.66 -12.72
CA THR C 509 31.23 -47.23 -12.44
C THR C 509 32.70 -47.19 -12.02
N PHE C 510 33.50 -46.29 -12.57
CA PHE C 510 34.93 -46.26 -12.24
C PHE C 510 35.11 -45.50 -10.93
N SER C 511 35.79 -46.12 -9.97
CA SER C 511 36.30 -45.45 -8.76
C SER C 511 37.71 -45.96 -8.49
N LEU C 512 38.71 -45.11 -8.74
CA LEU C 512 40.10 -45.40 -8.39
C LEU C 512 40.23 -45.80 -6.90
N SER C 513 39.53 -45.10 -6.01
CA SER C 513 39.60 -45.29 -4.53
C SER C 513 39.29 -46.76 -4.21
N THR C 514 38.25 -47.31 -4.82
CA THR C 514 37.79 -48.70 -4.56
C THR C 514 38.81 -49.71 -5.09
N LEU C 515 39.48 -49.45 -6.22
CA LEU C 515 40.51 -50.38 -6.73
C LEU C 515 41.72 -50.34 -5.79
N LEU C 516 42.07 -49.17 -5.24
CA LEU C 516 43.16 -49.01 -4.26
C LEU C 516 42.81 -49.80 -2.98
N PHE C 517 41.56 -49.77 -2.54
CA PHE C 517 41.06 -50.59 -1.40
C PHE C 517 41.33 -52.07 -1.73
N CYS C 518 40.94 -52.52 -2.92
CA CYS C 518 41.14 -53.92 -3.39
C CYS C 518 42.63 -54.27 -3.38
N LYS C 519 43.48 -53.38 -3.87
CA LYS C 519 44.94 -53.66 -4.02
C LYS C 519 45.58 -53.66 -2.62
N ILE C 520 45.44 -52.55 -1.87
CA ILE C 520 46.11 -52.33 -0.55
C ILE C 520 45.68 -53.40 0.47
N TYR C 521 44.41 -53.83 0.47
CA TYR C 521 43.85 -54.75 1.49
C TYR C 521 43.53 -56.12 0.87
N ARG C 522 43.93 -56.37 -0.38
CA ARG C 522 43.76 -57.69 -1.04
C ARG C 522 42.27 -58.07 -0.96
N ALA C 523 41.41 -57.09 -1.28
CA ALA C 523 39.97 -57.08 -0.97
C ALA C 523 39.16 -57.35 -2.23
N ILE C 524 37.88 -57.70 -2.07
CA ILE C 524 36.93 -57.78 -3.22
C ILE C 524 35.94 -56.61 -3.11
N TYR C 525 35.50 -56.05 -4.25
CA TYR C 525 34.49 -54.96 -4.30
C TYR C 525 33.21 -55.52 -4.94
N ALA C 526 32.15 -55.64 -4.13
CA ALA C 526 30.91 -56.38 -4.43
C ALA C 526 29.77 -55.39 -4.60
N ILE C 527 29.05 -55.48 -5.72
CA ILE C 527 27.90 -54.61 -6.08
C ILE C 527 26.74 -55.53 -6.41
N PRO C 528 25.94 -55.96 -5.41
CA PRO C 528 24.75 -56.75 -5.69
C PRO C 528 23.64 -55.85 -6.25
N ASN C 529 23.04 -56.26 -7.36
CA ASN C 529 21.97 -55.49 -8.05
C ASN C 529 20.63 -55.82 -7.39
N ILE C 530 20.47 -55.41 -6.12
CA ILE C 530 19.31 -55.76 -5.26
C ILE C 530 18.04 -55.07 -5.78
N ARG C 531 16.88 -55.57 -5.36
CA ARG C 531 15.55 -55.02 -5.72
C ARG C 531 15.43 -53.57 -5.26
N GLY C 532 14.49 -52.81 -5.84
CA GLY C 532 14.39 -51.35 -5.66
C GLY C 532 14.99 -50.61 -6.86
N GLY C 533 16.02 -51.18 -7.50
CA GLY C 533 16.61 -50.57 -8.71
C GLY C 533 15.81 -50.91 -9.94
N SER C 534 16.29 -50.49 -11.11
CA SER C 534 15.71 -50.71 -12.46
C SER C 534 16.49 -51.79 -13.24
N GLU C 535 17.44 -52.47 -12.59
CA GLU C 535 18.35 -53.44 -13.26
C GLU C 535 17.53 -54.46 -14.05
N TYR C 536 16.47 -54.99 -13.47
CA TYR C 536 15.61 -56.00 -14.16
C TYR C 536 14.27 -55.35 -14.52
N GLY C 537 14.29 -54.06 -14.81
CA GLY C 537 13.11 -53.29 -15.26
C GLY C 537 12.41 -52.65 -14.09
N GLU C 538 11.32 -51.92 -14.34
CA GLU C 538 10.56 -51.15 -13.33
C GLU C 538 9.94 -52.10 -12.30
N SER C 539 9.62 -53.32 -12.70
CA SER C 539 9.07 -54.35 -11.80
C SER C 539 10.11 -54.73 -10.72
N TRP C 540 11.42 -54.59 -11.01
CA TRP C 540 12.54 -54.77 -10.05
C TRP C 540 12.48 -53.72 -8.92
N HIS C 541 12.07 -52.49 -9.24
CA HIS C 541 11.79 -51.37 -8.31
C HIS C 541 10.53 -51.70 -7.49
N ARG C 542 9.46 -52.12 -8.16
CA ARG C 542 8.14 -52.40 -7.51
C ARG C 542 8.29 -53.52 -6.47
N GLU C 543 9.22 -54.46 -6.69
CA GLU C 543 9.46 -55.62 -5.79
C GLU C 543 10.35 -55.22 -4.61
N GLY C 544 10.70 -53.94 -4.46
CA GLY C 544 11.71 -53.44 -3.53
C GLY C 544 11.33 -52.07 -3.00
N MET C 545 10.02 -51.82 -2.84
CA MET C 545 9.49 -50.52 -2.35
C MET C 545 8.25 -50.78 -1.53
N LEU C 546 7.79 -49.75 -0.80
CA LEU C 546 6.55 -49.80 0.03
C LEU C 546 6.61 -51.01 0.96
N ASP C 547 5.60 -51.88 0.93
CA ASP C 547 5.48 -53.07 1.82
C ASP C 547 6.49 -54.16 1.40
N LYS C 548 7.22 -53.97 0.29
CA LYS C 548 8.22 -54.97 -0.20
C LYS C 548 9.65 -54.45 0.00
N LYS C 549 9.82 -53.37 0.75
CA LYS C 549 11.14 -52.78 1.06
C LYS C 549 12.04 -53.82 1.73
N GLN C 550 11.48 -54.71 2.54
CA GLN C 550 12.24 -55.75 3.28
C GLN C 550 12.98 -56.64 2.26
N ASN C 551 12.46 -56.78 1.04
CA ASN C 551 13.13 -57.57 -0.03
C ASN C 551 14.52 -57.00 -0.30
N VAL C 552 14.66 -55.68 -0.21
CA VAL C 552 15.93 -54.96 -0.49
C VAL C 552 16.99 -55.45 0.51
N PHE C 553 16.65 -55.41 1.79
CA PHE C 553 17.59 -55.79 2.89
C PHE C 553 17.93 -57.27 2.76
N ASP C 554 16.95 -58.11 2.44
CA ASP C 554 17.11 -59.58 2.32
C ASP C 554 18.08 -59.89 1.16
N ASP C 555 17.91 -59.20 0.02
CA ASP C 555 18.81 -59.34 -1.15
C ASP C 555 20.24 -59.03 -0.73
N PHE C 556 20.46 -57.94 -0.01
CA PHE C 556 21.81 -57.47 0.40
C PHE C 556 22.43 -58.46 1.39
N ASN C 557 21.66 -58.90 2.40
N ASN C 557 21.67 -58.90 2.40
CA ASN C 557 22.11 -59.90 3.40
CA ASN C 557 22.10 -59.90 3.41
C ASN C 557 22.51 -61.19 2.68
C ASN C 557 22.51 -61.19 2.68
N ALA C 558 21.67 -61.66 1.76
CA ALA C 558 21.89 -62.91 0.98
C ALA C 558 23.17 -62.79 0.13
N ALA C 559 23.49 -61.59 -0.36
CA ALA C 559 24.74 -61.34 -1.13
C ALA C 559 25.96 -61.62 -0.25
N THR C 560 25.96 -61.08 0.98
CA THR C 560 27.02 -61.30 1.99
C THR C 560 27.17 -62.80 2.31
N GLU C 561 26.07 -63.49 2.58
CA GLU C 561 26.08 -64.94 2.93
C GLU C 561 26.65 -65.71 1.74
N TRP C 562 26.31 -65.31 0.51
CA TRP C 562 26.77 -66.01 -0.71
C TRP C 562 28.29 -65.84 -0.86
N LEU C 563 28.82 -64.64 -0.67
CA LEU C 563 30.28 -64.35 -0.70
C LEU C 563 31.04 -65.20 0.34
N ILE C 564 30.48 -65.34 1.55
CA ILE C 564 31.10 -66.17 2.64
C ILE C 564 31.05 -67.65 2.23
N ALA C 565 29.87 -68.15 1.87
CA ALA C 565 29.64 -69.57 1.51
C ALA C 565 30.56 -69.99 0.35
N ASN C 566 30.82 -69.11 -0.61
CA ASN C 566 31.60 -69.40 -1.84
C ASN C 566 33.06 -68.94 -1.67
N LYS C 567 33.46 -68.56 -0.45
CA LYS C 567 34.89 -68.37 -0.03
C LYS C 567 35.50 -67.16 -0.74
N TYR C 568 34.70 -66.22 -1.24
CA TYR C 568 35.19 -64.91 -1.73
C TYR C 568 35.70 -64.08 -0.55
N ALA C 569 35.06 -64.22 0.61
CA ALA C 569 35.21 -63.31 1.76
C ALA C 569 35.21 -64.09 3.07
N SER C 570 36.04 -63.64 4.02
CA SER C 570 36.00 -64.07 5.44
C SER C 570 34.70 -63.57 6.06
N LYS C 571 34.03 -64.42 6.84
CA LYS C 571 32.81 -64.07 7.63
C LYS C 571 33.14 -62.91 8.58
N ASP C 572 34.41 -62.66 8.89
CA ASP C 572 34.82 -61.68 9.93
C ASP C 572 35.26 -60.35 9.30
N ARG C 573 35.19 -60.19 7.97
CA ARG C 573 35.73 -59.00 7.25
C ARG C 573 34.76 -58.47 6.18
N ILE C 574 33.47 -58.41 6.51
CA ILE C 574 32.43 -57.82 5.62
C ILE C 574 32.26 -56.35 6.02
N ALA C 575 32.60 -55.44 5.10
CA ALA C 575 32.25 -54.01 5.24
C ALA C 575 31.15 -53.68 4.22
N ILE C 576 30.13 -52.97 4.68
CA ILE C 576 29.00 -52.55 3.82
C ILE C 576 28.95 -51.03 3.80
N ARG C 577 28.41 -50.50 2.70
CA ARG C 577 28.43 -49.06 2.41
C ARG C 577 27.17 -48.68 1.65
N GLY C 578 26.65 -47.48 1.90
CA GLY C 578 25.37 -47.00 1.36
C GLY C 578 25.20 -45.52 1.70
N GLY C 579 24.50 -44.81 0.84
CA GLY C 579 24.29 -43.36 0.92
C GLY C 579 22.84 -43.03 0.70
N ALA C 580 22.32 -42.09 1.48
CA ALA C 580 20.94 -41.55 1.35
C ALA C 580 19.96 -42.71 1.51
N ASN C 581 19.26 -43.13 0.45
CA ASN C 581 18.35 -44.32 0.50
C ASN C 581 19.18 -45.55 0.87
N GLY C 582 20.43 -45.60 0.37
CA GLY C 582 21.43 -46.63 0.70
C GLY C 582 21.70 -46.70 2.20
N GLY C 583 21.47 -45.61 2.93
CA GLY C 583 21.60 -45.58 4.41
C GLY C 583 20.44 -46.25 5.12
N VAL C 584 19.26 -46.33 4.51
CA VAL C 584 18.16 -47.18 5.01
C VAL C 584 18.69 -48.61 5.00
N LEU C 585 19.35 -48.97 3.90
CA LEU C 585 19.89 -50.32 3.60
C LEU C 585 20.91 -50.69 4.67
N THR C 586 21.93 -49.86 4.90
CA THR C 586 23.07 -50.20 5.78
C THR C 586 22.59 -50.29 7.24
N THR C 587 21.76 -49.35 7.70
CA THR C 587 21.26 -49.30 9.11
C THR C 587 20.25 -50.42 9.34
N ALA C 588 19.37 -50.72 8.39
CA ALA C 588 18.40 -51.83 8.54
C ALA C 588 19.16 -53.15 8.63
N CYS C 589 20.10 -53.40 7.70
CA CYS C 589 20.90 -54.65 7.66
C CYS C 589 21.74 -54.80 8.95
N ALA C 590 22.33 -53.71 9.44
CA ALA C 590 23.12 -53.67 10.69
C ALA C 590 22.21 -54.07 11.87
N ASN C 591 20.97 -53.57 11.88
CA ASN C 591 19.94 -53.90 12.89
C ASN C 591 19.53 -55.37 12.78
N GLN C 592 19.31 -55.89 11.56
CA GLN C 592 18.62 -57.20 11.36
C GLN C 592 19.60 -58.38 11.33
N ALA C 593 20.87 -58.15 11.02
CA ALA C 593 21.93 -59.20 11.04
C ALA C 593 23.27 -58.58 11.42
N PRO C 594 23.41 -58.04 12.65
CA PRO C 594 24.66 -57.40 13.06
C PRO C 594 25.87 -58.34 13.00
N GLY C 595 25.65 -59.64 13.22
CA GLY C 595 26.67 -60.70 13.22
C GLY C 595 27.30 -60.92 11.84
N LEU C 596 26.66 -60.47 10.76
CA LEU C 596 27.19 -60.63 9.38
C LEU C 596 28.29 -59.60 9.11
N TYR C 597 28.19 -58.41 9.70
CA TYR C 597 28.95 -57.21 9.29
C TYR C 597 30.02 -56.89 10.32
N ARG C 598 31.20 -56.48 9.85
CA ARG C 598 32.31 -56.04 10.74
C ARG C 598 32.46 -54.52 10.67
N CYS C 599 31.94 -53.89 9.61
CA CYS C 599 32.04 -52.41 9.44
C CYS C 599 30.89 -51.94 8.57
N VAL C 600 30.26 -50.83 8.98
CA VAL C 600 29.10 -50.21 8.30
C VAL C 600 29.42 -48.74 8.08
N ILE C 601 29.49 -48.35 6.80
CA ILE C 601 29.72 -46.96 6.29
C ILE C 601 28.38 -46.42 5.78
N THR C 602 27.86 -45.38 6.41
CA THR C 602 26.58 -44.72 6.05
C THR C 602 26.92 -43.26 5.69
N ILE C 603 26.53 -42.84 4.48
CA ILE C 603 26.76 -41.46 3.97
C ILE C 603 25.41 -40.77 3.84
N GLU C 604 25.23 -39.62 4.48
CA GLU C 604 23.95 -38.85 4.44
C GLU C 604 22.75 -39.80 4.58
N GLY C 605 22.75 -40.69 5.56
CA GLY C 605 21.69 -41.71 5.72
C GLY C 605 20.30 -41.14 5.95
N ILE C 606 19.30 -41.77 5.33
CA ILE C 606 17.86 -41.66 5.70
C ILE C 606 17.63 -42.80 6.68
N ILE C 607 17.20 -42.51 7.92
CA ILE C 607 17.23 -43.54 8.99
C ILE C 607 15.89 -43.53 9.78
N ASP C 608 15.32 -42.36 10.05
CA ASP C 608 14.01 -42.25 10.75
C ASP C 608 12.88 -42.32 9.72
N MET C 609 12.36 -43.51 9.47
CA MET C 609 11.33 -43.77 8.46
C MET C 609 9.94 -43.33 8.91
N LEU C 610 9.78 -42.80 10.14
CA LEU C 610 8.48 -42.21 10.58
C LEU C 610 8.49 -40.68 10.36
N ARG C 611 9.63 -40.01 10.60
CA ARG C 611 9.68 -38.53 10.62
C ARG C 611 10.18 -37.98 9.27
N PHE C 612 10.62 -38.82 8.34
CA PHE C 612 11.25 -38.33 7.07
C PHE C 612 10.40 -37.30 6.34
N PRO C 613 9.05 -37.39 6.25
CA PRO C 613 8.25 -36.42 5.50
C PRO C 613 8.27 -34.97 6.02
N LYS C 614 8.72 -34.74 7.24
CA LYS C 614 8.61 -33.42 7.93
C LYS C 614 9.74 -32.49 7.50
N PHE C 615 10.74 -32.98 6.77
CA PHE C 615 11.99 -32.22 6.50
C PHE C 615 12.27 -32.10 5.00
N THR C 616 12.71 -30.90 4.60
CA THR C 616 13.07 -30.52 3.21
C THR C 616 12.21 -31.30 2.21
N PHE C 617 12.77 -32.26 1.49
CA PHE C 617 12.13 -32.91 0.32
C PHE C 617 11.63 -34.30 0.74
N GLY C 618 11.62 -34.60 2.04
CA GLY C 618 11.32 -35.95 2.54
C GLY C 618 9.94 -36.43 2.13
N ALA C 619 8.93 -35.55 2.15
CA ALA C 619 7.54 -35.93 1.87
C ALA C 619 7.42 -36.55 0.45
N SER C 620 8.28 -36.16 -0.49
CA SER C 620 8.27 -36.75 -1.86
C SER C 620 8.54 -38.26 -1.80
N TRP C 621 9.30 -38.72 -0.80
CA TRP C 621 9.74 -40.15 -0.67
C TRP C 621 8.61 -41.04 -0.11
N ARG C 622 7.46 -40.49 0.26
CA ARG C 622 6.28 -41.30 0.66
C ARG C 622 5.84 -42.26 -0.46
N SER C 623 6.08 -41.91 -1.73
CA SER C 623 5.78 -42.81 -2.89
C SER C 623 6.65 -44.07 -2.81
N GLU C 624 7.86 -43.95 -2.29
CA GLU C 624 8.84 -45.08 -2.19
C GLU C 624 8.63 -45.87 -0.88
N TYR C 625 8.58 -45.19 0.26
CA TYR C 625 8.62 -45.83 1.60
C TYR C 625 7.21 -46.08 2.13
N GLY C 626 6.21 -45.31 1.68
CA GLY C 626 4.84 -45.28 2.20
C GLY C 626 4.65 -44.04 3.04
N ASP C 627 3.42 -43.77 3.48
CA ASP C 627 3.08 -42.62 4.34
C ASP C 627 3.04 -43.10 5.79
N PRO C 628 3.98 -42.69 6.66
CA PRO C 628 4.00 -43.15 8.04
C PRO C 628 2.75 -42.72 8.85
N GLU C 629 2.06 -41.68 8.40
CA GLU C 629 0.82 -41.16 9.04
C GLU C 629 -0.40 -41.89 8.49
N ASP C 630 -0.21 -42.90 7.62
CA ASP C 630 -1.31 -43.78 7.15
C ASP C 630 -1.26 -45.04 8.00
N PRO C 631 -2.38 -45.44 8.62
CA PRO C 631 -2.39 -46.58 9.54
C PRO C 631 -1.83 -47.87 8.94
N GLU C 632 -2.11 -48.16 7.68
CA GLU C 632 -1.70 -49.42 7.02
C GLU C 632 -0.20 -49.37 6.74
N ASP C 633 0.26 -48.24 6.19
CA ASP C 633 1.68 -48.02 5.82
C ASP C 633 2.53 -48.01 7.10
N PHE C 634 2.06 -47.35 8.15
CA PHE C 634 2.80 -47.29 9.45
C PHE C 634 3.31 -48.69 9.83
N ASP C 635 2.45 -49.71 9.72
CA ASP C 635 2.72 -51.08 10.23
C ASP C 635 3.93 -51.68 9.52
N PHE C 636 4.05 -51.57 8.18
CA PHE C 636 5.19 -52.21 7.46
C PHE C 636 6.44 -51.33 7.58
N ILE C 637 6.29 -50.03 7.76
CA ILE C 637 7.45 -49.09 7.91
C ILE C 637 8.07 -49.33 9.29
N PHE C 638 7.25 -49.40 10.33
CA PHE C 638 7.71 -49.52 11.75
C PHE C 638 8.55 -50.79 11.94
N LYS C 639 8.22 -51.89 11.26
CA LYS C 639 8.96 -53.18 11.35
C LYS C 639 10.43 -52.98 10.99
N TYR C 640 10.77 -52.17 9.94
CA TYR C 640 12.19 -52.03 9.54
C TYR C 640 12.77 -50.67 9.91
N SER C 641 11.97 -49.65 10.19
CA SER C 641 12.50 -48.29 10.43
C SER C 641 13.76 -48.39 11.29
N PRO C 642 14.97 -48.23 10.74
CA PRO C 642 16.19 -48.54 11.48
C PRO C 642 16.34 -47.78 12.80
N TYR C 643 15.91 -46.51 12.85
CA TYR C 643 15.99 -45.67 14.06
C TYR C 643 15.17 -46.32 15.19
N HIS C 644 14.14 -47.10 14.85
CA HIS C 644 13.18 -47.72 15.81
C HIS C 644 13.47 -49.22 15.99
N ASN C 645 14.52 -49.79 15.37
CA ASN C 645 14.74 -51.26 15.45
C ASN C 645 16.17 -51.61 15.84
N ILE C 646 16.87 -50.71 16.55
CA ILE C 646 18.21 -51.00 17.11
C ILE C 646 18.00 -52.17 18.07
N PRO C 647 18.82 -53.26 18.01
CA PRO C 647 18.58 -54.43 18.83
C PRO C 647 18.84 -54.18 20.31
N PRO C 648 18.12 -54.85 21.24
CA PRO C 648 18.48 -54.85 22.66
C PRO C 648 19.94 -55.23 22.89
N PRO C 649 20.63 -54.57 23.84
CA PRO C 649 22.08 -54.70 23.97
C PRO C 649 22.55 -56.03 24.57
N GLY C 650 21.69 -56.72 25.34
CA GLY C 650 22.05 -57.93 26.10
C GLY C 650 22.59 -59.06 25.25
N ASP C 651 22.16 -59.18 23.98
CA ASP C 651 22.45 -60.35 23.11
C ASP C 651 22.68 -59.89 21.67
N THR C 652 23.47 -58.83 21.49
CA THR C 652 23.91 -58.32 20.15
C THR C 652 25.30 -57.69 20.26
N VAL C 653 26.22 -58.06 19.36
CA VAL C 653 27.49 -57.33 19.15
C VAL C 653 27.32 -56.51 17.87
N MET C 654 27.15 -55.20 18.03
CA MET C 654 26.93 -54.25 16.91
C MET C 654 28.26 -54.07 16.20
N PRO C 655 28.29 -54.12 14.85
CA PRO C 655 29.51 -53.80 14.12
C PRO C 655 29.96 -52.37 14.42
N ALA C 656 31.25 -52.08 14.23
CA ALA C 656 31.78 -50.70 14.09
C ALA C 656 31.02 -49.98 12.96
N MET C 657 30.71 -48.70 13.17
CA MET C 657 29.80 -47.91 12.30
C MET C 657 30.35 -46.48 12.18
N LEU C 658 30.49 -45.98 10.96
CA LEU C 658 30.95 -44.60 10.69
C LEU C 658 29.86 -43.91 9.86
N PHE C 659 29.28 -42.84 10.38
CA PHE C 659 28.24 -42.03 9.70
C PHE C 659 28.89 -40.73 9.19
N PHE C 660 28.80 -40.49 7.88
CA PHE C 660 29.25 -39.20 7.26
C PHE C 660 28.02 -38.31 7.10
N THR C 661 28.11 -37.04 7.48
CA THR C 661 27.06 -36.04 7.22
C THR C 661 27.66 -34.65 7.29
N ALA C 662 27.03 -33.67 6.63
CA ALA C 662 27.28 -32.22 6.81
C ALA C 662 26.46 -31.75 8.02
N ALA C 663 26.71 -30.53 8.51
CA ALA C 663 25.92 -29.90 9.60
C ALA C 663 24.60 -29.36 9.02
N TYR C 664 24.66 -28.80 7.81
CA TYR C 664 23.49 -28.40 6.98
C TYR C 664 23.53 -29.22 5.69
N ASP C 665 22.44 -29.93 5.39
CA ASP C 665 22.26 -30.71 4.13
C ASP C 665 20.77 -30.69 3.79
N ASP C 666 20.41 -30.09 2.65
CA ASP C 666 19.03 -29.88 2.14
C ASP C 666 18.43 -31.20 1.67
N ARG C 667 19.23 -32.14 1.18
CA ARG C 667 18.74 -33.33 0.43
C ARG C 667 18.35 -34.39 1.46
N VAL C 668 19.21 -34.66 2.44
CA VAL C 668 18.87 -35.53 3.60
C VAL C 668 19.25 -34.78 4.88
N SER C 669 18.25 -34.38 5.65
CA SER C 669 18.45 -33.58 6.88
C SER C 669 19.34 -34.40 7.81
N PRO C 670 20.44 -33.81 8.30
CA PRO C 670 21.41 -34.56 9.09
C PRO C 670 20.86 -35.12 10.41
N LEU C 671 19.66 -34.68 10.81
CA LEU C 671 18.95 -35.13 12.04
C LEU C 671 18.81 -36.65 12.02
N HIS C 672 18.65 -37.26 10.86
CA HIS C 672 18.57 -38.74 10.70
C HIS C 672 19.83 -39.36 11.31
N THR C 673 21.01 -38.86 10.93
CA THR C 673 22.30 -39.36 11.46
C THR C 673 22.46 -38.99 12.94
N PHE C 674 22.20 -37.72 13.27
CA PHE C 674 22.35 -37.17 14.63
C PHE C 674 21.61 -38.11 15.59
N LYS C 675 20.32 -38.31 15.37
CA LYS C 675 19.45 -39.09 16.29
C LYS C 675 19.93 -40.55 16.32
N HIS C 676 20.26 -41.17 15.19
CA HIS C 676 20.61 -42.61 15.17
C HIS C 676 21.93 -42.87 15.91
N VAL C 677 22.91 -41.97 15.73
CA VAL C 677 24.24 -42.07 16.40
C VAL C 677 24.01 -42.00 17.92
N ALA C 678 23.20 -41.05 18.40
CA ALA C 678 22.90 -40.87 19.84
C ALA C 678 22.28 -42.16 20.38
N ALA C 679 21.27 -42.69 19.69
CA ALA C 679 20.51 -43.88 20.14
C ALA C 679 21.44 -45.09 20.17
N LEU C 680 22.33 -45.24 19.19
CA LEU C 680 23.31 -46.37 19.14
C LEU C 680 24.29 -46.25 20.29
N GLN C 681 24.85 -45.06 20.54
CA GLN C 681 25.90 -44.83 21.58
C GLN C 681 25.27 -45.14 22.94
N HIS C 682 24.04 -44.66 23.15
CA HIS C 682 23.23 -44.89 24.37
C HIS C 682 22.90 -46.37 24.51
N ASN C 683 22.54 -47.06 23.43
CA ASN C 683 22.15 -48.50 23.51
C ASN C 683 23.40 -49.35 23.76
N PHE C 684 24.54 -48.95 23.18
CA PHE C 684 25.83 -49.71 23.27
C PHE C 684 26.93 -48.80 23.82
N PRO C 685 26.83 -48.36 25.09
CA PRO C 685 27.77 -47.36 25.62
C PRO C 685 29.25 -47.82 25.70
N LYS C 686 29.44 -49.17 25.71
CA LYS C 686 30.75 -49.85 25.90
C LYS C 686 31.25 -50.44 24.58
N GLY C 687 30.68 -50.08 23.43
CA GLY C 687 30.98 -50.77 22.17
C GLY C 687 30.54 -52.24 22.21
N PRO C 688 31.47 -53.21 22.03
CA PRO C 688 32.91 -52.93 21.94
C PRO C 688 33.40 -52.24 20.65
N ASN C 689 32.53 -52.10 19.67
CA ASN C 689 32.90 -51.54 18.34
C ASN C 689 32.36 -50.12 18.26
N PRO C 690 33.19 -49.11 17.88
CA PRO C 690 32.81 -47.71 18.07
C PRO C 690 31.77 -47.32 17.02
N CYS C 691 30.84 -46.44 17.41
CA CYS C 691 29.84 -45.81 16.53
C CYS C 691 30.14 -44.31 16.45
N LEU C 692 30.53 -43.81 15.28
CA LEU C 692 31.14 -42.46 15.14
C LEU C 692 30.40 -41.63 14.11
N MET C 693 30.32 -40.33 14.34
CA MET C 693 29.79 -39.37 13.35
C MET C 693 30.95 -38.48 12.89
N ARG C 694 31.30 -38.62 11.60
CA ARG C 694 32.33 -37.82 10.91
C ARG C 694 31.58 -36.68 10.21
N ILE C 695 31.72 -35.44 10.66
CA ILE C 695 30.90 -34.31 10.12
C ILE C 695 31.79 -33.28 9.40
N ASP C 696 31.33 -32.86 8.22
CA ASP C 696 31.89 -31.70 7.46
C ASP C 696 31.08 -30.45 7.84
N LEU C 697 31.73 -29.41 8.34
CA LEU C 697 31.08 -28.10 8.66
C LEU C 697 31.09 -27.19 7.40
N ASN C 698 31.60 -27.65 6.25
CA ASN C 698 31.71 -26.85 5.00
C ASN C 698 30.71 -27.34 3.94
N SER C 699 30.69 -28.64 3.68
CA SER C 699 30.07 -29.29 2.49
C SER C 699 28.55 -29.37 2.64
N GLY C 700 27.87 -29.81 1.57
CA GLY C 700 26.40 -29.74 1.42
C GLY C 700 25.78 -31.12 1.31
N HIS C 701 26.17 -31.87 0.28
CA HIS C 701 25.77 -33.29 0.03
C HIS C 701 26.95 -34.02 -0.62
N GLY C 704 28.62 -31.35 -5.55
CA GLY C 704 29.77 -30.58 -6.05
C GLY C 704 30.90 -30.49 -5.03
N LYS C 705 31.31 -31.65 -4.48
CA LYS C 705 32.38 -31.79 -3.45
C LYS C 705 33.77 -31.62 -4.11
N SER C 706 34.71 -30.98 -3.41
CA SER C 706 36.10 -30.75 -3.87
C SER C 706 36.89 -32.07 -3.84
N THR C 707 37.92 -32.20 -4.67
CA THR C 707 38.80 -33.41 -4.71
C THR C 707 39.45 -33.61 -3.33
N GLN C 708 39.93 -32.54 -2.69
CA GLN C 708 40.61 -32.56 -1.35
C GLN C 708 39.65 -33.17 -0.31
N GLU C 709 38.40 -32.69 -0.27
CA GLU C 709 37.38 -33.11 0.72
C GLU C 709 37.04 -34.59 0.50
N MET C 710 36.83 -34.98 -0.76
CA MET C 710 36.52 -36.37 -1.17
C MET C 710 37.64 -37.31 -0.66
N LEU C 711 38.90 -36.92 -0.84
CA LEU C 711 40.06 -37.77 -0.45
C LEU C 711 40.17 -37.84 1.09
N GLU C 712 39.93 -36.74 1.79
CA GLU C 712 40.02 -36.71 3.28
C GLU C 712 38.91 -37.58 3.88
N GLU C 713 37.73 -37.54 3.27
CA GLU C 713 36.57 -38.42 3.62
C GLU C 713 36.91 -39.88 3.30
N THR C 714 37.50 -40.14 2.13
CA THR C 714 37.84 -41.52 1.70
C THR C 714 38.89 -42.10 2.66
N ALA C 715 39.85 -41.28 3.10
CA ALA C 715 40.96 -41.71 3.99
C ALA C 715 40.41 -42.10 5.38
N ASP C 716 39.44 -41.35 5.89
CA ASP C 716 38.69 -41.70 7.14
C ASP C 716 37.95 -43.03 6.94
N GLU C 717 37.24 -43.16 5.83
CA GLU C 717 36.38 -44.34 5.56
C GLU C 717 37.28 -45.57 5.51
N TYR C 718 38.30 -45.57 4.66
CA TYR C 718 39.17 -46.76 4.43
C TYR C 718 40.00 -47.06 5.70
N SER C 719 40.55 -46.05 6.37
CA SER C 719 41.38 -46.26 7.58
C SER C 719 40.50 -46.84 8.68
N PHE C 720 39.25 -46.39 8.77
CA PHE C 720 38.27 -46.88 9.77
C PHE C 720 37.89 -48.33 9.42
N ILE C 721 37.69 -48.66 8.14
CA ILE C 721 37.37 -50.06 7.75
C ILE C 721 38.58 -50.93 8.15
N GLY C 722 39.80 -50.46 7.84
CA GLY C 722 41.05 -51.18 8.12
C GLY C 722 41.17 -51.49 9.60
N LYS C 723 41.00 -50.46 10.44
CA LYS C 723 41.05 -50.58 11.93
C LYS C 723 39.97 -51.57 12.39
N SER C 724 38.73 -51.39 11.94
CA SER C 724 37.55 -52.14 12.44
C SER C 724 37.67 -53.63 12.08
N MET C 725 38.33 -53.96 10.97
CA MET C 725 38.34 -55.37 10.47
C MET C 725 39.76 -55.99 10.61
N GLY C 726 40.70 -55.29 11.25
CA GLY C 726 42.05 -55.78 11.58
C GLY C 726 42.94 -55.98 10.37
N LEU C 727 42.86 -55.09 9.37
CA LEU C 727 43.57 -55.23 8.07
C LEU C 727 44.91 -54.48 8.16
N THR C 728 45.96 -55.08 7.64
CA THR C 728 47.28 -54.44 7.42
C THR C 728 47.33 -53.93 5.96
N MET C 729 47.83 -52.70 5.76
CA MET C 729 48.08 -52.11 4.42
C MET C 729 49.31 -52.76 3.75
N GLN C 730 49.11 -53.42 2.60
CA GLN C 730 50.18 -54.11 1.80
C GLN C 730 50.49 -53.36 0.51
N PRO D 4 -43.78 35.46 24.48
CA PRO D 4 -44.33 35.64 23.12
C PRO D 4 -44.93 34.34 22.56
N GLY D 5 -46.15 34.42 21.99
CA GLY D 5 -46.92 33.30 21.44
C GLY D 5 -46.18 32.51 20.37
N TRP D 6 -45.20 33.11 19.68
CA TRP D 6 -44.40 32.44 18.61
C TRP D 6 -43.30 31.56 19.20
N GLY D 7 -42.90 31.81 20.45
CA GLY D 7 -41.83 31.07 21.14
C GLY D 7 -42.34 29.75 21.71
N PRO D 8 -41.46 28.93 22.34
CA PRO D 8 -40.02 29.21 22.41
C PRO D 8 -39.25 28.80 21.15
N TYR D 9 -37.98 29.19 21.09
CA TYR D 9 -37.05 28.87 19.97
C TYR D 9 -36.75 27.37 19.99
N PRO D 10 -36.43 26.76 18.84
CA PRO D 10 -35.86 25.41 18.82
C PRO D 10 -34.57 25.38 19.63
N PRO D 11 -34.36 24.33 20.46
CA PRO D 11 -33.13 24.21 21.23
C PRO D 11 -31.95 24.00 20.27
N VAL D 12 -30.77 24.45 20.68
CA VAL D 12 -29.48 24.25 19.96
C VAL D 12 -28.45 23.80 20.98
N GLU D 13 -27.91 22.59 20.76
CA GLU D 13 -26.77 22.00 21.50
C GLU D 13 -25.65 23.03 21.58
N ARG D 14 -25.11 23.26 22.78
CA ARG D 14 -23.89 24.08 23.02
C ARG D 14 -22.74 23.15 23.35
N ASP D 15 -21.54 23.43 22.81
CA ASP D 15 -20.26 22.83 23.26
C ASP D 15 -19.54 23.89 24.10
N GLU D 16 -19.66 23.81 25.42
CA GLU D 16 -19.18 24.82 26.39
C GLU D 16 -17.64 24.78 26.49
N THR D 17 -17.00 23.70 25.99
CA THR D 17 -15.52 23.50 26.08
C THR D 17 -14.79 24.00 24.81
N SER D 18 -15.52 24.23 23.71
CA SER D 18 -14.90 24.56 22.39
C SER D 18 -14.38 25.99 22.43
N ALA D 19 -13.06 26.18 22.32
CA ALA D 19 -12.41 27.50 22.28
C ALA D 19 -11.15 27.47 21.40
N ILE D 20 -10.75 28.65 20.92
CA ILE D 20 -9.47 28.87 20.22
C ILE D 20 -8.81 30.08 20.88
N THR D 21 -7.49 29.99 21.05
CA THR D 21 -6.64 31.10 21.56
C THR D 21 -6.02 31.82 20.32
N TYR D 22 -6.16 33.13 20.27
CA TYR D 22 -5.61 34.04 19.23
C TYR D 22 -4.55 34.91 19.86
N SER D 23 -3.47 35.16 19.14
CA SER D 23 -2.43 36.15 19.50
C SER D 23 -3.06 37.54 19.42
N SER D 24 -2.66 38.45 20.31
CA SER D 24 -3.18 39.84 20.42
C SER D 24 -2.03 40.78 20.72
N LYS D 25 -1.89 41.88 19.99
CA LYS D 25 -0.85 42.89 20.28
C LYS D 25 -1.12 43.49 21.66
N LEU D 26 -2.39 43.80 21.97
CA LEU D 26 -2.76 44.54 23.20
C LEU D 26 -2.72 43.62 24.43
N HIS D 27 -3.20 42.38 24.30
CA HIS D 27 -3.53 41.48 25.45
C HIS D 27 -2.58 40.28 25.53
N GLY D 28 -1.63 40.16 24.60
CA GLY D 28 -0.74 38.98 24.49
C GLY D 28 -1.45 37.88 23.75
N SER D 29 -2.47 37.29 24.36
CA SER D 29 -3.40 36.34 23.69
C SER D 29 -4.79 36.48 24.26
N VAL D 30 -5.79 36.09 23.47
CA VAL D 30 -7.24 36.10 23.84
C VAL D 30 -7.83 34.74 23.49
N THR D 31 -8.34 34.04 24.49
CA THR D 31 -9.07 32.75 24.34
C THR D 31 -10.55 33.10 24.06
N VAL D 32 -11.04 32.72 22.89
CA VAL D 32 -12.42 32.99 22.42
C VAL D 32 -13.18 31.67 22.48
N ARG D 33 -14.31 31.65 23.17
CA ARG D 33 -15.18 30.46 23.25
C ARG D 33 -16.14 30.50 22.07
N ASP D 34 -16.39 29.35 21.44
CA ASP D 34 -17.36 29.20 20.34
C ASP D 34 -18.25 28.00 20.63
N PRO D 35 -19.35 28.18 21.37
CA PRO D 35 -20.23 27.06 21.73
C PRO D 35 -21.03 26.48 20.56
N TYR D 36 -20.99 27.10 19.37
CA TYR D 36 -21.74 26.63 18.17
C TYR D 36 -20.75 26.13 17.09
N SER D 37 -19.51 25.84 17.46
CA SER D 37 -18.40 25.39 16.57
C SER D 37 -18.83 24.13 15.79
N GLN D 38 -19.67 23.27 16.37
CA GLN D 38 -20.17 22.03 15.70
C GLN D 38 -20.89 22.40 14.39
N LEU D 39 -21.53 23.58 14.33
CA LEU D 39 -22.35 24.00 13.16
C LEU D 39 -21.45 24.47 12.01
N GLU D 40 -20.12 24.42 12.16
CA GLU D 40 -19.12 24.62 11.07
C GLU D 40 -19.01 23.37 10.21
N VAL D 41 -19.52 22.23 10.69
CA VAL D 41 -19.52 20.94 9.93
C VAL D 41 -20.67 21.02 8.94
N PRO D 42 -20.42 20.81 7.63
CA PRO D 42 -21.48 20.90 6.62
C PRO D 42 -22.70 20.03 6.96
N PHE D 43 -23.90 20.53 6.62
CA PHE D 43 -25.20 19.83 6.67
C PHE D 43 -25.04 18.36 6.28
N GLU D 44 -24.34 18.09 5.17
CA GLU D 44 -24.16 16.74 4.57
C GLU D 44 -23.48 15.78 5.56
N ASP D 45 -22.58 16.29 6.43
CA ASP D 45 -21.58 15.47 7.18
C ASP D 45 -21.95 15.34 8.66
N SER D 46 -23.02 15.97 9.15
CA SER D 46 -23.33 16.10 10.60
C SER D 46 -24.85 16.02 10.86
N GLU D 47 -25.28 15.07 11.69
CA GLU D 47 -26.68 14.93 12.19
C GLU D 47 -27.06 16.16 13.02
N GLU D 48 -26.12 16.71 13.81
CA GLU D 48 -26.32 17.92 14.64
C GLU D 48 -26.70 19.09 13.72
N THR D 49 -25.90 19.35 12.68
CA THR D 49 -26.13 20.42 11.68
C THR D 49 -27.48 20.18 10.97
N LYS D 50 -27.77 18.93 10.61
CA LYS D 50 -29.08 18.53 10.01
C LYS D 50 -30.24 18.87 10.97
N ALA D 51 -30.14 18.49 12.26
CA ALA D 51 -31.20 18.75 13.27
C ALA D 51 -31.43 20.27 13.40
N PHE D 52 -30.36 21.06 13.45
CA PHE D 52 -30.43 22.54 13.55
C PHE D 52 -31.15 23.13 12.32
N VAL D 53 -30.68 22.80 11.12
CA VAL D 53 -31.27 23.32 9.85
C VAL D 53 -32.77 23.01 9.84
N HIS D 54 -33.13 21.73 10.08
CA HIS D 54 -34.53 21.23 9.95
C HIS D 54 -35.45 21.91 10.97
N SER D 55 -35.04 21.97 12.24
CA SER D 55 -35.82 22.60 13.34
C SER D 55 -35.93 24.11 13.08
N GLN D 56 -34.82 24.78 12.74
CA GLN D 56 -34.81 26.25 12.47
C GLN D 56 -35.66 26.57 11.24
N ARG D 57 -35.63 25.69 10.22
CA ARG D 57 -36.37 25.88 8.94
C ARG D 57 -37.88 25.84 9.22
N LYS D 58 -38.36 24.78 9.89
CA LYS D 58 -39.79 24.57 10.26
C LYS D 58 -40.30 25.74 11.11
N PHE D 59 -39.49 26.18 12.06
CA PHE D 59 -39.83 27.26 13.01
C PHE D 59 -40.08 28.55 12.24
N ALA D 60 -39.15 28.93 11.36
CA ALA D 60 -39.25 30.12 10.50
C ALA D 60 -40.46 30.00 9.58
N ARG D 61 -40.64 28.82 8.96
CA ARG D 61 -41.72 28.54 7.97
C ARG D 61 -43.08 28.71 8.65
N THR D 62 -43.21 28.23 9.89
CA THR D 62 -44.44 28.38 10.72
C THR D 62 -44.74 29.85 10.97
N TYR D 63 -43.75 30.64 11.43
CA TYR D 63 -43.95 32.06 11.78
C TYR D 63 -44.39 32.84 10.54
N LEU D 64 -43.68 32.63 9.42
CA LEU D 64 -43.86 33.41 8.17
C LEU D 64 -45.18 33.07 7.50
N ASP D 65 -45.56 31.79 7.46
CA ASP D 65 -46.81 31.29 6.81
C ASP D 65 -48.05 31.62 7.64
N GLU D 66 -47.88 32.02 8.90
CA GLU D 66 -49.00 32.39 9.81
C GLU D 66 -49.48 33.81 9.43
N ASN D 67 -48.63 34.60 8.79
CA ASN D 67 -48.95 35.98 8.33
C ASN D 67 -49.71 35.89 7.00
N PRO D 68 -51.00 36.33 6.94
CA PRO D 68 -51.76 36.27 5.68
C PRO D 68 -51.13 37.11 4.57
N ASP D 69 -50.42 38.18 4.94
CA ASP D 69 -49.71 39.11 4.02
C ASP D 69 -48.59 38.38 3.26
N ARG D 70 -48.15 37.22 3.75
CA ARG D 70 -47.14 36.40 3.03
C ARG D 70 -47.74 35.97 1.68
N GLU D 71 -48.95 35.41 1.68
CA GLU D 71 -49.68 35.01 0.44
C GLU D 71 -50.01 36.26 -0.39
N ALA D 72 -50.50 37.32 0.25
CA ALA D 72 -50.88 38.59 -0.43
C ALA D 72 -49.65 39.09 -1.21
N TRP D 73 -48.49 39.11 -0.56
CA TRP D 73 -47.21 39.54 -1.17
C TRP D 73 -46.84 38.63 -2.34
N LEU D 74 -46.91 37.30 -2.16
CA LEU D 74 -46.52 36.32 -3.20
C LEU D 74 -47.34 36.56 -4.48
N GLU D 75 -48.64 36.85 -4.35
CA GLU D 75 -49.56 37.03 -5.51
C GLU D 75 -49.30 38.38 -6.19
N THR D 76 -49.13 39.44 -5.40
CA THR D 76 -48.70 40.77 -5.88
C THR D 76 -47.40 40.64 -6.70
N LEU D 77 -46.39 39.97 -6.15
CA LEU D 77 -45.04 39.81 -6.78
C LEU D 77 -45.16 39.03 -8.12
N LYS D 78 -45.91 37.93 -8.09
CA LYS D 78 -46.10 36.98 -9.21
C LYS D 78 -46.74 37.71 -10.41
N LYS D 79 -47.81 38.47 -10.18
CA LYS D 79 -48.53 39.23 -11.23
C LYS D 79 -47.60 40.31 -11.84
N SER D 80 -46.88 41.06 -11.00
CA SER D 80 -46.05 42.22 -11.39
C SER D 80 -44.78 41.75 -12.12
N TRP D 81 -44.23 40.60 -11.74
CA TRP D 81 -42.97 40.07 -12.33
C TRP D 81 -43.20 39.46 -13.73
N ASN D 82 -44.45 39.31 -14.15
CA ASN D 82 -44.79 38.69 -15.45
C ASN D 82 -44.66 39.75 -16.56
N TYR D 83 -43.43 40.19 -16.83
CA TYR D 83 -43.08 41.20 -17.86
C TYR D 83 -41.86 40.71 -18.65
N ARG D 84 -41.84 41.01 -19.96
CA ARG D 84 -40.77 40.60 -20.89
C ARG D 84 -39.47 41.29 -20.52
N ARG D 85 -38.39 40.52 -20.39
CA ARG D 85 -37.01 40.98 -20.06
C ARG D 85 -36.05 40.53 -21.15
N PHE D 86 -35.07 41.36 -21.47
CA PHE D 86 -34.07 41.05 -22.52
C PHE D 86 -32.80 41.86 -22.26
N SER D 87 -31.69 41.36 -22.78
CA SER D 87 -30.37 42.05 -22.83
C SER D 87 -30.26 42.93 -24.08
N ALA D 88 -29.19 43.71 -24.16
CA ALA D 88 -28.70 44.35 -25.41
C ALA D 88 -28.37 43.24 -26.42
N LEU D 89 -28.42 43.55 -27.72
CA LEU D 89 -27.97 42.61 -28.79
C LEU D 89 -26.45 42.51 -28.71
N LYS D 90 -25.90 41.31 -28.88
CA LYS D 90 -24.44 41.05 -28.76
C LYS D 90 -23.94 40.45 -30.07
N PRO D 91 -23.10 41.16 -30.85
CA PRO D 91 -22.67 40.66 -32.16
C PRO D 91 -21.66 39.53 -31.97
N GLU D 92 -21.85 38.42 -32.68
CA GLU D 92 -20.94 37.23 -32.59
C GLU D 92 -20.33 36.93 -33.95
N SER D 93 -19.32 36.07 -33.96
CA SER D 93 -18.45 35.79 -35.13
C SER D 93 -19.15 34.87 -36.14
N ASP D 94 -20.41 34.47 -35.92
CA ASP D 94 -21.24 33.71 -36.88
C ASP D 94 -22.22 34.67 -37.59
N GLY D 95 -22.00 35.98 -37.49
CA GLY D 95 -22.85 36.99 -38.16
C GLY D 95 -24.28 37.04 -37.62
N HIS D 96 -24.49 36.63 -36.37
CA HIS D 96 -25.76 36.79 -35.61
C HIS D 96 -25.52 37.72 -34.42
N TYR D 97 -26.52 38.51 -34.09
CA TYR D 97 -26.72 39.10 -32.76
C TYR D 97 -27.30 38.00 -31.87
N TYR D 98 -26.79 37.89 -30.63
CA TYR D 98 -27.37 37.02 -29.58
C TYR D 98 -27.97 37.95 -28.52
N PHE D 99 -29.06 37.52 -27.90
CA PHE D 99 -29.72 38.31 -26.83
C PHE D 99 -30.46 37.36 -25.87
N GLU D 100 -30.46 37.73 -24.59
CA GLU D 100 -31.17 37.01 -23.51
C GLU D 100 -32.63 37.44 -23.56
N TYR D 101 -33.55 36.51 -23.32
CA TYR D 101 -35.01 36.78 -23.25
C TYR D 101 -35.68 35.95 -22.15
N ASN D 102 -36.62 36.57 -21.43
CA ASN D 102 -37.58 35.90 -20.54
C ASN D 102 -38.97 36.50 -20.85
N ASP D 103 -39.95 35.66 -21.15
CA ASP D 103 -41.33 36.10 -21.49
C ASP D 103 -42.06 36.60 -20.22
N GLY D 104 -41.53 36.35 -19.03
CA GLY D 104 -42.09 36.87 -17.76
C GLY D 104 -41.77 36.00 -16.56
N LEU D 105 -42.28 34.78 -16.56
CA LEU D 105 -42.23 33.86 -15.38
C LEU D 105 -41.50 32.55 -15.71
N GLN D 106 -40.58 32.54 -16.68
CA GLN D 106 -39.68 31.37 -16.90
C GLN D 106 -38.62 31.39 -15.79
N SER D 107 -38.17 30.22 -15.37
CA SER D 107 -37.14 30.04 -14.30
C SER D 107 -35.91 30.89 -14.65
N GLN D 108 -35.41 30.74 -15.89
CA GLN D 108 -34.10 31.30 -16.34
C GLN D 108 -34.28 31.98 -17.71
N LEU D 109 -33.36 32.88 -18.05
CA LEU D 109 -33.23 33.54 -19.38
C LEU D 109 -32.94 32.48 -20.45
N SER D 110 -33.52 32.64 -21.63
CA SER D 110 -33.19 31.84 -22.84
C SER D 110 -32.29 32.69 -23.73
N LEU D 111 -31.43 32.03 -24.51
CA LEU D 111 -30.58 32.74 -25.50
C LEU D 111 -31.28 32.64 -26.86
N TYR D 112 -31.51 33.79 -27.48
CA TYR D 112 -32.06 33.91 -28.86
C TYR D 112 -30.98 34.53 -29.76
N ARG D 113 -31.19 34.43 -31.08
CA ARG D 113 -30.31 35.08 -32.08
C ARG D 113 -31.10 35.47 -33.32
N VAL D 114 -30.50 36.33 -34.13
CA VAL D 114 -31.07 36.92 -35.37
C VAL D 114 -29.88 37.33 -36.25
N ARG D 115 -29.91 37.03 -37.55
CA ARG D 115 -28.84 37.40 -38.49
C ARG D 115 -28.64 38.92 -38.36
N MET D 116 -27.40 39.40 -38.38
CA MET D 116 -27.14 40.86 -38.40
C MET D 116 -27.80 41.42 -39.66
N GLY D 117 -28.44 42.60 -39.56
CA GLY D 117 -29.27 43.22 -40.61
C GLY D 117 -30.77 42.93 -40.48
N GLU D 118 -31.17 41.87 -39.76
CA GLU D 118 -32.59 41.47 -39.56
C GLU D 118 -33.04 41.78 -38.14
N GLU D 119 -32.24 42.51 -37.37
CA GLU D 119 -32.46 42.69 -35.90
C GLU D 119 -33.67 43.61 -35.65
N ASP D 120 -34.12 44.36 -36.66
CA ASP D 120 -35.27 45.28 -36.51
C ASP D 120 -36.55 44.44 -36.34
N THR D 121 -36.51 43.13 -36.61
CA THR D 121 -37.66 42.20 -36.46
C THR D 121 -37.78 41.60 -35.04
N VAL D 122 -36.81 41.78 -34.14
CA VAL D 122 -36.83 41.06 -32.81
C VAL D 122 -37.47 41.94 -31.74
N LEU D 123 -37.83 41.32 -30.61
CA LEU D 123 -38.25 42.01 -29.36
C LEU D 123 -39.43 42.95 -29.65
N THR D 124 -40.52 42.44 -30.19
CA THR D 124 -41.76 43.22 -30.54
C THR D 124 -42.90 42.81 -29.59
N GLU D 125 -44.09 43.38 -29.83
CA GLU D 125 -45.37 42.94 -29.20
C GLU D 125 -45.56 41.44 -29.41
N SER D 126 -45.21 40.93 -30.60
CA SER D 126 -45.41 39.53 -31.03
C SER D 126 -44.59 38.56 -30.16
N GLY D 127 -43.40 38.98 -29.71
CA GLY D 127 -42.50 38.14 -28.89
C GLY D 127 -41.04 38.40 -29.23
N PRO D 128 -40.12 37.48 -28.85
CA PRO D 128 -38.69 37.72 -29.05
C PRO D 128 -38.29 37.80 -30.53
N GLY D 129 -39.00 37.06 -31.38
CA GLY D 129 -38.64 36.89 -32.81
C GLY D 129 -37.33 36.14 -32.91
N GLY D 130 -36.54 36.45 -33.92
CA GLY D 130 -35.29 35.74 -34.26
C GLY D 130 -35.46 34.23 -34.16
N GLU D 131 -34.44 33.53 -33.68
CA GLU D 131 -34.38 32.06 -33.54
C GLU D 131 -33.98 31.69 -32.10
N LEU D 132 -34.64 30.69 -31.47
CA LEU D 132 -34.18 30.13 -30.18
C LEU D 132 -32.83 29.44 -30.41
N PHE D 133 -31.82 29.76 -29.60
CA PHE D 133 -30.50 29.08 -29.65
C PHE D 133 -30.37 28.08 -28.50
N PHE D 134 -30.52 28.56 -27.26
CA PHE D 134 -30.27 27.75 -26.03
C PHE D 134 -31.32 28.09 -24.97
N ASN D 135 -32.02 27.07 -24.50
CA ASN D 135 -33.03 27.19 -23.41
C ASN D 135 -32.55 26.46 -22.16
N PRO D 136 -31.89 27.15 -21.20
CA PRO D 136 -31.37 26.52 -19.99
C PRO D 136 -32.42 25.72 -19.20
N ASN D 137 -33.68 26.14 -19.27
CA ASN D 137 -34.83 25.51 -18.58
C ASN D 137 -34.96 24.04 -19.01
N LEU D 138 -34.49 23.66 -20.20
CA LEU D 138 -34.51 22.25 -20.72
C LEU D 138 -33.52 21.36 -19.94
N LEU D 139 -32.48 21.96 -19.35
CA LEU D 139 -31.26 21.24 -18.90
C LEU D 139 -31.57 20.19 -17.81
N SER D 140 -32.34 20.56 -16.78
CA SER D 140 -32.68 19.67 -15.63
C SER D 140 -34.19 19.48 -15.53
N LEU D 141 -34.62 18.53 -14.70
CA LEU D 141 -36.03 18.22 -14.41
C LEU D 141 -36.62 19.32 -13.51
N ASP D 142 -35.88 19.75 -12.49
CA ASP D 142 -36.33 20.71 -11.44
C ASP D 142 -36.00 22.17 -11.81
N GLY D 143 -35.34 22.39 -12.95
CA GLY D 143 -34.97 23.72 -13.47
C GLY D 143 -33.89 24.39 -12.64
N ASN D 144 -32.99 23.57 -12.06
CA ASN D 144 -31.97 24.00 -11.07
C ASN D 144 -30.60 24.08 -11.76
N ALA D 145 -30.37 23.26 -12.80
CA ALA D 145 -29.19 23.37 -13.69
C ALA D 145 -29.25 24.72 -14.41
N ALA D 146 -28.25 25.56 -14.21
CA ALA D 146 -28.19 26.97 -14.71
C ALA D 146 -26.97 27.15 -15.60
N LEU D 147 -27.13 27.95 -16.66
CA LEU D 147 -26.05 28.44 -17.55
C LEU D 147 -25.17 29.39 -16.73
N THR D 148 -23.87 29.11 -16.60
CA THR D 148 -22.92 29.91 -15.77
C THR D 148 -22.03 30.80 -16.64
N GLY D 149 -22.08 30.64 -17.97
CA GLY D 149 -21.29 31.46 -18.90
C GLY D 149 -21.21 30.80 -20.26
N PHE D 150 -20.83 31.55 -21.29
CA PHE D 150 -20.65 31.05 -22.66
C PHE D 150 -19.67 31.95 -23.41
N VAL D 151 -18.93 31.38 -24.36
CA VAL D 151 -18.05 32.11 -25.33
C VAL D 151 -18.11 31.36 -26.65
N MET D 152 -18.42 32.08 -27.72
CA MET D 152 -18.38 31.54 -29.10
C MET D 152 -16.91 31.50 -29.56
N SER D 153 -16.54 30.44 -30.27
CA SER D 153 -15.21 30.33 -30.94
C SER D 153 -15.03 31.49 -31.93
N PRO D 154 -13.78 31.97 -32.17
CA PRO D 154 -13.54 33.04 -33.15
C PRO D 154 -14.02 32.73 -34.58
N CYS D 155 -14.03 31.46 -35.00
CA CYS D 155 -14.53 30.95 -36.32
C CYS D 155 -16.06 31.06 -36.39
N GLY D 156 -16.76 31.05 -35.24
CA GLY D 156 -18.22 31.16 -35.16
C GLY D 156 -18.92 29.82 -35.37
N ASN D 157 -18.17 28.72 -35.41
CA ASN D 157 -18.73 27.35 -35.59
C ASN D 157 -19.00 26.66 -34.24
N TYR D 158 -18.35 27.06 -33.15
CA TYR D 158 -18.44 26.39 -31.81
C TYR D 158 -18.83 27.38 -30.72
N TRP D 159 -19.51 26.87 -29.70
CA TRP D 159 -20.05 27.64 -28.55
C TRP D 159 -19.72 26.84 -27.28
N ALA D 160 -18.76 27.32 -26.48
CA ALA D 160 -18.39 26.73 -25.16
C ALA D 160 -19.28 27.32 -24.09
N TYR D 161 -19.83 26.51 -23.18
CA TYR D 161 -20.77 27.00 -22.15
C TYR D 161 -20.70 26.19 -20.85
N GLY D 162 -20.89 26.90 -19.74
CA GLY D 162 -20.86 26.35 -18.37
C GLY D 162 -22.25 26.04 -17.87
N VAL D 163 -22.42 24.86 -17.26
CA VAL D 163 -23.70 24.42 -16.63
C VAL D 163 -23.35 23.93 -15.22
N SER D 164 -23.94 24.54 -14.19
CA SER D 164 -23.82 24.07 -12.77
C SER D 164 -24.97 23.10 -12.46
N GLU D 165 -24.64 21.84 -12.22
CA GLU D 165 -25.62 20.74 -12.02
C GLU D 165 -26.01 20.70 -10.54
N HIS D 166 -27.32 20.79 -10.24
CA HIS D 166 -27.95 20.30 -8.99
C HIS D 166 -27.28 20.76 -7.69
N GLY D 167 -27.62 21.96 -7.22
CA GLY D 167 -27.30 22.41 -5.84
C GLY D 167 -25.82 22.37 -5.56
N SER D 168 -24.99 22.72 -6.56
CA SER D 168 -23.51 22.77 -6.45
C SER D 168 -22.95 23.97 -7.21
N ASP D 169 -22.05 24.74 -6.59
CA ASP D 169 -21.38 25.90 -7.23
C ASP D 169 -20.11 25.43 -7.96
N TRP D 170 -19.98 24.11 -8.14
CA TRP D 170 -19.12 23.46 -9.16
C TRP D 170 -19.91 23.40 -10.48
N MET D 171 -19.20 23.32 -11.60
N MET D 171 -19.20 23.39 -11.62
CA MET D 171 -19.81 23.32 -12.96
CA MET D 171 -19.83 23.33 -12.96
C MET D 171 -18.99 22.45 -13.90
C MET D 171 -18.98 22.49 -13.91
N SER D 172 -19.59 22.09 -15.03
CA SER D 172 -18.91 21.43 -16.17
C SER D 172 -19.03 22.39 -17.37
N ILE D 173 -18.02 22.40 -18.24
CA ILE D 173 -18.03 23.18 -19.51
C ILE D 173 -18.32 22.20 -20.64
N TYR D 174 -19.31 22.54 -21.48
CA TYR D 174 -19.78 21.77 -22.65
C TYR D 174 -19.49 22.59 -23.92
N VAL D 175 -19.51 21.92 -25.07
CA VAL D 175 -19.32 22.58 -26.40
C VAL D 175 -20.43 22.08 -27.31
N ARG D 176 -21.02 22.98 -28.10
CA ARG D 176 -21.98 22.60 -29.17
C ARG D 176 -21.64 23.40 -30.42
N LYS D 177 -22.03 22.90 -31.58
CA LYS D 177 -21.94 23.64 -32.87
C LYS D 177 -22.98 24.78 -32.84
N THR D 178 -22.64 25.94 -33.39
CA THR D 178 -23.59 27.07 -33.60
C THR D 178 -24.71 26.63 -34.57
N SER D 179 -24.47 25.54 -35.32
CA SER D 179 -25.46 24.92 -36.26
C SER D 179 -26.38 23.95 -35.52
N SER D 180 -26.24 23.82 -34.19
CA SER D 180 -27.00 22.90 -33.32
C SER D 180 -27.76 23.68 -32.25
N PRO D 181 -28.71 24.58 -32.60
CA PRO D 181 -29.51 25.28 -31.59
C PRO D 181 -30.43 24.27 -30.89
N HIS D 182 -30.92 24.59 -29.70
CA HIS D 182 -32.06 23.85 -29.08
C HIS D 182 -33.25 23.91 -30.04
N LEU D 183 -33.92 22.77 -30.23
CA LEU D 183 -35.11 22.59 -31.08
C LEU D 183 -36.33 22.48 -30.17
N PRO D 184 -37.53 22.89 -30.63
CA PRO D 184 -38.73 22.78 -29.80
C PRO D 184 -39.16 21.35 -29.49
N SER D 185 -38.64 20.34 -30.21
CA SER D 185 -39.05 18.91 -30.08
C SER D 185 -38.43 18.24 -28.85
N GLN D 186 -37.35 18.82 -28.32
CA GLN D 186 -36.50 18.18 -27.29
C GLN D 186 -37.25 18.17 -25.97
N GLU D 187 -37.39 17.00 -25.33
CA GLU D 187 -38.00 16.86 -23.98
C GLU D 187 -37.04 17.49 -22.95
N ARG D 188 -37.56 17.95 -21.81
CA ARG D 188 -36.75 18.52 -20.70
C ARG D 188 -35.92 17.40 -20.08
N GLY D 189 -34.95 17.75 -19.22
CA GLY D 189 -34.12 16.79 -18.47
C GLY D 189 -32.85 16.40 -19.21
N LYS D 190 -32.67 16.89 -20.44
CA LYS D 190 -31.51 16.57 -21.30
C LYS D 190 -31.03 17.84 -22.00
N ASP D 191 -29.76 17.81 -22.44
CA ASP D 191 -29.16 18.82 -23.35
C ASP D 191 -28.84 18.14 -24.67
N PRO D 192 -29.82 17.93 -25.57
CA PRO D 192 -29.54 17.33 -26.87
C PRO D 192 -28.71 18.30 -27.74
N GLY D 193 -28.05 17.74 -28.77
CA GLY D 193 -27.35 18.49 -29.83
C GLY D 193 -25.97 18.97 -29.39
N ARG D 194 -25.52 18.60 -28.19
CA ARG D 194 -24.18 19.02 -27.66
C ARG D 194 -23.14 17.99 -28.13
N MET D 195 -21.87 18.37 -28.14
CA MET D 195 -20.75 17.46 -28.50
C MET D 195 -20.36 16.67 -27.25
N ASN D 196 -19.47 15.67 -27.38
CA ASN D 196 -19.13 14.73 -26.28
C ASN D 196 -18.23 15.42 -25.24
N ASP D 197 -17.53 16.50 -25.62
CA ASP D 197 -16.64 17.28 -24.71
C ASP D 197 -17.35 17.49 -23.36
N LYS D 198 -16.71 17.09 -22.27
CA LYS D 198 -17.19 17.42 -20.89
C LYS D 198 -15.97 17.77 -20.02
N ILE D 199 -15.89 19.03 -19.59
CA ILE D 199 -14.79 19.59 -18.78
C ILE D 199 -15.32 19.75 -17.36
N ARG D 200 -14.95 18.83 -16.47
CA ARG D 200 -15.47 18.77 -15.07
C ARG D 200 -14.49 19.50 -14.13
N HIS D 201 -14.92 19.71 -12.88
CA HIS D 201 -14.10 20.19 -11.75
C HIS D 201 -13.78 21.68 -11.92
N VAL D 202 -14.74 22.44 -12.43
CA VAL D 202 -14.62 23.92 -12.66
C VAL D 202 -15.43 24.61 -11.58
N ARG D 203 -14.87 25.64 -10.93
CA ARG D 203 -15.52 26.40 -9.84
C ARG D 203 -15.84 27.84 -10.26
N PHE D 204 -15.41 28.28 -11.45
CA PHE D 204 -15.71 29.62 -12.02
C PHE D 204 -15.48 29.57 -13.53
N PHE D 205 -16.35 30.20 -14.31
CA PHE D 205 -16.29 30.15 -15.80
C PHE D 205 -15.34 31.22 -16.32
N ILE D 206 -14.14 30.84 -16.74
CA ILE D 206 -13.22 31.73 -17.51
C ILE D 206 -12.64 30.90 -18.66
N VAL D 207 -13.16 31.09 -19.87
CA VAL D 207 -12.82 30.30 -21.07
C VAL D 207 -12.26 31.26 -22.12
N SER D 208 -11.08 30.98 -22.67
CA SER D 208 -10.50 31.77 -23.78
C SER D 208 -10.11 30.81 -24.91
N TRP D 209 -10.79 30.92 -26.05
CA TRP D 209 -10.47 30.18 -27.29
C TRP D 209 -9.17 30.70 -27.88
N THR D 210 -8.36 29.83 -28.48
CA THR D 210 -7.28 30.22 -29.43
C THR D 210 -7.91 30.72 -30.76
N SER D 211 -7.19 31.57 -31.48
CA SER D 211 -7.62 32.20 -32.78
C SER D 211 -7.87 31.13 -33.86
N ASP D 212 -7.26 29.95 -33.73
CA ASP D 212 -7.45 28.78 -34.64
C ASP D 212 -8.73 28.01 -34.31
N SER D 213 -9.50 28.43 -33.30
CA SER D 213 -10.73 27.73 -32.85
C SER D 213 -10.50 26.23 -32.62
N LYS D 214 -9.28 25.81 -32.27
CA LYS D 214 -8.97 24.37 -32.03
C LYS D 214 -9.29 23.97 -30.57
N GLY D 215 -9.35 24.96 -29.67
CA GLY D 215 -9.52 24.66 -28.24
C GLY D 215 -9.59 25.93 -27.42
N PHE D 216 -9.63 25.77 -26.10
CA PHE D 216 -9.78 26.90 -25.16
C PHE D 216 -9.09 26.55 -23.83
N PHE D 217 -8.50 27.60 -23.27
CA PHE D 217 -7.94 27.64 -21.91
C PHE D 217 -9.10 27.74 -20.93
N TYR D 218 -8.95 27.11 -19.76
CA TYR D 218 -9.94 27.18 -18.66
C TYR D 218 -9.21 26.90 -17.36
N SER D 219 -9.82 27.26 -16.23
CA SER D 219 -9.28 27.02 -14.87
C SER D 219 -10.09 25.91 -14.22
N ARG D 220 -9.44 24.94 -13.57
CA ARG D 220 -10.15 23.86 -12.83
C ARG D 220 -9.41 23.52 -11.53
N TYR D 221 -10.01 22.64 -10.74
CA TYR D 221 -9.51 22.21 -9.41
C TYR D 221 -9.31 20.69 -9.45
N PRO D 222 -8.67 20.08 -8.42
CA PRO D 222 -8.61 18.62 -8.32
C PRO D 222 -10.02 18.11 -8.07
N PRO D 223 -10.32 16.84 -8.39
CA PRO D 223 -11.65 16.28 -8.17
C PRO D 223 -12.13 16.44 -6.71
N GLU D 224 -13.32 17.00 -6.51
CA GLU D 224 -13.96 17.22 -5.19
C GLU D 224 -13.71 15.97 -4.29
N ASP D 225 -13.08 16.17 -3.14
CA ASP D 225 -12.83 15.09 -2.13
C ASP D 225 -14.16 14.42 -1.81
N ASP D 226 -14.19 13.09 -1.72
CA ASP D 226 -15.38 12.30 -1.26
C ASP D 226 -15.27 12.13 0.27
N GLU D 227 -14.06 12.22 0.84
CA GLU D 227 -13.74 11.87 2.25
C GLU D 227 -13.24 13.10 3.03
N GLY D 228 -13.63 14.31 2.61
CA GLY D 228 -13.28 15.58 3.27
C GLY D 228 -14.50 16.50 3.35
N LYS D 229 -14.33 17.71 3.89
CA LYS D 229 -15.44 18.68 4.12
C LYS D 229 -15.78 19.39 2.80
N GLY D 230 -17.05 19.74 2.63
CA GLY D 230 -17.58 20.54 1.50
C GLY D 230 -17.63 22.04 1.81
N ASN D 231 -17.01 22.49 2.91
CA ASN D 231 -16.69 23.93 3.14
C ASN D 231 -15.20 24.13 3.45
N ALA D 232 -14.36 23.14 3.15
CA ALA D 232 -12.89 23.24 3.28
C ALA D 232 -12.40 24.30 2.30
N PRO D 233 -11.20 24.89 2.54
CA PRO D 233 -10.66 25.90 1.64
C PRO D 233 -10.55 25.41 0.19
N ALA D 234 -10.88 26.30 -0.75
CA ALA D 234 -10.71 26.07 -2.21
C ALA D 234 -9.22 26.00 -2.53
N MET D 235 -8.72 24.85 -3.00
CA MET D 235 -7.24 24.65 -3.15
C MET D 235 -6.83 24.10 -4.53
N ASN D 236 -5.71 24.58 -5.04
CA ASN D 236 -4.95 24.01 -6.18
C ASN D 236 -5.67 24.31 -7.50
N CYS D 237 -6.02 25.58 -7.72
CA CYS D 237 -6.51 26.11 -9.02
C CYS D 237 -5.43 25.92 -10.09
N MET D 238 -5.78 25.30 -11.21
CA MET D 238 -4.83 25.03 -12.33
C MET D 238 -5.44 25.54 -13.64
N VAL D 239 -4.58 26.01 -14.55
CA VAL D 239 -4.99 26.43 -15.92
C VAL D 239 -4.68 25.27 -16.86
N TYR D 240 -5.68 24.86 -17.64
CA TYR D 240 -5.60 23.77 -18.65
C TYR D 240 -5.97 24.35 -20.01
N TYR D 241 -5.53 23.69 -21.06
CA TYR D 241 -5.97 23.92 -22.47
C TYR D 241 -6.65 22.65 -22.96
N HIS D 242 -7.93 22.75 -23.31
CA HIS D 242 -8.73 21.65 -23.88
C HIS D 242 -8.78 21.79 -25.41
N ARG D 243 -8.38 20.74 -26.12
CA ARG D 243 -8.52 20.61 -27.59
C ARG D 243 -9.92 20.05 -27.85
N ILE D 244 -10.70 20.74 -28.69
CA ILE D 244 -12.08 20.35 -29.09
C ILE D 244 -12.05 18.90 -29.61
N GLY D 245 -12.95 18.06 -29.07
CA GLY D 245 -13.14 16.66 -29.53
C GLY D 245 -12.47 15.65 -28.62
N GLU D 246 -11.50 16.06 -27.80
CA GLU D 246 -10.68 15.15 -26.95
C GLU D 246 -11.39 14.93 -25.61
N ASP D 247 -11.08 13.81 -24.94
CA ASP D 247 -11.44 13.55 -23.53
C ASP D 247 -10.68 14.55 -22.65
N GLN D 248 -11.28 14.99 -21.54
CA GLN D 248 -10.66 15.93 -20.56
C GLN D 248 -9.31 15.36 -20.07
N GLU D 249 -9.16 14.04 -20.00
CA GLU D 249 -7.90 13.35 -19.59
C GLU D 249 -6.73 13.82 -20.48
N SER D 250 -7.00 14.25 -21.72
CA SER D 250 -5.96 14.63 -22.70
C SER D 250 -5.61 16.12 -22.58
N ASP D 251 -6.42 16.93 -21.90
CA ASP D 251 -6.17 18.39 -21.75
C ASP D 251 -4.75 18.60 -21.20
N VAL D 252 -4.00 19.53 -21.79
CA VAL D 252 -2.59 19.86 -21.44
C VAL D 252 -2.60 20.84 -20.28
N LEU D 253 -1.82 20.55 -19.22
CA LEU D 253 -1.59 21.44 -18.07
C LEU D 253 -0.80 22.66 -18.54
N VAL D 254 -1.28 23.86 -18.24
CA VAL D 254 -0.62 25.15 -18.60
C VAL D 254 0.02 25.78 -17.37
N HIS D 255 -0.61 25.67 -16.20
CA HIS D 255 -0.03 26.24 -14.95
C HIS D 255 -0.63 25.57 -13.71
N GLU D 256 0.25 25.20 -12.79
CA GLU D 256 -0.11 24.86 -11.38
C GLU D 256 0.95 25.52 -10.50
N ASP D 257 0.61 25.80 -9.25
CA ASP D 257 1.57 26.30 -8.24
C ASP D 257 1.28 25.56 -6.95
N PRO D 258 1.82 24.33 -6.77
CA PRO D 258 1.54 23.52 -5.58
C PRO D 258 1.95 24.22 -4.28
N GLU D 259 2.91 25.16 -4.35
CA GLU D 259 3.39 25.91 -3.16
C GLU D 259 2.27 26.80 -2.60
N HIS D 260 1.41 27.35 -3.46
CA HIS D 260 0.39 28.35 -3.07
C HIS D 260 -1.00 27.85 -3.40
N PRO D 261 -1.53 26.83 -2.68
CA PRO D 261 -2.81 26.23 -3.04
C PRO D 261 -4.04 27.16 -2.96
N PHE D 262 -4.00 28.25 -2.20
CA PHE D 262 -5.16 29.16 -1.99
C PHE D 262 -5.24 30.17 -3.16
N TRP D 263 -4.15 30.31 -3.94
CA TRP D 263 -4.06 31.28 -5.07
C TRP D 263 -5.07 30.87 -6.13
N ILE D 264 -5.75 31.85 -6.73
CA ILE D 264 -6.67 31.65 -7.89
C ILE D 264 -5.92 32.11 -9.13
N SER D 265 -6.00 31.34 -10.22
CA SER D 265 -5.21 31.61 -11.45
C SER D 265 -6.11 31.46 -12.67
N SER D 266 -5.80 32.22 -13.71
CA SER D 266 -6.55 32.16 -15.00
C SER D 266 -5.71 32.79 -16.11
N VAL D 267 -6.20 32.65 -17.33
CA VAL D 267 -5.56 33.26 -18.53
C VAL D 267 -6.65 34.00 -19.33
N GLN D 268 -6.25 35.14 -19.89
CA GLN D 268 -7.04 35.92 -20.88
C GLN D 268 -6.17 36.04 -22.14
N LEU D 269 -6.80 35.96 -23.31
CA LEU D 269 -6.12 36.18 -24.61
C LEU D 269 -6.45 37.58 -25.07
N THR D 270 -5.55 38.26 -25.78
CA THR D 270 -5.87 39.52 -26.48
C THR D 270 -6.92 39.20 -27.56
N PRO D 271 -7.76 40.18 -27.95
CA PRO D 271 -8.74 39.98 -29.03
C PRO D 271 -8.19 39.26 -30.27
N SER D 272 -6.94 39.50 -30.68
CA SER D 272 -6.31 38.90 -31.89
C SER D 272 -5.91 37.44 -31.63
N GLY D 273 -5.84 37.03 -30.36
CA GLY D 273 -5.49 35.66 -29.98
C GLY D 273 -3.98 35.41 -29.98
N ARG D 274 -3.16 36.46 -30.19
CA ARG D 274 -1.68 36.35 -30.27
C ARG D 274 -1.03 36.23 -28.88
N TYR D 275 -1.43 37.05 -27.91
CA TYR D 275 -0.79 37.10 -26.58
C TYR D 275 -1.71 36.48 -25.56
N ILE D 276 -1.11 35.76 -24.59
CA ILE D 276 -1.86 35.17 -23.45
C ILE D 276 -1.37 35.87 -22.17
N LEU D 277 -2.30 36.38 -21.36
CA LEU D 277 -1.98 37.00 -20.05
C LEU D 277 -2.28 35.97 -18.98
N PHE D 278 -1.24 35.54 -18.24
CA PHE D 278 -1.43 34.75 -16.99
C PHE D 278 -1.62 35.74 -15.82
N ALA D 279 -2.65 35.50 -15.00
CA ALA D 279 -2.91 36.27 -13.77
C ALA D 279 -3.18 35.29 -12.63
N ALA D 280 -2.49 35.47 -11.51
CA ALA D 280 -2.84 34.83 -10.20
C ALA D 280 -3.22 35.91 -9.20
N SER D 281 -4.14 35.58 -8.31
CA SER D 281 -4.52 36.42 -7.16
C SER D 281 -4.36 35.58 -5.88
N ARG D 282 -3.87 36.22 -4.82
CA ARG D 282 -3.63 35.56 -3.49
C ARG D 282 -4.59 36.12 -2.44
N ASP D 283 -5.45 37.05 -2.84
CA ASP D 283 -6.41 37.72 -1.95
C ASP D 283 -7.48 38.39 -2.82
N ALA D 284 -8.40 39.14 -2.19
CA ALA D 284 -9.50 39.84 -2.91
C ALA D 284 -9.06 41.23 -3.40
N SER D 285 -7.81 41.64 -3.18
CA SER D 285 -7.32 42.98 -3.57
C SER D 285 -7.16 43.06 -5.10
N HIS D 286 -7.14 44.27 -5.63
CA HIS D 286 -6.95 44.56 -7.08
C HIS D 286 -5.46 44.54 -7.41
N THR D 287 -4.79 43.44 -7.09
CA THR D 287 -3.34 43.21 -7.33
C THR D 287 -3.16 41.78 -7.84
N GLN D 288 -2.24 41.58 -8.77
CA GLN D 288 -2.03 40.28 -9.43
C GLN D 288 -0.54 40.00 -9.58
N LEU D 289 -0.21 38.72 -9.68
CA LEU D 289 1.05 38.21 -10.26
C LEU D 289 0.69 37.92 -11.72
N VAL D 290 1.44 38.50 -12.66
CA VAL D 290 1.06 38.53 -14.09
C VAL D 290 2.29 38.14 -14.93
N LYS D 291 2.07 37.46 -16.05
CA LYS D 291 3.10 37.11 -17.07
C LYS D 291 2.40 37.13 -18.45
N ILE D 292 3.16 37.39 -19.49
CA ILE D 292 2.66 37.44 -20.92
C ILE D 292 3.46 36.41 -21.73
N ALA D 293 2.79 35.59 -22.53
CA ALA D 293 3.45 34.72 -23.55
C ALA D 293 2.94 35.10 -24.95
N ASP D 294 3.83 35.01 -25.91
CA ASP D 294 3.49 35.20 -27.35
C ASP D 294 3.17 33.81 -27.91
N LEU D 295 1.90 33.53 -28.21
CA LEU D 295 1.45 32.18 -28.64
C LEU D 295 2.02 31.85 -30.03
N HIS D 296 2.58 32.83 -30.75
CA HIS D 296 3.17 32.62 -32.09
C HIS D 296 4.58 32.02 -31.93
N GLU D 297 5.16 32.02 -30.73
CA GLU D 297 6.53 31.49 -30.43
C GLU D 297 6.47 30.15 -29.67
N ASN D 298 5.29 29.72 -29.23
CA ASN D 298 5.11 28.67 -28.20
C ASN D 298 4.18 27.57 -28.70
N ASP D 299 4.48 26.31 -28.37
CA ASP D 299 3.44 25.24 -28.20
C ASP D 299 2.77 25.46 -26.84
N ILE D 300 1.48 25.15 -26.74
CA ILE D 300 0.68 25.31 -25.50
C ILE D 300 1.09 24.21 -24.49
N GLY D 301 1.39 24.62 -23.26
CA GLY D 301 1.75 23.72 -22.14
C GLY D 301 2.56 24.46 -21.10
N THR D 302 3.35 23.75 -20.29
CA THR D 302 4.26 24.33 -19.26
C THR D 302 5.60 24.74 -19.91
N ASN D 303 5.75 24.53 -21.23
CA ASN D 303 7.00 24.81 -21.98
C ASN D 303 6.85 26.10 -22.79
N MET D 304 6.32 27.17 -22.16
CA MET D 304 6.00 28.47 -22.85
C MET D 304 6.98 29.56 -22.38
N LYS D 305 7.33 30.51 -23.26
CA LYS D 305 8.28 31.61 -22.93
C LYS D 305 7.50 32.78 -22.30
N TRP D 306 7.31 32.71 -20.97
CA TRP D 306 6.66 33.76 -20.15
C TRP D 306 7.58 34.99 -20.03
N LYS D 307 7.05 36.17 -20.34
CA LYS D 307 7.76 37.47 -20.25
C LYS D 307 7.08 38.33 -19.17
N ASN D 308 7.88 39.31 -18.74
CA ASN D 308 7.64 40.27 -17.64
C ASN D 308 6.60 41.27 -18.12
N LEU D 309 5.49 41.39 -17.38
CA LEU D 309 4.55 42.52 -17.52
C LEU D 309 4.88 43.52 -16.41
N HIS D 310 4.89 43.08 -15.14
CA HIS D 310 5.23 43.94 -13.97
C HIS D 310 5.56 43.07 -12.75
N ASP D 311 6.23 43.65 -11.77
CA ASP D 311 6.51 43.05 -10.44
C ASP D 311 5.20 42.57 -9.84
N PRO D 312 5.17 41.41 -9.16
CA PRO D 312 3.92 40.89 -8.59
C PRO D 312 3.34 41.73 -7.45
N TRP D 313 2.01 41.64 -7.32
CA TRP D 313 1.19 42.12 -6.16
C TRP D 313 1.19 43.65 -6.06
N GLU D 314 1.46 44.38 -7.14
CA GLU D 314 1.40 45.86 -7.14
C GLU D 314 0.16 46.35 -7.89
N ALA D 315 -0.33 45.61 -8.88
CA ALA D 315 -1.43 46.08 -9.76
C ALA D 315 -2.19 44.95 -10.44
N ARG D 316 -3.41 45.29 -10.88
CA ARG D 316 -4.31 44.48 -11.72
C ARG D 316 -4.19 45.00 -13.17
N PHE D 317 -4.36 44.11 -14.15
CA PHE D 317 -4.20 44.34 -15.61
C PHE D 317 -5.33 43.62 -16.32
N THR D 318 -6.19 44.36 -17.03
CA THR D 318 -7.31 43.80 -17.82
C THR D 318 -7.07 44.19 -19.30
N ILE D 319 -7.05 43.21 -20.20
CA ILE D 319 -6.81 43.44 -21.64
C ILE D 319 -8.04 44.16 -22.21
N VAL D 320 -7.82 45.28 -22.90
CA VAL D 320 -8.86 46.13 -23.54
C VAL D 320 -8.72 46.10 -25.08
N GLY D 321 -7.56 45.72 -25.59
CA GLY D 321 -7.34 45.57 -27.05
C GLY D 321 -5.92 45.15 -27.34
N ASP D 322 -5.58 45.04 -28.64
CA ASP D 322 -4.19 44.83 -29.12
C ASP D 322 -4.07 45.37 -30.55
N GLU D 323 -2.83 45.68 -30.97
CA GLU D 323 -2.46 46.16 -32.31
C GLU D 323 -1.06 45.65 -32.59
N GLY D 324 -0.92 44.49 -33.22
CA GLY D 324 0.37 43.79 -33.38
C GLY D 324 0.99 43.53 -32.01
N SER D 325 2.19 44.08 -31.74
CA SER D 325 2.96 43.82 -30.48
C SER D 325 2.42 44.66 -29.31
N LYS D 326 1.53 45.60 -29.59
CA LYS D 326 1.00 46.56 -28.60
C LYS D 326 -0.26 45.99 -27.96
N ILE D 327 -0.30 45.94 -26.64
CA ILE D 327 -1.51 45.50 -25.86
C ILE D 327 -2.06 46.71 -25.11
N TYR D 328 -3.38 46.91 -25.14
CA TYR D 328 -4.10 47.95 -24.40
C TYR D 328 -4.57 47.33 -23.06
N PHE D 329 -4.17 47.95 -21.95
CA PHE D 329 -4.54 47.51 -20.58
C PHE D 329 -5.32 48.60 -19.86
N MET D 330 -6.38 48.19 -19.16
CA MET D 330 -6.95 48.97 -18.06
C MET D 330 -6.29 48.44 -16.78
N THR D 331 -5.62 49.33 -16.06
CA THR D 331 -4.69 48.98 -14.98
C THR D 331 -4.77 50.05 -13.90
N ASN D 332 -4.56 49.62 -12.65
CA ASN D 332 -4.44 50.51 -11.47
C ASN D 332 -2.96 50.68 -11.13
N LEU D 333 -2.03 50.34 -12.05
CA LEU D 333 -0.57 50.46 -11.79
C LEU D 333 -0.23 51.92 -11.52
N LYS D 334 0.19 52.21 -10.29
CA LYS D 334 0.50 53.57 -9.78
C LYS D 334 -0.64 54.52 -10.15
N ALA D 335 -1.88 54.02 -10.12
CA ALA D 335 -3.10 54.76 -10.49
C ALA D 335 -4.30 54.05 -9.85
N LYS D 336 -4.58 54.35 -8.58
CA LYS D 336 -5.57 53.60 -7.77
C LYS D 336 -6.96 53.78 -8.39
N ASN D 337 -7.24 54.89 -9.06
CA ASN D 337 -8.55 55.15 -9.74
C ASN D 337 -8.58 54.52 -11.14
N TYR D 338 -7.56 53.76 -11.49
CA TYR D 338 -7.39 53.07 -12.80
C TYR D 338 -7.12 54.08 -13.92
N LYS D 339 -6.43 53.58 -14.95
CA LYS D 339 -6.06 54.32 -16.16
C LYS D 339 -6.01 53.33 -17.32
N VAL D 340 -5.72 53.86 -18.53
CA VAL D 340 -5.49 53.02 -19.73
C VAL D 340 -4.03 53.27 -20.16
N ALA D 341 -3.26 52.21 -20.30
CA ALA D 341 -1.83 52.26 -20.67
C ALA D 341 -1.55 51.14 -21.67
N THR D 342 -0.53 51.33 -22.48
CA THR D 342 -0.10 50.40 -23.55
C THR D 342 1.21 49.73 -23.14
N PHE D 343 1.31 48.46 -23.50
CA PHE D 343 2.47 47.58 -23.29
C PHE D 343 2.92 47.12 -24.67
N ASP D 344 4.21 47.19 -24.89
CA ASP D 344 4.85 46.65 -26.10
C ASP D 344 5.51 45.32 -25.72
N ALA D 345 4.90 44.20 -26.13
CA ALA D 345 5.40 42.84 -25.85
C ALA D 345 6.78 42.62 -26.48
N ASN D 346 7.19 43.48 -27.41
CA ASN D 346 8.54 43.47 -28.03
C ASN D 346 9.59 44.17 -27.14
N HIS D 347 9.15 44.96 -26.15
CA HIS D 347 10.05 45.68 -25.20
C HIS D 347 9.49 45.54 -23.79
N PRO D 348 9.32 44.29 -23.31
CA PRO D 348 8.62 44.02 -22.05
C PRO D 348 9.23 44.72 -20.82
N ASP D 349 10.51 45.05 -20.89
CA ASP D 349 11.30 45.69 -19.81
C ASP D 349 11.04 47.20 -19.81
N GLU D 350 10.51 47.77 -20.89
CA GLU D 350 10.19 49.22 -21.02
C GLU D 350 8.89 49.54 -20.24
N GLY D 351 8.10 48.54 -19.86
CA GLY D 351 6.91 48.75 -19.01
C GLY D 351 5.75 49.39 -19.76
N LEU D 352 4.79 49.99 -19.05
CA LEU D 352 3.52 50.50 -19.63
C LEU D 352 3.63 52.00 -19.86
N THR D 353 3.15 52.49 -21.01
CA THR D 353 3.04 53.90 -21.41
C THR D 353 1.58 54.34 -21.27
N THR D 354 1.36 55.51 -20.67
CA THR D 354 0.02 56.07 -20.39
C THR D 354 -0.66 56.43 -21.71
N LEU D 355 -1.92 56.04 -21.88
CA LEU D 355 -2.80 56.49 -22.99
C LEU D 355 -3.85 57.45 -22.42
N ILE D 356 -4.57 56.97 -21.39
CA ILE D 356 -5.56 57.77 -20.60
C ILE D 356 -5.04 57.85 -19.17
N ALA D 357 -4.69 59.06 -18.72
CA ALA D 357 -4.14 59.31 -17.37
C ALA D 357 -5.21 58.94 -16.33
N GLU D 358 -4.78 58.59 -15.13
CA GLU D 358 -5.69 58.43 -13.98
C GLU D 358 -6.47 59.73 -13.80
N ASP D 359 -7.78 59.66 -13.64
CA ASP D 359 -8.58 60.84 -13.19
C ASP D 359 -8.61 60.78 -11.66
N PRO D 360 -7.97 61.73 -10.95
CA PRO D 360 -7.96 61.69 -9.49
C PRO D 360 -9.34 61.85 -8.85
N ASN D 361 -10.36 62.29 -9.60
CA ASN D 361 -11.72 62.57 -9.06
C ASN D 361 -12.77 61.67 -9.72
N ALA D 362 -12.36 60.60 -10.37
CA ALA D 362 -13.31 59.70 -11.08
C ALA D 362 -12.67 58.31 -11.24
N PHE D 363 -13.34 57.29 -10.70
CA PHE D 363 -12.93 55.88 -10.78
C PHE D 363 -13.21 55.38 -12.21
N LEU D 364 -12.22 54.80 -12.89
CA LEU D 364 -12.42 54.23 -14.25
C LEU D 364 -12.91 52.79 -14.09
N VAL D 365 -14.14 52.53 -14.52
CA VAL D 365 -14.87 51.24 -14.42
C VAL D 365 -14.56 50.32 -15.59
N SER D 366 -14.48 50.84 -16.83
CA SER D 366 -14.22 50.00 -18.02
C SER D 366 -13.74 50.84 -19.19
N ALA D 367 -12.96 50.19 -20.05
CA ALA D 367 -12.45 50.74 -21.30
C ALA D 367 -12.69 49.68 -22.37
N SER D 368 -13.27 50.07 -23.50
CA SER D 368 -13.52 49.15 -24.64
C SER D 368 -13.30 49.91 -25.95
N ILE D 369 -12.86 49.21 -26.98
CA ILE D 369 -12.57 49.81 -28.31
C ILE D 369 -13.74 49.51 -29.23
N HIS D 370 -14.19 50.54 -29.96
CA HIS D 370 -15.34 50.44 -30.88
C HIS D 370 -14.99 51.14 -32.21
N ALA D 371 -15.59 50.66 -33.29
CA ALA D 371 -15.48 51.33 -34.62
C ALA D 371 -14.01 51.58 -34.92
N GLN D 372 -13.16 50.55 -34.74
CA GLN D 372 -11.73 50.56 -35.12
C GLN D 372 -10.87 51.38 -34.14
N ASP D 373 -11.19 52.65 -33.88
CA ASP D 373 -10.25 53.56 -33.16
C ASP D 373 -11.00 54.54 -32.25
N LYS D 374 -12.18 54.15 -31.74
CA LYS D 374 -12.93 54.93 -30.73
C LYS D 374 -12.78 54.19 -29.38
N LEU D 375 -12.13 54.83 -28.41
CA LEU D 375 -11.96 54.26 -27.05
C LEU D 375 -13.12 54.76 -26.18
N LEU D 376 -13.94 53.85 -25.65
CA LEU D 376 -15.13 54.16 -24.83
C LEU D 376 -14.77 53.90 -23.35
N LEU D 377 -14.81 54.93 -22.52
CA LEU D 377 -14.46 54.89 -21.08
C LEU D 377 -15.76 55.08 -20.31
N VAL D 378 -15.99 54.22 -19.30
CA VAL D 378 -17.08 54.40 -18.32
C VAL D 378 -16.45 54.87 -17.01
N TYR D 379 -16.77 56.09 -16.57
CA TYR D 379 -16.31 56.65 -15.29
C TYR D 379 -17.47 56.61 -14.29
N LEU D 380 -17.11 56.50 -13.00
CA LEU D 380 -18.03 56.66 -11.85
C LEU D 380 -17.94 58.10 -11.37
N ARG D 381 -19.04 58.85 -11.39
CA ARG D 381 -19.13 60.21 -10.79
C ARG D 381 -20.54 60.40 -10.24
N ASN D 382 -20.67 61.01 -9.05
CA ASN D 382 -21.93 61.06 -8.29
C ASN D 382 -22.54 59.66 -8.19
N ALA D 383 -21.71 58.64 -8.03
CA ALA D 383 -22.13 57.23 -7.80
C ALA D 383 -23.06 56.74 -8.91
N SER D 384 -22.80 57.15 -10.16
CA SER D 384 -23.44 56.61 -11.39
C SER D 384 -22.47 56.74 -12.59
N HIS D 385 -22.81 56.14 -13.74
CA HIS D 385 -21.87 55.92 -14.87
C HIS D 385 -21.92 57.15 -15.79
N GLU D 386 -20.77 57.54 -16.31
CA GLU D 386 -20.63 58.49 -17.43
C GLU D 386 -19.82 57.80 -18.53
N ILE D 387 -20.25 57.94 -19.79
CA ILE D 387 -19.55 57.39 -20.98
C ILE D 387 -18.85 58.56 -21.68
N HIS D 388 -17.52 58.46 -21.76
CA HIS D 388 -16.61 59.38 -22.46
C HIS D 388 -16.06 58.63 -23.68
N ILE D 389 -15.99 59.29 -24.82
CA ILE D 389 -15.38 58.75 -26.07
C ILE D 389 -14.03 59.45 -26.22
N ARG D 390 -12.99 58.67 -26.49
CA ARG D 390 -11.60 59.15 -26.68
C ARG D 390 -11.10 58.62 -28.03
N ASP D 391 -10.20 59.35 -28.66
CA ASP D 391 -9.41 58.85 -29.82
C ASP D 391 -8.39 57.85 -29.28
N LEU D 392 -8.39 56.61 -29.82
CA LEU D 392 -7.47 55.52 -29.44
C LEU D 392 -6.00 55.93 -29.64
N THR D 393 -5.69 56.65 -30.70
CA THR D 393 -4.28 56.95 -31.11
C THR D 393 -3.66 58.00 -30.20
N THR D 394 -4.36 59.12 -29.97
CA THR D 394 -3.84 60.28 -29.19
C THR D 394 -4.31 60.20 -27.73
N GLY D 395 -5.46 59.58 -27.47
CA GLY D 395 -6.14 59.61 -26.16
C GLY D 395 -6.99 60.88 -26.02
N LYS D 396 -7.06 61.70 -27.07
CA LYS D 396 -7.74 63.03 -27.02
C LYS D 396 -9.23 62.83 -26.77
N PRO D 397 -9.86 63.67 -25.91
CA PRO D 397 -11.31 63.65 -25.73
C PRO D 397 -12.09 64.01 -27.00
N LEU D 398 -13.10 63.20 -27.35
CA LEU D 398 -14.03 63.42 -28.50
C LEU D 398 -15.45 63.72 -27.97
N GLY D 399 -15.64 63.73 -26.65
CA GLY D 399 -16.91 64.16 -26.01
C GLY D 399 -17.64 63.03 -25.32
N ARG D 400 -18.80 63.35 -24.76
CA ARG D 400 -19.65 62.47 -23.92
C ARG D 400 -20.76 61.89 -24.80
N ILE D 401 -21.35 60.76 -24.43
CA ILE D 401 -22.63 60.25 -25.00
C ILE D 401 -23.49 59.74 -23.85
N PHE D 402 -24.82 59.80 -24.01
CA PHE D 402 -25.85 59.37 -23.04
C PHE D 402 -25.69 60.16 -21.72
N GLU D 403 -25.23 61.40 -21.79
CA GLU D 403 -24.91 62.26 -20.61
C GLU D 403 -26.22 62.74 -19.95
N ASP D 404 -27.33 62.62 -20.67
CA ASP D 404 -28.70 62.92 -20.12
C ASP D 404 -29.19 61.77 -19.23
N LEU D 405 -28.65 60.56 -19.34
CA LEU D 405 -29.17 59.36 -18.60
C LEU D 405 -28.40 59.17 -17.28
N LEU D 406 -29.11 59.13 -16.14
CA LEU D 406 -28.45 58.91 -14.81
C LEU D 406 -28.74 57.49 -14.33
N GLY D 407 -27.71 56.63 -14.29
CA GLY D 407 -27.89 55.20 -14.04
C GLY D 407 -26.62 54.44 -14.31
N GLN D 408 -26.75 53.21 -14.81
CA GLN D 408 -25.59 52.38 -15.20
C GLN D 408 -25.76 51.90 -16.63
N PHE D 409 -24.65 51.60 -17.30
CA PHE D 409 -24.64 51.12 -18.70
C PHE D 409 -23.90 49.78 -18.75
N MET D 410 -24.41 48.83 -19.53
CA MET D 410 -23.68 47.69 -20.09
C MET D 410 -23.52 47.97 -21.60
N VAL D 411 -22.30 48.05 -22.08
CA VAL D 411 -21.97 48.38 -23.51
C VAL D 411 -21.68 47.07 -24.23
N SER D 412 -22.34 46.84 -25.37
CA SER D 412 -22.13 45.68 -26.25
C SER D 412 -21.64 46.18 -27.61
N GLY D 413 -20.72 45.45 -28.25
CA GLY D 413 -20.09 45.78 -29.53
C GLY D 413 -18.59 45.57 -29.49
N ARG D 414 -18.00 45.19 -30.63
CA ARG D 414 -16.58 44.81 -30.77
C ARG D 414 -15.83 45.91 -31.52
N ARG D 415 -14.50 45.84 -31.48
CA ARG D 415 -13.61 46.83 -32.16
C ARG D 415 -13.96 46.90 -33.67
N GLN D 416 -14.34 45.78 -34.29
CA GLN D 416 -14.63 45.69 -35.75
C GLN D 416 -16.04 46.23 -36.05
N ASP D 417 -16.92 46.45 -35.06
CA ASP D 417 -18.31 46.93 -35.29
C ASP D 417 -18.33 48.45 -35.18
N ASN D 418 -19.04 49.13 -36.08
CA ASN D 418 -19.20 50.60 -36.14
C ASN D 418 -20.27 51.05 -35.13
N ASP D 419 -21.08 50.09 -34.66
CA ASP D 419 -22.25 50.28 -33.76
C ASP D 419 -22.00 49.65 -32.38
N ILE D 420 -22.64 50.19 -31.35
CA ILE D 420 -22.78 49.57 -30.00
C ILE D 420 -24.27 49.52 -29.66
N PHE D 421 -24.63 48.55 -28.81
CA PHE D 421 -25.94 48.46 -28.15
C PHE D 421 -25.68 48.66 -26.65
N VAL D 422 -26.33 49.65 -26.07
CA VAL D 422 -26.08 50.15 -24.68
C VAL D 422 -27.33 49.89 -23.87
N LEU D 423 -27.25 49.00 -22.88
CA LEU D 423 -28.40 48.75 -21.98
C LEU D 423 -28.25 49.70 -20.79
N PHE D 424 -29.19 50.63 -20.68
CA PHE D 424 -29.30 51.61 -19.58
C PHE D 424 -30.31 51.10 -18.55
N SER D 425 -29.95 51.21 -17.30
CA SER D 425 -30.85 50.87 -16.17
C SER D 425 -30.57 51.78 -14.99
N SER D 426 -31.58 51.96 -14.13
CA SER D 426 -31.47 52.78 -12.91
C SER D 426 -32.44 52.20 -11.86
N PHE D 427 -32.66 52.91 -10.77
CA PHE D 427 -33.70 52.50 -9.78
C PHE D 427 -35.08 52.54 -10.49
N LEU D 428 -35.21 53.33 -11.56
CA LEU D 428 -36.53 53.66 -12.18
C LEU D 428 -36.64 53.03 -13.58
N SER D 429 -35.52 52.81 -14.28
CA SER D 429 -35.49 52.22 -15.64
C SER D 429 -35.09 50.76 -15.56
N PRO D 430 -36.00 49.84 -15.92
CA PRO D 430 -35.70 48.42 -15.86
C PRO D 430 -34.76 47.92 -16.96
N GLY D 431 -34.57 48.70 -18.04
CA GLY D 431 -33.64 48.38 -19.12
C GLY D 431 -34.10 48.99 -20.44
N THR D 432 -33.47 50.06 -20.88
CA THR D 432 -33.61 50.60 -22.26
C THR D 432 -32.35 50.23 -23.05
N VAL D 433 -32.53 49.58 -24.20
CA VAL D 433 -31.43 49.31 -25.15
C VAL D 433 -31.42 50.45 -26.17
N TYR D 434 -30.34 51.22 -26.20
CA TYR D 434 -30.02 52.24 -27.24
C TYR D 434 -29.07 51.63 -28.26
N ARG D 435 -29.17 52.09 -29.51
CA ARG D 435 -28.14 51.86 -30.55
C ARG D 435 -27.38 53.18 -30.71
N TYR D 436 -26.04 53.12 -30.71
CA TYR D 436 -25.16 54.25 -31.06
C TYR D 436 -24.25 53.85 -32.22
N THR D 437 -24.29 54.65 -33.29
CA THR D 437 -23.49 54.46 -34.51
C THR D 437 -22.43 55.55 -34.54
N PHE D 438 -21.14 55.17 -34.48
CA PHE D 438 -20.02 56.13 -34.49
C PHE D 438 -19.85 56.71 -35.89
N GLY D 439 -19.44 57.97 -35.95
CA GLY D 439 -19.10 58.67 -37.20
C GLY D 439 -17.72 59.30 -37.09
N GLU D 440 -17.46 60.27 -37.95
CA GLU D 440 -16.14 60.94 -38.10
C GLU D 440 -15.92 61.84 -36.88
N GLU D 441 -16.88 62.70 -36.53
CA GLU D 441 -16.78 63.67 -35.41
C GLU D 441 -17.83 63.34 -34.33
N LYS D 442 -19.11 63.29 -34.72
CA LYS D 442 -20.24 62.86 -33.85
C LYS D 442 -20.91 61.63 -34.47
N GLY D 443 -21.65 60.90 -33.64
CA GLY D 443 -22.40 59.69 -34.02
C GLY D 443 -23.90 59.94 -33.99
N TYR D 444 -24.68 58.85 -34.11
N TYR D 444 -24.72 58.90 -34.22
CA TYR D 444 -26.17 58.84 -34.10
CA TYR D 444 -26.20 58.99 -34.01
C TYR D 444 -26.66 57.88 -33.00
C TYR D 444 -26.69 57.92 -33.03
N ARG D 445 -27.59 58.37 -32.17
CA ARG D 445 -28.23 57.59 -31.09
C ARG D 445 -29.67 57.30 -31.51
N SER D 446 -30.14 56.06 -31.34
CA SER D 446 -31.58 55.72 -31.45
C SER D 446 -31.97 54.86 -30.25
N LEU D 447 -33.23 54.97 -29.81
CA LEU D 447 -33.80 54.03 -28.82
C LEU D 447 -34.18 52.76 -29.58
N PHE D 448 -33.57 51.63 -29.25
CA PHE D 448 -33.82 50.34 -29.93
C PHE D 448 -35.09 49.70 -29.33
N ARG D 449 -35.02 49.25 -28.07
CA ARG D 449 -36.16 48.60 -27.36
C ARG D 449 -36.11 48.95 -25.88
N ALA D 450 -37.26 49.13 -25.24
CA ALA D 450 -37.35 49.39 -23.78
C ALA D 450 -38.13 48.26 -23.14
N ILE D 451 -37.65 47.79 -21.99
CA ILE D 451 -38.45 46.90 -21.09
C ILE D 451 -39.58 47.75 -20.53
N SER D 452 -40.80 47.24 -20.62
CA SER D 452 -42.04 47.84 -20.06
C SER D 452 -42.60 46.89 -18.99
N ILE D 453 -43.09 47.43 -17.88
CA ILE D 453 -43.69 46.61 -16.78
C ILE D 453 -45.18 46.94 -16.69
N PRO D 454 -46.08 46.10 -17.26
CA PRO D 454 -47.50 46.46 -17.31
C PRO D 454 -48.14 46.48 -15.91
N GLY D 455 -47.57 45.75 -14.95
CA GLY D 455 -48.13 45.63 -13.59
C GLY D 455 -47.69 46.74 -12.64
N LEU D 456 -46.95 47.77 -13.08
CA LEU D 456 -46.54 48.91 -12.21
C LEU D 456 -46.23 50.14 -13.05
N ASN D 457 -46.62 51.33 -12.58
CA ASN D 457 -46.45 52.63 -13.25
C ASN D 457 -45.15 53.30 -12.75
N LEU D 458 -44.08 53.21 -13.54
CA LEU D 458 -42.72 53.69 -13.17
C LEU D 458 -42.75 55.20 -12.97
N ASP D 459 -43.67 55.90 -13.64
CA ASP D 459 -43.84 57.37 -13.56
C ASP D 459 -44.18 57.80 -12.12
N ASP D 460 -44.68 56.87 -11.29
CA ASP D 460 -45.06 57.16 -9.88
C ASP D 460 -43.81 57.34 -9.00
N PHE D 461 -42.62 56.98 -9.48
CA PHE D 461 -41.40 56.91 -8.63
C PHE D 461 -40.35 57.94 -9.08
N MET D 462 -39.55 58.41 -8.13
CA MET D 462 -38.46 59.39 -8.36
C MET D 462 -37.22 58.98 -7.55
N THR D 463 -36.03 59.37 -8.00
CA THR D 463 -34.75 59.17 -7.27
C THR D 463 -34.15 60.54 -6.92
N GLU D 464 -34.01 60.86 -5.63
CA GLU D 464 -33.29 62.07 -5.15
C GLU D 464 -31.83 61.72 -4.86
N SER D 465 -30.97 62.72 -4.87
CA SER D 465 -29.53 62.62 -4.56
C SER D 465 -29.24 63.58 -3.40
N VAL D 466 -28.82 63.06 -2.24
CA VAL D 466 -28.53 63.89 -1.03
C VAL D 466 -27.16 63.53 -0.46
N PHE D 467 -26.62 64.43 0.35
CA PHE D 467 -25.31 64.33 1.01
C PHE D 467 -25.53 64.48 2.51
N TYR D 468 -24.89 63.64 3.32
CA TYR D 468 -25.00 63.69 4.80
C TYR D 468 -23.62 63.53 5.41
N PRO D 469 -23.36 64.18 6.58
CA PRO D 469 -22.10 63.98 7.29
C PRO D 469 -22.15 62.71 8.17
N SER D 470 -21.09 61.91 8.13
CA SER D 470 -20.91 60.72 9.00
C SER D 470 -20.44 61.18 10.39
N LYS D 471 -20.20 60.24 11.30
CA LYS D 471 -19.77 60.54 12.69
C LYS D 471 -18.50 61.42 12.66
N ASP D 472 -17.58 61.17 11.72
CA ASP D 472 -16.26 61.87 11.63
C ASP D 472 -16.37 63.10 10.71
N GLY D 473 -17.57 63.42 10.21
CA GLY D 473 -17.82 64.63 9.41
C GLY D 473 -17.60 64.41 7.92
N THR D 474 -17.20 63.20 7.50
CA THR D 474 -17.06 62.86 6.06
C THR D 474 -18.41 63.01 5.36
N SER D 475 -18.42 63.74 4.24
CA SER D 475 -19.62 63.89 3.39
C SER D 475 -19.85 62.56 2.65
N VAL D 476 -21.01 61.94 2.89
CA VAL D 476 -21.43 60.70 2.19
C VAL D 476 -22.64 61.01 1.31
N HIS D 477 -22.61 60.49 0.09
CA HIS D 477 -23.71 60.63 -0.90
C HIS D 477 -24.72 59.52 -0.63
N MET D 478 -26.01 59.80 -0.78
CA MET D 478 -27.07 58.78 -0.64
C MET D 478 -28.12 59.04 -1.73
N PHE D 479 -28.58 57.96 -2.37
CA PHE D 479 -29.76 57.95 -3.27
C PHE D 479 -31.00 57.65 -2.44
N ILE D 480 -32.11 58.33 -2.73
CA ILE D 480 -33.43 58.04 -2.09
C ILE D 480 -34.47 57.86 -3.19
N THR D 481 -34.96 56.64 -3.38
CA THR D 481 -36.05 56.33 -4.35
C THR D 481 -37.36 56.25 -3.57
N ARG D 482 -38.41 56.87 -4.10
CA ARG D 482 -39.72 56.87 -3.37
C ARG D 482 -40.85 57.12 -4.36
N PRO D 483 -42.11 56.82 -3.96
CA PRO D 483 -43.27 57.33 -4.65
C PRO D 483 -43.19 58.87 -4.62
N LYS D 484 -43.50 59.52 -5.73
CA LYS D 484 -43.53 60.99 -5.85
C LYS D 484 -44.46 61.62 -4.81
N ASP D 485 -45.50 60.91 -4.34
CA ASP D 485 -46.60 61.47 -3.53
C ASP D 485 -46.42 61.16 -2.04
N VAL D 486 -45.31 60.51 -1.66
CA VAL D 486 -45.02 60.20 -0.22
C VAL D 486 -44.58 61.50 0.46
N LEU D 487 -45.19 61.81 1.60
CA LEU D 487 -44.95 63.04 2.39
C LEU D 487 -43.72 62.79 3.26
N LEU D 488 -42.82 63.78 3.30
CA LEU D 488 -41.64 63.76 4.21
C LEU D 488 -42.07 64.40 5.54
N ASP D 489 -42.95 63.71 6.27
CA ASP D 489 -43.54 64.17 7.54
C ASP D 489 -43.13 63.22 8.68
N GLY D 490 -42.03 62.48 8.50
CA GLY D 490 -41.42 61.59 9.51
C GLY D 490 -42.28 60.39 9.87
N THR D 491 -43.13 59.91 8.95
CA THR D 491 -44.05 58.76 9.19
C THR D 491 -43.67 57.57 8.29
N SER D 492 -42.93 57.81 7.20
CA SER D 492 -42.67 56.78 6.16
C SER D 492 -41.75 55.70 6.71
N PRO D 493 -42.01 54.42 6.39
CA PRO D 493 -41.02 53.36 6.55
C PRO D 493 -39.87 53.52 5.55
N VAL D 494 -38.70 52.98 5.87
CA VAL D 494 -37.53 52.90 4.96
C VAL D 494 -37.07 51.44 4.84
N LEU D 495 -36.70 51.06 3.61
CA LEU D 495 -35.83 49.90 3.35
C LEU D 495 -34.48 50.46 2.93
N GLN D 496 -33.46 50.26 3.77
CA GLN D 496 -32.11 50.88 3.65
C GLN D 496 -31.11 49.75 3.37
N TYR D 497 -30.50 49.76 2.17
CA TYR D 497 -29.66 48.67 1.65
C TYR D 497 -28.21 49.18 1.61
N GLY D 498 -27.27 48.36 2.03
CA GLY D 498 -25.84 48.71 2.00
C GLY D 498 -24.99 47.48 1.75
N TYR D 499 -23.74 47.72 1.42
CA TYR D 499 -22.70 46.70 1.18
C TYR D 499 -21.46 47.20 1.91
N GLY D 500 -20.75 48.19 1.33
CA GLY D 500 -19.56 48.81 1.94
C GLY D 500 -18.36 47.88 1.94
N GLY D 501 -17.72 47.70 0.78
CA GLY D 501 -16.50 46.89 0.75
C GLY D 501 -16.05 46.57 -0.66
N PHE D 502 -14.83 46.07 -0.77
CA PHE D 502 -14.25 45.40 -1.96
C PHE D 502 -14.29 46.32 -3.18
N SER D 503 -14.33 47.63 -2.97
CA SER D 503 -14.38 48.64 -4.06
C SER D 503 -15.64 48.43 -4.91
N LEU D 504 -16.71 47.84 -4.35
CA LEU D 504 -17.99 47.66 -5.10
C LEU D 504 -18.90 48.84 -4.85
N ALA D 505 -19.18 49.62 -5.89
CA ALA D 505 -20.08 50.78 -5.89
C ALA D 505 -21.51 50.28 -5.92
N MET D 506 -22.39 50.89 -5.10
CA MET D 506 -23.86 50.67 -5.11
C MET D 506 -24.45 51.65 -6.11
N LEU D 507 -24.67 51.19 -7.34
CA LEU D 507 -25.10 52.00 -8.51
C LEU D 507 -26.62 52.03 -8.54
N PRO D 508 -27.26 53.03 -9.18
CA PRO D 508 -28.66 52.90 -9.53
C PRO D 508 -28.84 51.56 -10.25
N THR D 509 -29.74 50.71 -9.74
CA THR D 509 -29.93 49.29 -10.14
C THR D 509 -31.42 48.99 -10.08
N PHE D 510 -31.98 48.33 -11.09
CA PHE D 510 -33.44 48.12 -11.13
C PHE D 510 -33.80 46.92 -10.26
N SER D 511 -34.73 47.10 -9.34
CA SER D 511 -35.46 45.99 -8.68
C SER D 511 -36.95 46.35 -8.63
N LEU D 512 -37.76 45.64 -9.42
CA LEU D 512 -39.24 45.73 -9.39
C LEU D 512 -39.73 45.55 -7.94
N SER D 513 -39.20 44.54 -7.25
CA SER D 513 -39.66 44.11 -5.92
C SER D 513 -39.56 45.30 -4.95
N THR D 514 -38.45 46.05 -4.99
CA THR D 514 -38.21 47.21 -4.09
C THR D 514 -39.17 48.34 -4.42
N LEU D 515 -39.53 48.57 -5.70
CA LEU D 515 -40.50 49.63 -6.04
C LEU D 515 -41.88 49.23 -5.54
N LEU D 516 -42.23 47.95 -5.62
CA LEU D 516 -43.53 47.42 -5.08
C LEU D 516 -43.55 47.61 -3.56
N PHE D 517 -42.43 47.39 -2.87
CA PHE D 517 -42.31 47.67 -1.40
C PHE D 517 -42.61 49.16 -1.17
N CYS D 518 -42.02 50.05 -1.97
CA CYS D 518 -42.20 51.52 -1.86
C CYS D 518 -43.66 51.88 -2.10
N LYS D 519 -44.29 51.28 -3.12
N LYS D 519 -44.23 51.40 -3.22
CA LYS D 519 -45.70 51.61 -3.48
CA LYS D 519 -45.67 51.59 -3.54
C LYS D 519 -46.64 51.05 -2.41
C LYS D 519 -46.56 51.05 -2.40
N ILE D 520 -46.58 49.73 -2.17
CA ILE D 520 -47.53 49.01 -1.22
C ILE D 520 -47.42 49.58 0.20
N TYR D 521 -46.25 49.96 0.68
CA TYR D 521 -46.01 50.37 2.10
C TYR D 521 -45.69 51.86 2.19
N ARG D 522 -45.82 52.61 1.07
CA ARG D 522 -45.65 54.09 1.08
C ARG D 522 -44.25 54.38 1.65
N ALA D 523 -43.27 53.61 1.19
CA ALA D 523 -41.92 53.49 1.79
C ALA D 523 -40.91 54.28 0.96
N ILE D 524 -39.75 54.54 1.56
CA ILE D 524 -38.54 55.11 0.88
C ILE D 524 -37.52 53.98 0.72
N TYR D 525 -36.78 53.96 -0.40
CA TYR D 525 -35.67 52.98 -0.63
C TYR D 525 -34.36 53.76 -0.64
N ALA D 526 -33.53 53.54 0.37
CA ALA D 526 -32.36 54.39 0.70
C ALA D 526 -31.09 53.58 0.44
N ILE D 527 -30.19 54.15 -0.36
CA ILE D 527 -28.89 53.53 -0.73
C ILE D 527 -27.81 54.53 -0.36
N PRO D 528 -27.30 54.51 0.89
CA PRO D 528 -26.16 55.35 1.23
C PRO D 528 -24.88 54.77 0.60
N ASN D 529 -24.11 55.60 -0.09
CA ASN D 529 -22.85 55.20 -0.77
C ASN D 529 -21.72 55.22 0.26
N ILE D 530 -21.80 54.33 1.24
CA ILE D 530 -20.89 54.29 2.42
C ILE D 530 -19.48 53.90 1.96
N ARG D 531 -18.49 54.19 2.80
CA ARG D 531 -17.05 53.85 2.57
C ARG D 531 -16.89 52.34 2.43
N GLY D 532 -15.79 51.88 1.83
CA GLY D 532 -15.59 50.49 1.39
C GLY D 532 -15.86 50.34 -0.10
N GLY D 533 -16.78 51.10 -0.67
CA GLY D 533 -17.06 51.08 -2.12
C GLY D 533 -16.06 51.93 -2.87
N SER D 534 -16.24 52.04 -4.20
CA SER D 534 -15.40 52.82 -5.14
C SER D 534 -16.09 54.13 -5.56
N GLU D 535 -17.23 54.47 -4.96
CA GLU D 535 -18.07 55.60 -5.41
C GLU D 535 -17.23 56.88 -5.44
N TYR D 536 -16.39 57.12 -4.44
CA TYR D 536 -15.51 58.32 -4.43
C TYR D 536 -14.06 57.92 -4.70
N GLY D 537 -13.88 56.87 -5.50
CA GLY D 537 -12.56 56.39 -5.93
C GLY D 537 -12.04 55.32 -5.01
N GLU D 538 -10.82 54.82 -5.27
CA GLU D 538 -10.27 53.65 -4.54
C GLU D 538 -9.98 54.06 -3.09
N SER D 539 -9.70 55.33 -2.85
CA SER D 539 -9.49 55.93 -1.50
C SER D 539 -10.74 55.73 -0.64
N TRP D 540 -11.94 55.71 -1.26
CA TRP D 540 -13.25 55.45 -0.61
C TRP D 540 -13.30 54.03 -0.03
N HIS D 541 -12.72 53.06 -0.73
CA HIS D 541 -12.52 51.66 -0.29
C HIS D 541 -11.49 51.62 0.84
N ARG D 542 -10.35 52.28 0.66
CA ARG D 542 -9.22 52.27 1.63
C ARG D 542 -9.68 52.84 2.98
N GLU D 543 -10.64 53.77 2.98
CA GLU D 543 -11.16 54.43 4.22
C GLU D 543 -12.28 53.58 4.85
N GLY D 544 -12.50 52.37 4.36
CA GLY D 544 -13.63 51.50 4.76
C GLY D 544 -13.23 50.04 4.77
N MET D 545 -11.97 49.75 5.10
CA MET D 545 -11.44 48.37 5.13
C MET D 545 -10.42 48.24 6.27
N LEU D 546 -10.04 47.01 6.58
CA LEU D 546 -9.02 46.70 7.63
C LEU D 546 -9.40 47.42 8.94
N ASP D 547 -8.51 48.24 9.49
CA ASP D 547 -8.70 48.93 10.80
C ASP D 547 -9.72 50.07 10.64
N LYS D 548 -10.19 50.38 9.44
CA LYS D 548 -11.13 51.49 9.18
C LYS D 548 -12.49 50.92 8.78
N LYS D 549 -12.71 49.61 8.93
CA LYS D 549 -14.01 48.95 8.63
C LYS D 549 -15.12 49.62 9.44
N GLN D 550 -14.82 50.05 10.67
CA GLN D 550 -15.80 50.73 11.58
C GLN D 550 -16.38 51.95 10.86
N ASN D 551 -15.64 52.60 9.95
CA ASN D 551 -16.15 53.78 9.19
C ASN D 551 -17.39 53.38 8.38
N VAL D 552 -17.42 52.15 7.87
CA VAL D 552 -18.54 51.60 7.07
C VAL D 552 -19.81 51.62 7.92
N PHE D 553 -19.74 51.03 9.12
CA PHE D 553 -20.90 50.92 10.03
C PHE D 553 -21.36 52.33 10.46
N ASP D 554 -20.41 53.21 10.77
CA ASP D 554 -20.71 54.61 11.21
C ASP D 554 -21.43 55.36 10.07
N ASP D 555 -20.97 55.22 8.83
CA ASP D 555 -21.62 55.82 7.65
C ASP D 555 -23.08 55.36 7.58
N PHE D 556 -23.33 54.06 7.72
CA PHE D 556 -24.68 53.45 7.58
C PHE D 556 -25.59 53.96 8.70
N ASN D 557 -25.08 53.93 9.95
CA ASN D 557 -25.84 54.43 11.13
C ASN D 557 -26.21 55.90 10.91
N ALA D 558 -25.24 56.72 10.51
CA ALA D 558 -25.40 58.18 10.27
C ALA D 558 -26.46 58.43 9.17
N ALA D 559 -26.56 57.54 8.17
CA ALA D 559 -27.57 57.63 7.09
C ALA D 559 -28.98 57.53 7.71
N THR D 560 -29.18 56.53 8.55
CA THR D 560 -30.45 56.29 9.29
C THR D 560 -30.80 57.52 10.15
N GLU D 561 -29.85 58.03 10.95
CA GLU D 561 -30.10 59.20 11.84
C GLU D 561 -30.47 60.41 10.96
N TRP D 562 -29.82 60.56 9.80
CA TRP D 562 -30.07 61.71 8.89
C TRP D 562 -31.50 61.62 8.31
N LEU D 563 -31.93 60.45 7.87
CA LEU D 563 -33.31 60.20 7.37
C LEU D 563 -34.35 60.55 8.44
N ILE D 564 -34.11 60.16 9.69
CA ILE D 564 -35.02 60.46 10.84
C ILE D 564 -35.03 61.97 11.09
N ALA D 565 -33.86 62.57 11.26
CA ALA D 565 -33.69 64.02 11.59
C ALA D 565 -34.38 64.88 10.52
N ASN D 566 -34.31 64.49 9.25
CA ASN D 566 -34.83 65.28 8.10
C ASN D 566 -36.22 64.80 7.67
N LYS D 567 -36.85 63.93 8.48
CA LYS D 567 -38.30 63.60 8.39
C LYS D 567 -38.60 62.80 7.11
N TYR D 568 -37.62 62.12 6.53
CA TYR D 568 -37.85 61.14 5.44
C TYR D 568 -38.54 59.89 6.00
N ALA D 569 -38.18 59.52 7.24
CA ALA D 569 -38.48 58.20 7.82
C ALA D 569 -38.86 58.35 9.30
N SER D 570 -39.81 57.56 9.77
CA SER D 570 -40.14 57.36 11.19
C SER D 570 -38.97 56.62 11.85
N LYS D 571 -38.57 57.08 13.05
CA LYS D 571 -37.55 56.41 13.89
C LYS D 571 -37.97 54.97 14.19
N ASP D 572 -39.24 54.62 14.05
CA ASP D 572 -39.80 53.31 14.47
C ASP D 572 -39.98 52.36 13.28
N ARG D 573 -39.57 52.76 12.07
CA ARG D 573 -39.82 51.96 10.84
C ARG D 573 -38.57 51.93 9.93
N ILE D 574 -37.39 51.74 10.51
CA ILE D 574 -36.13 51.56 9.75
C ILE D 574 -35.90 50.06 9.55
N ALA D 575 -35.93 49.62 8.28
CA ALA D 575 -35.52 48.25 7.93
C ALA D 575 -34.22 48.32 7.14
N ILE D 576 -33.25 47.49 7.49
CA ILE D 576 -31.91 47.49 6.89
C ILE D 576 -31.69 46.13 6.27
N ARG D 577 -30.91 46.12 5.20
CA ARG D 577 -30.71 44.93 4.34
C ARG D 577 -29.27 44.93 3.82
N GLY D 578 -28.71 43.73 3.68
CA GLY D 578 -27.33 43.51 3.29
C GLY D 578 -27.08 42.06 2.96
N GLY D 579 -26.16 41.81 2.05
CA GLY D 579 -25.82 40.47 1.56
C GLY D 579 -24.32 40.27 1.54
N ALA D 580 -23.87 39.09 1.90
CA ALA D 580 -22.45 38.67 1.96
C ALA D 580 -21.67 39.65 2.84
N ASN D 581 -20.80 40.47 2.27
CA ASN D 581 -20.05 41.53 3.01
C ASN D 581 -21.06 42.49 3.62
N GLY D 582 -22.17 42.73 2.92
CA GLY D 582 -23.32 43.51 3.42
C GLY D 582 -23.92 42.92 4.69
N GLY D 583 -23.72 41.62 4.93
CA GLY D 583 -24.14 40.98 6.21
C GLY D 583 -23.23 41.32 7.38
N VAL D 584 -21.95 41.65 7.12
CA VAL D 584 -21.07 42.19 8.19
C VAL D 584 -21.75 43.49 8.66
N LEU D 585 -22.21 44.27 7.69
CA LEU D 585 -22.80 45.63 7.86
C LEU D 585 -24.06 45.51 8.73
N THR D 586 -25.01 44.64 8.37
CA THR D 586 -26.33 44.58 9.03
C THR D 586 -26.18 44.03 10.48
N THR D 587 -25.35 43.01 10.67
CA THR D 587 -25.13 42.36 12.00
C THR D 587 -24.33 43.30 12.90
N ALA D 588 -23.30 43.96 12.37
CA ALA D 588 -22.51 44.93 13.17
C ALA D 588 -23.42 46.08 13.61
N CYS D 589 -24.17 46.67 12.69
CA CYS D 589 -25.06 47.83 12.98
C CYS D 589 -26.16 47.44 13.97
N ALA D 590 -26.73 46.24 13.84
CA ALA D 590 -27.75 45.71 14.80
C ALA D 590 -27.11 45.58 16.18
N ASN D 591 -25.87 45.10 16.26
CA ASN D 591 -25.09 44.97 17.52
C ASN D 591 -24.82 46.37 18.11
N GLN D 592 -24.40 47.34 17.29
CA GLN D 592 -23.83 48.64 17.78
C GLN D 592 -24.90 49.70 18.01
N ALA D 593 -26.07 49.62 17.38
CA ALA D 593 -27.20 50.57 17.59
C ALA D 593 -28.53 49.88 17.38
N PRO D 594 -28.87 48.85 18.18
CA PRO D 594 -30.09 48.07 17.96
C PRO D 594 -31.38 48.93 18.00
N GLY D 595 -31.36 50.01 18.81
CA GLY D 595 -32.49 50.94 18.99
C GLY D 595 -32.81 51.74 17.73
N LEU D 596 -31.91 51.81 16.74
CA LEU D 596 -32.15 52.56 15.47
C LEU D 596 -33.07 51.75 14.54
N TYR D 597 -32.98 50.43 14.58
CA TYR D 597 -33.52 49.51 13.54
C TYR D 597 -34.74 48.76 14.07
N ARG D 598 -35.76 48.59 13.24
CA ARG D 598 -36.99 47.83 13.57
C ARG D 598 -36.97 46.47 12.86
N CYS D 599 -36.17 46.32 11.82
CA CYS D 599 -36.06 45.04 11.06
C CYS D 599 -34.71 44.95 10.36
N VAL D 600 -34.09 43.78 10.41
CA VAL D 600 -32.75 43.50 9.82
C VAL D 600 -32.87 42.25 8.95
N ILE D 601 -32.68 42.43 7.66
CA ILE D 601 -32.60 41.39 6.59
C ILE D 601 -31.14 41.14 6.23
N THR D 602 -30.65 39.92 6.46
CA THR D 602 -29.28 39.48 6.12
C THR D 602 -29.38 38.32 5.13
N ILE D 603 -28.71 38.44 3.97
CA ILE D 603 -28.66 37.41 2.91
C ILE D 603 -27.22 36.87 2.85
N GLU D 604 -27.04 35.55 2.97
CA GLU D 604 -25.72 34.89 2.87
C GLU D 604 -24.69 35.70 3.67
N GLY D 605 -24.99 36.04 4.94
CA GLY D 605 -24.11 36.92 5.73
C GLY D 605 -22.74 36.32 6.03
N ILE D 606 -21.69 37.15 5.96
CA ILE D 606 -20.36 36.92 6.58
C ILE D 606 -20.44 37.54 7.96
N ILE D 607 -20.27 36.76 9.03
CA ILE D 607 -20.63 37.23 10.40
C ILE D 607 -19.50 36.89 11.38
N ASP D 608 -18.91 35.69 11.31
CA ASP D 608 -17.75 35.31 12.17
C ASP D 608 -16.45 35.81 11.51
N MET D 609 -15.98 36.98 11.95
CA MET D 609 -14.77 37.65 11.38
C MET D 609 -13.47 37.05 11.90
N LEU D 610 -13.51 36.04 12.78
CA LEU D 610 -12.29 35.31 13.23
C LEU D 610 -12.11 34.05 12.37
N ARG D 611 -13.20 33.35 12.06
CA ARG D 611 -13.12 32.00 11.45
C ARG D 611 -13.29 32.07 9.92
N PHE D 612 -13.64 33.21 9.35
CA PHE D 612 -13.92 33.32 7.88
C PHE D 612 -12.83 32.68 7.00
N PRO D 613 -11.51 32.80 7.28
CA PRO D 613 -10.49 32.24 6.40
C PRO D 613 -10.45 30.72 6.24
N LYS D 614 -11.11 30.00 7.13
CA LYS D 614 -10.96 28.53 7.24
C LYS D 614 -11.88 27.83 6.23
N PHE D 615 -12.77 28.57 5.55
CA PHE D 615 -13.82 27.97 4.70
C PHE D 615 -13.73 28.50 3.24
N THR D 616 -13.96 27.58 2.30
CA THR D 616 -13.99 27.81 0.82
C THR D 616 -13.06 28.96 0.45
N PHE D 617 -13.61 30.13 0.11
CA PHE D 617 -12.83 31.23 -0.54
C PHE D 617 -12.53 32.32 0.51
N GLY D 618 -12.90 32.06 1.77
CA GLY D 618 -12.81 33.08 2.85
C GLY D 618 -11.44 33.68 3.01
N ALA D 619 -10.38 32.89 2.92
CA ALA D 619 -8.99 33.35 3.15
C ALA D 619 -8.64 34.52 2.19
N SER D 620 -9.24 34.59 1.01
CA SER D 620 -9.02 35.71 0.06
C SER D 620 -9.44 37.04 0.70
N TRP D 621 -10.43 37.03 1.62
CA TRP D 621 -11.03 38.26 2.21
C TRP D 621 -10.13 38.84 3.32
N ARG D 622 -9.03 38.17 3.69
CA ARG D 622 -8.03 38.71 4.64
C ARG D 622 -7.48 40.07 4.16
N SER D 623 -7.41 40.33 2.84
CA SER D 623 -6.98 41.65 2.30
C SER D 623 -7.97 42.74 2.71
N GLU D 624 -9.25 42.41 2.84
CA GLU D 624 -10.32 43.38 3.17
C GLU D 624 -10.48 43.54 4.70
N TYR D 625 -10.58 42.42 5.41
CA TYR D 625 -10.95 42.41 6.86
C TYR D 625 -9.70 42.40 7.74
N GLY D 626 -8.58 41.90 7.22
CA GLY D 626 -7.33 41.66 7.97
C GLY D 626 -7.19 40.19 8.23
N ASP D 627 -6.04 39.78 8.78
CA ASP D 627 -5.75 38.38 9.13
C ASP D 627 -6.08 38.18 10.61
N PRO D 628 -7.12 37.41 10.97
CA PRO D 628 -7.47 37.25 12.39
C PRO D 628 -6.36 36.55 13.20
N GLU D 629 -5.48 35.80 12.55
CA GLU D 629 -4.34 35.09 13.19
C GLU D 629 -3.14 36.02 13.29
N ASP D 630 -3.26 37.28 12.89
CA ASP D 630 -2.19 38.29 13.09
C ASP D 630 -2.53 39.09 14.32
N PRO D 631 -1.59 39.21 15.28
CA PRO D 631 -1.89 39.81 16.59
C PRO D 631 -2.46 41.23 16.49
N GLU D 632 -1.95 42.03 15.54
CA GLU D 632 -2.35 43.45 15.39
C GLU D 632 -3.75 43.52 14.78
N ASP D 633 -3.99 42.73 13.74
CA ASP D 633 -5.28 42.68 13.01
C ASP D 633 -6.35 42.13 13.97
N PHE D 634 -6.03 41.07 14.71
CA PHE D 634 -7.00 40.47 15.67
C PHE D 634 -7.71 41.55 16.50
N ASP D 635 -6.95 42.54 17.00
CA ASP D 635 -7.44 43.56 17.96
C ASP D 635 -8.56 44.39 17.32
N PHE D 636 -8.40 44.87 16.08
CA PHE D 636 -9.42 45.75 15.44
C PHE D 636 -10.56 44.89 14.89
N ILE D 637 -10.32 43.62 14.53
CA ILE D 637 -11.38 42.72 14.00
C ILE D 637 -12.31 42.34 15.17
N PHE D 638 -11.73 41.96 16.31
CA PHE D 638 -12.48 41.45 17.48
C PHE D 638 -13.45 42.51 18.02
N LYS D 639 -13.08 43.81 17.96
CA LYS D 639 -13.94 44.94 18.40
C LYS D 639 -15.29 44.90 17.68
N TYR D 640 -15.36 44.62 16.38
CA TYR D 640 -16.66 44.69 15.64
C TYR D 640 -17.17 43.29 15.24
N SER D 641 -16.33 42.25 15.23
CA SER D 641 -16.78 40.92 14.74
C SER D 641 -18.19 40.64 15.28
N PRO D 642 -19.25 40.73 14.46
CA PRO D 642 -20.63 40.70 14.97
C PRO D 642 -20.96 39.43 15.76
N TYR D 643 -20.43 38.27 15.35
CA TYR D 643 -20.68 36.99 16.05
C TYR D 643 -20.18 37.08 17.50
N HIS D 644 -19.17 37.93 17.75
CA HIS D 644 -18.49 38.06 19.08
C HIS D 644 -18.92 39.34 19.81
N ASN D 645 -19.87 40.13 19.29
CA ASN D 645 -20.23 41.43 19.93
C ASN D 645 -21.75 41.59 20.10
N ILE D 646 -22.48 40.48 20.17
CA ILE D 646 -23.94 40.51 20.45
C ILE D 646 -24.10 41.22 21.80
N PRO D 647 -24.99 42.22 21.94
CA PRO D 647 -25.10 42.99 23.17
C PRO D 647 -25.64 42.17 24.33
N PRO D 648 -25.25 42.47 25.59
CA PRO D 648 -25.92 41.89 26.76
C PRO D 648 -27.42 42.16 26.75
N PRO D 649 -28.25 41.17 27.18
CA PRO D 649 -29.70 41.30 27.02
C PRO D 649 -30.37 42.28 28.00
N GLY D 650 -29.71 42.60 29.13
CA GLY D 650 -30.30 43.39 30.23
C GLY D 650 -30.85 44.76 29.84
N ASP D 651 -30.24 45.41 28.83
CA ASP D 651 -30.48 46.83 28.43
C ASP D 651 -30.36 46.95 26.90
N THR D 652 -30.91 45.98 26.16
CA THR D 652 -30.98 45.98 24.69
C THR D 652 -32.26 45.26 24.25
N VAL D 653 -33.02 45.95 23.39
CA VAL D 653 -34.14 45.38 22.61
C VAL D 653 -33.61 45.18 21.21
N MET D 654 -33.36 43.92 20.86
CA MET D 654 -32.81 43.58 19.51
C MET D 654 -33.95 43.72 18.51
N PRO D 655 -33.73 44.36 17.34
CA PRO D 655 -34.74 44.37 16.29
C PRO D 655 -35.08 42.93 15.88
N ALA D 656 -36.27 42.72 15.32
CA ALA D 656 -36.62 41.50 14.55
C ALA D 656 -35.57 41.32 13.42
N MET D 657 -35.17 40.07 13.16
CA MET D 657 -34.02 39.73 12.24
C MET D 657 -34.37 38.48 11.43
N LEU D 658 -34.21 38.54 10.10
CA LEU D 658 -34.45 37.38 9.21
C LEU D 658 -33.16 37.11 8.44
N PHE D 659 -32.59 35.92 8.58
CA PHE D 659 -31.34 35.50 7.90
C PHE D 659 -31.70 34.52 6.77
N PHE D 660 -31.33 34.85 5.53
CA PHE D 660 -31.52 33.98 4.35
C PHE D 660 -30.19 33.27 4.07
N THR D 661 -30.26 31.97 3.81
CA THR D 661 -29.09 31.16 3.44
C THR D 661 -29.57 29.87 2.78
N ALA D 662 -28.71 29.26 1.96
CA ALA D 662 -28.85 27.87 1.47
C ALA D 662 -28.25 26.94 2.53
N ALA D 663 -28.46 25.62 2.39
CA ALA D 663 -27.83 24.58 3.25
C ALA D 663 -26.39 24.38 2.80
N TYR D 664 -26.13 24.39 1.48
CA TYR D 664 -24.79 24.38 0.85
C TYR D 664 -24.65 25.67 0.03
N ASP D 665 -23.59 26.44 0.29
CA ASP D 665 -23.22 27.66 -0.47
C ASP D 665 -21.68 27.78 -0.41
N ASP D 666 -21.01 27.73 -1.58
CA ASP D 666 -19.54 27.75 -1.75
C ASP D 666 -18.99 29.15 -1.44
N ARG D 667 -19.76 30.19 -1.72
CA ARG D 667 -19.26 31.60 -1.78
C ARG D 667 -19.22 32.17 -0.36
N VAL D 668 -20.27 31.96 0.42
CA VAL D 668 -20.28 32.26 1.89
C VAL D 668 -20.83 31.02 2.61
N SER D 669 -19.99 30.32 3.36
CA SER D 669 -20.36 29.09 4.08
C SER D 669 -21.50 29.46 5.03
N PRO D 670 -22.64 28.73 4.94
CA PRO D 670 -23.82 29.06 5.75
C PRO D 670 -23.57 28.99 7.28
N LEU D 671 -22.44 28.43 7.71
CA LEU D 671 -22.06 28.32 9.15
C LEU D 671 -22.07 29.70 9.82
N HIS D 672 -21.77 30.76 9.06
CA HIS D 672 -21.81 32.16 9.57
C HIS D 672 -23.22 32.44 10.08
N THR D 673 -24.25 32.13 9.29
CA THR D 673 -25.66 32.34 9.64
C THR D 673 -26.06 31.37 10.76
N PHE D 674 -25.72 30.09 10.60
CA PHE D 674 -26.07 29.00 11.56
C PHE D 674 -25.66 29.47 12.96
N LYS D 675 -24.38 29.76 13.14
CA LYS D 675 -23.79 30.09 14.45
C LYS D 675 -24.42 31.39 14.98
N HIS D 676 -24.60 32.43 14.15
CA HIS D 676 -25.09 33.74 14.65
C HIS D 676 -26.55 33.63 15.11
N VAL D 677 -27.38 32.88 14.39
CA VAL D 677 -28.81 32.68 14.72
C VAL D 677 -28.91 31.98 16.07
N ALA D 678 -28.13 30.91 16.28
CA ALA D 678 -28.06 30.17 17.56
C ALA D 678 -27.68 31.13 18.68
N ALA D 679 -26.63 31.91 18.50
CA ALA D 679 -26.09 32.80 19.55
C ALA D 679 -27.12 33.88 19.88
N LEU D 680 -27.81 34.43 18.87
CA LEU D 680 -28.86 35.46 19.07
C LEU D 680 -30.04 34.86 19.83
N GLN D 681 -30.51 33.67 19.46
CA GLN D 681 -31.69 33.03 20.07
C GLN D 681 -31.38 32.73 21.53
N HIS D 682 -30.18 32.21 21.79
CA HIS D 682 -29.63 31.95 23.14
C HIS D 682 -29.47 33.25 23.93
N ASN D 683 -29.00 34.34 23.33
CA ASN D 683 -28.79 35.62 24.07
C ASN D 683 -30.16 36.26 24.34
N PHE D 684 -31.12 36.12 23.41
CA PHE D 684 -32.47 36.74 23.50
C PHE D 684 -33.57 35.68 23.39
N PRO D 685 -33.68 34.75 24.37
CA PRO D 685 -34.59 33.61 24.22
C PRO D 685 -36.10 34.00 24.18
N LYS D 686 -36.42 35.22 24.69
CA LYS D 686 -37.80 35.73 24.83
C LYS D 686 -38.08 36.84 23.82
N GLY D 687 -37.25 37.01 22.78
CA GLY D 687 -37.36 38.17 21.90
C GLY D 687 -37.10 39.48 22.65
N PRO D 688 -38.05 40.45 22.69
CA PRO D 688 -39.41 40.24 22.17
C PRO D 688 -39.58 40.13 20.64
N ASN D 689 -38.54 40.42 19.87
CA ASN D 689 -38.64 40.49 18.38
C ASN D 689 -37.92 39.25 17.85
N PRO D 690 -38.56 38.44 16.96
CA PRO D 690 -38.07 37.10 16.66
C PRO D 690 -36.82 37.20 15.77
N CYS D 691 -35.92 36.24 15.95
CA CYS D 691 -34.68 36.07 15.12
C CYS D 691 -34.79 34.74 14.38
N LEU D 692 -34.87 34.77 13.04
CA LEU D 692 -35.33 33.61 12.23
C LEU D 692 -34.33 33.29 11.12
N MET D 693 -34.21 32.03 10.78
CA MET D 693 -33.37 31.53 9.67
C MET D 693 -34.31 30.93 8.64
N ARG D 694 -34.37 31.60 7.49
CA ARG D 694 -35.13 31.14 6.32
C ARG D 694 -34.15 30.44 5.41
N ILE D 695 -34.24 29.12 5.27
CA ILE D 695 -33.23 28.32 4.51
C ILE D 695 -33.85 27.68 3.26
N ASP D 696 -33.12 27.77 2.13
CA ASP D 696 -33.39 27.04 0.86
C ASP D 696 -32.56 25.74 0.91
N LEU D 697 -33.22 24.58 0.76
CA LEU D 697 -32.55 23.26 0.67
C LEU D 697 -32.18 22.93 -0.78
N ASN D 698 -32.36 23.87 -1.73
CA ASN D 698 -31.79 23.84 -3.11
C ASN D 698 -30.59 24.81 -3.17
N SER D 699 -29.37 24.28 -3.24
CA SER D 699 -28.12 24.97 -2.83
C SER D 699 -27.65 25.94 -3.93
N GLY D 700 -26.62 26.74 -3.60
CA GLY D 700 -25.84 27.54 -4.55
C GLY D 700 -26.01 29.04 -4.35
N HIS D 701 -25.01 29.82 -4.75
CA HIS D 701 -25.04 31.32 -4.72
C HIS D 701 -25.82 31.89 -5.90
N SER D 706 -34.23 30.10 -9.42
CA SER D 706 -35.48 30.16 -10.22
C SER D 706 -36.30 31.40 -9.84
N THR D 707 -37.10 31.91 -10.79
CA THR D 707 -38.03 33.05 -10.55
C THR D 707 -38.99 32.72 -9.41
N GLN D 708 -39.56 31.51 -9.37
CA GLN D 708 -40.53 31.04 -8.33
C GLN D 708 -39.89 31.14 -6.93
N GLU D 709 -38.66 30.63 -6.78
CA GLU D 709 -37.93 30.60 -5.49
C GLU D 709 -37.63 32.04 -5.05
N MET D 710 -37.15 32.88 -5.97
CA MET D 710 -36.83 34.31 -5.73
C MET D 710 -38.09 35.02 -5.19
N LEU D 711 -39.26 34.78 -5.79
CA LEU D 711 -40.53 35.43 -5.38
C LEU D 711 -40.98 34.90 -4.00
N GLU D 712 -40.83 33.61 -3.73
CA GLU D 712 -41.25 33.02 -2.42
C GLU D 712 -40.34 33.57 -1.31
N GLU D 713 -39.04 33.73 -1.59
CA GLU D 713 -38.06 34.39 -0.69
C GLU D 713 -38.41 35.87 -0.52
N THR D 714 -38.74 36.57 -1.61
CA THR D 714 -39.06 38.02 -1.57
C THR D 714 -40.33 38.24 -0.73
N ALA D 715 -41.31 37.34 -0.85
CA ALA D 715 -42.61 37.41 -0.14
C ALA D 715 -42.38 37.22 1.37
N ASP D 716 -41.50 36.31 1.78
CA ASP D 716 -41.05 36.15 3.19
C ASP D 716 -40.39 37.44 3.68
N GLU D 717 -39.47 38.00 2.88
CA GLU D 717 -38.68 39.18 3.26
C GLU D 717 -39.64 40.34 3.54
N TYR D 718 -40.47 40.68 2.55
CA TYR D 718 -41.39 41.85 2.64
C TYR D 718 -42.45 41.63 3.71
N SER D 719 -43.06 40.44 3.77
CA SER D 719 -44.14 40.15 4.76
C SER D 719 -43.54 40.25 6.16
N PHE D 720 -42.29 39.79 6.34
CA PHE D 720 -41.59 39.84 7.65
C PHE D 720 -41.28 41.30 8.01
N ILE D 721 -40.86 42.12 7.04
CA ILE D 721 -40.62 43.58 7.30
C ILE D 721 -41.96 44.21 7.72
N GLY D 722 -43.03 43.89 6.99
CA GLY D 722 -44.39 44.43 7.23
C GLY D 722 -44.85 44.11 8.65
N LYS D 723 -44.74 42.84 9.04
CA LYS D 723 -45.13 42.35 10.40
C LYS D 723 -44.28 43.07 11.43
N SER D 724 -42.95 43.08 11.26
CA SER D 724 -41.99 43.58 12.28
C SER D 724 -42.13 45.09 12.47
N MET D 725 -42.62 45.84 11.48
CA MET D 725 -42.65 47.32 11.57
C MET D 725 -44.09 47.83 11.64
N GLY D 726 -45.08 46.93 11.71
CA GLY D 726 -46.51 47.26 11.90
C GLY D 726 -47.13 47.94 10.70
N LEU D 727 -46.74 47.54 9.47
CA LEU D 727 -47.16 48.22 8.21
C LEU D 727 -48.42 47.56 7.66
N THR D 728 -49.34 48.37 7.12
CA THR D 728 -50.54 47.90 6.40
C THR D 728 -50.27 47.97 4.89
N MET D 729 -50.63 46.92 4.14
CA MET D 729 -50.50 46.87 2.65
C MET D 729 -51.60 47.73 2.02
N GLN D 730 -51.24 48.79 1.28
CA GLN D 730 -52.16 49.59 0.41
C GLN D 730 -52.41 48.82 -0.89
N THR D 731 -53.67 48.49 -1.20
CA THR D 731 -54.11 47.97 -2.52
C THR D 731 -54.15 49.11 -3.54
N IML E 8 15.97 19.47 11.33
CA IML E 8 15.12 20.67 11.20
C IML E 8 15.27 21.36 9.84
O IML E 8 16.26 22.04 9.61
CB IML E 8 15.37 21.68 12.34
CN IML E 8 15.27 18.19 11.40
CG2 IML E 8 14.21 21.68 13.33
CG1 IML E 8 16.72 21.44 13.02
CD1 IML E 8 17.82 22.38 12.57
N SAR E 9 14.29 21.18 8.92
CA SAR E 9 14.60 21.06 7.48
C SAR E 9 14.87 19.60 7.12
O SAR E 9 14.98 18.77 8.04
CN SAR E 9 12.90 21.02 9.29
N VAL E 10 14.97 19.30 5.82
CA VAL E 10 15.42 17.97 5.32
C VAL E 10 16.61 18.20 4.41
N IML E 11 17.85 17.89 4.87
CA IML E 11 19.06 18.44 4.21
C IML E 11 19.76 17.35 3.40
O IML E 11 19.81 16.20 3.83
CB IML E 11 20.02 19.11 5.22
CN IML E 11 18.05 16.99 6.00
CG2 IML E 11 21.18 19.78 4.50
CG1 IML E 11 19.28 20.10 6.12
CD1 IML E 11 18.48 21.15 5.39
N SAR E 12 20.32 17.64 2.20
CA SAR E 12 21.16 16.60 1.56
C SAR E 12 22.55 16.59 2.18
O SAR E 12 23.25 17.62 2.05
CN SAR E 12 20.22 18.91 1.49
N SER E 13 22.93 15.47 2.82
CA SER E 13 24.26 15.24 3.46
C SER E 13 24.81 13.87 3.07
N MVA E 14 26.14 13.74 2.73
CN MVA E 14 27.10 14.84 2.72
CA MVA E 14 26.70 12.43 2.30
CB MVA E 14 26.72 11.42 3.47
CG1 MVA E 14 26.16 10.06 3.08
CG2 MVA E 14 28.12 11.27 4.04
C MVA E 14 25.99 11.88 1.05
O MVA E 14 26.64 11.52 0.10
N IML F 8 -17.17 -24.10 10.56
CA IML F 8 -18.05 -24.59 9.48
C IML F 8 -17.44 -24.49 8.08
O IML F 8 -18.09 -24.86 7.10
CB IML F 8 -19.46 -23.92 9.57
CN IML F 8 -17.17 -22.66 10.88
CG2 IML F 8 -19.78 -23.03 8.37
CG1 IML F 8 -20.56 -24.96 9.80
CD1 IML F 8 -20.81 -25.90 8.65
N SAR F 9 -16.18 -24.02 7.91
CA SAR F 9 -15.85 -23.22 6.71
C SAR F 9 -16.27 -21.76 6.83
O SAR F 9 -17.05 -21.45 7.74
CN SAR F 9 -15.08 -24.30 8.82
N VAL F 10 -15.77 -20.89 5.96
CA VAL F 10 -16.03 -19.42 6.01
C VAL F 10 -17.01 -19.07 4.89
N IML F 11 -18.29 -18.75 5.21
CA IML F 11 -19.33 -18.68 4.15
C IML F 11 -19.65 -17.22 3.80
O IML F 11 -19.73 -16.38 4.68
CB IML F 11 -20.62 -19.46 4.54
CN IML F 11 -18.69 -18.43 6.57
CG2 IML F 11 -21.66 -19.41 3.45
CG1 IML F 11 -20.30 -20.90 4.94
CD1 IML F 11 -19.45 -21.66 3.94
N SAR F 12 -19.83 -16.86 2.51
CA SAR F 12 -20.42 -15.54 2.23
C SAR F 12 -21.91 -15.54 2.54
O SAR F 12 -22.67 -16.24 1.83
CN SAR F 12 -19.55 -17.68 1.33
N SER F 13 -22.32 -14.80 3.58
CA SER F 13 -23.73 -14.62 4.01
C SER F 13 -23.97 -13.15 4.34
N MVA F 14 -25.17 -12.56 4.02
CN MVA F 14 -26.10 -13.17 3.07
CA MVA F 14 -25.58 -11.26 4.61
CB MVA F 14 -25.43 -10.12 3.58
CG1 MVA F 14 -25.61 -8.74 4.22
CG2 MVA F 14 -24.10 -10.19 2.85
C MVA F 14 -27.01 -11.29 5.19
O MVA F 14 -27.36 -12.17 5.97
N IML G 8 11.41 -34.35 -12.56
CA IML G 8 12.50 -34.59 -11.59
C IML G 8 12.05 -35.52 -10.45
O IML G 8 12.18 -36.74 -10.56
CB IML G 8 13.11 -33.26 -11.06
CN IML G 8 11.29 -35.38 -13.61
CG2 IML G 8 14.59 -33.17 -11.38
CG1 IML G 8 12.34 -32.02 -11.54
CD1 IML G 8 12.70 -31.57 -12.93
N SAR G 9 11.51 -35.00 -9.32
CA SAR G 9 11.74 -35.64 -8.01
C SAR G 9 13.17 -35.42 -7.52
O SAR G 9 14.11 -35.76 -8.26
CN SAR G 9 10.67 -33.82 -9.31
N VAL G 10 13.32 -34.84 -6.33
CA VAL G 10 14.64 -34.59 -5.68
C VAL G 10 15.00 -35.82 -4.84
N IML G 11 15.95 -36.67 -5.30
CA IML G 11 16.10 -38.02 -4.71
C IML G 11 17.30 -38.05 -3.76
O IML G 11 18.30 -37.38 -4.03
CB IML G 11 16.21 -39.11 -5.80
CN IML G 11 16.90 -36.29 -6.34
CG2 IML G 11 16.34 -40.50 -5.20
CG1 IML G 11 15.04 -39.04 -6.79
CD1 IML G 11 13.67 -39.01 -6.13
N SAR G 12 17.26 -38.81 -2.64
CA SAR G 12 18.54 -39.04 -1.91
C SAR G 12 19.39 -40.09 -2.62
O SAR G 12 19.01 -41.28 -2.56
CN SAR G 12 16.10 -39.47 -2.07
N SER G 13 20.48 -39.64 -3.26
CA SER G 13 21.46 -40.48 -4.03
C SER G 13 22.89 -40.12 -3.62
N MVA G 14 23.82 -41.11 -3.47
CN MVA G 14 23.45 -42.51 -3.25
CA MVA G 14 25.28 -40.83 -3.50
CB MVA G 14 25.89 -40.94 -2.08
CG1 MVA G 14 25.00 -40.27 -1.04
CG2 MVA G 14 27.30 -40.37 -2.04
C MVA G 14 26.04 -41.74 -4.48
O MVA G 14 25.99 -41.56 -5.71
N SAR H 9 -10.76 38.25 -7.72
CA SAR H 9 -10.91 37.05 -6.89
C SAR H 9 -12.32 36.49 -6.92
O SAR H 9 -12.99 36.65 -7.95
CN SAR H 9 -11.07 39.51 -7.05
N VAL H 10 -12.75 35.84 -5.83
CA VAL H 10 -14.14 35.30 -5.67
C VAL H 10 -14.81 36.04 -4.49
N IML H 11 -15.75 36.98 -4.77
CA IML H 11 -16.15 37.98 -3.76
C IML H 11 -17.55 37.67 -3.21
O IML H 11 -18.43 37.29 -3.98
CB IML H 11 -16.06 39.42 -4.32
CN IML H 11 -16.41 37.03 -6.06
CG2 IML H 11 -16.47 40.47 -3.29
CG1 IML H 11 -14.68 39.72 -4.90
CD1 IML H 11 -13.53 39.38 -3.96
N SAR H 12 -17.82 37.86 -1.89
CA SAR H 12 -19.22 37.78 -1.44
C SAR H 12 -19.99 39.04 -1.84
O SAR H 12 -19.77 40.09 -1.19
CN SAR H 12 -16.85 38.17 -0.83
N SER H 13 -20.84 38.93 -2.87
CA SER H 13 -21.68 40.00 -3.46
C SER H 13 -23.12 39.51 -3.63
N MVA H 14 -24.16 40.29 -3.23
CN MVA H 14 -24.01 41.32 -2.23
CA MVA H 14 -25.53 40.12 -3.81
CB MVA H 14 -26.50 39.38 -2.86
CG1 MVA H 14 -25.77 38.46 -1.88
CG2 MVA H 14 -27.43 40.33 -2.10
C MVA H 14 -26.12 41.45 -4.29
O MVA H 14 -26.56 41.63 -5.44
C1 EDO I . 5.47 20.72 -8.58
O1 EDO I . 5.84 19.51 -9.21
C2 EDO I . 6.61 21.64 -8.33
O2 EDO I . 6.28 22.81 -7.57
NA NA J . 30.51 22.53 5.53
NA NA K . 31.71 13.36 -10.12
NA NA L . 27.63 5.43 -16.98
NA NA M . 6.11 14.96 15.39
NA NA N . 37.60 33.55 -1.69
NA NA O . 37.39 10.32 7.86
NA NA P . -25.64 -23.58 -4.37
NA NA Q . -27.08 -18.09 -5.19
NA NA R . -10.82 -24.93 3.32
NA NA S . -33.03 -34.84 11.09
C1 EDO T . 30.90 -46.27 -7.32
O1 EDO T . 31.57 -45.02 -7.44
C2 EDO T . 31.78 -47.42 -7.59
O2 EDO T . 31.08 -48.64 -7.82
C BCT U . 30.44 -32.27 -21.19
O1 BCT U . 29.95 -31.61 -20.17
O2 BCT U . 31.21 -31.67 -21.92
O3 BCT U . 30.07 -33.43 -21.35
C1 GOL V . 4.22 -25.86 -7.58
O1 GOL V . 3.50 -26.80 -8.37
C2 GOL V . 3.67 -25.74 -6.16
O2 GOL V . 4.17 -26.80 -5.35
C3 GOL V . 4.00 -24.43 -5.49
O3 GOL V . 3.53 -23.30 -6.22
C1 EDO W . 9.69 -35.29 17.15
O1 EDO W . 10.48 -34.14 17.12
C2 EDO W . 10.48 -36.54 17.32
O2 EDO W . 10.02 -37.65 16.58
NA NA X . 24.93 -40.56 7.67
NA NA Y . 27.27 -46.56 9.51
NA NA Z . 12.68 -48.82 -2.28
C BCT AA . -45.56 43.49 15.65
O1 BCT AA . -45.45 44.79 15.77
O2 BCT AA . -46.61 42.98 16.00
O3 BCT AA . -44.61 42.89 15.20
C1 EDO BA . -40.99 43.92 -25.77
O1 EDO BA . -41.06 42.53 -25.51
C2 EDO BA . -41.72 44.75 -24.79
O2 EDO BA . -41.37 46.11 -24.85
C BCT CA . -34.65 55.89 -20.38
O1 BCT CA . -34.44 57.10 -20.37
O2 BCT CA . -34.21 55.11 -21.21
O3 BCT CA . -35.41 55.40 -19.44
C BCT DA . -25.54 38.91 -23.57
O1 BCT DA . -25.13 39.81 -22.70
O2 BCT DA . -26.02 39.32 -24.61
O3 BCT DA . -25.41 37.74 -23.27
NA NA EA . -26.14 40.81 15.16
NA NA FA . -23.11 59.20 -20.16
NA NA GA . -8.23 35.70 -4.81
#